data_5FMZ
#
_entry.id   5FMZ
#
_cell.length_a   126.570
_cell.length_b   200.540
_cell.length_c   133.130
_cell.angle_alpha   90.00
_cell.angle_beta   107.70
_cell.angle_gamma   90.00
#
_symmetry.space_group_name_H-M   'P 1 21 1'
#
loop_
_entity.id
_entity.type
_entity.pdbx_description
1 polymer 'POLYMERASE ACIDIC PROTEIN'
2 polymer 'RNA-DIRECTED RNA POLYMERASE CATALYTIC SUBUNIT'
3 polymer 'POLYMERASE BASIC PROTEIN 2'
4 polymer "5'-R(*AP*GP*UP*AP*GP*UP*AP*AP*CP*AP*AP*GP)-3'"
#
loop_
_entity_poly.entity_id
_entity_poly.type
_entity_poly.pdbx_seq_one_letter_code
_entity_poly.pdbx_strand_id
1 'polypeptide(L)'
;GSHHHHHHHHGSGSMDTFITRNFQTTIIQKAKNTMAEFSEDPELQPAMLFNICVHLEVCYVISDMNFLDEEGKAYTALEG
QGKEQNLRPQYEVIEGMPRTIAWMVQRSLAQEHGIETPKYLADLFDYKTKRFIEVGITKGLADDYFWKKKEKLGNSMELM
IFSYNQDYSLSNESSLDEEGKGRVLSRLTELQAELSLKNLWQVLIGEEDVEKGIDFKLGQTISRLRDISVPAGFSNFEGM
RSYIDNIDPKGAIERNLARMSPLVSVTPKKLTWEDLRPIGPHIYNHELPEVPYNAFLLMSDELGLANMTEGKSKKPKTLA
KECLEKYSTLRDQTDPILIMKSEKANENFLWKLWRDCVNTISNEEMSNELQKTNYAKWATGDGLTYQKIMKEVAIDDETM
CQEEPKIPNKCRVAAWVQTEMNLLSTLTSKRALDLPEIGPDVAPVEHVGSERRKYFVNEINYCKASTVMMKYVLFHTSLL
NESNASMGKYKVIPITNRVVNEKGESFDMLYGLAVKGQSHLRGDTDVVTVVTFEFSSTDPRVDSGKWPKYTVFRIGSLFV
SGREKSVYLYCRVNGTNKIQMKWGMEARRCLLQSMQQMEAIVEQESSIQGYDMTKACFKGDRVNSPKTFSIGTQEGKLVK
GSFGKALRVIFTKCLMHYVFGNAQLEGFSAESRRLLLLIQALKDRKGPWVFDLEGMYSGIEECISNNPWVIQSAYWFNEW
LGFEKEGSKVLESVDEIMDEGSGSGENLYFQ
;
A,D
2 'polypeptide(L)'
;GSGSGSGSGMNINPYFLFIDVPIQAAISTTFPYTGVPPYSHGTGTGYTIDTVIRTHEYSNKGKQYISDVTGCTMVDPTNG
PLPEDNEPSAYAQLDCVLEALDRMDEEHPGLFQAASQNAMETLMVTTVDKLTQGRQTFDWTVCRNQPAATALNTTITSFR
LNDLNGADKGGLIPFCQDIIDSLDRPEMTFFSVKNIKKKLPAKNRKGFLIKRIPMKVKDKITKVEYIKRALSLNTMTKDA
ERGKLKRRAIATAGIQIRGFVLVVENLAKNICENLEQSGLPVGGNEKKAKLSNAVAKMLSNCPPGGISMTVTGDNTKWNE
CLNPRIFLAMTERITRDSPIWFRDFCSIAPVLFSNKIARLGKGFMITSKTKRLKAQIPCPDLFSIPLERYNEETRAKLKK
LKPFFNEEGTASLSPGMMMGMFNMLSTVLGVAALGIKNIGNKEYLWDGLQSSDDFALFVNAKDEETCMEGINDFYRTCKL
LGINMSKKKSYCNETGMFEFTSMFYRDGFVSNFAMELPSFGVAGVNESADMAIGMTIIKNNMINNGMGPATAQTAIQLFI
ADYRYTYKCHRGDSKVEGKRMKIIKELWENTKGRDGLLVADGGPNIYNLRNLHIPEIVLKYNLMDPEYKGRLLHPQNPFV
GHLSIEGIKEADITPAHGPVKKMDYDAVSGTHSWRTKRNRSILNTDQRNMILEEQCYAKCCNLFEACFNSASYRKPVGQH
SMLEAMAHRLRMDARLDYESGRMSKDDFEKAMAHLGEIGYIGSGSGENLYFQ
;
B,E
3 'polypeptide(L)'
;GSGSGSGSGMTLAKIELLKQLLRDNEAKTVLKQTTVDQYNIIRKFNTSRIEKNPSLRMKWAMCSNFPLALTKGDMANRIP
LEYKGIQLKTNAEDIGTKGQMCSIAAVTWWNTYGPIGDTEGFERVYESFFLRKMRLDNATWGRITFGPVERVRKRVLLNP
LTKEMPPDEASNVIMEILFPKEAGIPRESTWIHRELIKEKREKLKGTMITPIVLAYMLERELVARRRFLPVAGATSAEFI
EMLHCLQGENWRQIYHPGGNKLTESRSQSMIVACRKIIRRSIVASNPLELAVEIANKTVIDTEPLKSCLAAIDGGDVACD
IIRAALGLKIRQRQRFGRLELKRISGRGFKNDEEILIGNGTIQKIGIWDGEEEFHVRCGECRGILKKSKMKLEKLLINSA
KKEDMRDLIILCMVFSQDTRMFQGVRGEINFLNRAGQLLSPMYQLQRYFLNRSNDLFDQWGYEESPKASELHGINESMNA
SDYTLKGVVVTRNVIDDFSSTETEKVSITKNLSLIKRTGEVIMGANDVSELESQAQLMITYDTPKMWEMGTTKELVQNTY
QWVLKNLVTLKAQFLLGKEDMFQWDAFEAFESIIPQKMAGQYSGFARAVLKQMRDQEVMKTDQFIKLLPFCFSPPKLRSN
GEPYQFLKLVLKGGGENFIEVRKGSPLFSYNPQTEVLTICGRMMSLKGKIEDEERNRSMGNAVLAGFLVSGKYDPDLGDF
KTIEELEKLKPGEKANILLYQGKPVKVVKRKRYSALSNDISQGIKRQRMTVESMGWALSGWSHPQFEKGSGSENLYFQ
;
C,F
4 'polyribonucleotide' AGUAGUAACAAG H,V
#
# COMPACT_ATOMS: atom_id res chain seq x y z
N SER A 14 54.33 32.83 76.51
CA SER A 14 53.72 32.96 75.14
C SER A 14 52.42 33.76 75.16
N MET A 15 52.01 34.21 73.97
CA MET A 15 50.80 35.02 73.82
C MET A 15 49.50 34.19 73.76
N ASP A 16 49.61 32.86 73.69
CA ASP A 16 48.45 31.95 73.70
C ASP A 16 47.56 32.13 74.94
N THR A 17 48.19 32.32 76.11
CA THR A 17 47.48 32.59 77.36
C THR A 17 46.89 34.01 77.38
N PHE A 18 47.63 34.98 76.85
CA PHE A 18 47.19 36.38 76.78
C PHE A 18 45.92 36.58 75.94
N ILE A 19 45.82 35.86 74.84
CA ILE A 19 44.65 35.93 73.95
C ILE A 19 43.39 35.35 74.62
N THR A 20 43.56 34.27 75.38
CA THR A 20 42.45 33.64 76.13
C THR A 20 41.88 34.57 77.21
N ARG A 21 42.76 35.30 77.90
CA ARG A 21 42.35 36.26 78.92
C ARG A 21 41.67 37.51 78.33
N ASN A 22 42.29 38.08 77.30
CA ASN A 22 41.85 39.36 76.73
C ASN A 22 40.56 39.23 75.90
N PHE A 23 40.62 38.41 74.85
CA PHE A 23 39.54 38.29 73.87
C PHE A 23 38.48 37.28 74.28
N GLN A 24 37.28 37.44 73.71
CA GLN A 24 36.13 36.59 74.01
C GLN A 24 36.20 35.25 73.25
N THR A 25 35.27 34.34 73.56
CA THR A 25 35.22 33.02 72.92
C THR A 25 34.80 33.11 71.45
N THR A 26 33.76 33.89 71.17
CA THR A 26 33.24 34.06 69.80
C THR A 26 34.24 34.74 68.85
N ILE A 27 35.11 35.59 69.39
CA ILE A 27 36.15 36.27 68.60
C ILE A 27 37.28 35.30 68.25
N ILE A 28 37.71 34.48 69.22
CA ILE A 28 38.81 33.52 69.02
C ILE A 28 38.38 32.35 68.13
N GLN A 29 37.14 31.86 68.30
CA GLN A 29 36.59 30.79 67.48
C GLN A 29 36.54 31.16 66.00
N LYS A 30 36.00 32.34 65.70
CA LYS A 30 35.91 32.84 64.32
C LYS A 30 37.27 33.23 63.73
N ALA A 31 38.20 33.66 64.58
CA ALA A 31 39.57 34.01 64.15
C ALA A 31 40.35 32.78 63.68
N LYS A 32 40.28 31.70 64.47
CA LYS A 32 40.92 30.42 64.10
C LYS A 32 40.27 29.75 62.88
N ASN A 33 38.96 29.95 62.71
CA ASN A 33 38.25 29.51 61.50
C ASN A 33 38.70 30.26 60.25
N THR A 34 39.03 31.55 60.40
CA THR A 34 39.59 32.35 59.31
C THR A 34 40.99 31.85 58.94
N MET A 35 41.83 31.63 59.95
CA MET A 35 43.18 31.08 59.75
C MET A 35 43.16 29.66 59.18
N ALA A 36 42.15 28.87 59.54
CA ALA A 36 41.94 27.53 58.97
C ALA A 36 41.62 27.60 57.48
N GLU A 37 40.83 28.59 57.07
CA GLU A 37 40.51 28.82 55.65
C GLU A 37 41.71 29.35 54.84
N PHE A 38 42.57 30.15 55.47
CA PHE A 38 43.81 30.64 54.85
C PHE A 38 44.99 29.64 54.91
N SER A 39 44.78 28.48 55.56
CA SER A 39 45.77 27.39 55.65
C SER A 39 47.01 27.79 56.45
N GLU A 40 46.79 28.22 57.69
CA GLU A 40 47.84 28.61 58.62
C GLU A 40 47.50 28.17 60.04
N ASP A 41 48.50 27.67 60.76
CA ASP A 41 48.33 27.19 62.13
C ASP A 41 48.21 28.38 63.09
N PRO A 42 47.15 28.41 63.93
CA PRO A 42 47.03 29.49 64.94
C PRO A 42 48.13 29.52 66.00
N GLU A 43 48.48 28.35 66.56
CA GLU A 43 49.45 28.27 67.66
C GLU A 43 50.89 28.50 67.23
N LEU A 44 51.24 28.10 66.02
CA LEU A 44 52.59 28.35 65.47
C LEU A 44 52.80 29.79 64.99
N GLN A 45 51.72 30.56 64.85
CA GLN A 45 51.78 31.99 64.53
C GLN A 45 50.82 32.80 65.43
N PRO A 46 51.26 33.12 66.67
CA PRO A 46 50.41 33.92 67.58
C PRO A 46 50.18 35.37 67.15
N ALA A 47 51.18 36.00 66.53
CA ALA A 47 51.09 37.40 66.09
C ALA A 47 50.05 37.63 65.00
N MET A 48 49.95 36.69 64.06
CA MET A 48 48.96 36.76 62.99
C MET A 48 47.53 36.49 63.49
N LEU A 49 47.40 35.69 64.55
CA LEU A 49 46.11 35.46 65.22
C LEU A 49 45.63 36.72 65.94
N PHE A 50 46.54 37.42 66.62
CA PHE A 50 46.22 38.66 67.36
C PHE A 50 45.71 39.77 66.45
N ASN A 51 46.35 39.96 65.29
CA ASN A 51 45.96 40.99 64.31
C ASN A 51 44.53 40.80 63.78
N ILE A 52 44.14 39.54 63.58
CA ILE A 52 42.77 39.21 63.14
C ILE A 52 41.77 39.38 64.29
N CYS A 53 42.16 39.00 65.50
CA CYS A 53 41.30 39.14 66.70
C CYS A 53 40.98 40.59 67.06
N VAL A 54 41.98 41.48 66.93
CA VAL A 54 41.78 42.91 67.16
C VAL A 54 40.89 43.51 66.06
N HIS A 55 41.26 43.23 64.80
CA HIS A 55 40.51 43.70 63.63
C HIS A 55 39.04 43.26 63.64
N LEU A 56 38.79 42.02 64.06
CA LEU A 56 37.42 41.48 64.16
C LEU A 56 36.61 42.15 65.28
N GLU A 57 37.25 42.40 66.43
CA GLU A 57 36.57 43.01 67.58
C GLU A 57 36.15 44.47 67.34
N VAL A 58 36.99 45.22 66.63
CA VAL A 58 36.69 46.62 66.29
C VAL A 58 35.42 46.72 65.43
N CYS A 59 35.22 45.75 64.52
CA CYS A 59 34.01 45.69 63.70
C CYS A 59 32.75 45.43 64.55
N TYR A 60 32.86 44.55 65.54
CA TYR A 60 31.75 44.26 66.46
C TYR A 60 31.41 45.43 67.40
N VAL A 61 32.43 46.10 67.92
CA VAL A 61 32.25 47.24 68.84
C VAL A 61 31.47 48.40 68.19
N ILE A 62 31.72 48.63 66.90
CA ILE A 62 30.98 49.65 66.13
C ILE A 62 29.53 49.21 65.91
N SER A 63 29.32 47.93 65.63
CA SER A 63 28.00 47.36 65.35
C SER A 63 27.19 46.89 66.58
N ASP A 64 27.78 46.95 67.77
CA ASP A 64 27.17 46.34 68.97
C ASP A 64 25.89 47.06 69.42
N MET A 65 26.02 48.35 69.73
CA MET A 65 24.91 49.14 70.27
C MET A 65 24.10 49.90 69.21
N ASN A 66 24.64 50.05 68.00
CA ASN A 66 23.96 50.79 66.93
C ASN A 66 22.83 49.99 66.28
N PHE A 67 21.59 50.31 66.66
CA PHE A 67 20.39 49.75 66.04
C PHE A 67 19.60 50.85 65.34
N LEU A 68 18.88 50.48 64.27
CA LEU A 68 18.02 51.41 63.52
C LEU A 68 16.55 51.17 63.86
N ASP A 69 15.78 52.26 63.91
CA ASP A 69 14.33 52.19 64.19
C ASP A 69 13.53 51.92 62.91
N GLU A 70 12.21 51.81 63.05
CA GLU A 70 11.33 51.41 61.94
C GLU A 70 11.17 52.46 60.84
N GLU A 71 11.41 53.74 61.15
CA GLU A 71 11.48 54.80 60.13
C GLU A 71 12.81 54.71 59.36
N GLY A 72 13.92 54.83 60.09
CA GLY A 72 15.26 54.76 59.53
C GLY A 72 16.24 55.73 60.16
N LYS A 73 16.41 55.61 61.49
CA LYS A 73 17.26 56.52 62.28
C LYS A 73 17.86 55.75 63.47
N ALA A 74 19.11 56.07 63.80
CA ALA A 74 19.86 55.34 64.83
C ALA A 74 19.48 55.75 66.26
N TYR A 75 19.72 54.85 67.20
CA TYR A 75 19.65 55.16 68.64
C TYR A 75 20.52 54.20 69.44
N ASN A 86 14.31 47.47 68.73
CA ASN A 86 13.96 47.08 67.37
C ASN A 86 15.02 46.18 66.75
N LEU A 87 14.61 44.98 66.32
CA LEU A 87 15.55 43.92 65.92
C LEU A 87 16.08 44.12 64.48
N ARG A 88 17.01 45.06 64.33
CA ARG A 88 17.69 45.32 63.06
C ARG A 88 18.90 46.27 63.26
N PRO A 89 20.13 45.71 63.38
CA PRO A 89 21.34 46.53 63.54
C PRO A 89 21.66 47.46 62.37
N GLN A 90 22.37 48.55 62.66
CA GLN A 90 22.77 49.53 61.64
C GLN A 90 23.92 48.98 60.80
N TYR A 91 24.95 48.46 61.47
CA TYR A 91 26.12 47.88 60.82
C TYR A 91 25.95 46.36 60.68
N GLU A 92 26.38 45.82 59.54
CA GLU A 92 26.34 44.39 59.25
C GLU A 92 27.77 43.84 59.30
N VAL A 93 28.03 42.91 60.22
CA VAL A 93 29.37 42.35 60.42
C VAL A 93 29.66 41.28 59.36
N ILE A 94 30.50 41.63 58.38
CA ILE A 94 30.89 40.71 57.30
C ILE A 94 32.16 39.93 57.67
N GLU A 95 33.18 40.63 58.17
CA GLU A 95 34.43 39.99 58.60
C GLU A 95 34.18 39.13 59.84
N GLY A 96 34.84 37.97 59.89
CA GLY A 96 34.63 36.98 60.95
C GLY A 96 33.97 35.72 60.44
N MET A 97 32.97 35.87 59.58
CA MET A 97 32.24 34.74 58.99
C MET A 97 33.08 34.06 57.89
N PRO A 98 32.69 32.83 57.49
CA PRO A 98 33.38 32.14 56.37
C PRO A 98 33.26 32.87 55.03
N ARG A 99 34.16 32.55 54.10
CA ARG A 99 34.24 33.23 52.79
C ARG A 99 32.94 33.19 52.00
N THR A 100 32.42 31.98 51.77
CA THR A 100 31.22 31.78 50.94
C THR A 100 29.96 32.42 51.54
N ILE A 101 29.86 32.43 52.88
CA ILE A 101 28.77 33.13 53.57
C ILE A 101 29.00 34.64 53.53
N ALA A 102 30.24 35.07 53.79
CA ALA A 102 30.60 36.50 53.74
C ALA A 102 30.40 37.11 52.36
N TRP A 103 30.72 36.34 51.31
CA TRP A 103 30.46 36.76 49.93
C TRP A 103 28.97 36.75 49.59
N MET A 104 28.23 35.75 50.09
CA MET A 104 26.78 35.68 49.93
C MET A 104 26.09 36.91 50.55
N VAL A 105 26.57 37.32 51.72
CA VAL A 105 26.09 38.53 52.39
C VAL A 105 26.39 39.78 51.54
N GLN A 106 27.64 39.89 51.08
CA GLN A 106 28.10 41.04 50.29
C GLN A 106 27.35 41.20 48.97
N ARG A 107 27.12 40.09 48.28
CA ARG A 107 26.39 40.11 47.00
C ARG A 107 24.89 40.36 47.19
N SER A 108 24.29 39.73 48.20
CA SER A 108 22.86 39.89 48.49
C SER A 108 22.50 41.34 48.85
N LEU A 109 23.37 42.00 49.60
CA LEU A 109 23.20 43.42 49.95
C LEU A 109 23.31 44.31 48.71
N ALA A 110 24.43 44.15 47.99
CA ALA A 110 24.71 44.95 46.80
C ALA A 110 23.66 44.79 45.68
N GLN A 111 23.16 43.57 45.51
CA GLN A 111 22.13 43.28 44.52
C GLN A 111 20.77 43.90 44.89
N GLU A 112 20.42 43.86 46.18
CA GLU A 112 19.14 44.38 46.66
C GLU A 112 19.08 45.90 46.62
N HIS A 113 20.09 46.55 47.17
CA HIS A 113 20.16 48.02 47.22
C HIS A 113 20.34 48.68 45.85
N GLY A 114 20.94 47.95 44.90
CA GLY A 114 21.13 48.44 43.54
C GLY A 114 22.45 49.15 43.36
N ILE A 115 23.54 48.47 43.74
CA ILE A 115 24.90 48.99 43.63
C ILE A 115 25.85 47.88 43.16
N GLU A 116 27.03 48.29 42.70
CA GLU A 116 28.04 47.35 42.21
C GLU A 116 28.77 46.66 43.36
N THR A 117 29.03 45.37 43.20
CA THR A 117 29.71 44.57 44.22
C THR A 117 31.21 44.91 44.26
N PRO A 118 31.77 45.13 45.46
CA PRO A 118 33.24 45.31 45.56
C PRO A 118 34.05 44.07 45.14
N LYS A 119 35.22 44.30 44.56
CA LYS A 119 36.10 43.22 44.10
C LYS A 119 36.77 42.47 45.27
N TYR A 120 37.12 43.21 46.33
CA TYR A 120 37.68 42.62 47.56
C TYR A 120 36.57 42.26 48.55
N LEU A 121 36.92 41.42 49.52
CA LEU A 121 36.00 41.03 50.58
C LEU A 121 35.88 42.15 51.63
N ALA A 122 34.67 42.73 51.74
CA ALA A 122 34.42 43.83 52.66
C ALA A 122 34.34 43.35 54.10
N ASP A 123 34.58 44.27 55.04
CA ASP A 123 34.57 43.98 56.48
C ASP A 123 33.27 44.38 57.18
N LEU A 124 32.66 45.48 56.74
CA LEU A 124 31.39 45.98 57.32
C LEU A 124 30.47 46.55 56.25
N PHE A 125 29.24 46.87 56.65
CA PHE A 125 28.25 47.52 55.78
C PHE A 125 27.18 48.23 56.59
N ASP A 126 27.09 49.56 56.44
CA ASP A 126 26.05 50.36 57.09
C ASP A 126 24.78 50.32 56.24
N TYR A 127 23.64 50.00 56.88
CA TYR A 127 22.35 49.89 56.17
C TYR A 127 21.76 51.26 55.78
N LYS A 128 21.96 52.28 56.61
CA LYS A 128 21.44 53.63 56.34
C LYS A 128 22.21 54.32 55.19
N THR A 129 23.52 54.19 55.19
CA THR A 129 24.38 54.81 54.17
C THR A 129 24.31 54.10 52.81
N LYS A 130 24.04 52.80 52.81
CA LYS A 130 24.15 51.92 51.63
C LYS A 130 25.57 51.98 51.05
N ARG A 131 26.56 51.80 51.93
CA ARG A 131 27.97 51.85 51.56
C ARG A 131 28.76 50.80 52.36
N PHE A 132 29.60 50.03 51.66
CA PHE A 132 30.48 49.05 52.31
C PHE A 132 31.64 49.76 53.01
N ILE A 133 32.16 49.10 54.04
CA ILE A 133 33.21 49.66 54.90
C ILE A 133 34.36 48.66 55.03
N GLU A 134 35.59 49.17 55.06
CA GLU A 134 36.81 48.35 55.18
C GLU A 134 37.64 48.88 56.36
N VAL A 135 37.83 48.05 57.37
CA VAL A 135 38.54 48.43 58.60
C VAL A 135 40.02 48.03 58.50
N GLY A 136 40.89 48.86 59.07
CA GLY A 136 42.34 48.60 59.10
C GLY A 136 42.96 49.11 60.39
N ILE A 137 43.82 48.28 60.99
CA ILE A 137 44.46 48.59 62.27
C ILE A 137 45.99 48.64 62.08
N THR A 138 46.50 49.81 61.69
CA THR A 138 47.94 50.03 61.52
C THR A 138 48.65 50.25 62.85
N LYS A 139 49.97 50.30 62.82
CA LYS A 139 50.80 50.54 64.00
C LYS A 139 51.33 51.97 64.03
N GLY A 140 52.03 52.35 62.96
CA GLY A 140 52.60 53.69 62.82
C GLY A 140 51.58 54.73 62.37
N LEU A 141 51.83 55.35 61.22
CA LEU A 141 51.00 56.43 60.70
C LEU A 141 49.72 55.88 60.03
N ALA A 142 48.60 56.56 60.27
CA ALA A 142 47.31 56.18 59.71
C ALA A 142 47.19 56.54 58.22
N ASP A 143 47.72 57.71 57.85
CA ASP A 143 47.64 58.19 56.47
C ASP A 143 48.51 57.38 55.48
N ASP A 144 49.58 56.78 55.98
CA ASP A 144 50.42 55.87 55.17
C ASP A 144 49.66 54.61 54.76
N TYR A 145 48.97 54.01 55.73
CA TYR A 145 48.11 52.84 55.48
C TYR A 145 46.82 53.19 54.73
N PHE A 146 46.34 54.43 54.88
CA PHE A 146 45.15 54.94 54.21
C PHE A 146 45.29 54.93 52.68
N TRP A 147 46.32 55.63 52.18
CA TRP A 147 46.53 55.77 50.74
C TRP A 147 47.04 54.50 50.04
N LYS A 148 47.55 53.53 50.81
CA LYS A 148 47.85 52.19 50.27
C LYS A 148 46.57 51.43 49.91
N LYS A 149 45.54 51.55 50.76
CA LYS A 149 44.22 50.97 50.49
C LYS A 149 43.48 51.68 49.35
N LYS A 150 43.72 52.98 49.18
CA LYS A 150 43.14 53.75 48.08
C LYS A 150 43.63 53.33 46.68
N GLU A 151 44.84 52.76 46.60
CA GLU A 151 45.35 52.21 45.33
C GLU A 151 44.61 50.92 44.93
N LYS A 152 44.28 50.09 45.92
CA LYS A 152 43.57 48.82 45.67
C LYS A 152 42.06 49.00 45.62
N LEU A 153 41.48 49.50 46.69
CA LEU A 153 40.01 49.63 46.83
C LEU A 153 39.41 50.80 46.06
N GLY A 154 40.18 51.89 45.91
CA GLY A 154 39.74 53.05 45.13
C GLY A 154 38.73 53.90 45.89
N ASN A 155 37.46 53.83 45.44
CA ASN A 155 36.35 54.52 46.10
C ASN A 155 35.10 53.62 46.19
N SER A 156 35.34 52.32 46.37
CA SER A 156 34.26 51.34 46.50
C SER A 156 33.79 51.27 47.95
N MET A 157 34.75 51.04 48.85
CA MET A 157 34.48 50.91 50.29
C MET A 157 34.91 52.18 51.04
N GLU A 158 34.18 52.50 52.11
CA GLU A 158 34.53 53.62 53.00
C GLU A 158 35.62 53.17 53.96
N LEU A 159 36.81 53.76 53.84
CA LEU A 159 37.95 53.38 54.68
C LEU A 159 37.79 53.92 56.11
N MET A 160 38.19 53.10 57.08
CA MET A 160 38.21 53.48 58.49
C MET A 160 39.49 52.96 59.14
N ILE A 161 40.55 53.77 59.06
CA ILE A 161 41.89 53.39 59.53
C ILE A 161 42.06 53.87 60.97
N PHE A 162 42.41 52.93 61.86
CA PHE A 162 42.69 53.22 63.28
C PHE A 162 44.11 52.77 63.62
N SER A 163 44.57 53.13 64.82
CA SER A 163 45.91 52.74 65.29
C SER A 163 46.03 52.76 66.81
N TYR A 164 47.14 52.24 67.31
CA TYR A 164 47.40 52.11 68.75
C TYR A 164 47.76 53.44 69.41
N ASN A 165 48.57 54.26 68.72
CA ASN A 165 49.13 55.50 69.28
C ASN A 165 48.31 56.77 68.99
N GLN A 166 46.98 56.66 69.13
CA GLN A 166 46.05 57.80 68.99
C GLN A 166 46.18 58.52 67.65
N ASP A 167 45.91 57.78 66.56
CA ASP A 167 45.97 58.32 65.20
C ASP A 167 44.99 57.58 64.30
N TYR A 168 44.36 58.32 63.37
CA TYR A 168 43.35 57.76 62.47
C TYR A 168 43.13 58.64 61.24
N SER A 169 42.71 58.01 60.14
CA SER A 169 42.43 58.70 58.89
C SER A 169 41.16 58.11 58.25
N LEU A 170 40.01 58.68 58.62
CA LEU A 170 38.72 58.23 58.08
C LEU A 170 38.48 58.85 56.70
N SER A 171 37.84 58.08 55.82
CA SER A 171 37.52 58.54 54.47
C SER A 171 36.36 59.53 54.53
N ASN A 172 35.23 59.08 55.08
CA ASN A 172 34.06 59.92 55.30
C ASN A 172 34.06 60.46 56.73
N GLU A 173 33.67 61.72 56.88
CA GLU A 173 33.75 62.42 58.16
C GLU A 173 32.57 62.08 59.08
N SER A 174 31.35 62.14 58.55
CA SER A 174 30.12 61.90 59.31
C SER A 174 29.63 60.44 59.31
N SER A 175 30.46 59.50 58.85
CA SER A 175 30.12 58.07 58.89
C SER A 175 30.15 57.52 60.31
N LEU A 176 31.26 57.76 61.00
CA LEU A 176 31.44 57.37 62.40
C LEU A 176 31.50 58.61 63.29
N ASP A 177 30.63 58.67 64.30
CA ASP A 177 30.59 59.78 65.24
C ASP A 177 31.57 59.56 66.41
N GLU A 178 31.68 60.55 67.29
CA GLU A 178 32.65 60.49 68.40
C GLU A 178 32.36 59.40 69.50
N GLU A 179 31.22 58.69 69.44
CA GLU A 179 30.86 57.63 70.44
C GLU A 179 31.76 56.40 70.35
N GLY A 180 31.65 55.66 69.25
CA GLY A 180 32.55 54.54 68.96
C GLY A 180 34.00 54.92 68.78
N LYS A 181 34.24 56.11 68.22
CA LYS A 181 35.61 56.63 68.01
C LYS A 181 36.42 56.71 69.31
N GLY A 182 35.74 57.05 70.41
CA GLY A 182 36.34 57.03 71.74
C GLY A 182 36.66 55.63 72.25
N ARG A 183 35.71 54.70 72.07
CA ARG A 183 35.87 53.31 72.52
C ARG A 183 36.94 52.53 71.75
N VAL A 184 37.05 52.79 70.44
CA VAL A 184 38.05 52.11 69.59
C VAL A 184 39.47 52.52 69.97
N LEU A 185 39.71 53.83 70.05
CA LEU A 185 41.02 54.36 70.44
C LEU A 185 41.39 54.04 71.91
N SER A 186 40.38 53.96 72.78
CA SER A 186 40.57 53.52 74.16
C SER A 186 40.91 52.03 74.25
N ARG A 187 40.23 51.21 73.44
CA ARG A 187 40.46 49.76 73.41
C ARG A 187 41.87 49.40 72.89
N LEU A 188 42.29 50.06 71.82
CA LEU A 188 43.61 49.80 71.22
C LEU A 188 44.77 50.22 72.13
N THR A 189 44.65 51.39 72.76
CA THR A 189 45.65 51.88 73.71
C THR A 189 45.70 51.02 74.99
N GLU A 190 44.55 50.48 75.40
CA GLU A 190 44.48 49.55 76.53
C GLU A 190 45.18 48.22 76.22
N LEU A 191 44.95 47.69 75.02
CA LEU A 191 45.59 46.45 74.57
C LEU A 191 47.11 46.63 74.34
N GLN A 192 47.50 47.76 73.76
CA GLN A 192 48.92 48.07 73.53
C GLN A 192 49.69 48.23 74.85
N ALA A 193 49.05 48.87 75.82
CA ALA A 193 49.62 49.03 77.17
C ALA A 193 49.83 47.68 77.88
N GLU A 194 48.89 46.75 77.67
CA GLU A 194 49.00 45.39 78.24
C GLU A 194 50.16 44.58 77.65
N LEU A 195 50.41 44.74 76.35
CA LEU A 195 51.51 44.04 75.66
C LEU A 195 52.89 44.57 76.06
N SER A 196 53.04 45.89 76.07
CA SER A 196 54.30 46.53 76.46
C SER A 196 54.64 46.37 77.95
N LEU A 197 53.61 46.24 78.79
CA LEU A 197 53.78 45.96 80.22
C LEU A 197 54.27 44.53 80.47
N LYS A 198 53.71 43.56 79.74
CA LYS A 198 54.03 42.14 79.92
C LYS A 198 55.06 41.58 78.92
N ASN A 199 55.81 42.47 78.26
CA ASN A 199 56.88 42.11 77.31
C ASN A 199 56.42 41.25 76.11
N LEU A 200 55.19 41.50 75.65
CA LEU A 200 54.62 40.81 74.48
C LEU A 200 54.64 41.66 73.19
N TRP A 201 54.94 42.96 73.31
CA TRP A 201 55.04 43.86 72.16
C TRP A 201 56.24 43.55 71.27
N GLN A 202 57.33 43.05 71.87
CA GLN A 202 58.53 42.64 71.12
C GLN A 202 58.31 41.48 70.14
N VAL A 203 57.38 40.58 70.48
CA VAL A 203 57.03 39.44 69.63
C VAL A 203 56.15 39.88 68.45
N LEU A 204 55.23 40.80 68.70
CA LEU A 204 54.32 41.33 67.67
C LEU A 204 55.05 42.18 66.63
N ILE A 205 55.96 43.04 67.10
CA ILE A 205 56.78 43.89 66.22
C ILE A 205 57.76 43.06 65.38
N GLY A 206 58.32 42.00 65.99
CA GLY A 206 59.21 41.07 65.28
C GLY A 206 58.52 40.36 64.12
N GLU A 207 59.28 40.11 63.05
CA GLU A 207 58.72 39.57 61.82
C GLU A 207 58.29 38.11 61.97
N GLU A 208 57.26 37.72 61.22
CA GLU A 208 56.67 36.39 61.28
C GLU A 208 56.30 35.90 59.89
N ASP A 209 56.98 34.84 59.43
CA ASP A 209 56.73 34.26 58.11
C ASP A 209 57.29 32.83 58.04
N VAL A 210 56.43 31.86 57.69
CA VAL A 210 56.82 30.45 57.63
C VAL A 210 56.31 29.81 56.33
N GLU A 211 57.03 28.78 55.85
CA GLU A 211 56.66 28.08 54.63
C GLU A 211 55.47 27.14 54.87
N LYS A 212 54.54 27.11 53.90
CA LYS A 212 53.32 26.33 54.00
C LYS A 212 53.45 25.03 53.20
N GLY A 213 54.33 24.15 53.68
CA GLY A 213 54.56 22.84 53.05
C GLY A 213 53.43 21.87 53.32
N ILE A 214 53.32 20.85 52.47
CA ILE A 214 52.28 19.83 52.60
C ILE A 214 52.74 18.80 53.65
N ASP A 215 52.01 18.73 54.76
CA ASP A 215 52.32 17.81 55.86
C ASP A 215 51.60 16.48 55.65
N PHE A 216 52.36 15.45 55.28
CA PHE A 216 51.84 14.09 55.17
C PHE A 216 52.96 13.11 55.55
N LYS A 217 52.84 12.53 56.75
CA LYS A 217 53.85 11.63 57.30
C LYS A 217 53.22 10.33 57.81
N LEU A 218 54.00 9.27 57.82
CA LEU A 218 53.51 7.92 58.07
C LEU A 218 53.66 7.50 59.53
N GLY A 219 52.63 6.87 60.08
CA GLY A 219 52.65 6.35 61.44
C GLY A 219 53.43 5.06 61.57
N GLN A 220 53.23 4.35 62.69
CA GLN A 220 53.99 3.14 63.00
C GLN A 220 53.53 1.93 62.18
N THR A 221 52.22 1.68 62.19
CA THR A 221 51.64 0.50 61.54
C THR A 221 51.87 0.51 60.03
N ILE A 222 51.49 1.61 59.39
CA ILE A 222 51.68 1.79 57.94
C ILE A 222 53.15 1.72 57.50
N SER A 223 54.05 2.26 58.33
CA SER A 223 55.49 2.21 58.06
C SER A 223 56.05 0.80 58.26
N ARG A 224 55.59 0.12 59.32
CA ARG A 224 55.97 -1.27 59.58
C ARG A 224 55.43 -2.21 58.51
N LEU A 225 54.21 -1.94 58.02
CA LEU A 225 53.64 -2.65 56.88
C LEU A 225 54.46 -2.45 55.60
N ARG A 226 54.91 -1.22 55.38
CA ARG A 226 55.76 -0.89 54.22
C ARG A 226 57.12 -1.59 54.26
N ASP A 227 57.68 -1.78 55.46
CA ASP A 227 58.96 -2.50 55.62
C ASP A 227 58.87 -3.99 55.24
N ILE A 228 57.68 -4.58 55.37
CA ILE A 228 57.43 -5.97 54.95
C ILE A 228 56.71 -6.08 53.60
N SER A 229 56.78 -5.02 52.79
CA SER A 229 56.22 -5.02 51.43
C SER A 229 57.34 -4.74 50.42
N VAL A 230 58.53 -5.28 50.69
CA VAL A 230 59.73 -5.02 49.91
C VAL A 230 60.15 -6.27 49.12
N PRO A 231 60.97 -6.10 48.05
CA PRO A 231 61.49 -7.29 47.35
C PRO A 231 62.50 -8.11 48.17
N ALA A 232 62.80 -9.32 47.71
CA ALA A 232 63.73 -10.20 48.40
C ALA A 232 65.17 -9.69 48.28
N GLY A 233 65.89 -9.69 49.40
CA GLY A 233 67.22 -9.11 49.49
C GLY A 233 67.20 -7.64 49.86
N PHE A 234 66.35 -7.29 50.83
CA PHE A 234 66.24 -5.92 51.36
C PHE A 234 65.87 -5.97 52.84
N SER A 235 66.54 -5.15 53.64
CA SER A 235 66.30 -5.09 55.09
C SER A 235 64.97 -4.40 55.40
N ASN A 236 64.77 -3.22 54.83
CA ASN A 236 63.55 -2.44 55.00
C ASN A 236 63.33 -1.48 53.81
N PHE A 237 62.31 -0.63 53.91
CA PHE A 237 61.94 0.29 52.82
C PHE A 237 63.01 1.37 52.54
N GLU A 238 63.68 1.84 53.59
CA GLU A 238 64.76 2.84 53.45
C GLU A 238 65.87 2.36 52.51
N GLY A 239 66.18 1.06 52.58
CA GLY A 239 67.14 0.42 51.67
C GLY A 239 66.69 0.41 50.22
N MET A 240 65.40 0.13 50.00
CA MET A 240 64.81 0.12 48.66
C MET A 240 64.79 1.52 48.02
N ARG A 241 64.37 2.51 48.81
CA ARG A 241 64.36 3.91 48.40
C ARG A 241 65.74 4.37 47.92
N SER A 242 66.74 4.15 48.77
CA SER A 242 68.13 4.50 48.44
C SER A 242 68.70 3.66 47.30
N TYR A 243 68.27 2.40 47.18
CA TYR A 243 68.71 1.52 46.10
C TYR A 243 68.20 2.02 44.74
N ILE A 244 66.89 2.17 44.63
CA ILE A 244 66.24 2.58 43.36
C ILE A 244 66.73 3.97 42.91
N ASP A 245 66.88 4.89 43.85
CA ASP A 245 67.32 6.26 43.54
C ASP A 245 68.78 6.35 43.08
N ASN A 246 69.68 5.60 43.71
CA ASN A 246 71.13 5.75 43.49
C ASN A 246 71.74 4.83 42.42
N ILE A 247 71.40 3.54 42.43
CA ILE A 247 72.12 2.54 41.61
C ILE A 247 71.77 2.62 40.12
N ASP A 248 72.68 2.11 39.30
CA ASP A 248 72.51 2.01 37.85
C ASP A 248 72.40 0.53 37.46
N PRO A 249 71.17 0.06 37.13
CA PRO A 249 70.96 -1.34 36.76
C PRO A 249 71.02 -1.56 35.24
N LYS A 250 72.10 -1.10 34.61
CA LYS A 250 72.28 -1.26 33.16
C LYS A 250 72.74 -2.67 32.83
N GLY A 251 72.26 -3.19 31.69
CA GLY A 251 72.57 -4.55 31.25
C GLY A 251 72.02 -5.68 32.12
N ALA A 252 71.05 -5.39 32.98
CA ALA A 252 70.49 -6.37 33.91
C ALA A 252 69.56 -7.36 33.19
N ILE A 253 68.81 -6.87 32.20
CA ILE A 253 67.93 -7.71 31.38
C ILE A 253 68.76 -8.72 30.58
N GLU A 254 69.76 -8.23 29.86
CA GLU A 254 70.58 -9.08 29.00
C GLU A 254 71.43 -10.09 29.78
N ARG A 255 71.85 -9.72 30.99
CA ARG A 255 72.55 -10.66 31.89
C ARG A 255 71.60 -11.75 32.41
N ASN A 256 70.38 -11.36 32.81
CA ASN A 256 69.37 -12.32 33.25
C ASN A 256 68.91 -13.28 32.15
N LEU A 257 68.66 -12.76 30.95
CA LEU A 257 68.23 -13.57 29.80
C LEU A 257 69.27 -14.61 29.39
N ALA A 258 70.55 -14.24 29.45
CA ALA A 258 71.64 -15.18 29.20
C ALA A 258 71.67 -16.31 30.23
N ARG A 259 71.54 -15.95 31.51
CA ARG A 259 71.57 -16.93 32.60
C ARG A 259 70.21 -17.58 32.94
N MET A 260 69.14 -17.17 32.28
CA MET A 260 67.84 -17.86 32.41
C MET A 260 67.85 -19.12 31.57
N SER A 261 67.08 -20.12 32.02
CA SER A 261 67.00 -21.42 31.35
C SER A 261 66.53 -21.24 29.90
N PRO A 262 67.20 -21.91 28.93
CA PRO A 262 66.70 -21.91 27.55
C PRO A 262 65.34 -22.59 27.36
N LEU A 263 64.97 -23.48 28.29
CA LEU A 263 63.64 -24.14 28.28
C LEU A 263 62.48 -23.15 28.26
N VAL A 264 62.67 -21.97 28.88
CA VAL A 264 61.70 -20.88 28.79
C VAL A 264 61.81 -20.27 27.39
N SER A 265 60.83 -20.56 26.53
CA SER A 265 60.81 -20.05 25.16
C SER A 265 59.41 -20.03 24.56
N VAL A 266 59.24 -19.22 23.52
CA VAL A 266 57.95 -19.06 22.84
C VAL A 266 57.61 -20.27 21.96
N THR A 267 58.64 -20.94 21.42
CA THR A 267 58.48 -22.17 20.61
C THR A 267 57.69 -21.93 19.32
N PRO A 268 58.26 -21.15 18.39
CA PRO A 268 57.55 -20.77 17.17
C PRO A 268 57.52 -21.89 16.13
N LYS A 269 56.35 -22.15 15.57
CA LYS A 269 56.18 -23.11 14.47
C LYS A 269 55.36 -22.45 13.36
N LYS A 270 55.87 -22.48 12.14
CA LYS A 270 55.17 -21.89 11.00
C LYS A 270 53.99 -22.78 10.63
N LEU A 271 52.81 -22.16 10.50
CA LEU A 271 51.57 -22.88 10.25
C LEU A 271 51.46 -23.29 8.79
N THR A 272 50.85 -24.45 8.57
CA THR A 272 50.57 -24.98 7.24
C THR A 272 49.20 -25.65 7.26
N TRP A 273 48.71 -26.04 6.09
CA TRP A 273 47.38 -26.65 5.97
C TRP A 273 47.31 -28.04 6.63
N GLU A 274 48.36 -28.85 6.44
CA GLU A 274 48.47 -30.16 7.11
C GLU A 274 48.41 -30.09 8.64
N ASP A 275 48.90 -28.99 9.22
CA ASP A 275 48.83 -28.77 10.68
C ASP A 275 47.40 -28.50 11.17
N LEU A 276 46.58 -27.83 10.34
CA LEU A 276 45.17 -27.58 10.67
C LEU A 276 44.35 -28.87 10.59
N ARG A 277 44.37 -29.61 11.69
CA ARG A 277 43.59 -30.85 11.84
C ARG A 277 42.11 -30.47 12.09
N PRO A 278 41.16 -31.29 11.59
CA PRO A 278 39.73 -31.07 11.86
C PRO A 278 39.39 -30.94 13.34
N ILE A 279 38.73 -29.83 13.72
CA ILE A 279 38.39 -29.57 15.12
C ILE A 279 37.26 -30.48 15.59
N GLY A 280 37.33 -30.91 16.85
CA GLY A 280 36.28 -31.73 17.46
C GLY A 280 36.18 -33.09 16.80
N PRO A 281 37.13 -34.00 17.11
CA PRO A 281 37.08 -35.34 16.53
C PRO A 281 35.93 -36.20 17.08
N HIS A 282 35.62 -36.03 18.36
CA HIS A 282 34.61 -36.85 19.03
C HIS A 282 33.18 -36.72 18.49
N ILE A 283 32.87 -35.62 17.80
CA ILE A 283 31.52 -35.42 17.23
C ILE A 283 31.18 -36.37 16.05
N TYR A 284 32.20 -37.02 15.48
CA TYR A 284 32.01 -38.02 14.43
C TYR A 284 31.89 -39.45 14.96
N ASN A 285 32.31 -39.68 16.21
CA ASN A 285 32.20 -40.99 16.86
C ASN A 285 30.75 -41.40 17.08
N HIS A 286 30.33 -42.45 16.39
CA HIS A 286 28.95 -42.97 16.49
C HIS A 286 28.61 -43.61 17.84
N GLU A 287 29.63 -43.95 18.63
CA GLU A 287 29.43 -44.51 19.97
C GLU A 287 28.81 -43.52 20.98
N LEU A 288 28.94 -42.21 20.72
CA LEU A 288 28.27 -41.19 21.52
C LEU A 288 26.81 -41.00 21.07
N PRO A 289 25.94 -40.47 21.96
CA PRO A 289 24.55 -40.22 21.58
C PRO A 289 24.43 -38.92 20.77
N GLU A 290 23.63 -38.92 19.71
CA GLU A 290 23.49 -37.72 18.85
C GLU A 290 22.74 -36.61 19.59
N VAL A 291 23.22 -35.38 19.42
CA VAL A 291 22.75 -34.23 20.19
C VAL A 291 21.24 -34.02 20.03
N PRO A 292 20.50 -33.94 21.16
CA PRO A 292 19.05 -33.81 21.09
C PRO A 292 18.59 -32.37 20.91
N TYR A 293 17.34 -32.23 20.51
CA TYR A 293 16.69 -30.92 20.39
C TYR A 293 16.45 -30.38 21.80
N ASN A 294 16.98 -29.20 22.07
CA ASN A 294 16.93 -28.58 23.41
C ASN A 294 16.49 -27.11 23.43
N ALA A 295 15.82 -26.66 22.36
CA ALA A 295 15.33 -25.27 22.27
C ALA A 295 14.09 -25.10 23.14
N PHE A 296 13.69 -23.85 23.35
CA PHE A 296 12.54 -23.53 24.20
C PHE A 296 11.23 -23.92 23.51
N LEU A 297 11.09 -23.51 22.25
CA LEU A 297 9.97 -23.89 21.39
C LEU A 297 10.48 -24.62 20.14
N LEU A 298 9.54 -25.20 19.39
CA LEU A 298 9.85 -25.80 18.08
C LEU A 298 10.14 -24.71 17.07
N MET A 299 10.84 -25.07 15.99
CA MET A 299 11.21 -24.10 14.95
C MET A 299 10.71 -24.51 13.56
N SER A 300 11.42 -25.39 12.87
CA SER A 300 11.01 -25.85 11.53
C SER A 300 9.84 -26.83 11.60
N ASP A 301 9.75 -27.58 12.70
CA ASP A 301 8.70 -28.59 12.90
C ASP A 301 7.35 -28.02 13.36
N GLU A 302 7.28 -26.70 13.61
CA GLU A 302 6.06 -26.05 14.09
C GLU A 302 4.87 -26.21 13.14
N LEU A 303 3.67 -26.06 13.70
CA LEU A 303 2.43 -26.07 12.92
C LEU A 303 1.43 -25.09 13.52
N GLY A 304 1.12 -24.03 12.77
CA GLY A 304 0.19 -23.00 13.23
C GLY A 304 -1.22 -23.23 12.73
N LEU A 305 -2.16 -23.42 13.64
CA LEU A 305 -3.57 -23.56 13.30
C LEU A 305 -4.11 -22.19 12.88
N ALA A 306 -4.10 -21.95 11.58
CA ALA A 306 -4.35 -20.62 11.01
C ALA A 306 -5.83 -20.25 11.00
N ASN A 307 -6.18 -19.22 11.76
CA ASN A 307 -7.52 -18.64 11.80
C ASN A 307 -7.51 -17.27 11.13
N MET A 308 -8.59 -16.95 10.41
CA MET A 308 -8.71 -15.69 9.68
C MET A 308 -9.28 -14.60 10.59
N THR A 309 -8.79 -13.37 10.41
CA THR A 309 -9.22 -12.23 11.22
C THR A 309 -9.26 -10.93 10.41
N GLU A 310 -9.85 -9.90 11.03
CA GLU A 310 -9.87 -8.54 10.49
C GLU A 310 -8.47 -7.96 10.21
N GLY A 311 -7.50 -8.35 11.03
CA GLY A 311 -6.14 -7.80 10.98
C GLY A 311 -5.87 -6.72 12.02
N LYS A 312 -6.44 -6.91 13.21
CA LYS A 312 -6.25 -5.98 14.33
C LYS A 312 -6.17 -6.78 15.63
N SER A 313 -5.45 -6.23 16.62
CA SER A 313 -5.10 -6.95 17.85
C SER A 313 -6.32 -7.38 18.69
N LYS A 314 -6.26 -8.60 19.22
CA LYS A 314 -7.27 -9.13 20.17
C LYS A 314 -6.57 -9.74 21.39
N LYS A 315 -7.37 -10.18 22.36
CA LYS A 315 -6.87 -10.86 23.55
C LYS A 315 -6.34 -12.24 23.20
N PRO A 316 -5.32 -12.74 23.95
CA PRO A 316 -4.69 -14.02 23.61
C PRO A 316 -5.58 -15.25 23.84
N LYS A 317 -6.39 -15.21 24.90
CA LYS A 317 -7.33 -16.30 25.21
C LYS A 317 -8.46 -16.39 24.19
N THR A 318 -9.03 -15.23 23.85
CA THR A 318 -10.07 -15.13 22.81
C THR A 318 -9.53 -15.60 21.46
N LEU A 319 -8.28 -15.26 21.17
CA LEU A 319 -7.63 -15.68 19.93
C LEU A 319 -7.40 -17.18 19.87
N ALA A 320 -6.87 -17.74 20.95
CA ALA A 320 -6.65 -19.19 21.09
C ALA A 320 -7.96 -19.97 21.07
N LYS A 321 -9.00 -19.39 21.65
CA LYS A 321 -10.35 -19.98 21.64
C LYS A 321 -10.93 -20.07 20.22
N GLU A 322 -10.81 -18.97 19.47
CA GLU A 322 -11.30 -18.90 18.09
C GLU A 322 -10.49 -19.76 17.10
N CYS A 323 -9.19 -19.89 17.34
CA CYS A 323 -8.33 -20.77 16.54
C CYS A 323 -8.71 -22.24 16.71
N LEU A 324 -8.90 -22.65 17.97
CA LEU A 324 -9.31 -24.02 18.29
C LEU A 324 -10.76 -24.31 17.87
N GLU A 325 -11.62 -23.28 17.88
CA GLU A 325 -12.99 -23.40 17.39
C GLU A 325 -13.04 -23.79 15.91
N LYS A 326 -12.19 -23.14 15.11
CA LYS A 326 -12.14 -23.37 13.67
C LYS A 326 -11.56 -24.74 13.28
N TYR A 327 -10.75 -25.32 14.17
CA TYR A 327 -10.26 -26.70 14.03
C TYR A 327 -10.78 -27.54 15.21
N SER A 328 -12.08 -27.79 15.21
CA SER A 328 -12.78 -28.40 16.35
C SER A 328 -12.45 -29.87 16.60
N THR A 329 -12.13 -30.62 15.55
CA THR A 329 -11.74 -32.04 15.66
C THR A 329 -10.53 -32.22 16.58
N LEU A 330 -9.54 -31.34 16.45
CA LEU A 330 -8.33 -31.38 17.25
C LEU A 330 -8.56 -30.87 18.68
N ARG A 331 -9.44 -29.89 18.83
CA ARG A 331 -9.80 -29.36 20.16
C ARG A 331 -10.48 -30.41 21.04
N ASP A 332 -11.43 -31.14 20.46
CA ASP A 332 -12.29 -32.06 21.21
C ASP A 332 -11.79 -33.52 21.20
N GLN A 333 -10.47 -33.71 21.23
CA GLN A 333 -9.88 -35.05 21.24
C GLN A 333 -9.69 -35.49 22.69
N THR A 334 -10.36 -36.58 23.07
CA THR A 334 -10.19 -37.21 24.39
C THR A 334 -9.64 -38.66 24.35
N ASP A 335 -9.54 -39.25 23.16
CA ASP A 335 -9.02 -40.61 22.97
C ASP A 335 -7.83 -40.57 21.98
N PRO A 336 -6.66 -40.08 22.44
CA PRO A 336 -5.50 -39.93 21.55
C PRO A 336 -4.72 -41.23 21.35
N ILE A 337 -3.66 -41.14 20.55
CA ILE A 337 -2.70 -42.23 20.35
C ILE A 337 -1.34 -41.73 20.81
N LEU A 338 -0.75 -42.41 21.79
CA LEU A 338 0.61 -42.09 22.25
C LEU A 338 1.61 -42.61 21.23
N ILE A 339 2.34 -41.69 20.58
CA ILE A 339 3.35 -42.05 19.57
C ILE A 339 4.73 -42.22 20.20
N MET A 340 5.10 -41.31 21.11
CA MET A 340 6.42 -41.33 21.75
C MET A 340 6.38 -40.77 23.16
N LYS A 341 7.27 -41.27 24.02
CA LYS A 341 7.35 -40.84 25.40
C LYS A 341 8.79 -40.55 25.81
N SER A 342 8.99 -39.47 26.55
CA SER A 342 10.27 -39.16 27.18
C SER A 342 10.48 -40.11 28.36
N GLU A 343 11.73 -40.21 28.82
CA GLU A 343 12.13 -41.19 29.84
C GLU A 343 11.40 -40.96 31.17
N LYS A 344 11.52 -39.76 31.72
CA LYS A 344 10.95 -39.41 33.03
C LYS A 344 9.65 -38.60 32.96
N ALA A 345 8.96 -38.63 31.81
CA ALA A 345 7.67 -37.97 31.65
C ALA A 345 6.56 -38.85 32.21
N ASN A 346 5.33 -38.33 32.16
CA ASN A 346 4.13 -39.06 32.56
C ASN A 346 3.07 -38.85 31.48
N GLU A 347 2.50 -39.95 31.01
CA GLU A 347 1.57 -39.89 29.87
C GLU A 347 0.27 -39.20 30.30
N ASN A 348 -0.31 -39.68 31.39
CA ASN A 348 -1.61 -39.19 31.89
C ASN A 348 -1.57 -37.75 32.41
N PHE A 349 -0.54 -37.41 33.19
CA PHE A 349 -0.45 -36.06 33.75
C PHE A 349 -0.29 -34.99 32.67
N LEU A 350 0.54 -35.27 31.65
CA LEU A 350 0.70 -34.34 30.53
C LEU A 350 -0.58 -34.19 29.71
N TRP A 351 -1.27 -35.31 29.46
CA TRP A 351 -2.54 -35.28 28.72
C TRP A 351 -3.67 -34.62 29.53
N LYS A 352 -3.77 -34.95 30.81
CA LYS A 352 -4.70 -34.28 31.73
C LYS A 352 -4.47 -32.76 31.75
N LEU A 353 -3.20 -32.38 31.77
CA LEU A 353 -2.81 -30.97 31.72
C LEU A 353 -3.14 -30.32 30.37
N TRP A 354 -2.92 -31.06 29.28
CA TRP A 354 -3.30 -30.60 27.93
C TRP A 354 -4.81 -30.34 27.83
N ARG A 355 -5.61 -31.27 28.34
CA ARG A 355 -7.07 -31.09 28.37
C ARG A 355 -7.48 -29.91 29.26
N ASP A 356 -6.78 -29.73 30.38
CA ASP A 356 -7.02 -28.59 31.28
C ASP A 356 -6.82 -27.25 30.55
N CYS A 357 -5.77 -27.18 29.72
CA CYS A 357 -5.49 -25.99 28.91
C CYS A 357 -6.58 -25.70 27.87
N VAL A 358 -6.93 -26.74 27.11
CA VAL A 358 -7.93 -26.62 26.04
C VAL A 358 -9.30 -26.25 26.58
N ASN A 359 -9.68 -26.86 27.71
CA ASN A 359 -10.96 -26.58 28.36
C ASN A 359 -10.99 -25.19 29.02
N THR A 360 -9.90 -24.82 29.70
CA THR A 360 -9.79 -23.50 30.33
C THR A 360 -9.81 -22.36 29.31
N ILE A 361 -9.15 -22.56 28.17
CA ILE A 361 -9.12 -21.56 27.08
C ILE A 361 -10.48 -21.49 26.34
N SER A 362 -11.12 -22.63 26.15
CA SER A 362 -12.41 -22.69 25.44
C SER A 362 -13.58 -22.04 26.19
N ASN A 363 -13.53 -21.98 27.52
CA ASN A 363 -14.66 -21.53 28.34
C ASN A 363 -15.03 -20.04 28.19
N GLU A 364 -16.19 -19.67 28.73
CA GLU A 364 -16.73 -18.30 28.61
C GLU A 364 -16.14 -17.30 29.61
N GLU A 365 -15.46 -17.79 30.65
CA GLU A 365 -14.88 -16.91 31.69
C GLU A 365 -13.66 -16.15 31.20
N MET A 366 -13.26 -15.12 31.94
CA MET A 366 -12.08 -14.29 31.61
C MET A 366 -10.77 -14.91 32.09
N SER A 367 -10.80 -15.60 33.23
CA SER A 367 -9.60 -16.13 33.87
C SER A 367 -8.92 -17.24 33.05
N ASN A 368 -7.60 -17.11 32.86
CA ASN A 368 -6.78 -18.15 32.25
C ASN A 368 -5.93 -18.94 33.28
N GLU A 369 -6.34 -18.88 34.55
CA GLU A 369 -5.65 -19.60 35.62
C GLU A 369 -6.05 -21.07 35.61
N LEU A 370 -5.06 -21.95 35.62
CA LEU A 370 -5.30 -23.39 35.77
C LEU A 370 -5.36 -23.75 37.24
N GLN A 371 -6.17 -24.76 37.56
CA GLN A 371 -6.31 -25.25 38.93
C GLN A 371 -5.05 -26.00 39.33
N LYS A 372 -4.64 -25.84 40.59
CA LYS A 372 -3.36 -26.37 41.06
C LYS A 372 -3.50 -27.87 41.39
N THR A 373 -3.60 -28.65 40.33
CA THR A 373 -3.91 -30.08 40.41
C THR A 373 -2.66 -30.93 40.62
N ASN A 374 -2.85 -32.22 40.90
CA ASN A 374 -1.73 -33.16 41.04
C ASN A 374 -0.94 -33.37 39.73
N TYR A 375 -1.65 -33.33 38.60
CA TYR A 375 -1.01 -33.41 37.28
C TYR A 375 -0.28 -32.11 36.90
N ALA A 376 -0.83 -30.97 37.28
CA ALA A 376 -0.19 -29.67 37.07
C ALA A 376 1.02 -29.47 37.99
N LYS A 377 0.87 -29.85 39.26
CA LYS A 377 1.94 -29.73 40.26
C LYS A 377 3.19 -30.57 39.94
N TRP A 378 3.00 -31.72 39.29
CA TRP A 378 4.13 -32.54 38.81
C TRP A 378 4.87 -31.87 37.65
N ALA A 379 4.10 -31.44 36.64
CA ALA A 379 4.67 -30.80 35.45
C ALA A 379 5.21 -29.38 35.71
N THR A 380 4.78 -28.76 36.81
CA THR A 380 5.31 -27.49 37.28
C THR A 380 6.54 -27.67 38.19
N GLY A 381 6.53 -28.74 38.99
CA GLY A 381 7.62 -29.04 39.91
C GLY A 381 7.37 -28.46 41.29
N ASP A 382 6.22 -28.82 41.86
CA ASP A 382 5.80 -28.28 43.16
C ASP A 382 6.56 -28.96 44.29
N GLY A 383 7.10 -28.16 45.20
CA GLY A 383 7.85 -28.63 46.36
C GLY A 383 9.13 -29.42 46.11
N LEU A 384 9.74 -29.25 44.95
CA LEU A 384 10.96 -30.01 44.59
C LEU A 384 12.25 -29.40 45.12
N THR A 385 12.19 -28.16 45.65
CA THR A 385 13.36 -27.52 46.25
C THR A 385 13.74 -28.19 47.58
N TYR A 386 15.01 -28.02 47.96
CA TYR A 386 15.54 -28.58 49.20
C TYR A 386 15.31 -27.53 50.30
N GLN A 387 15.07 -27.99 51.53
CA GLN A 387 14.76 -27.11 52.66
C GLN A 387 16.03 -26.52 53.28
N LYS A 388 15.99 -25.22 53.58
CA LYS A 388 17.12 -24.52 54.20
C LYS A 388 17.17 -24.76 55.71
N ILE A 389 18.12 -25.59 56.15
CA ILE A 389 18.35 -25.84 57.58
C ILE A 389 19.52 -25.00 58.10
N MET A 390 19.67 -24.96 59.42
CA MET A 390 20.75 -24.19 60.04
C MET A 390 22.10 -24.90 59.90
N LYS A 391 23.17 -24.11 59.94
CA LYS A 391 24.54 -24.62 59.76
C LYS A 391 24.99 -25.58 60.87
N GLU A 392 24.51 -25.35 62.10
CA GLU A 392 24.84 -26.22 63.23
C GLU A 392 24.27 -27.64 63.06
N VAL A 393 23.09 -27.74 62.47
CA VAL A 393 22.42 -29.02 62.24
C VAL A 393 23.10 -29.81 61.12
N ALA A 394 23.47 -29.10 60.05
CA ALA A 394 24.08 -29.73 58.87
C ALA A 394 25.50 -30.26 59.10
N ILE A 395 26.26 -29.57 59.96
CA ILE A 395 27.61 -30.00 60.32
C ILE A 395 27.59 -31.34 61.09
N ASP A 396 26.67 -31.46 62.05
CA ASP A 396 26.50 -32.70 62.82
C ASP A 396 25.95 -33.87 61.97
N ASP A 397 25.15 -33.55 60.95
CA ASP A 397 24.61 -34.56 60.03
C ASP A 397 25.72 -35.06 59.10
N GLU A 398 26.05 -36.35 59.22
CA GLU A 398 27.12 -36.97 58.44
C GLU A 398 26.70 -37.39 57.02
N THR A 399 25.39 -37.50 56.78
CA THR A 399 24.86 -37.91 55.49
C THR A 399 24.98 -36.81 54.41
N MET A 400 24.85 -35.55 54.82
CA MET A 400 24.93 -34.41 53.89
C MET A 400 26.35 -34.22 53.34
N CYS A 401 26.44 -33.92 52.04
CA CYS A 401 27.71 -33.73 51.34
C CYS A 401 27.59 -32.67 50.26
N GLN A 402 28.72 -32.13 49.83
CA GLN A 402 28.78 -31.26 48.65
C GLN A 402 28.62 -32.14 47.41
N GLU A 403 27.67 -31.79 46.56
CA GLU A 403 27.36 -32.58 45.36
C GLU A 403 28.45 -32.40 44.30
N GLU A 404 28.86 -33.50 43.67
CA GLU A 404 29.69 -33.45 42.47
C GLU A 404 28.87 -32.83 41.35
N PRO A 405 29.37 -31.74 40.74
CA PRO A 405 28.55 -31.01 39.78
C PRO A 405 28.38 -31.77 38.46
N LYS A 406 27.19 -31.65 37.87
CA LYS A 406 26.91 -32.23 36.57
C LYS A 406 27.69 -31.48 35.49
N ILE A 407 28.29 -32.23 34.58
CA ILE A 407 29.04 -31.67 33.45
C ILE A 407 28.23 -31.99 32.19
N PRO A 408 28.14 -31.04 31.24
CA PRO A 408 27.43 -31.31 29.98
C PRO A 408 27.87 -32.59 29.26
N ASN A 409 26.93 -33.23 28.57
CA ASN A 409 27.18 -34.49 27.87
C ASN A 409 28.12 -34.31 26.70
N LYS A 410 28.76 -35.40 26.28
CA LYS A 410 29.58 -35.40 25.06
C LYS A 410 28.80 -36.07 23.95
N CYS A 411 28.21 -35.26 23.08
CA CYS A 411 27.32 -35.74 22.01
C CYS A 411 28.01 -35.70 20.64
N ARG A 412 27.37 -36.35 19.67
CA ARG A 412 27.85 -36.41 18.29
C ARG A 412 26.98 -35.56 17.37
N VAL A 413 27.39 -35.43 16.10
CA VAL A 413 26.67 -34.63 15.11
C VAL A 413 25.30 -35.26 14.84
N ALA A 414 24.24 -34.46 15.05
CA ALA A 414 22.88 -34.86 14.71
C ALA A 414 22.50 -34.24 13.38
N ALA A 415 21.82 -35.02 12.55
CA ALA A 415 21.42 -34.58 11.20
C ALA A 415 20.36 -33.48 11.20
N TRP A 416 19.56 -33.40 12.28
CA TRP A 416 18.47 -32.43 12.36
C TRP A 416 18.91 -30.96 12.37
N VAL A 417 20.10 -30.68 12.90
CA VAL A 417 20.61 -29.30 13.00
C VAL A 417 20.87 -28.76 11.59
N GLN A 418 21.35 -29.63 10.70
CA GLN A 418 21.47 -29.31 9.28
C GLN A 418 20.11 -29.03 8.65
N THR A 419 19.12 -29.87 8.96
CA THR A 419 17.76 -29.71 8.44
C THR A 419 17.10 -28.41 8.93
N GLU A 420 17.27 -28.10 10.21
CA GLU A 420 16.79 -26.83 10.78
C GLU A 420 17.37 -25.63 10.04
N MET A 421 18.67 -25.67 9.78
CA MET A 421 19.37 -24.61 9.03
C MET A 421 18.81 -24.47 7.60
N ASN A 422 18.54 -25.61 6.96
CA ASN A 422 18.01 -25.62 5.58
C ASN A 422 16.59 -25.05 5.49
N LEU A 423 15.70 -25.54 6.36
CA LEU A 423 14.29 -25.16 6.32
C LEU A 423 14.01 -23.74 6.81
N LEU A 424 14.71 -23.31 7.85
CA LEU A 424 14.57 -21.93 8.36
C LEU A 424 15.06 -20.88 7.35
N SER A 425 16.09 -21.23 6.59
CA SER A 425 16.62 -20.35 5.53
C SER A 425 15.72 -20.27 4.29
N THR A 426 14.83 -21.24 4.10
CA THR A 426 13.92 -21.29 2.94
C THR A 426 12.86 -20.18 3.01
N LEU A 427 12.40 -19.74 1.85
CA LEU A 427 11.33 -18.74 1.74
C LEU A 427 9.94 -19.35 1.94
N THR A 428 9.03 -18.54 2.48
CA THR A 428 7.60 -18.89 2.60
C THR A 428 6.77 -17.75 2.01
N SER A 429 5.45 -17.94 2.00
CA SER A 429 4.50 -16.92 1.52
C SER A 429 3.87 -16.11 2.68
N LYS A 430 4.59 -16.00 3.80
CA LYS A 430 4.03 -15.51 5.06
C LYS A 430 4.97 -14.51 5.73
N ARG A 431 4.52 -13.26 5.84
CA ARG A 431 5.26 -12.19 6.51
C ARG A 431 4.84 -12.10 7.97
N ALA A 432 5.80 -12.18 8.89
CA ALA A 432 5.54 -12.18 10.34
C ALA A 432 5.93 -10.90 11.08
N LEU A 433 6.85 -10.11 10.51
CA LEU A 433 7.42 -8.96 11.22
C LEU A 433 6.39 -7.86 11.48
N ASP A 434 6.60 -7.16 12.60
CA ASP A 434 5.66 -6.14 13.09
C ASP A 434 6.32 -4.75 13.08
N LEU A 435 6.98 -4.43 11.95
CA LEU A 435 7.79 -3.22 11.85
C LEU A 435 6.91 -1.96 11.80
N PRO A 436 7.09 -1.05 12.76
CA PRO A 436 6.29 0.17 12.78
C PRO A 436 6.71 1.21 11.74
N GLU A 437 5.90 2.25 11.61
CA GLU A 437 6.15 3.37 10.71
C GLU A 437 7.36 4.23 11.11
N ILE A 438 7.89 4.97 10.13
CA ILE A 438 8.93 5.97 10.35
C ILE A 438 8.56 7.26 9.61
N GLY A 439 9.37 8.31 9.77
CA GLY A 439 9.13 9.58 9.10
C GLY A 439 9.23 9.51 7.58
N PRO A 440 8.75 10.57 6.89
CA PRO A 440 8.79 10.60 5.43
C PRO A 440 10.20 10.88 4.91
N ASP A 441 10.54 10.31 3.76
CA ASP A 441 11.88 10.45 3.19
C ASP A 441 12.05 11.81 2.51
N VAL A 442 12.90 12.65 3.10
CA VAL A 442 13.23 13.97 2.55
C VAL A 442 14.56 13.90 1.80
N ALA A 443 15.62 13.52 2.51
CA ALA A 443 16.97 13.44 1.94
C ALA A 443 17.11 12.27 0.97
N PRO A 444 18.00 12.38 -0.04
CA PRO A 444 18.27 11.26 -0.96
C PRO A 444 18.80 9.98 -0.29
N VAL A 445 19.54 10.13 0.80
CA VAL A 445 20.04 8.98 1.57
C VAL A 445 18.86 8.17 2.13
N GLU A 446 17.85 8.88 2.64
CA GLU A 446 16.65 8.26 3.19
C GLU A 446 15.82 7.57 2.11
N HIS A 447 15.81 8.14 0.90
CA HIS A 447 15.19 7.49 -0.27
C HIS A 447 15.92 6.20 -0.67
N VAL A 448 17.25 6.22 -0.64
CA VAL A 448 18.07 5.06 -0.96
C VAL A 448 17.91 3.95 0.09
N GLY A 449 17.99 4.34 1.36
CA GLY A 449 17.82 3.41 2.48
C GLY A 449 16.47 2.73 2.49
N SER A 450 15.41 3.52 2.31
CA SER A 450 14.04 3.00 2.23
C SER A 450 13.81 2.13 0.99
N GLU A 451 14.47 2.46 -0.11
CA GLU A 451 14.46 1.63 -1.31
C GLU A 451 15.21 0.31 -1.08
N ARG A 452 16.33 0.38 -0.36
CA ARG A 452 17.08 -0.82 0.03
C ARG A 452 16.26 -1.75 0.93
N ARG A 453 15.54 -1.19 1.90
CA ARG A 453 14.71 -1.97 2.83
C ARG A 453 13.71 -2.87 2.12
N LYS A 454 13.10 -2.39 1.03
CA LYS A 454 12.17 -3.18 0.22
C LYS A 454 12.78 -4.51 -0.22
N TYR A 455 14.04 -4.48 -0.63
CA TYR A 455 14.77 -5.69 -1.02
C TYR A 455 15.20 -6.49 0.20
N PHE A 456 15.89 -5.84 1.14
CA PHE A 456 16.47 -6.50 2.32
C PHE A 456 15.45 -7.07 3.30
N VAL A 457 14.48 -6.25 3.69
CA VAL A 457 13.52 -6.62 4.75
C VAL A 457 12.56 -7.71 4.26
N ASN A 458 12.00 -7.55 3.06
CA ASN A 458 11.11 -8.56 2.48
C ASN A 458 11.77 -9.93 2.30
N GLU A 459 13.05 -9.91 1.91
CA GLU A 459 13.81 -11.15 1.77
C GLU A 459 13.82 -11.94 3.08
N ILE A 460 14.09 -11.24 4.19
CA ILE A 460 14.08 -11.86 5.53
C ILE A 460 12.64 -12.13 6.01
N ASN A 461 11.75 -11.17 5.83
CA ASN A 461 10.37 -11.28 6.35
C ASN A 461 9.60 -12.48 5.80
N TYR A 462 9.73 -12.71 4.49
CA TYR A 462 9.08 -13.85 3.84
C TYR A 462 9.69 -15.22 4.19
N CYS A 463 10.90 -15.25 4.74
CA CYS A 463 11.55 -16.52 5.10
C CYS A 463 10.94 -17.13 6.38
N LYS A 464 11.27 -18.41 6.58
CA LYS A 464 10.73 -19.20 7.69
C LYS A 464 11.33 -18.77 9.04
N ALA A 465 12.62 -18.46 9.06
CA ALA A 465 13.32 -18.05 10.28
C ALA A 465 12.69 -16.83 10.96
N SER A 466 12.23 -15.87 10.16
CA SER A 466 11.62 -14.64 10.68
C SER A 466 10.28 -14.89 11.37
N THR A 467 9.48 -15.79 10.80
CA THR A 467 8.21 -16.21 11.41
C THR A 467 8.45 -16.97 12.72
N VAL A 468 9.55 -17.73 12.79
CA VAL A 468 9.97 -18.41 14.02
C VAL A 468 10.48 -17.40 15.06
N MET A 469 11.27 -16.42 14.62
CA MET A 469 11.78 -15.36 15.50
C MET A 469 10.64 -14.64 16.22
N MET A 470 9.66 -14.18 15.45
CA MET A 470 8.51 -13.45 16.00
C MET A 470 7.65 -14.28 16.96
N LYS A 471 7.66 -15.60 16.80
CA LYS A 471 6.99 -16.50 17.75
C LYS A 471 7.66 -16.43 19.13
N TYR A 472 8.99 -16.56 19.16
CA TYR A 472 9.78 -16.43 20.40
C TYR A 472 9.57 -15.08 21.08
N VAL A 473 9.62 -14.00 20.29
CA VAL A 473 9.53 -12.63 20.81
C VAL A 473 8.20 -12.42 21.52
N LEU A 474 7.10 -12.70 20.82
CA LEU A 474 5.76 -12.50 21.36
C LEU A 474 5.44 -13.41 22.55
N PHE A 475 5.96 -14.63 22.52
CA PHE A 475 5.78 -15.58 23.63
C PHE A 475 6.51 -15.11 24.88
N HIS A 476 7.80 -14.80 24.73
CA HIS A 476 8.62 -14.32 25.85
C HIS A 476 8.10 -13.00 26.44
N THR A 477 7.55 -12.12 25.61
CA THR A 477 6.95 -10.85 26.07
C THR A 477 5.79 -11.12 27.01
N SER A 478 4.84 -11.94 26.56
CA SER A 478 3.67 -12.32 27.36
C SER A 478 4.04 -13.23 28.55
N LEU A 479 5.05 -14.08 28.37
CA LEU A 479 5.55 -14.94 29.44
C LEU A 479 6.23 -14.15 30.55
N LEU A 480 6.97 -13.09 30.19
CA LEU A 480 7.59 -12.20 31.17
C LEU A 480 6.53 -11.42 31.96
N ASN A 481 5.49 -10.97 31.26
CA ASN A 481 4.41 -10.21 31.90
C ASN A 481 3.65 -11.04 32.91
N GLU A 482 3.27 -12.26 32.51
CA GLU A 482 2.57 -13.18 33.41
C GLU A 482 3.45 -13.62 34.58
N SER A 483 4.75 -13.80 34.33
CA SER A 483 5.71 -14.17 35.39
C SER A 483 5.77 -13.16 36.54
N ASN A 484 5.64 -11.88 36.22
CA ASN A 484 5.58 -10.81 37.23
C ASN A 484 4.17 -10.64 37.76
N ALA A 485 3.20 -10.47 36.86
CA ALA A 485 1.81 -10.18 37.22
C ALA A 485 1.07 -11.33 37.91
N SER A 486 1.52 -12.57 37.71
CA SER A 486 0.90 -13.75 38.30
C SER A 486 1.97 -14.72 38.84
N MET A 487 2.57 -14.34 39.97
CA MET A 487 3.66 -15.11 40.57
C MET A 487 3.19 -16.43 41.15
N GLY A 488 2.20 -16.36 42.05
CA GLY A 488 1.67 -17.53 42.72
C GLY A 488 0.81 -18.45 41.87
N LYS A 489 0.18 -17.90 40.83
CA LYS A 489 -0.82 -18.62 40.04
C LYS A 489 -0.23 -19.45 38.91
N TYR A 490 -0.75 -20.66 38.72
CA TYR A 490 -0.47 -21.49 37.54
C TYR A 490 -1.35 -20.95 36.42
N LYS A 491 -0.74 -20.57 35.29
CA LYS A 491 -1.49 -19.98 34.17
C LYS A 491 -1.14 -20.62 32.83
N VAL A 492 -2.12 -20.64 31.92
CA VAL A 492 -1.92 -21.10 30.54
C VAL A 492 -1.70 -19.89 29.62
N ILE A 493 -0.71 -20.00 28.73
CA ILE A 493 -0.34 -18.95 27.79
C ILE A 493 -0.33 -19.55 26.39
N PRO A 494 -1.09 -18.98 25.44
CA PRO A 494 -1.09 -19.51 24.08
C PRO A 494 0.14 -19.07 23.28
N ILE A 495 0.65 -19.98 22.44
CA ILE A 495 1.80 -19.70 21.58
C ILE A 495 1.27 -19.03 20.30
N THR A 496 1.18 -17.71 20.35
CA THR A 496 0.49 -16.89 19.35
C THR A 496 1.48 -16.23 18.39
N ASN A 497 1.01 -15.98 17.16
CA ASN A 497 1.73 -15.16 16.19
C ASN A 497 0.80 -14.69 15.07
N ARG A 498 0.87 -13.41 14.72
CA ARG A 498 0.10 -12.86 13.60
C ARG A 498 0.94 -12.92 12.33
N VAL A 499 0.26 -13.14 11.20
CA VAL A 499 0.91 -13.36 9.90
C VAL A 499 0.09 -12.70 8.79
N VAL A 500 0.79 -12.21 7.76
CA VAL A 500 0.17 -11.62 6.57
C VAL A 500 0.78 -12.26 5.33
N ASN A 501 -0.05 -12.47 4.30
CA ASN A 501 0.40 -13.09 3.04
C ASN A 501 0.71 -12.07 1.95
N GLU A 502 1.14 -12.55 0.79
CA GLU A 502 1.50 -11.70 -0.37
C GLU A 502 0.40 -10.73 -0.81
N LYS A 503 -0.87 -11.16 -0.69
CA LYS A 503 -2.02 -10.35 -1.10
C LYS A 503 -2.51 -9.40 0.00
N GLY A 504 -2.12 -9.66 1.24
CA GLY A 504 -2.34 -8.74 2.36
C GLY A 504 -3.43 -9.11 3.36
N GLU A 505 -3.94 -10.35 3.29
CA GLU A 505 -5.00 -10.81 4.20
C GLU A 505 -4.37 -11.45 5.43
N SER A 506 -4.84 -11.06 6.62
CA SER A 506 -4.20 -11.42 7.89
C SER A 506 -4.67 -12.77 8.43
N PHE A 507 -3.71 -13.64 8.74
CA PHE A 507 -3.96 -14.90 9.42
C PHE A 507 -3.40 -14.83 10.85
N ASP A 508 -4.11 -15.45 11.79
CA ASP A 508 -3.65 -15.54 13.18
C ASP A 508 -3.28 -16.98 13.50
N MET A 509 -2.01 -17.21 13.82
CA MET A 509 -1.46 -18.55 13.99
C MET A 509 -1.47 -18.97 15.46
N LEU A 510 -1.97 -20.18 15.73
CA LEU A 510 -1.87 -20.80 17.05
C LEU A 510 -0.99 -22.05 16.95
N TYR A 511 0.28 -21.90 17.36
CA TYR A 511 1.24 -23.00 17.31
C TYR A 511 1.09 -24.00 18.45
N GLY A 512 0.38 -23.61 19.51
CA GLY A 512 0.13 -24.48 20.65
C GLY A 512 -0.19 -23.72 21.93
N LEU A 513 -0.25 -24.45 23.04
CA LEU A 513 -0.53 -23.90 24.36
C LEU A 513 0.59 -24.27 25.32
N ALA A 514 0.85 -23.41 26.32
CA ALA A 514 1.94 -23.63 27.26
C ALA A 514 1.55 -23.24 28.69
N VAL A 515 1.90 -24.11 29.64
CA VAL A 515 1.55 -23.93 31.05
C VAL A 515 2.69 -23.26 31.82
N LYS A 516 2.45 -22.03 32.26
CA LYS A 516 3.37 -21.32 33.15
C LYS A 516 3.24 -21.89 34.56
N GLY A 517 4.37 -22.10 35.22
CA GLY A 517 4.41 -22.57 36.62
C GLY A 517 4.43 -21.42 37.60
N GLN A 518 4.67 -21.73 38.87
CA GLN A 518 4.80 -20.72 39.92
C GLN A 518 6.11 -19.97 39.72
N SER A 519 6.05 -18.64 39.75
CA SER A 519 7.17 -17.79 39.34
C SER A 519 7.45 -16.65 40.33
N HIS A 520 7.90 -17.01 41.53
CA HIS A 520 8.41 -16.02 42.48
C HIS A 520 9.88 -15.74 42.17
N LEU A 521 10.09 -15.00 41.07
CA LEU A 521 11.41 -14.80 40.49
C LEU A 521 12.07 -13.55 41.09
N ARG A 522 12.80 -13.74 42.18
CA ARG A 522 13.54 -12.65 42.83
C ARG A 522 14.85 -12.39 42.08
N GLY A 523 15.72 -13.39 42.04
CA GLY A 523 16.99 -13.30 41.32
C GLY A 523 16.79 -13.38 39.82
N ASP A 524 17.78 -12.90 39.07
CA ASP A 524 17.74 -12.92 37.60
C ASP A 524 17.79 -14.36 37.07
N THR A 525 18.65 -15.18 37.65
CA THR A 525 18.82 -16.58 37.24
C THR A 525 17.71 -17.53 37.70
N ASP A 526 16.88 -17.10 38.66
CA ASP A 526 15.76 -17.92 39.18
C ASP A 526 14.84 -18.42 38.05
N VAL A 527 14.35 -19.64 38.22
CA VAL A 527 13.70 -20.38 37.15
C VAL A 527 12.18 -20.50 37.34
N VAL A 528 11.46 -20.44 36.23
CA VAL A 528 10.02 -20.71 36.18
C VAL A 528 9.80 -21.82 35.15
N THR A 529 9.14 -22.91 35.57
CA THR A 529 8.89 -24.05 34.70
C THR A 529 7.77 -23.70 33.71
N VAL A 530 7.96 -24.11 32.46
CA VAL A 530 7.00 -23.87 31.38
C VAL A 530 6.83 -25.18 30.60
N VAL A 531 5.60 -25.69 30.58
CA VAL A 531 5.30 -26.95 29.90
C VAL A 531 4.72 -26.62 28.52
N THR A 532 5.43 -27.01 27.45
CA THR A 532 5.08 -26.61 26.08
C THR A 532 4.36 -27.71 25.30
N PHE A 533 3.07 -27.50 25.04
CA PHE A 533 2.27 -28.36 24.15
C PHE A 533 2.19 -27.68 22.78
N GLU A 534 2.82 -28.28 21.77
CA GLU A 534 2.93 -27.65 20.44
C GLU A 534 2.49 -28.61 19.34
N PHE A 535 1.79 -28.06 18.34
CA PHE A 535 1.33 -28.83 17.19
C PHE A 535 2.48 -29.01 16.19
N SER A 536 2.41 -30.09 15.40
CA SER A 536 3.43 -30.39 14.41
C SER A 536 2.95 -31.47 13.44
N SER A 537 3.37 -31.34 12.17
CA SER A 537 3.17 -32.37 11.16
C SER A 537 4.26 -33.44 11.17
N THR A 538 5.38 -33.16 11.84
CA THR A 538 6.54 -34.05 11.83
C THR A 538 6.30 -35.33 12.65
N ASP A 539 6.54 -36.48 12.03
CA ASP A 539 6.46 -37.77 12.71
C ASP A 539 7.75 -37.96 13.50
N PRO A 540 7.67 -38.06 14.85
CA PRO A 540 8.89 -38.18 15.65
C PRO A 540 9.68 -39.48 15.46
N ARG A 541 9.02 -40.52 14.97
CA ARG A 541 9.66 -41.81 14.71
C ARG A 541 10.64 -41.81 13.52
N VAL A 542 10.54 -40.81 12.63
CA VAL A 542 11.44 -40.70 11.47
C VAL A 542 12.87 -40.41 11.92
N ASP A 543 13.02 -39.44 12.81
CA ASP A 543 14.32 -39.12 13.43
C ASP A 543 14.13 -39.15 14.95
N SER A 544 14.19 -40.35 15.52
CA SER A 544 13.92 -40.58 16.94
C SER A 544 14.93 -39.92 17.89
N GLY A 545 16.19 -39.81 17.46
CA GLY A 545 17.23 -39.19 18.26
C GLY A 545 17.11 -37.68 18.46
N LYS A 546 16.29 -37.04 17.63
CA LYS A 546 15.95 -35.63 17.81
C LYS A 546 15.04 -35.37 19.03
N TRP A 547 14.20 -36.35 19.38
CA TRP A 547 13.08 -36.13 20.31
C TRP A 547 13.08 -36.96 21.62
N PRO A 548 14.25 -37.11 22.28
CA PRO A 548 14.22 -37.83 23.56
C PRO A 548 13.62 -37.03 24.72
N LYS A 549 13.65 -35.70 24.63
CA LYS A 549 13.07 -34.83 25.65
C LYS A 549 11.55 -34.74 25.58
N TYR A 550 10.98 -35.00 24.39
CA TYR A 550 9.56 -34.77 24.12
C TYR A 550 8.66 -36.00 24.31
N THR A 551 7.40 -35.74 24.63
CA THR A 551 6.35 -36.75 24.78
C THR A 551 5.26 -36.45 23.73
N VAL A 552 5.26 -37.20 22.64
CA VAL A 552 4.42 -36.91 21.47
C VAL A 552 3.10 -37.69 21.47
N PHE A 553 2.00 -36.97 21.28
CA PHE A 553 0.66 -37.56 21.13
C PHE A 553 0.13 -37.31 19.72
N ARG A 554 -0.41 -38.35 19.08
CA ARG A 554 -1.11 -38.22 17.79
C ARG A 554 -2.55 -37.81 18.07
N ILE A 555 -2.91 -36.58 17.67
CA ILE A 555 -4.20 -35.97 18.03
C ILE A 555 -5.22 -35.84 16.88
N GLY A 556 -4.80 -36.07 15.64
CA GLY A 556 -5.72 -36.03 14.50
C GLY A 556 -5.00 -35.81 13.18
N SER A 557 -5.73 -35.27 12.20
CA SER A 557 -5.18 -35.00 10.87
C SER A 557 -5.84 -33.80 10.20
N LEU A 558 -5.12 -33.20 9.26
CA LEU A 558 -5.62 -32.08 8.46
C LEU A 558 -5.25 -32.26 6.99
N PHE A 559 -6.17 -31.92 6.10
CA PHE A 559 -5.89 -31.91 4.66
C PHE A 559 -5.02 -30.71 4.31
N VAL A 560 -3.71 -30.92 4.24
CA VAL A 560 -2.76 -29.85 3.87
C VAL A 560 -2.73 -29.61 2.36
N SER A 561 -2.23 -30.59 1.60
CA SER A 561 -1.98 -30.43 0.16
C SER A 561 -3.15 -30.99 -0.69
N GLY A 562 -4.36 -31.03 -0.14
CA GLY A 562 -5.40 -31.90 -0.65
C GLY A 562 -5.16 -33.34 -0.23
N ARG A 563 -4.32 -33.56 0.79
CA ARG A 563 -3.90 -34.89 1.22
C ARG A 563 -3.78 -34.93 2.75
N GLU A 564 -4.22 -36.03 3.37
CA GLU A 564 -4.25 -36.15 4.84
C GLU A 564 -2.86 -36.32 5.44
N LYS A 565 -2.48 -35.37 6.28
CA LYS A 565 -1.26 -35.45 7.10
C LYS A 565 -1.58 -35.58 8.60
N SER A 566 -0.82 -36.42 9.31
CA SER A 566 -1.00 -36.62 10.75
C SER A 566 -0.53 -35.40 11.53
N VAL A 567 -1.41 -34.88 12.39
CA VAL A 567 -1.10 -33.76 13.29
C VAL A 567 -0.82 -34.31 14.68
N TYR A 568 0.42 -34.14 15.14
CA TYR A 568 0.84 -34.62 16.47
C TYR A 568 0.87 -33.46 17.47
N LEU A 569 1.11 -33.80 18.74
CA LEU A 569 1.20 -32.83 19.84
C LEU A 569 2.47 -33.10 20.66
N TYR A 570 3.50 -32.29 20.39
CA TYR A 570 4.80 -32.42 21.07
C TYR A 570 4.75 -31.78 22.45
N CYS A 571 4.60 -32.62 23.48
CA CYS A 571 4.54 -32.16 24.87
C CYS A 571 5.93 -32.26 25.51
N ARG A 572 6.29 -31.25 26.32
CA ARG A 572 7.59 -31.22 26.97
C ARG A 572 7.60 -30.31 28.20
N VAL A 573 8.26 -30.77 29.26
CA VAL A 573 8.54 -29.94 30.43
C VAL A 573 9.80 -29.14 30.11
N ASN A 574 9.68 -27.82 30.15
CA ASN A 574 10.77 -26.90 29.81
C ASN A 574 10.92 -25.84 30.92
N GLY A 575 11.88 -24.95 30.75
CA GLY A 575 12.13 -23.89 31.74
C GLY A 575 12.82 -22.69 31.16
N THR A 576 12.79 -21.59 31.91
CA THR A 576 13.46 -20.34 31.52
C THR A 576 13.60 -19.40 32.72
N ASN A 577 14.31 -18.29 32.52
CA ASN A 577 14.57 -17.30 33.57
C ASN A 577 14.39 -15.87 33.04
N LYS A 578 14.38 -14.91 33.97
CA LYS A 578 14.18 -13.48 33.65
C LYS A 578 15.07 -12.94 32.53
N ILE A 579 16.32 -13.40 32.48
CA ILE A 579 17.29 -12.93 31.49
C ILE A 579 16.94 -13.53 30.13
N GLN A 580 16.77 -14.84 30.07
CA GLN A 580 16.40 -15.54 28.83
C GLN A 580 15.10 -15.03 28.22
N MET A 581 14.14 -14.65 29.08
CA MET A 581 12.89 -14.01 28.63
C MET A 581 13.15 -12.62 28.06
N LYS A 582 13.99 -11.84 28.73
CA LYS A 582 14.34 -10.49 28.28
C LYS A 582 15.08 -10.49 26.94
N TRP A 583 16.06 -11.38 26.78
CA TRP A 583 16.80 -11.51 25.51
C TRP A 583 15.95 -12.10 24.38
N GLY A 584 14.85 -12.77 24.72
CA GLY A 584 13.83 -13.14 23.75
C GLY A 584 13.07 -11.97 23.19
N MET A 585 12.73 -11.02 24.06
CA MET A 585 12.06 -9.78 23.66
C MET A 585 12.96 -8.91 22.77
N GLU A 586 14.28 -8.99 23.00
CA GLU A 586 15.28 -8.32 22.17
C GLU A 586 15.92 -9.27 21.15
N ALA A 587 15.13 -10.24 20.65
CA ALA A 587 15.57 -11.15 19.59
C ALA A 587 15.35 -10.55 18.20
N ARG A 588 14.64 -9.41 18.13
CA ARG A 588 14.46 -8.69 16.87
C ARG A 588 15.76 -8.13 16.28
N ARG A 589 16.80 -7.95 17.10
CA ARG A 589 18.09 -7.43 16.63
C ARG A 589 18.87 -8.35 15.69
N CYS A 590 18.46 -9.62 15.57
CA CYS A 590 19.00 -10.55 14.58
C CYS A 590 18.89 -10.02 13.14
N LEU A 591 17.86 -9.20 12.87
CA LEU A 591 17.78 -8.44 11.62
C LEU A 591 19.00 -7.55 11.41
N LEU A 592 19.28 -6.71 12.41
CA LEU A 592 20.33 -5.68 12.30
C LEU A 592 21.74 -6.25 12.09
N GLN A 593 22.04 -7.37 12.74
CA GLN A 593 23.37 -8.00 12.62
C GLN A 593 23.60 -8.58 11.23
N SER A 594 22.57 -9.21 10.66
CA SER A 594 22.64 -9.76 9.30
C SER A 594 22.48 -8.69 8.21
N MET A 595 21.61 -7.71 8.45
CA MET A 595 21.30 -6.66 7.47
C MET A 595 22.45 -5.66 7.30
N GLN A 596 23.12 -5.33 8.40
CA GLN A 596 24.31 -4.46 8.35
C GLN A 596 25.46 -5.14 7.59
N GLN A 597 25.69 -6.41 7.89
CA GLN A 597 26.77 -7.18 7.28
C GLN A 597 26.63 -7.27 5.75
N MET A 598 25.41 -7.52 5.28
CA MET A 598 25.15 -7.64 3.83
C MET A 598 24.99 -6.29 3.13
N GLU A 599 24.47 -5.27 3.84
CA GLU A 599 24.43 -3.91 3.28
C GLU A 599 25.84 -3.35 3.07
N ALA A 600 26.76 -3.67 3.97
CA ALA A 600 28.17 -3.28 3.83
C ALA A 600 28.78 -3.77 2.51
N ILE A 601 28.38 -4.96 2.07
CA ILE A 601 28.82 -5.51 0.79
C ILE A 601 28.20 -4.74 -0.38
N VAL A 602 26.92 -4.38 -0.26
CA VAL A 602 26.21 -3.57 -1.27
C VAL A 602 26.85 -2.19 -1.41
N GLU A 603 27.18 -1.57 -0.27
CA GLU A 603 27.85 -0.27 -0.26
C GLU A 603 29.25 -0.35 -0.90
N GLN A 604 30.04 -1.36 -0.53
CA GLN A 604 31.36 -1.57 -1.16
C GLN A 604 31.26 -1.86 -2.65
N GLU A 605 30.22 -2.59 -3.07
CA GLU A 605 29.97 -2.86 -4.49
C GLU A 605 29.48 -1.60 -5.22
N SER A 606 28.71 -0.76 -4.53
CA SER A 606 28.29 0.54 -5.07
C SER A 606 29.45 1.49 -5.31
N SER A 607 30.45 1.44 -4.42
CA SER A 607 31.69 2.22 -4.57
C SER A 607 32.47 1.84 -5.83
N ILE A 608 32.46 0.55 -6.18
CA ILE A 608 33.18 0.05 -7.35
C ILE A 608 32.55 0.56 -8.67
N GLN A 609 31.23 0.42 -8.79
CA GLN A 609 30.53 0.73 -10.04
C GLN A 609 29.87 2.12 -10.11
N GLY A 610 29.88 2.86 -9.00
CA GLY A 610 29.48 4.26 -9.00
C GLY A 610 28.02 4.58 -8.78
N TYR A 611 27.15 3.57 -8.72
CA TYR A 611 25.72 3.75 -8.47
C TYR A 611 25.22 2.76 -7.43
N ASP A 612 23.95 2.91 -7.04
CA ASP A 612 23.33 2.03 -6.05
C ASP A 612 23.20 0.61 -6.60
N MET A 613 24.04 -0.30 -6.09
CA MET A 613 24.10 -1.69 -6.57
C MET A 613 23.25 -2.65 -5.72
N THR A 614 22.05 -2.21 -5.33
CA THR A 614 21.16 -3.03 -4.51
C THR A 614 20.45 -4.03 -5.43
N LYS A 615 19.75 -3.51 -6.44
CA LYS A 615 19.06 -4.35 -7.41
C LYS A 615 20.03 -5.27 -8.16
N ALA A 616 21.18 -4.72 -8.53
CA ALA A 616 22.24 -5.49 -9.21
C ALA A 616 22.72 -6.70 -8.40
N CYS A 617 22.78 -6.56 -7.08
CA CYS A 617 23.17 -7.67 -6.20
C CYS A 617 22.07 -8.73 -6.09
N PHE A 618 20.84 -8.30 -5.82
CA PHE A 618 19.70 -9.22 -5.70
C PHE A 618 19.31 -9.84 -7.05
N LYS A 619 18.74 -9.02 -7.94
CA LYS A 619 18.16 -9.48 -9.20
C LYS A 619 19.12 -9.42 -10.40
N GLY A 620 20.06 -8.48 -10.38
CA GLY A 620 20.89 -8.17 -11.55
C GLY A 620 20.26 -7.06 -12.37
N ASP A 621 21.02 -6.54 -13.33
CA ASP A 621 20.55 -5.44 -14.19
C ASP A 621 21.24 -5.46 -15.57
N ARG A 622 20.89 -4.48 -16.41
CA ARG A 622 21.51 -4.26 -17.73
C ARG A 622 23.01 -4.57 -17.78
N VAL A 623 23.76 -4.01 -16.83
CA VAL A 623 25.22 -4.06 -16.83
C VAL A 623 25.75 -5.33 -16.14
N ASN A 624 25.21 -5.63 -14.96
CA ASN A 624 25.81 -6.63 -14.06
C ASN A 624 24.98 -7.88 -13.84
N SER A 625 25.67 -8.98 -13.55
CA SER A 625 25.04 -10.24 -13.17
C SER A 625 24.61 -10.18 -11.70
N PRO A 626 23.77 -11.13 -11.26
CA PRO A 626 23.45 -11.19 -9.82
C PRO A 626 24.64 -11.59 -8.95
N LYS A 627 24.72 -11.03 -7.74
CA LYS A 627 25.73 -11.42 -6.76
C LYS A 627 25.46 -12.85 -6.28
N THR A 628 26.39 -13.75 -6.57
CA THR A 628 26.31 -15.15 -6.15
C THR A 628 27.30 -15.43 -5.02
N PHE A 629 26.90 -16.27 -4.07
CA PHE A 629 27.75 -16.70 -2.96
C PHE A 629 27.81 -18.22 -2.91
N SER A 630 28.93 -18.74 -2.42
CA SER A 630 29.05 -20.16 -2.12
C SER A 630 28.16 -20.46 -0.92
N ILE A 631 26.98 -21.02 -1.17
CA ILE A 631 25.96 -21.18 -0.14
C ILE A 631 26.12 -22.49 0.64
N GLY A 632 26.52 -23.56 -0.04
CA GLY A 632 26.67 -24.87 0.60
C GLY A 632 27.06 -26.00 -0.33
N THR A 633 26.98 -27.22 0.17
CA THR A 633 27.40 -28.43 -0.56
C THR A 633 26.23 -29.22 -1.12
N GLN A 634 26.54 -30.06 -2.11
CA GLN A 634 25.62 -31.07 -2.64
C GLN A 634 26.44 -32.21 -3.25
N GLU A 635 26.26 -33.42 -2.72
CA GLU A 635 27.09 -34.60 -3.01
C GLU A 635 28.61 -34.31 -3.12
N GLY A 636 29.11 -33.56 -2.14
CA GLY A 636 30.54 -33.25 -2.02
C GLY A 636 31.09 -32.27 -3.05
N LYS A 637 30.26 -31.32 -3.48
CA LYS A 637 30.67 -30.26 -4.42
C LYS A 637 29.97 -28.94 -4.10
N LEU A 638 30.62 -27.83 -4.43
CA LEU A 638 30.09 -26.49 -4.13
C LEU A 638 28.78 -26.21 -4.84
N VAL A 639 27.93 -25.41 -4.19
CA VAL A 639 26.68 -24.93 -4.78
C VAL A 639 26.60 -23.43 -4.57
N LYS A 640 26.24 -22.70 -5.62
CA LYS A 640 26.05 -21.25 -5.54
C LYS A 640 24.63 -20.93 -5.09
N GLY A 641 24.49 -19.84 -4.34
CA GLY A 641 23.19 -19.31 -3.93
C GLY A 641 23.14 -17.82 -4.21
N SER A 642 21.93 -17.27 -4.31
CA SER A 642 21.74 -15.85 -4.60
C SER A 642 22.10 -14.96 -3.41
N PHE A 643 22.13 -13.64 -3.66
CA PHE A 643 22.38 -12.65 -2.61
C PHE A 643 21.35 -12.78 -1.49
N GLY A 644 20.08 -12.88 -1.86
CA GLY A 644 18.98 -13.04 -0.91
C GLY A 644 19.08 -14.25 0.01
N LYS A 645 19.63 -15.35 -0.52
CA LYS A 645 19.80 -16.58 0.27
C LYS A 645 20.87 -16.37 1.34
N ALA A 646 22.01 -15.80 0.93
CA ALA A 646 23.10 -15.47 1.86
C ALA A 646 22.65 -14.59 3.03
N LEU A 647 21.75 -13.64 2.75
CA LEU A 647 21.14 -12.79 3.78
C LEU A 647 20.30 -13.60 4.76
N ARG A 648 19.49 -14.52 4.22
CA ARG A 648 18.65 -15.40 5.04
C ARG A 648 19.48 -16.42 5.84
N VAL A 649 20.55 -16.93 5.22
CA VAL A 649 21.51 -17.80 5.90
C VAL A 649 22.13 -17.11 7.12
N ILE A 650 22.61 -15.89 6.92
CA ILE A 650 23.24 -15.11 8.00
C ILE A 650 22.21 -14.67 9.05
N PHE A 651 20.99 -14.35 8.60
CA PHE A 651 19.90 -14.03 9.52
C PHE A 651 19.53 -15.23 10.39
N THR A 652 19.42 -16.40 9.76
CA THR A 652 19.17 -17.65 10.48
C THR A 652 20.30 -17.95 11.47
N LYS A 653 21.55 -17.77 11.04
CA LYS A 653 22.73 -17.93 11.89
C LYS A 653 22.65 -17.08 13.17
N CYS A 654 22.20 -15.84 13.03
CA CYS A 654 22.04 -14.93 14.17
C CYS A 654 20.86 -15.30 15.08
N LEU A 655 19.82 -15.90 14.52
CA LEU A 655 18.70 -16.43 15.31
C LEU A 655 19.11 -17.67 16.11
N MET A 656 19.91 -18.55 15.50
CA MET A 656 20.43 -19.74 16.18
C MET A 656 21.37 -19.40 17.34
N HIS A 657 22.05 -18.26 17.25
CA HIS A 657 22.87 -17.76 18.36
C HIS A 657 22.02 -17.48 19.60
N TYR A 658 20.80 -16.96 19.40
CA TYR A 658 19.86 -16.77 20.51
C TYR A 658 19.29 -18.09 21.02
N VAL A 659 18.78 -18.90 20.10
CA VAL A 659 18.08 -20.14 20.46
C VAL A 659 18.99 -21.12 21.20
N PHE A 660 20.26 -21.20 20.76
CA PHE A 660 21.27 -22.05 21.42
C PHE A 660 22.40 -21.19 22.01
N GLY A 661 22.02 -20.12 22.71
CA GLY A 661 22.97 -19.17 23.29
C GLY A 661 23.33 -19.53 24.73
N ASN A 662 24.58 -19.92 24.95
CA ASN A 662 25.09 -20.23 26.30
C ASN A 662 26.62 -20.18 26.33
N ALA A 663 27.19 -20.42 27.51
CA ALA A 663 28.66 -20.46 27.71
C ALA A 663 29.43 -21.30 26.67
N GLN A 664 28.85 -22.41 26.25
CA GLN A 664 29.48 -23.29 25.24
C GLN A 664 29.66 -22.60 23.89
N LEU A 665 28.64 -21.87 23.44
CA LEU A 665 28.72 -21.11 22.19
C LEU A 665 29.66 -19.91 22.29
N GLU A 666 29.69 -19.27 23.46
CA GLU A 666 30.56 -18.11 23.70
C GLU A 666 32.02 -18.50 23.58
N GLY A 667 32.42 -19.50 24.37
CA GLY A 667 33.79 -20.01 24.37
C GLY A 667 34.23 -20.63 23.05
N PHE A 668 33.31 -21.34 22.38
CA PHE A 668 33.59 -21.93 21.08
C PHE A 668 33.87 -20.85 20.05
N SER A 669 32.90 -19.96 19.84
CA SER A 669 33.00 -18.89 18.84
C SER A 669 34.17 -17.94 19.10
N ALA A 670 34.45 -17.67 20.38
CA ALA A 670 35.57 -16.79 20.77
C ALA A 670 36.93 -17.44 20.49
N GLU A 671 37.11 -18.68 20.93
CA GLU A 671 38.38 -19.39 20.76
C GLU A 671 38.60 -19.90 19.32
N SER A 672 37.53 -20.31 18.64
CA SER A 672 37.61 -20.73 17.24
C SER A 672 37.89 -19.57 16.27
N ARG A 673 37.54 -18.35 16.67
CA ARG A 673 37.83 -17.14 15.88
C ARG A 673 39.34 -16.94 15.66
N ARG A 674 40.14 -17.31 16.65
CA ARG A 674 41.61 -17.28 16.53
C ARG A 674 42.05 -18.18 15.37
N LEU A 675 41.52 -19.40 15.35
CA LEU A 675 41.82 -20.39 14.32
C LEU A 675 41.30 -19.94 12.95
N LEU A 676 40.14 -19.27 12.93
CA LEU A 676 39.56 -18.70 11.71
C LEU A 676 40.49 -17.68 11.04
N LEU A 677 41.02 -16.75 11.84
CA LEU A 677 41.90 -15.69 11.32
C LEU A 677 43.23 -16.23 10.79
N LEU A 678 43.72 -17.32 11.37
CA LEU A 678 44.91 -18.01 10.88
C LEU A 678 44.69 -18.65 9.50
N ILE A 679 43.48 -19.17 9.27
CA ILE A 679 43.10 -19.71 7.95
C ILE A 679 43.08 -18.59 6.90
N GLN A 680 42.62 -17.41 7.29
CA GLN A 680 42.62 -16.23 6.41
C GLN A 680 44.05 -15.80 6.03
N ALA A 681 44.97 -15.90 6.99
CA ALA A 681 46.39 -15.62 6.73
C ALA A 681 46.99 -16.59 5.72
N LEU A 682 46.67 -17.88 5.86
CA LEU A 682 47.09 -18.89 4.90
C LEU A 682 46.47 -18.69 3.51
N LYS A 683 45.21 -18.22 3.48
CA LYS A 683 44.55 -17.84 2.23
C LYS A 683 45.20 -16.62 1.57
N ASP A 684 45.55 -15.63 2.39
CA ASP A 684 46.22 -14.41 1.91
C ASP A 684 47.74 -14.56 1.70
N ARG A 685 48.29 -15.72 2.07
CA ARG A 685 49.73 -16.03 1.91
C ARG A 685 50.61 -15.06 2.73
N LYS A 686 50.21 -14.84 3.98
CA LYS A 686 50.98 -14.02 4.91
C LYS A 686 51.98 -14.84 5.74
N GLY A 687 51.91 -16.17 5.64
CA GLY A 687 52.84 -17.06 6.33
C GLY A 687 52.70 -16.98 7.84
N PRO A 688 51.55 -17.43 8.39
CA PRO A 688 51.30 -17.32 9.81
C PRO A 688 52.10 -18.32 10.64
N TRP A 689 52.44 -17.94 11.88
CA TRP A 689 53.14 -18.79 12.83
C TRP A 689 52.28 -18.99 14.08
N VAL A 690 52.55 -20.06 14.81
CA VAL A 690 51.84 -20.40 16.04
C VAL A 690 52.85 -20.78 17.12
N PHE A 691 52.52 -20.51 18.38
CA PHE A 691 53.40 -20.75 19.53
C PHE A 691 53.05 -22.04 20.28
N ASP A 692 51.75 -22.37 20.37
CA ASP A 692 51.30 -23.66 20.90
C ASP A 692 49.94 -23.99 20.29
N LEU A 693 49.95 -24.71 19.17
CA LEU A 693 48.74 -24.98 18.39
C LEU A 693 47.75 -25.89 19.11
N GLU A 694 48.24 -26.86 19.88
CA GLU A 694 47.36 -27.71 20.69
C GLU A 694 46.69 -26.94 21.84
N GLY A 695 47.31 -25.84 22.28
CA GLY A 695 46.71 -24.93 23.25
C GLY A 695 45.47 -24.23 22.73
N MET A 696 45.50 -23.81 21.46
CA MET A 696 44.32 -23.25 20.79
C MET A 696 43.18 -24.26 20.76
N TYR A 697 43.50 -25.46 20.26
CA TYR A 697 42.52 -26.55 20.13
C TYR A 697 41.93 -26.97 21.48
N SER A 698 42.75 -26.96 22.53
CA SER A 698 42.29 -27.23 23.90
C SER A 698 41.16 -26.27 24.32
N GLY A 699 41.35 -24.98 24.03
CA GLY A 699 40.34 -23.96 24.32
C GLY A 699 39.07 -24.08 23.50
N ILE A 700 39.20 -24.50 22.25
CA ILE A 700 38.06 -24.70 21.35
C ILE A 700 37.29 -25.97 21.73
N GLU A 701 38.00 -27.09 21.79
CA GLU A 701 37.38 -28.42 21.90
C GLU A 701 36.75 -28.76 23.26
N GLU A 702 37.14 -28.05 24.32
CA GLU A 702 36.46 -28.20 25.62
C GLU A 702 35.03 -27.64 25.59
N CYS A 703 34.79 -26.61 24.77
CA CYS A 703 33.47 -26.02 24.59
C CYS A 703 32.50 -26.86 23.74
N ILE A 704 33.04 -27.80 22.95
CA ILE A 704 32.21 -28.73 22.16
C ILE A 704 31.72 -29.83 23.11
N SER A 705 30.44 -29.76 23.49
CA SER A 705 29.84 -30.72 24.43
C SER A 705 28.45 -31.19 23.96
N ASN A 706 27.38 -30.49 24.36
CA ASN A 706 25.99 -30.90 24.02
C ASN A 706 25.11 -29.78 23.45
N ASN A 707 25.73 -28.70 22.95
CA ASN A 707 25.02 -27.63 22.28
C ASN A 707 24.94 -27.98 20.79
N PRO A 708 23.71 -28.16 20.24
CA PRO A 708 23.57 -28.56 18.83
C PRO A 708 24.26 -27.64 17.82
N TRP A 709 24.21 -26.34 18.07
CA TRP A 709 24.81 -25.34 17.17
C TRP A 709 26.33 -25.33 17.22
N VAL A 710 26.91 -25.59 18.41
CA VAL A 710 28.36 -25.70 18.57
C VAL A 710 28.90 -26.95 17.87
N ILE A 711 28.17 -28.06 17.98
CA ILE A 711 28.54 -29.32 17.35
C ILE A 711 28.44 -29.22 15.83
N GLN A 712 27.31 -28.72 15.34
CA GLN A 712 27.09 -28.56 13.90
C GLN A 712 28.05 -27.55 13.26
N SER A 713 28.39 -26.49 14.01
CA SER A 713 29.40 -25.53 13.58
C SER A 713 30.78 -26.16 13.44
N ALA A 714 31.12 -27.06 14.36
CA ALA A 714 32.38 -27.82 14.29
C ALA A 714 32.41 -28.77 13.09
N TYR A 715 31.26 -29.34 12.74
CA TYR A 715 31.12 -30.14 11.51
C TYR A 715 31.30 -29.27 10.27
N TRP A 716 30.60 -28.14 10.23
CA TRP A 716 30.70 -27.19 9.11
C TRP A 716 32.08 -26.55 8.94
N PHE A 717 32.72 -26.22 10.07
CA PHE A 717 34.09 -25.70 10.08
C PHE A 717 35.05 -26.65 9.38
N ASN A 718 34.95 -27.94 9.71
CA ASN A 718 35.79 -28.97 9.12
C ASN A 718 35.49 -29.22 7.64
N GLU A 719 34.22 -29.08 7.25
CA GLU A 719 33.81 -29.19 5.85
C GLU A 719 34.39 -28.02 5.04
N TRP A 720 34.15 -26.80 5.52
CA TRP A 720 34.70 -25.58 4.90
C TRP A 720 36.23 -25.61 4.83
N LEU A 721 36.87 -26.06 5.90
CA LEU A 721 38.32 -26.24 5.94
C LEU A 721 38.83 -27.14 4.82
N GLY A 722 38.09 -28.21 4.53
CA GLY A 722 38.42 -29.13 3.44
C GLY A 722 38.39 -28.48 2.05
N PHE A 723 37.35 -27.68 1.80
CA PHE A 723 37.21 -26.97 0.51
C PHE A 723 38.28 -25.88 0.33
N GLU A 724 38.67 -25.23 1.42
CA GLU A 724 39.79 -24.27 1.38
C GLU A 724 41.11 -24.97 1.11
N LYS A 725 41.35 -26.10 1.78
CA LYS A 725 42.54 -26.93 1.53
C LYS A 725 42.66 -27.40 0.08
N GLU A 726 41.52 -27.66 -0.57
CA GLU A 726 41.48 -28.03 -1.98
C GLU A 726 41.90 -26.84 -2.85
N GLY A 727 41.36 -25.66 -2.55
CA GLY A 727 41.74 -24.42 -3.25
C GLY A 727 43.17 -23.98 -3.02
N SER A 728 43.74 -24.35 -1.87
CA SER A 728 45.13 -24.04 -1.52
C SER A 728 46.16 -24.67 -2.46
N LYS A 729 45.79 -25.78 -3.09
CA LYS A 729 46.66 -26.44 -4.09
C LYS A 729 46.89 -25.61 -5.36
N VAL A 730 46.02 -24.64 -5.62
CA VAL A 730 46.20 -23.69 -6.73
C VAL A 730 47.33 -22.70 -6.39
N LEU A 731 47.25 -22.07 -5.22
CA LEU A 731 48.20 -21.02 -4.81
C LEU A 731 49.65 -21.49 -4.62
N GLU A 732 49.83 -22.70 -4.11
CA GLU A 732 51.18 -23.27 -3.90
C GLU A 732 51.93 -23.54 -5.22
N SER A 733 51.19 -23.68 -6.32
CA SER A 733 51.77 -23.85 -7.67
C SER A 733 51.82 -22.55 -8.50
N VAL A 734 51.77 -21.39 -7.85
CA VAL A 734 51.88 -20.09 -8.54
C VAL A 734 53.34 -19.61 -8.50
N ASP A 735 53.80 -19.03 -9.61
CA ASP A 735 55.18 -18.55 -9.78
C ASP A 735 56.22 -19.67 -9.66
N MET B 10 20.71 -30.64 -1.23
CA MET B 10 21.63 -29.48 -1.05
C MET B 10 21.64 -28.99 0.40
N ASN B 11 22.75 -29.24 1.09
CA ASN B 11 22.93 -28.81 2.47
C ASN B 11 23.61 -27.45 2.56
N ILE B 12 23.04 -26.55 3.34
CA ILE B 12 23.58 -25.20 3.51
C ILE B 12 24.71 -25.21 4.56
N ASN B 13 25.69 -24.33 4.34
CA ASN B 13 26.81 -24.14 5.26
C ASN B 13 27.05 -22.63 5.45
N PRO B 14 27.00 -22.14 6.71
CA PRO B 14 27.23 -20.70 6.95
C PRO B 14 28.70 -20.29 6.87
N TYR B 15 29.63 -21.20 7.20
CA TYR B 15 31.07 -20.95 7.05
C TYR B 15 31.51 -20.75 5.58
N PHE B 16 30.77 -21.33 4.63
CA PHE B 16 31.04 -21.18 3.18
C PHE B 16 30.96 -19.74 2.67
N LEU B 17 30.30 -18.85 3.41
CA LEU B 17 30.38 -17.40 3.17
C LEU B 17 31.83 -16.90 3.10
N PHE B 18 32.69 -17.46 3.94
CA PHE B 18 34.11 -17.05 4.01
C PHE B 18 34.95 -17.40 2.78
N ILE B 19 34.42 -18.21 1.86
CA ILE B 19 35.07 -18.44 0.56
C ILE B 19 35.07 -17.15 -0.27
N ASP B 20 33.92 -16.50 -0.35
CA ASP B 20 33.77 -15.27 -1.14
C ASP B 20 34.29 -14.03 -0.39
N VAL B 21 33.86 -13.87 0.86
CA VAL B 21 34.21 -12.70 1.69
C VAL B 21 35.32 -13.08 2.67
N PRO B 22 36.31 -12.18 2.88
CA PRO B 22 37.31 -12.48 3.91
C PRO B 22 36.76 -12.36 5.34
N ILE B 23 37.49 -12.91 6.31
CA ILE B 23 36.99 -13.11 7.67
C ILE B 23 36.88 -11.81 8.47
N GLN B 24 37.80 -10.88 8.26
CA GLN B 24 37.73 -9.56 8.91
C GLN B 24 36.56 -8.74 8.35
N ALA B 25 36.34 -8.81 7.04
CA ALA B 25 35.19 -8.15 6.40
C ALA B 25 33.86 -8.68 6.94
N ALA B 26 33.80 -9.99 7.19
CA ALA B 26 32.61 -10.65 7.75
C ALA B 26 32.84 -11.10 9.20
N ILE B 27 33.46 -10.25 10.01
CA ILE B 27 33.77 -10.59 11.42
C ILE B 27 32.55 -10.48 12.33
N SER B 28 31.61 -9.59 11.99
CA SER B 28 30.37 -9.44 12.77
C SER B 28 29.56 -10.73 12.93
N THR B 29 29.60 -11.58 11.89
CA THR B 29 28.92 -12.88 11.92
C THR B 29 29.48 -13.89 12.94
N THR B 30 30.76 -13.78 13.28
CA THR B 30 31.40 -14.67 14.26
C THR B 30 31.21 -14.25 15.74
N PHE B 31 30.50 -13.15 15.98
CA PHE B 31 30.20 -12.68 17.35
C PHE B 31 28.72 -12.93 17.68
N PRO B 32 28.43 -14.01 18.45
CA PRO B 32 27.04 -14.37 18.76
C PRO B 32 26.49 -13.53 19.92
N TYR B 33 26.26 -12.25 19.65
CA TYR B 33 25.86 -11.27 20.67
C TYR B 33 24.34 -11.10 20.79
N THR B 34 23.60 -11.64 19.82
CA THR B 34 22.14 -11.77 19.93
C THR B 34 21.73 -12.80 21.00
N GLY B 35 22.63 -13.75 21.30
CA GLY B 35 22.39 -14.76 22.32
C GLY B 35 22.51 -14.26 23.76
N VAL B 36 22.16 -15.15 24.68
CA VAL B 36 22.14 -14.84 26.11
C VAL B 36 23.56 -15.02 26.65
N PRO B 37 24.08 -14.02 27.40
CA PRO B 37 25.39 -14.20 28.01
C PRO B 37 25.33 -15.13 29.23
N PRO B 38 26.45 -15.81 29.56
CA PRO B 38 26.45 -16.79 30.64
C PRO B 38 26.49 -16.14 32.03
N TYR B 39 25.43 -16.35 32.81
CA TYR B 39 25.33 -15.84 34.19
C TYR B 39 25.81 -16.88 35.19
N SER B 40 26.42 -16.40 36.27
CA SER B 40 26.89 -17.27 37.36
C SER B 40 25.73 -17.69 38.26
N HIS B 41 25.83 -18.91 38.78
CA HIS B 41 24.82 -19.47 39.69
C HIS B 41 25.46 -19.79 41.03
N GLY B 42 24.75 -19.50 42.12
CA GLY B 42 25.18 -19.90 43.46
C GLY B 42 26.41 -19.20 43.99
N THR B 43 27.23 -19.94 44.75
CA THR B 43 28.41 -19.38 45.41
C THR B 43 29.59 -19.15 44.45
N GLY B 44 30.45 -18.19 44.84
CA GLY B 44 31.68 -17.91 44.11
C GLY B 44 32.95 -18.25 44.88
N THR B 45 32.82 -19.08 45.91
CA THR B 45 33.95 -19.45 46.77
C THR B 45 34.90 -20.42 46.06
N GLY B 46 34.35 -21.34 45.28
CA GLY B 46 35.14 -22.25 44.45
C GLY B 46 35.99 -21.53 43.42
N TYR B 47 35.44 -20.48 42.82
CA TYR B 47 36.16 -19.66 41.84
C TYR B 47 37.23 -18.78 42.49
N THR B 48 36.93 -18.24 43.67
CA THR B 48 37.86 -17.39 44.41
C THR B 48 39.07 -18.18 44.93
N ILE B 49 38.81 -19.35 45.51
CA ILE B 49 39.88 -20.22 46.03
C ILE B 49 40.85 -20.69 44.93
N ASP B 50 40.32 -20.97 43.74
CA ASP B 50 41.18 -21.24 42.56
C ASP B 50 42.20 -20.13 42.34
N THR B 51 41.71 -18.89 42.32
CA THR B 51 42.57 -17.71 42.11
C THR B 51 43.60 -17.54 43.22
N VAL B 52 43.20 -17.80 44.47
CA VAL B 52 44.11 -17.74 45.63
C VAL B 52 45.19 -18.81 45.54
N ILE B 53 44.81 -20.04 45.18
CA ILE B 53 45.76 -21.14 45.00
C ILE B 53 46.68 -20.87 43.82
N ARG B 54 46.11 -20.55 42.66
CA ARG B 54 46.88 -20.30 41.44
C ARG B 54 47.83 -19.11 41.56
N THR B 55 47.43 -18.07 42.28
CA THR B 55 48.31 -16.92 42.55
C THR B 55 49.56 -17.36 43.33
N HIS B 56 49.36 -18.16 44.38
CA HIS B 56 50.47 -18.73 45.16
C HIS B 56 51.23 -19.83 44.40
N GLU B 57 50.54 -20.57 43.55
CA GLU B 57 51.15 -21.59 42.69
C GLU B 57 52.29 -21.03 41.82
N TYR B 58 52.10 -19.80 41.34
CA TYR B 58 53.10 -19.14 40.47
C TYR B 58 54.21 -18.43 41.24
N SER B 59 54.05 -18.25 42.55
CA SER B 59 55.03 -17.57 43.41
C SER B 59 55.59 -18.43 44.56
N ASN B 60 55.24 -19.71 44.61
CA ASN B 60 55.60 -20.58 45.76
C ASN B 60 57.11 -20.84 45.97
N LYS B 61 57.91 -20.77 44.90
CA LYS B 61 59.35 -21.00 44.99
C LYS B 61 60.09 -19.85 45.71
N GLY B 62 59.49 -18.66 45.74
CA GLY B 62 60.09 -17.50 46.41
C GLY B 62 60.03 -17.57 47.92
N LYS B 63 60.31 -16.43 48.56
CA LYS B 63 60.41 -16.34 50.02
C LYS B 63 59.02 -16.42 50.66
N GLN B 64 58.91 -17.20 51.73
CA GLN B 64 57.72 -17.26 52.57
C GLN B 64 58.05 -16.76 53.98
N TYR B 65 57.13 -16.02 54.58
CA TYR B 65 57.30 -15.51 55.95
C TYR B 65 55.97 -15.09 56.58
N ILE B 66 55.91 -15.17 57.91
CA ILE B 66 54.72 -14.78 58.66
C ILE B 66 54.80 -13.29 58.97
N SER B 67 53.76 -12.54 58.61
CA SER B 67 53.68 -11.10 58.91
C SER B 67 53.42 -10.89 60.40
N ASP B 68 54.25 -10.07 61.04
CA ASP B 68 54.08 -9.73 62.46
C ASP B 68 52.90 -8.77 62.71
N VAL B 69 52.51 -8.00 61.69
CA VAL B 69 51.42 -7.02 61.82
C VAL B 69 50.06 -7.72 61.82
N THR B 70 49.73 -8.37 60.71
CA THR B 70 48.43 -9.03 60.53
C THR B 70 48.38 -10.42 61.17
N GLY B 71 49.47 -11.18 61.03
CA GLY B 71 49.52 -12.58 61.47
C GLY B 71 49.08 -13.49 60.34
N CYS B 72 49.73 -13.33 59.18
CA CYS B 72 49.34 -13.97 57.93
C CYS B 72 50.55 -14.49 57.17
N THR B 73 50.35 -15.55 56.38
CA THR B 73 51.40 -16.12 55.55
C THR B 73 51.60 -15.24 54.31
N MET B 74 52.79 -14.68 54.16
CA MET B 74 53.12 -13.78 53.04
C MET B 74 54.11 -14.48 52.11
N VAL B 75 53.78 -14.52 50.82
CA VAL B 75 54.68 -15.06 49.79
C VAL B 75 55.27 -13.92 48.98
N ASP B 76 56.54 -14.07 48.59
CA ASP B 76 57.29 -13.03 47.90
C ASP B 76 58.12 -13.63 46.75
N PRO B 77 57.60 -13.57 45.51
CA PRO B 77 58.35 -14.05 44.34
C PRO B 77 59.34 -13.05 43.75
N THR B 78 59.22 -11.76 44.09
CA THR B 78 60.08 -10.72 43.51
C THR B 78 61.53 -10.93 43.95
N ASN B 79 62.45 -10.83 42.99
CA ASN B 79 63.85 -11.28 43.14
C ASN B 79 63.95 -12.74 43.60
N GLY B 80 63.06 -13.58 43.07
CA GLY B 80 63.03 -15.01 43.36
C GLY B 80 63.75 -15.78 42.27
N PRO B 81 63.74 -17.14 42.36
CA PRO B 81 64.41 -17.95 41.35
C PRO B 81 63.75 -17.83 39.98
N LEU B 82 64.57 -17.80 38.93
CA LEU B 82 64.07 -17.66 37.56
C LEU B 82 63.32 -18.92 37.12
N PRO B 83 62.33 -18.77 36.22
CA PRO B 83 61.57 -19.94 35.76
C PRO B 83 62.41 -20.84 34.85
N GLU B 84 62.17 -22.15 34.92
CA GLU B 84 62.82 -23.13 34.06
C GLU B 84 61.77 -23.92 33.26
N ASP B 85 60.64 -23.27 32.98
CA ASP B 85 59.53 -23.86 32.22
C ASP B 85 58.57 -22.76 31.73
N ASN B 86 57.65 -23.14 30.85
CA ASN B 86 56.70 -22.18 30.25
C ASN B 86 55.39 -22.00 31.03
N GLU B 87 55.39 -22.30 32.33
CA GLU B 87 54.25 -22.00 33.20
C GLU B 87 54.27 -20.51 33.58
N PRO B 88 53.13 -20.00 34.11
CA PRO B 88 53.11 -18.61 34.55
C PRO B 88 54.08 -18.32 35.70
N SER B 89 55.03 -17.41 35.45
CA SER B 89 56.00 -16.96 36.45
C SER B 89 55.58 -15.62 37.05
N ALA B 90 55.54 -15.56 38.38
CA ALA B 90 55.42 -14.30 39.12
C ALA B 90 56.79 -13.79 39.59
N TYR B 91 57.87 -14.47 39.18
CA TYR B 91 59.22 -14.21 39.68
C TYR B 91 59.86 -13.07 38.90
N ALA B 92 59.45 -11.85 39.24
CA ALA B 92 59.95 -10.64 38.59
C ALA B 92 61.28 -10.22 39.20
N GLN B 93 62.15 -9.63 38.38
CA GLN B 93 63.47 -9.16 38.82
C GLN B 93 63.52 -7.63 38.82
N LEU B 94 63.82 -7.05 39.99
CA LEU B 94 63.78 -5.60 40.20
C LEU B 94 64.70 -4.82 39.25
N ASP B 95 65.93 -5.29 39.08
CA ASP B 95 66.91 -4.64 38.20
C ASP B 95 66.47 -4.64 36.74
N CYS B 96 65.79 -5.71 36.30
CA CYS B 96 65.25 -5.80 34.95
C CYS B 96 64.07 -4.86 34.73
N VAL B 97 63.25 -4.66 35.76
CA VAL B 97 62.13 -3.70 35.73
C VAL B 97 62.68 -2.27 35.65
N LEU B 98 63.64 -1.96 36.51
CA LEU B 98 64.24 -0.62 36.58
C LEU B 98 64.97 -0.22 35.30
N GLU B 99 65.63 -1.18 34.64
CA GLU B 99 66.32 -0.93 33.37
C GLU B 99 65.33 -0.54 32.27
N ALA B 100 64.18 -1.24 32.22
CA ALA B 100 63.10 -0.92 31.28
C ALA B 100 62.48 0.46 31.54
N LEU B 101 62.39 0.85 32.81
CA LEU B 101 61.95 2.20 33.19
C LEU B 101 63.01 3.27 32.91
N ASP B 102 64.28 2.95 33.13
CA ASP B 102 65.39 3.84 32.76
C ASP B 102 65.43 4.09 31.26
N ARG B 103 65.22 3.03 30.48
CA ARG B 103 65.13 3.12 29.02
C ARG B 103 63.99 4.04 28.58
N MET B 104 62.85 3.93 29.27
CA MET B 104 61.70 4.80 29.05
C MET B 104 62.01 6.26 29.39
N ASP B 105 62.66 6.48 30.54
CA ASP B 105 63.05 7.82 30.98
C ASP B 105 64.10 8.46 30.06
N GLU B 106 64.98 7.63 29.48
CA GLU B 106 65.96 8.11 28.49
C GLU B 106 65.29 8.60 27.20
N GLU B 107 64.37 7.80 26.67
CA GLU B 107 63.63 8.18 25.45
C GLU B 107 62.58 9.26 25.71
N HIS B 108 61.97 9.25 26.90
CA HIS B 108 60.99 10.25 27.32
C HIS B 108 61.56 11.03 28.52
N PRO B 109 62.40 12.07 28.24
CA PRO B 109 62.98 12.85 29.32
C PRO B 109 61.89 13.79 29.85
N GLY B 110 61.98 14.16 31.12
CA GLY B 110 61.01 15.07 31.72
C GLY B 110 59.65 14.47 32.10
N LEU B 111 59.26 13.37 31.44
CA LEU B 111 57.91 12.81 31.56
C LEU B 111 57.63 12.21 32.93
N PHE B 112 58.66 11.64 33.55
CA PHE B 112 58.53 10.99 34.85
C PHE B 112 58.23 11.99 35.98
N GLN B 113 59.00 13.08 36.03
CA GLN B 113 58.83 14.10 37.06
C GLN B 113 57.66 15.07 36.77
N ALA B 114 57.36 15.29 35.49
CA ALA B 114 56.22 16.14 35.08
C ALA B 114 54.87 15.50 35.37
N ALA B 115 54.77 14.19 35.13
CA ALA B 115 53.58 13.41 35.50
C ALA B 115 53.36 13.35 37.01
N SER B 116 54.45 13.34 37.77
CA SER B 116 54.39 13.37 39.24
C SER B 116 53.82 14.68 39.78
N GLN B 117 54.27 15.81 39.20
CA GLN B 117 53.78 17.14 39.60
C GLN B 117 52.31 17.38 39.23
N ASN B 118 51.91 16.92 38.05
CA ASN B 118 50.50 16.98 37.63
C ASN B 118 49.59 16.19 38.56
N ALA B 119 50.03 14.99 38.92
CA ALA B 119 49.34 14.17 39.92
C ALA B 119 49.36 14.80 41.31
N MET B 120 50.50 15.39 41.68
CA MET B 120 50.68 16.05 42.98
C MET B 120 49.81 17.30 43.12
N GLU B 121 49.83 18.15 42.11
CA GLU B 121 49.01 19.38 42.12
C GLU B 121 47.51 19.08 42.04
N THR B 122 47.15 18.01 41.33
CA THR B 122 45.76 17.52 41.32
C THR B 122 45.34 17.03 42.71
N LEU B 123 46.22 16.26 43.35
CA LEU B 123 45.98 15.74 44.72
C LEU B 123 45.67 16.87 45.71
N MET B 124 46.46 17.94 45.64
CA MET B 124 46.28 19.11 46.52
C MET B 124 44.92 19.79 46.33
N VAL B 125 44.47 19.88 45.08
CA VAL B 125 43.15 20.45 44.74
C VAL B 125 42.00 19.47 45.03
N THR B 126 42.25 18.16 44.84
CA THR B 126 41.22 17.12 45.01
C THR B 126 40.61 17.09 46.41
N THR B 127 39.27 17.11 46.47
CA THR B 127 38.50 17.05 47.71
C THR B 127 38.09 15.60 48.04
N VAL B 128 37.45 15.39 49.19
CA VAL B 128 37.01 14.06 49.62
C VAL B 128 35.84 13.53 48.79
N ASP B 129 34.95 14.42 48.35
CA ASP B 129 33.79 14.03 47.53
C ASP B 129 34.14 13.42 46.17
N LYS B 130 35.37 13.64 45.70
CA LYS B 130 35.92 12.96 44.51
C LYS B 130 35.84 11.43 44.58
N LEU B 131 35.93 10.87 45.79
CA LEU B 131 35.83 9.42 45.98
C LEU B 131 34.46 8.79 45.64
N THR B 132 33.39 9.60 45.63
CA THR B 132 32.03 9.10 45.45
C THR B 132 31.62 8.92 43.98
N GLN B 133 32.40 8.11 43.24
CA GLN B 133 32.11 7.82 41.83
C GLN B 133 32.90 6.61 41.32
N GLY B 134 32.91 5.54 42.13
CA GLY B 134 33.65 4.30 41.81
C GLY B 134 32.82 3.04 41.84
N ARG B 135 31.53 3.17 41.53
CA ARG B 135 30.57 2.05 41.53
C ARG B 135 30.55 1.35 42.90
N GLN B 136 30.69 0.01 42.95
CA GLN B 136 30.65 -0.71 44.22
C GLN B 136 31.94 -0.55 45.00
N THR B 137 31.83 -0.54 46.34
CA THR B 137 32.98 -0.45 47.24
C THR B 137 32.70 -1.29 48.47
N PHE B 138 33.73 -2.01 48.94
CA PHE B 138 33.63 -2.83 50.15
C PHE B 138 33.56 -1.93 51.38
N ASP B 139 32.35 -1.75 51.91
CA ASP B 139 32.14 -0.98 53.13
C ASP B 139 32.62 -1.83 54.31
N TRP B 140 33.74 -1.42 54.90
CA TRP B 140 34.37 -2.18 56.00
C TRP B 140 33.53 -2.24 57.28
N THR B 141 32.62 -1.29 57.47
CA THR B 141 31.75 -1.25 58.65
C THR B 141 30.75 -2.42 58.63
N VAL B 142 29.92 -2.46 57.58
CA VAL B 142 28.91 -3.52 57.43
C VAL B 142 29.44 -4.81 56.77
N CYS B 143 30.65 -4.77 56.21
CA CYS B 143 31.32 -5.94 55.60
C CYS B 143 30.59 -6.52 54.37
N ARG B 144 29.95 -5.65 53.60
CA ARG B 144 29.31 -6.01 52.33
C ARG B 144 29.47 -4.84 51.35
N ASN B 145 29.36 -5.13 50.06
CA ASN B 145 29.51 -4.10 49.03
C ASN B 145 28.36 -3.08 49.07
N GLN B 146 28.72 -1.80 49.03
CA GLN B 146 27.76 -0.69 48.95
C GLN B 146 28.24 0.32 47.91
N PRO B 147 27.39 1.32 47.56
CA PRO B 147 27.87 2.40 46.68
C PRO B 147 28.96 3.25 47.32
N ALA B 148 29.77 3.91 46.48
CA ALA B 148 30.93 4.69 46.93
C ALA B 148 30.56 5.82 47.90
N ALA B 149 29.44 6.49 47.63
CA ALA B 149 28.94 7.56 48.50
C ALA B 149 28.49 7.05 49.87
N THR B 150 27.77 5.93 49.87
CA THR B 150 27.26 5.31 51.10
C THR B 150 28.39 4.76 51.97
N ALA B 151 29.33 4.07 51.34
CA ALA B 151 30.49 3.49 52.04
C ALA B 151 31.45 4.54 52.59
N LEU B 152 31.58 5.67 51.88
CA LEU B 152 32.42 6.79 52.33
C LEU B 152 31.80 7.50 53.54
N ASN B 153 30.49 7.75 53.49
CA ASN B 153 29.78 8.46 54.55
C ASN B 153 29.79 7.72 55.89
N THR B 154 29.67 6.40 55.85
CA THR B 154 29.77 5.55 57.05
C THR B 154 31.18 5.60 57.67
N THR B 155 32.20 5.69 56.81
CA THR B 155 33.59 5.79 57.24
C THR B 155 33.92 7.16 57.86
N ILE B 156 33.36 8.24 57.31
CA ILE B 156 33.56 9.59 57.85
C ILE B 156 32.93 9.72 59.25
N THR B 157 31.71 9.21 59.40
CA THR B 157 31.00 9.24 60.70
C THR B 157 31.66 8.33 61.74
N SER B 158 32.11 7.17 61.31
CA SER B 158 32.88 6.26 62.18
C SER B 158 34.21 6.84 62.65
N PHE B 159 34.92 7.51 61.75
CA PHE B 159 36.20 8.17 62.08
C PHE B 159 36.04 9.25 63.16
N ARG B 160 34.92 9.97 63.14
CA ARG B 160 34.62 10.99 64.16
C ARG B 160 34.49 10.42 65.59
N LEU B 161 34.04 9.18 65.71
CA LEU B 161 33.92 8.51 67.02
C LEU B 161 35.27 8.19 67.67
N ASN B 162 36.33 8.10 66.87
CA ASN B 162 37.70 7.86 67.35
C ASN B 162 38.62 9.08 67.22
N ASP B 163 38.02 10.28 67.15
CA ASP B 163 38.74 11.54 67.02
C ASP B 163 39.62 11.60 65.76
N LEU B 164 38.97 11.60 64.60
CA LEU B 164 39.63 11.74 63.30
C LEU B 164 38.75 12.58 62.37
N ASN B 165 38.95 13.90 62.42
CA ASN B 165 38.17 14.87 61.64
C ASN B 165 38.98 15.47 60.48
N GLY B 166 39.63 14.60 59.71
CA GLY B 166 40.35 15.00 58.50
C GLY B 166 39.41 15.30 57.35
N ALA B 167 38.33 14.52 57.26
CA ALA B 167 37.27 14.73 56.25
C ALA B 167 36.62 16.11 56.35
N ASP B 168 36.51 16.64 57.57
CA ASP B 168 35.93 17.98 57.81
C ASP B 168 36.71 19.11 57.13
N LYS B 169 38.03 18.95 57.01
CA LYS B 169 38.89 19.97 56.40
C LYS B 169 38.69 20.16 54.89
N GLY B 170 38.11 19.16 54.22
CA GLY B 170 37.69 19.29 52.82
C GLY B 170 38.56 18.57 51.81
N GLY B 171 39.87 18.73 51.95
CA GLY B 171 40.83 18.11 51.01
C GLY B 171 40.98 16.61 51.19
N LEU B 172 41.49 15.96 50.15
CA LEU B 172 41.73 14.51 50.16
C LEU B 172 42.93 14.11 51.03
N ILE B 173 43.89 15.03 51.21
CA ILE B 173 45.11 14.76 51.98
C ILE B 173 44.83 14.48 53.48
N PRO B 174 44.09 15.37 54.17
CA PRO B 174 43.78 15.09 55.58
C PRO B 174 42.90 13.86 55.82
N PHE B 175 42.05 13.51 54.85
CA PHE B 175 41.27 12.27 54.90
C PHE B 175 42.19 11.06 54.80
N CYS B 176 43.12 11.09 53.84
CA CYS B 176 44.11 10.02 53.66
C CYS B 176 45.13 9.95 54.81
N GLN B 177 45.43 11.09 55.43
CA GLN B 177 46.26 11.13 56.64
C GLN B 177 45.58 10.36 57.78
N ASP B 178 44.28 10.54 57.94
CA ASP B 178 43.50 9.84 58.97
C ASP B 178 43.40 8.33 58.75
N ILE B 179 43.42 7.89 57.49
CA ILE B 179 43.35 6.46 57.16
C ILE B 179 44.60 5.72 57.63
N ILE B 180 45.78 6.26 57.30
CA ILE B 180 47.05 5.67 57.75
C ILE B 180 47.27 5.79 59.27
N ASP B 181 46.71 6.85 59.88
CA ASP B 181 46.74 7.02 61.34
C ASP B 181 45.76 6.12 62.08
N SER B 182 44.63 5.78 61.45
CA SER B 182 43.65 4.86 62.06
C SER B 182 44.15 3.41 62.19
N LEU B 183 45.20 3.06 61.45
CA LEU B 183 45.88 1.77 61.62
C LEU B 183 46.62 1.68 62.97
N ASP B 184 47.09 2.83 63.46
CA ASP B 184 47.81 2.91 64.74
C ASP B 184 46.89 2.86 65.97
N ARG B 185 45.59 3.15 65.78
CA ARG B 185 44.61 3.15 66.88
C ARG B 185 44.52 1.78 67.57
N PRO B 186 44.47 1.77 68.93
CA PRO B 186 44.34 0.51 69.65
C PRO B 186 42.95 -0.14 69.51
N GLU B 187 41.90 0.68 69.55
CA GLU B 187 40.53 0.24 69.30
C GLU B 187 39.86 1.16 68.28
N MET B 188 38.82 0.64 67.62
CA MET B 188 38.10 1.34 66.56
C MET B 188 36.59 1.20 66.76
N THR B 189 35.99 2.21 67.39
CA THR B 189 34.54 2.30 67.56
C THR B 189 33.91 2.82 66.26
N PHE B 190 32.78 2.23 65.87
CA PHE B 190 32.16 2.54 64.57
C PHE B 190 30.67 2.17 64.52
N PHE B 191 29.93 2.86 63.65
CA PHE B 191 28.51 2.55 63.41
C PHE B 191 28.39 1.33 62.50
N SER B 192 27.55 0.37 62.89
CA SER B 192 27.34 -0.86 62.13
C SER B 192 25.85 -1.21 62.06
N VAL B 193 25.55 -2.26 61.30
CA VAL B 193 24.17 -2.72 61.10
C VAL B 193 24.04 -4.12 61.72
N LYS B 194 22.92 -4.35 62.42
CA LYS B 194 22.63 -5.64 63.06
C LYS B 194 21.19 -6.06 62.82
N ASN B 195 20.95 -7.38 62.73
CA ASN B 195 19.61 -7.95 62.57
C ASN B 195 18.89 -7.98 63.91
N ILE B 196 17.57 -8.22 63.86
CA ILE B 196 16.70 -8.19 65.03
C ILE B 196 16.12 -9.58 65.27
N PRO B 214 16.70 -4.69 60.06
CA PRO B 214 18.01 -4.11 60.34
C PRO B 214 17.91 -2.72 60.98
N MET B 215 18.99 -2.29 61.64
CA MET B 215 19.07 -0.96 62.26
C MET B 215 20.51 -0.57 62.61
N LYS B 216 20.73 0.73 62.78
CA LYS B 216 22.06 1.29 63.05
C LYS B 216 22.44 1.11 64.53
N VAL B 217 23.50 0.33 64.79
CA VAL B 217 23.94 -0.01 66.16
C VAL B 217 25.38 0.52 66.37
N LYS B 218 26.28 -0.27 66.96
CA LYS B 218 27.63 0.18 67.34
C LYS B 218 28.49 -1.04 67.67
N ASP B 219 29.78 -0.97 67.32
CA ASP B 219 30.72 -2.08 67.54
C ASP B 219 32.13 -1.56 67.81
N LYS B 220 32.97 -2.44 68.34
CA LYS B 220 34.38 -2.15 68.61
C LYS B 220 35.25 -3.30 68.10
N ILE B 221 36.36 -2.95 67.45
CA ILE B 221 37.31 -3.94 66.90
C ILE B 221 38.71 -3.61 67.42
N THR B 222 39.48 -4.65 67.74
CA THR B 222 40.86 -4.50 68.21
C THR B 222 41.78 -4.06 67.05
N LYS B 223 42.95 -3.53 67.40
CA LYS B 223 43.91 -2.98 66.43
C LYS B 223 44.20 -3.93 65.26
N VAL B 224 44.49 -5.18 65.57
CA VAL B 224 44.89 -6.17 64.56
C VAL B 224 43.71 -6.57 63.66
N GLU B 225 42.54 -6.78 64.25
CA GLU B 225 41.34 -7.19 63.51
C GLU B 225 40.78 -6.09 62.59
N TYR B 226 40.95 -4.82 62.98
CA TYR B 226 40.59 -3.69 62.11
C TYR B 226 41.52 -3.59 60.90
N ILE B 227 42.82 -3.71 61.13
CA ILE B 227 43.83 -3.68 60.07
C ILE B 227 43.50 -4.69 58.96
N LYS B 228 43.03 -5.87 59.35
CA LYS B 228 42.59 -6.90 58.41
C LYS B 228 41.40 -6.45 57.56
N ARG B 229 40.40 -5.84 58.19
CA ARG B 229 39.23 -5.30 57.48
C ARG B 229 39.58 -4.19 56.48
N ALA B 230 40.52 -3.32 56.86
CA ALA B 230 41.01 -2.26 55.98
C ALA B 230 41.76 -2.82 54.77
N LEU B 231 42.49 -3.92 54.97
CA LEU B 231 43.24 -4.59 53.90
C LEU B 231 42.43 -5.63 53.09
N SER B 232 41.14 -5.80 53.42
CA SER B 232 40.33 -6.86 52.82
C SER B 232 39.77 -6.52 51.43
N LEU B 233 39.56 -7.55 50.62
CA LEU B 233 38.94 -7.45 49.30
C LEU B 233 37.74 -8.40 49.21
N ASN B 234 36.54 -7.85 49.02
CA ASN B 234 35.32 -8.67 48.91
C ASN B 234 35.21 -9.28 47.52
N THR B 235 35.08 -10.59 47.45
CA THR B 235 35.11 -11.34 46.20
C THR B 235 33.72 -11.82 45.77
N MET B 236 33.57 -12.07 44.48
CA MET B 236 32.28 -12.42 43.87
C MET B 236 32.47 -12.84 42.41
N THR B 237 31.55 -13.67 41.92
CA THR B 237 31.62 -14.16 40.54
C THR B 237 31.15 -13.09 39.55
N LYS B 238 31.83 -13.00 38.41
CA LYS B 238 31.46 -12.06 37.35
C LYS B 238 30.35 -12.63 36.47
N ASP B 239 29.18 -11.98 36.51
CA ASP B 239 28.04 -12.38 35.68
C ASP B 239 28.12 -11.73 34.30
N ALA B 240 27.54 -12.42 33.32
CA ALA B 240 27.39 -11.93 31.94
C ALA B 240 28.72 -11.68 31.20
N GLU B 241 29.74 -12.51 31.49
CA GLU B 241 31.04 -12.38 30.83
C GLU B 241 30.98 -13.02 29.45
N ARG B 242 31.39 -12.27 28.43
CA ARG B 242 31.23 -12.68 27.04
C ARG B 242 32.43 -13.48 26.54
N GLY B 243 32.18 -14.36 25.57
CA GLY B 243 33.23 -15.11 24.87
C GLY B 243 34.08 -16.03 25.71
N LYS B 244 33.51 -16.59 26.78
CA LYS B 244 34.23 -17.49 27.68
C LYS B 244 33.33 -18.61 28.21
N LEU B 245 33.89 -19.81 28.33
CA LEU B 245 33.14 -20.98 28.79
C LEU B 245 32.94 -20.93 30.31
N LYS B 246 34.04 -20.99 31.05
CA LYS B 246 34.00 -21.10 32.51
C LYS B 246 33.97 -19.72 33.16
N ARG B 247 33.27 -19.62 34.30
CA ARG B 247 33.15 -18.37 35.04
C ARG B 247 34.40 -18.14 35.89
N ARG B 248 34.53 -16.93 36.43
CA ARG B 248 35.67 -16.58 37.27
C ARG B 248 35.33 -15.49 38.28
N ALA B 249 36.16 -15.38 39.31
CA ALA B 249 35.94 -14.47 40.43
C ALA B 249 36.59 -13.11 40.20
N ILE B 250 35.97 -12.07 40.77
CA ILE B 250 36.51 -10.71 40.75
C ILE B 250 36.36 -10.08 42.14
N ALA B 251 37.35 -9.28 42.53
CA ALA B 251 37.40 -8.65 43.85
C ALA B 251 36.94 -7.19 43.81
N THR B 252 36.57 -6.67 44.98
CA THR B 252 36.20 -5.25 45.16
C THR B 252 36.80 -4.75 46.48
N ALA B 253 37.64 -3.71 46.39
CA ALA B 253 38.40 -3.22 47.54
C ALA B 253 37.63 -2.20 48.36
N GLY B 254 38.16 -1.92 49.56
CA GLY B 254 37.54 -1.01 50.50
C GLY B 254 37.74 0.46 50.18
N ILE B 255 37.09 1.32 50.97
CA ILE B 255 37.15 2.77 50.78
C ILE B 255 38.53 3.38 51.15
N GLN B 256 39.28 2.69 52.00
CA GLN B 256 40.58 3.18 52.48
C GLN B 256 41.61 3.32 51.35
N ILE B 257 41.79 2.23 50.60
CA ILE B 257 42.77 2.16 49.51
C ILE B 257 42.43 3.04 48.28
N ARG B 258 41.14 3.34 48.09
CA ARG B 258 40.65 4.09 46.91
C ARG B 258 41.30 5.46 46.68
N GLY B 259 41.47 6.24 47.75
CA GLY B 259 42.11 7.55 47.67
C GLY B 259 43.53 7.51 47.12
N PHE B 260 44.29 6.49 47.53
CA PHE B 260 45.68 6.32 47.12
C PHE B 260 45.80 5.77 45.70
N VAL B 261 44.87 4.88 45.32
CA VAL B 261 44.85 4.30 43.97
C VAL B 261 44.58 5.35 42.90
N LEU B 262 43.65 6.27 43.18
CA LEU B 262 43.35 7.39 42.28
C LEU B 262 44.59 8.19 41.90
N VAL B 263 45.46 8.44 42.88
CA VAL B 263 46.70 9.20 42.68
C VAL B 263 47.70 8.40 41.84
N VAL B 264 47.85 7.12 42.16
CA VAL B 264 48.77 6.23 41.44
C VAL B 264 48.31 6.02 40.00
N GLU B 265 47.00 5.93 39.78
CA GLU B 265 46.41 5.84 38.44
C GLU B 265 46.48 7.15 37.66
N ASN B 266 46.25 8.27 38.34
CA ASN B 266 46.40 9.59 37.73
C ASN B 266 47.84 9.89 37.32
N LEU B 267 48.80 9.37 38.09
CA LEU B 267 50.23 9.45 37.75
C LEU B 267 50.54 8.66 36.48
N ALA B 268 50.14 7.39 36.47
CA ALA B 268 50.33 6.50 35.32
C ALA B 268 49.52 6.92 34.09
N LYS B 269 48.37 7.54 34.31
CA LYS B 269 47.57 8.15 33.23
C LYS B 269 48.40 9.20 32.49
N ASN B 270 49.00 10.12 33.24
CA ASN B 270 49.84 11.19 32.67
C ASN B 270 51.07 10.68 31.92
N ILE B 271 51.59 9.52 32.32
CA ILE B 271 52.67 8.84 31.57
C ILE B 271 52.09 8.22 30.30
N CYS B 272 51.01 7.45 30.46
CA CYS B 272 50.36 6.73 29.33
C CYS B 272 49.99 7.61 28.15
N GLU B 273 49.41 8.77 28.42
CA GLU B 273 48.99 9.73 27.38
C GLU B 273 50.13 10.09 26.43
N ASN B 274 51.32 10.34 27.01
CA ASN B 274 52.50 10.76 26.25
C ASN B 274 53.21 9.62 25.52
N LEU B 275 53.09 8.38 26.03
CA LEU B 275 53.70 7.21 25.39
C LEU B 275 53.01 6.91 24.05
N GLU B 276 53.82 6.74 23.01
CA GLU B 276 53.33 6.58 21.64
C GLU B 276 52.67 5.21 21.39
N GLN B 277 53.03 4.20 22.19
CA GLN B 277 52.53 2.84 22.03
C GLN B 277 51.51 2.42 23.11
N SER B 278 50.77 3.40 23.65
CA SER B 278 49.78 3.16 24.70
C SER B 278 48.37 3.04 24.11
N GLY B 279 47.60 2.10 24.63
CA GLY B 279 46.19 1.93 24.28
C GLY B 279 45.30 2.79 25.14
N LEU B 280 45.58 2.84 26.45
CA LEU B 280 44.91 3.73 27.39
C LEU B 280 45.69 5.04 27.53
N PRO B 281 45.04 6.12 28.02
CA PRO B 281 43.61 6.27 28.32
C PRO B 281 42.73 6.56 27.09
N VAL B 282 43.36 6.83 25.94
CA VAL B 282 42.66 6.98 24.66
C VAL B 282 41.65 5.87 24.35
N GLY B 283 40.60 6.24 23.63
CA GLY B 283 39.50 5.32 23.32
C GLY B 283 38.65 5.79 22.16
N GLY B 284 37.85 4.88 21.61
CA GLY B 284 36.94 5.20 20.52
C GLY B 284 37.65 5.58 19.23
N ASN B 285 37.23 6.69 18.64
CA ASN B 285 37.83 7.19 17.39
C ASN B 285 39.26 7.71 17.58
N GLU B 286 39.54 8.29 18.74
CA GLU B 286 40.89 8.78 19.07
C GLU B 286 41.91 7.64 19.17
N LYS B 287 41.47 6.48 19.67
CA LYS B 287 42.31 5.27 19.67
C LYS B 287 42.54 4.82 18.22
N LYS B 288 41.45 4.63 17.47
CA LYS B 288 41.53 4.24 16.05
C LYS B 288 42.41 5.18 15.21
N ALA B 289 42.43 6.46 15.56
CA ALA B 289 43.34 7.43 14.96
C ALA B 289 44.80 7.14 15.34
N LYS B 290 45.05 6.95 16.64
CA LYS B 290 46.39 6.72 17.17
C LYS B 290 47.03 5.42 16.67
N LEU B 291 46.24 4.34 16.66
CA LEU B 291 46.74 3.02 16.30
C LEU B 291 47.05 2.88 14.80
N SER B 292 46.16 3.43 13.96
CA SER B 292 46.39 3.46 12.49
C SER B 292 47.65 4.25 12.10
N ASN B 293 47.99 5.27 12.88
CA ASN B 293 49.26 6.01 12.70
C ASN B 293 50.46 5.15 13.12
N ALA B 294 50.33 4.45 14.24
CA ALA B 294 51.38 3.57 14.75
C ALA B 294 51.71 2.39 13.81
N VAL B 295 50.67 1.86 13.14
CA VAL B 295 50.86 0.78 12.16
C VAL B 295 51.50 1.31 10.87
N ALA B 296 51.08 2.49 10.43
CA ALA B 296 51.61 3.13 9.20
C ALA B 296 53.13 3.37 9.23
N LYS B 297 53.66 3.70 10.42
CA LYS B 297 55.09 3.89 10.60
C LYS B 297 55.89 2.59 10.43
N MET B 298 55.43 1.51 11.07
CA MET B 298 56.12 0.22 11.03
C MET B 298 56.13 -0.44 9.65
N LEU B 299 55.12 -0.16 8.83
CA LEU B 299 55.10 -0.60 7.43
C LEU B 299 56.15 0.11 6.57
N SER B 300 56.30 1.42 6.77
CA SER B 300 57.30 2.23 6.06
C SER B 300 58.69 2.23 6.73
N ASN B 301 58.78 1.74 7.97
CA ASN B 301 60.08 1.54 8.65
C ASN B 301 60.99 0.39 8.13
N CYS B 302 60.50 -0.42 7.17
CA CYS B 302 61.23 -1.59 6.61
C CYS B 302 62.59 -1.23 5.94
N PRO B 303 63.47 -2.24 5.75
CA PRO B 303 64.85 -1.96 5.28
C PRO B 303 65.09 -1.30 3.91
N PRO B 304 64.37 -1.68 2.83
CA PRO B 304 63.38 -2.73 2.58
C PRO B 304 63.99 -4.04 2.07
N GLY B 305 63.11 -5.03 1.92
CA GLY B 305 63.48 -6.41 1.56
C GLY B 305 63.33 -7.37 2.72
N GLY B 306 63.44 -6.85 3.95
CA GLY B 306 63.11 -7.61 5.16
C GLY B 306 61.61 -7.81 5.34
N ILE B 307 61.24 -8.34 6.50
CA ILE B 307 59.85 -8.67 6.81
C ILE B 307 59.44 -7.99 8.11
N SER B 308 58.24 -7.38 8.10
CA SER B 308 57.59 -6.89 9.31
C SER B 308 56.47 -7.87 9.66
N MET B 309 56.50 -8.42 10.87
CA MET B 309 55.49 -9.37 11.34
C MET B 309 54.79 -8.84 12.57
N THR B 310 53.45 -8.94 12.58
CA THR B 310 52.63 -8.53 13.71
C THR B 310 52.19 -9.75 14.51
N VAL B 311 52.29 -9.66 15.83
CA VAL B 311 51.86 -10.71 16.75
C VAL B 311 50.55 -10.28 17.39
N THR B 312 49.48 -11.03 17.16
CA THR B 312 48.21 -10.84 17.87
C THR B 312 48.40 -11.32 19.31
N GLY B 313 48.68 -10.37 20.20
CA GLY B 313 49.09 -10.68 21.56
C GLY B 313 47.95 -11.05 22.51
N ASP B 314 48.29 -11.82 23.54
CA ASP B 314 47.39 -12.14 24.64
C ASP B 314 48.20 -12.70 25.80
N ASN B 315 48.16 -12.06 26.97
CA ASN B 315 48.91 -12.50 28.15
C ASN B 315 48.03 -13.32 29.10
N THR B 316 48.52 -14.47 29.55
CA THR B 316 47.80 -15.34 30.49
C THR B 316 48.12 -15.00 31.95
N LYS B 317 47.11 -15.10 32.81
CA LYS B 317 47.25 -14.89 34.26
C LYS B 317 47.85 -13.52 34.60
N TRP B 318 47.26 -12.48 34.03
CA TRP B 318 47.77 -11.11 34.13
C TRP B 318 47.80 -10.61 35.57
N ASN B 319 46.63 -10.54 36.20
CA ASN B 319 46.50 -10.04 37.57
C ASN B 319 47.15 -10.95 38.62
N GLU B 320 47.17 -12.25 38.34
CA GLU B 320 47.66 -13.26 39.31
C GLU B 320 49.19 -13.27 39.46
N CYS B 321 49.91 -12.97 38.38
CA CYS B 321 51.38 -12.99 38.39
C CYS B 321 52.02 -11.65 38.80
N LEU B 322 51.45 -10.54 38.32
CA LEU B 322 51.95 -9.19 38.65
C LEU B 322 51.88 -8.93 40.15
N ASN B 323 53.03 -8.59 40.74
CA ASN B 323 53.15 -8.39 42.19
C ASN B 323 53.05 -6.91 42.58
N PRO B 324 52.39 -6.61 43.73
CA PRO B 324 52.39 -5.25 44.29
C PRO B 324 53.77 -4.67 44.66
N ARG B 325 54.70 -5.55 45.00
CA ARG B 325 56.08 -5.14 45.35
C ARG B 325 56.82 -4.52 44.16
N ILE B 326 56.48 -4.95 42.95
CA ILE B 326 57.02 -4.35 41.72
C ILE B 326 56.39 -2.98 41.48
N PHE B 327 55.07 -2.89 41.67
CA PHE B 327 54.34 -1.61 41.53
C PHE B 327 54.77 -0.56 42.59
N LEU B 328 55.23 -1.03 43.74
CA LEU B 328 55.86 -0.15 44.74
C LEU B 328 57.17 0.44 44.22
N ALA B 329 58.00 -0.41 43.61
CA ALA B 329 59.25 0.02 42.99
C ALA B 329 59.04 0.95 41.80
N MET B 330 57.96 0.74 41.04
CA MET B 330 57.61 1.62 39.91
C MET B 330 57.29 3.05 40.36
N THR B 331 56.54 3.19 41.45
CA THR B 331 56.23 4.52 42.00
C THR B 331 57.47 5.24 42.57
N GLU B 332 58.38 4.47 43.16
CA GLU B 332 59.63 5.01 43.71
C GLU B 332 60.59 5.53 42.63
N ARG B 333 60.64 4.86 41.49
CA ARG B 333 61.44 5.33 40.35
C ARG B 333 60.77 6.57 39.74
N ILE B 334 59.47 6.47 39.44
CA ILE B 334 58.72 7.54 38.77
C ILE B 334 58.75 8.88 39.51
N THR B 335 58.60 8.84 40.83
CA THR B 335 58.53 10.06 41.65
C THR B 335 59.91 10.42 42.24
N ARG B 336 60.93 10.52 41.39
CA ARG B 336 62.31 10.73 41.85
C ARG B 336 62.50 12.15 42.37
N ASP B 337 62.22 13.13 41.51
CA ASP B 337 62.45 14.54 41.81
C ASP B 337 61.39 15.16 42.73
N SER B 338 60.25 14.51 42.86
CA SER B 338 59.17 14.98 43.75
C SER B 338 59.56 14.90 45.22
N PRO B 339 58.89 15.70 46.09
CA PRO B 339 59.23 15.70 47.53
C PRO B 339 58.90 14.39 48.24
N ILE B 340 59.35 14.28 49.49
CA ILE B 340 59.26 13.04 50.25
C ILE B 340 57.82 12.69 50.63
N TRP B 341 56.99 13.70 50.91
CA TRP B 341 55.58 13.47 51.25
C TRP B 341 54.80 12.81 50.10
N PHE B 342 55.06 13.24 48.87
CA PHE B 342 54.37 12.73 47.69
C PHE B 342 54.89 11.35 47.28
N ARG B 343 56.19 11.13 47.44
CA ARG B 343 56.79 9.79 47.32
C ARG B 343 56.13 8.80 48.29
N ASP B 344 55.94 9.24 49.52
CA ASP B 344 55.27 8.44 50.55
C ASP B 344 53.78 8.20 50.29
N PHE B 345 53.11 9.18 49.67
CA PHE B 345 51.68 9.05 49.33
C PHE B 345 51.45 8.00 48.24
N CYS B 346 52.21 8.10 47.15
CA CYS B 346 52.12 7.14 46.04
C CYS B 346 52.53 5.72 46.45
N SER B 347 53.44 5.60 47.42
CA SER B 347 53.90 4.30 47.91
C SER B 347 52.88 3.52 48.74
N ILE B 348 51.89 4.20 49.31
CA ILE B 348 50.90 3.56 50.19
C ILE B 348 50.03 2.52 49.47
N ALA B 349 49.54 2.85 48.28
CA ALA B 349 48.63 1.96 47.55
C ALA B 349 49.24 0.58 47.22
N PRO B 350 50.48 0.55 46.69
CA PRO B 350 51.17 -0.75 46.54
C PRO B 350 51.41 -1.52 47.84
N VAL B 351 51.68 -0.81 48.94
CA VAL B 351 51.92 -1.44 50.26
C VAL B 351 50.67 -2.16 50.79
N LEU B 352 49.52 -1.55 50.61
CA LEU B 352 48.25 -2.15 51.03
C LEU B 352 47.89 -3.38 50.20
N PHE B 353 48.12 -3.31 48.89
CA PHE B 353 47.98 -4.48 48.00
C PHE B 353 48.99 -5.59 48.32
N SER B 354 50.20 -5.21 48.73
CA SER B 354 51.23 -6.19 49.12
C SER B 354 50.89 -6.97 50.39
N ASN B 355 50.13 -6.36 51.29
CA ASN B 355 49.69 -7.01 52.54
C ASN B 355 48.18 -7.25 52.61
N LYS B 356 47.54 -7.43 51.45
CA LYS B 356 46.09 -7.57 51.36
C LYS B 356 45.59 -8.94 51.85
N ILE B 357 44.29 -8.99 52.12
CA ILE B 357 43.58 -10.22 52.50
C ILE B 357 42.38 -10.38 51.57
N ALA B 358 42.08 -11.62 51.19
CA ALA B 358 40.99 -11.92 50.27
C ALA B 358 39.85 -12.65 51.00
N ARG B 359 38.68 -12.01 51.04
CA ARG B 359 37.46 -12.65 51.57
C ARG B 359 37.00 -13.72 50.58
N LEU B 360 36.37 -14.77 51.09
CA LEU B 360 36.05 -15.96 50.28
C LEU B 360 34.54 -16.16 50.02
N GLY B 361 33.80 -15.06 49.94
CA GLY B 361 32.39 -15.10 49.54
C GLY B 361 31.45 -15.72 50.56
N LYS B 362 30.45 -16.46 50.08
CA LYS B 362 29.45 -17.09 50.93
C LYS B 362 30.01 -18.34 51.59
N GLY B 363 30.50 -19.26 50.78
CA GLY B 363 31.04 -20.55 51.24
C GLY B 363 30.68 -21.67 50.28
N PHE B 364 30.35 -22.84 50.83
CA PHE B 364 29.92 -24.00 50.05
C PHE B 364 28.63 -24.59 50.62
N MET B 365 27.76 -25.07 49.75
CA MET B 365 26.49 -25.69 50.14
C MET B 365 26.65 -27.20 50.23
N ILE B 366 26.12 -27.78 51.31
CA ILE B 366 26.03 -29.24 51.46
C ILE B 366 24.56 -29.66 51.49
N THR B 367 24.27 -30.81 50.87
CA THR B 367 22.90 -31.30 50.71
C THR B 367 22.81 -32.81 50.88
N SER B 368 21.60 -33.28 51.21
CA SER B 368 21.26 -34.70 51.20
C SER B 368 20.07 -34.90 50.26
N LYS B 369 20.30 -35.60 49.14
CA LYS B 369 19.23 -35.88 48.17
C LYS B 369 18.14 -36.80 48.72
N THR B 370 18.52 -37.69 49.65
CA THR B 370 17.56 -38.61 50.29
C THR B 370 16.53 -37.84 51.12
N LYS B 371 17.02 -36.94 51.97
CA LYS B 371 16.15 -36.11 52.82
C LYS B 371 15.62 -34.84 52.10
N ARG B 372 16.29 -34.43 51.03
CA ARG B 372 16.01 -33.18 50.30
C ARG B 372 16.14 -31.96 51.23
N LEU B 373 17.34 -31.81 51.78
CA LEU B 373 17.68 -30.73 52.71
C LEU B 373 19.01 -30.10 52.29
N LYS B 374 19.09 -28.76 52.39
CA LYS B 374 20.30 -28.02 52.02
C LYS B 374 20.76 -27.09 53.14
N ALA B 375 22.04 -26.74 53.12
CA ALA B 375 22.63 -25.88 54.15
C ALA B 375 23.93 -25.21 53.66
N GLN B 376 23.98 -23.89 53.78
CA GLN B 376 25.20 -23.12 53.47
C GLN B 376 26.15 -23.19 54.66
N ILE B 377 27.39 -23.63 54.40
CA ILE B 377 28.47 -23.62 55.38
C ILE B 377 29.27 -22.32 55.16
N PRO B 378 29.30 -21.40 56.15
CA PRO B 378 30.12 -20.20 56.01
C PRO B 378 31.64 -20.45 55.94
N CYS B 379 32.39 -19.40 55.61
CA CYS B 379 33.84 -19.48 55.51
C CYS B 379 34.56 -19.65 56.86
N PRO B 380 34.05 -19.03 57.95
CA PRO B 380 34.58 -19.36 59.29
C PRO B 380 34.44 -20.82 59.70
N ASP B 381 33.30 -21.44 59.36
CA ASP B 381 33.05 -22.86 59.67
C ASP B 381 33.38 -23.79 58.50
N LEU B 382 34.35 -23.40 57.67
CA LEU B 382 34.66 -24.10 56.41
C LEU B 382 35.34 -25.45 56.66
N PHE B 383 36.30 -25.47 57.59
CA PHE B 383 36.99 -26.70 57.98
C PHE B 383 36.33 -27.45 59.15
N SER B 384 35.26 -26.88 59.73
CA SER B 384 34.50 -27.55 60.79
C SER B 384 33.60 -28.66 60.21
N ILE B 385 34.25 -29.68 59.65
CA ILE B 385 33.61 -30.72 58.83
C ILE B 385 34.74 -31.56 58.20
N PRO B 386 34.57 -32.90 58.12
CA PRO B 386 35.56 -33.71 57.39
C PRO B 386 35.64 -33.36 55.90
N LEU B 387 36.85 -33.33 55.36
CA LEU B 387 37.08 -32.95 53.96
C LEU B 387 36.59 -34.00 52.95
N GLU B 388 36.33 -35.22 53.42
CA GLU B 388 35.67 -36.25 52.61
C GLU B 388 34.23 -35.89 52.24
N ARG B 389 33.56 -35.13 53.11
CA ARG B 389 32.17 -34.71 52.86
C ARG B 389 32.05 -33.64 51.76
N TYR B 390 33.14 -32.89 51.52
CA TYR B 390 33.25 -32.06 50.31
C TYR B 390 33.57 -32.94 49.10
N ASN B 391 33.29 -32.43 47.90
CA ASN B 391 33.49 -33.22 46.67
C ASN B 391 34.97 -33.38 46.30
N GLU B 392 35.25 -34.22 45.30
CA GLU B 392 36.63 -34.60 44.95
C GLU B 392 37.51 -33.41 44.53
N GLU B 393 36.96 -32.49 43.75
CA GLU B 393 37.70 -31.32 43.27
C GLU B 393 37.89 -30.25 44.36
N THR B 394 36.84 -30.00 45.14
CA THR B 394 36.88 -29.01 46.24
C THR B 394 37.78 -29.45 47.40
N ARG B 395 37.91 -30.77 47.60
CA ARG B 395 38.78 -31.33 48.63
C ARG B 395 40.24 -30.92 48.42
N ALA B 396 40.71 -31.07 47.19
CA ALA B 396 42.08 -30.70 46.81
C ALA B 396 42.37 -29.20 46.96
N LYS B 397 41.37 -28.36 46.71
CA LYS B 397 41.49 -26.91 46.87
C LYS B 397 41.64 -26.49 48.34
N LEU B 398 40.81 -27.07 49.20
CA LEU B 398 40.85 -26.77 50.64
C LEU B 398 42.14 -27.22 51.33
N LYS B 399 42.75 -28.29 50.83
CA LYS B 399 44.06 -28.74 51.32
C LYS B 399 45.18 -27.76 50.95
N LYS B 400 45.17 -27.28 49.71
CA LYS B 400 46.15 -26.28 49.25
C LYS B 400 45.95 -24.90 49.88
N LEU B 401 44.73 -24.59 50.28
CA LEU B 401 44.40 -23.32 50.94
C LEU B 401 44.86 -23.25 52.41
N LYS B 402 44.99 -24.40 53.07
CA LYS B 402 45.36 -24.48 54.51
C LYS B 402 46.43 -23.50 55.01
N PRO B 403 47.62 -23.47 54.38
CA PRO B 403 48.68 -22.55 54.86
C PRO B 403 48.33 -21.06 54.81
N PHE B 404 47.49 -20.66 53.86
CA PHE B 404 47.10 -19.25 53.68
C PHE B 404 45.76 -18.90 54.35
N PHE B 405 45.08 -19.90 54.91
CA PHE B 405 43.74 -19.72 55.48
C PHE B 405 43.80 -19.10 56.87
N ASN B 406 42.91 -18.14 57.13
CA ASN B 406 42.86 -17.42 58.41
C ASN B 406 41.73 -17.90 59.31
N GLU B 407 41.83 -17.56 60.60
CA GLU B 407 40.86 -18.00 61.63
C GLU B 407 39.46 -17.42 61.42
N GLU B 408 39.37 -16.20 60.91
CA GLU B 408 38.08 -15.51 60.71
C GLU B 408 37.41 -15.80 59.34
N GLY B 409 37.88 -16.82 58.63
CA GLY B 409 37.27 -17.23 57.35
C GLY B 409 37.68 -16.34 56.19
N THR B 410 38.97 -16.03 56.11
CA THR B 410 39.54 -15.26 54.99
C THR B 410 40.86 -15.91 54.58
N ALA B 411 41.43 -15.45 53.47
CA ALA B 411 42.68 -15.98 52.95
C ALA B 411 43.71 -14.86 52.75
N SER B 412 44.93 -15.10 53.24
CA SER B 412 46.06 -14.20 52.98
C SER B 412 46.48 -14.31 51.53
N LEU B 413 46.84 -13.19 50.93
CA LEU B 413 47.20 -13.15 49.51
C LEU B 413 48.13 -11.98 49.21
N SER B 414 49.42 -12.17 49.52
CA SER B 414 50.44 -11.15 49.28
C SER B 414 50.72 -10.90 47.79
N PRO B 415 50.95 -11.98 47.00
CA PRO B 415 51.20 -11.76 45.57
C PRO B 415 49.90 -11.58 44.78
N GLY B 416 50.04 -11.22 43.50
CA GLY B 416 48.90 -11.03 42.62
C GLY B 416 48.09 -9.78 42.93
N MET B 417 47.00 -9.59 42.17
CA MET B 417 46.11 -8.44 42.32
C MET B 417 44.61 -8.78 42.43
N MET B 418 44.25 -10.06 42.34
CA MET B 418 42.85 -10.51 42.12
C MET B 418 42.18 -9.80 40.94
N MET B 419 41.64 -8.61 41.18
CA MET B 419 41.24 -7.69 40.11
C MET B 419 41.94 -6.37 40.41
N GLY B 420 43.15 -6.24 39.86
CA GLY B 420 43.98 -5.08 40.08
C GLY B 420 43.40 -3.81 39.49
N MET B 421 43.34 -2.77 40.30
CA MET B 421 42.86 -1.45 39.85
C MET B 421 43.91 -0.74 39.00
N PHE B 422 45.17 -1.16 39.13
CA PHE B 422 46.26 -0.57 38.35
C PHE B 422 46.23 -1.04 36.90
N ASN B 423 45.39 -0.39 36.10
CA ASN B 423 45.35 -0.60 34.65
C ASN B 423 46.42 0.27 33.98
N MET B 424 46.41 1.55 34.31
CA MET B 424 47.33 2.53 33.73
C MET B 424 48.78 2.18 34.08
N LEU B 425 49.04 1.95 35.37
CA LEU B 425 50.39 1.63 35.85
C LEU B 425 50.91 0.30 35.29
N SER B 426 50.03 -0.68 35.10
CA SER B 426 50.39 -1.94 34.46
C SER B 426 50.60 -1.80 32.95
N THR B 427 49.86 -0.90 32.31
CA THR B 427 50.08 -0.57 30.90
C THR B 427 51.46 0.07 30.68
N VAL B 428 51.91 0.89 31.62
CA VAL B 428 53.27 1.46 31.60
C VAL B 428 54.32 0.33 31.67
N LEU B 429 54.10 -0.63 32.55
CA LEU B 429 54.97 -1.80 32.68
C LEU B 429 54.97 -2.68 31.42
N GLY B 430 53.82 -2.77 30.76
CA GLY B 430 53.72 -3.47 29.48
C GLY B 430 54.40 -2.74 28.33
N VAL B 431 54.27 -1.41 28.32
CA VAL B 431 54.99 -0.55 27.36
C VAL B 431 56.50 -0.56 27.65
N ALA B 432 56.88 -0.66 28.93
CA ALA B 432 58.28 -0.73 29.33
C ALA B 432 59.02 -1.89 28.66
N ALA B 433 58.33 -3.03 28.51
CA ALA B 433 58.85 -4.18 27.73
C ALA B 433 58.98 -3.86 26.25
N LEU B 434 57.98 -3.17 25.70
CA LEU B 434 58.01 -2.71 24.30
C LEU B 434 59.12 -1.71 24.01
N GLY B 435 59.50 -0.92 25.03
CA GLY B 435 60.54 0.10 24.91
C GLY B 435 61.98 -0.38 24.73
N ILE B 436 62.27 -1.65 25.03
CA ILE B 436 63.62 -2.21 24.85
C ILE B 436 63.97 -2.30 23.36
N LYS B 437 63.06 -2.87 22.57
CA LYS B 437 63.16 -2.96 21.09
C LYS B 437 64.19 -3.96 20.52
N ASN B 438 65.33 -4.11 21.18
CA ASN B 438 66.37 -5.05 20.76
C ASN B 438 67.16 -5.57 21.95
N ILE B 439 67.59 -6.83 21.88
CA ILE B 439 68.47 -7.44 22.89
C ILE B 439 69.61 -8.20 22.20
N GLY B 440 70.83 -7.93 22.65
CA GLY B 440 72.04 -8.54 22.09
C GLY B 440 72.43 -8.03 20.71
N ASN B 441 71.99 -6.82 20.36
CA ASN B 441 72.26 -6.20 19.05
C ASN B 441 71.98 -7.11 17.84
N LYS B 442 70.93 -7.93 17.95
CA LYS B 442 70.57 -8.88 16.90
C LYS B 442 69.86 -8.16 15.76
N GLU B 443 69.75 -8.83 14.61
CA GLU B 443 69.17 -8.21 13.41
C GLU B 443 67.64 -8.18 13.45
N TYR B 444 67.10 -7.41 14.39
CA TYR B 444 65.65 -7.14 14.47
C TYR B 444 65.39 -5.88 15.29
N LEU B 445 64.17 -5.35 15.18
CA LEU B 445 63.73 -4.22 16.01
C LEU B 445 62.23 -4.37 16.30
N TRP B 446 61.89 -4.72 17.54
CA TRP B 446 60.48 -4.86 17.92
C TRP B 446 59.91 -3.55 18.45
N ASP B 447 58.59 -3.40 18.28
CA ASP B 447 57.80 -2.35 18.93
C ASP B 447 56.37 -2.90 19.02
N GLY B 448 55.44 -2.15 19.60
CA GLY B 448 54.08 -2.66 19.69
C GLY B 448 53.02 -1.71 20.18
N LEU B 449 51.95 -2.30 20.72
CA LEU B 449 50.84 -1.57 21.33
C LEU B 449 50.41 -2.32 22.59
N GLN B 450 50.05 -1.59 23.64
CA GLN B 450 49.71 -2.17 24.93
C GLN B 450 48.45 -1.53 25.51
N SER B 451 47.58 -2.35 26.09
CA SER B 451 46.34 -1.88 26.71
C SER B 451 46.02 -2.80 27.89
N SER B 452 46.74 -2.57 28.99
CA SER B 452 46.74 -3.46 30.16
C SER B 452 47.19 -4.89 29.77
N ASP B 453 46.27 -5.85 29.72
CA ASP B 453 46.63 -7.26 29.47
C ASP B 453 46.88 -7.58 27.99
N ASP B 454 45.99 -7.11 27.11
CA ASP B 454 46.11 -7.37 25.67
C ASP B 454 47.19 -6.48 25.05
N PHE B 455 47.96 -7.04 24.12
CA PHE B 455 49.01 -6.31 23.41
C PHE B 455 49.04 -6.68 21.92
N ALA B 456 49.93 -6.02 21.18
CA ALA B 456 50.19 -6.37 19.79
C ALA B 456 51.62 -5.96 19.41
N LEU B 457 52.47 -6.96 19.13
CA LEU B 457 53.91 -6.75 18.92
C LEU B 457 54.27 -6.75 17.42
N PHE B 458 54.83 -5.64 16.94
CA PHE B 458 55.41 -5.55 15.59
C PHE B 458 56.89 -5.91 15.67
N VAL B 459 57.39 -6.68 14.68
CA VAL B 459 58.78 -7.13 14.66
C VAL B 459 59.37 -7.01 13.25
N ASN B 460 60.20 -5.99 13.05
CA ASN B 460 60.94 -5.80 11.79
C ASN B 460 62.27 -6.54 11.82
N ALA B 461 62.56 -7.30 10.76
CA ALA B 461 63.85 -7.99 10.61
C ALA B 461 64.08 -8.41 9.16
N LYS B 462 65.30 -8.85 8.86
CA LYS B 462 65.71 -9.19 7.49
C LYS B 462 65.13 -10.52 6.98
N ASP B 463 64.91 -11.47 7.89
CA ASP B 463 64.24 -12.74 7.57
C ASP B 463 63.39 -13.22 8.74
N GLU B 464 62.38 -14.04 8.44
CA GLU B 464 61.37 -14.45 9.43
C GLU B 464 61.91 -15.38 10.53
N GLU B 465 63.00 -16.09 10.27
CA GLU B 465 63.68 -16.86 11.32
C GLU B 465 64.18 -15.98 12.47
N THR B 466 64.63 -14.77 12.13
CA THR B 466 65.07 -13.78 13.12
C THR B 466 63.88 -13.09 13.82
N CYS B 467 62.79 -12.88 13.08
CA CYS B 467 61.55 -12.32 13.65
C CYS B 467 61.05 -13.16 14.83
N MET B 468 60.99 -14.47 14.63
CA MET B 468 60.55 -15.41 15.67
C MET B 468 61.52 -15.44 16.85
N GLU B 469 62.81 -15.30 16.58
CA GLU B 469 63.83 -15.15 17.64
C GLU B 469 63.64 -13.83 18.41
N GLY B 470 63.25 -12.78 17.70
CA GLY B 470 62.84 -11.51 18.33
C GLY B 470 61.60 -11.63 19.20
N ILE B 471 60.61 -12.39 18.72
CA ILE B 471 59.41 -12.69 19.51
C ILE B 471 59.78 -13.55 20.71
N ASN B 472 60.68 -14.52 20.51
CA ASN B 472 61.21 -15.35 21.59
C ASN B 472 61.96 -14.52 22.65
N ASP B 473 62.72 -13.53 22.20
CA ASP B 473 63.40 -12.59 23.12
C ASP B 473 62.40 -11.69 23.87
N PHE B 474 61.31 -11.28 23.20
CA PHE B 474 60.24 -10.52 23.86
C PHE B 474 59.51 -11.37 24.91
N TYR B 475 59.16 -12.60 24.54
CA TYR B 475 58.53 -13.55 25.46
C TYR B 475 59.34 -13.69 26.75
N ARG B 476 60.65 -13.92 26.58
CA ARG B 476 61.56 -14.14 27.71
C ARG B 476 61.82 -12.87 28.54
N THR B 477 61.84 -11.72 27.89
CA THR B 477 61.99 -10.43 28.59
C THR B 477 60.78 -10.14 29.48
N CYS B 478 59.58 -10.43 28.97
CA CYS B 478 58.34 -10.23 29.71
C CYS B 478 58.25 -11.10 30.98
N LYS B 479 58.82 -12.30 30.95
CA LYS B 479 58.88 -13.18 32.12
C LYS B 479 59.66 -12.56 33.29
N LEU B 480 60.65 -11.73 32.98
CA LEU B 480 61.45 -11.03 33.99
C LEU B 480 60.70 -9.88 34.68
N LEU B 481 59.64 -9.38 34.04
CA LEU B 481 58.78 -8.32 34.60
C LEU B 481 57.52 -8.85 35.30
N GLY B 482 57.25 -10.15 35.19
CA GLY B 482 56.03 -10.77 35.73
C GLY B 482 54.86 -10.75 34.74
N ILE B 483 55.18 -10.82 33.45
CA ILE B 483 54.19 -10.80 32.37
C ILE B 483 54.35 -12.09 31.56
N ASN B 484 53.27 -12.88 31.50
CA ASN B 484 53.31 -14.20 30.86
C ASN B 484 52.48 -14.23 29.59
N MET B 485 53.17 -14.27 28.45
CA MET B 485 52.52 -14.33 27.14
C MET B 485 51.87 -15.69 26.95
N SER B 486 50.60 -15.70 26.57
CA SER B 486 49.86 -16.93 26.34
C SER B 486 50.23 -17.49 24.97
N LYS B 487 51.05 -18.53 24.95
CA LYS B 487 51.38 -19.27 23.72
C LYS B 487 50.14 -19.93 23.10
N LYS B 488 49.18 -20.29 23.96
CA LYS B 488 47.94 -20.94 23.53
C LYS B 488 47.04 -19.97 22.76
N LYS B 489 46.81 -18.79 23.33
CA LYS B 489 45.87 -17.80 22.76
C LYS B 489 46.51 -16.80 21.78
N SER B 490 47.80 -16.51 21.92
CA SER B 490 48.50 -15.61 20.99
C SER B 490 48.86 -16.32 19.67
N TYR B 491 49.07 -15.52 18.64
CA TYR B 491 49.53 -16.01 17.33
C TYR B 491 50.15 -14.87 16.52
N CYS B 492 50.77 -15.21 15.40
CA CYS B 492 51.57 -14.26 14.62
C CYS B 492 51.45 -14.45 13.11
N ASN B 493 51.74 -13.39 12.37
CA ASN B 493 51.73 -13.39 10.90
C ASN B 493 52.46 -12.15 10.35
N GLU B 494 52.60 -12.07 9.02
CA GLU B 494 53.18 -10.89 8.37
C GLU B 494 52.23 -9.69 8.54
N THR B 495 52.82 -8.50 8.65
CA THR B 495 52.06 -7.28 8.94
C THR B 495 51.13 -6.93 7.78
N GLY B 496 49.94 -6.44 8.15
CA GLY B 496 48.83 -6.26 7.21
C GLY B 496 47.50 -6.49 7.92
N MET B 497 47.45 -7.54 8.75
CA MET B 497 46.28 -7.81 9.60
C MET B 497 46.67 -8.36 10.98
N PHE B 498 45.86 -8.01 11.98
CA PHE B 498 46.04 -8.45 13.37
C PHE B 498 44.78 -8.14 14.19
N GLU B 499 44.81 -8.44 15.49
CA GLU B 499 43.73 -8.08 16.42
C GLU B 499 44.31 -7.44 17.68
N PHE B 500 43.59 -6.45 18.22
CA PHE B 500 44.01 -5.71 19.41
C PHE B 500 42.81 -5.08 20.12
N THR B 501 42.52 -5.53 21.35
CA THR B 501 41.33 -5.12 22.12
C THR B 501 40.02 -5.32 21.33
N SER B 502 39.91 -6.50 20.71
CA SER B 502 38.76 -6.88 19.87
C SER B 502 38.55 -6.03 18.59
N MET B 503 39.56 -5.26 18.20
CA MET B 503 39.52 -4.46 16.97
C MET B 503 40.35 -5.17 15.93
N PHE B 504 39.72 -5.54 14.81
CA PHE B 504 40.35 -6.36 13.79
C PHE B 504 40.86 -5.49 12.64
N TYR B 505 42.16 -5.60 12.35
CA TYR B 505 42.84 -4.80 11.35
C TYR B 505 43.01 -5.61 10.06
N ARG B 506 42.89 -4.94 8.92
CA ARG B 506 43.11 -5.55 7.61
C ARG B 506 43.37 -4.43 6.60
N ASP B 507 44.63 -4.00 6.53
CA ASP B 507 45.04 -2.80 5.78
C ASP B 507 44.25 -1.56 6.22
N GLY B 508 43.85 -1.55 7.50
CA GLY B 508 42.94 -0.54 8.07
C GLY B 508 41.92 -1.25 8.94
N PHE B 509 41.52 -0.61 10.04
CA PHE B 509 40.57 -1.21 10.98
C PHE B 509 39.19 -1.41 10.34
N VAL B 510 38.72 -2.65 10.30
CA VAL B 510 37.40 -2.98 9.74
C VAL B 510 36.35 -2.82 10.85
N SER B 511 35.15 -2.39 10.47
CA SER B 511 34.07 -2.18 11.43
C SER B 511 33.52 -3.51 11.94
N ASN B 512 33.04 -3.50 13.19
CA ASN B 512 32.46 -4.67 13.83
C ASN B 512 31.17 -4.27 14.54
N PHE B 513 30.04 -4.50 13.87
CA PHE B 513 28.74 -4.04 14.33
C PHE B 513 28.20 -4.82 15.53
N ALA B 514 28.51 -6.12 15.58
CA ALA B 514 28.05 -7.01 16.66
C ALA B 514 28.54 -6.63 18.06
N MET B 515 29.67 -5.91 18.15
CA MET B 515 30.19 -5.41 19.43
C MET B 515 29.24 -4.42 20.12
N GLU B 516 28.62 -3.55 19.34
CA GLU B 516 27.68 -2.53 19.85
C GLU B 516 26.20 -2.95 19.78
N LEU B 517 25.91 -4.17 19.34
CA LEU B 517 24.53 -4.60 19.08
C LEU B 517 23.62 -4.66 20.33
N PRO B 518 24.16 -5.04 21.50
CA PRO B 518 23.33 -5.01 22.73
C PRO B 518 22.85 -3.61 23.19
N SER B 519 23.54 -2.55 22.77
CA SER B 519 23.14 -1.18 23.13
C SER B 519 21.90 -0.66 22.37
N PHE B 520 21.55 -1.30 21.26
CA PHE B 520 20.41 -0.85 20.42
C PHE B 520 19.02 -0.94 21.07
N GLY B 521 18.87 -1.80 22.08
CA GLY B 521 17.60 -1.94 22.79
C GLY B 521 17.25 -0.76 23.68
N VAL B 522 16.24 -0.95 24.53
CA VAL B 522 15.78 0.09 25.45
C VAL B 522 16.77 0.16 26.62
N ALA B 523 17.19 1.38 26.95
CA ALA B 523 18.29 1.61 27.92
C ALA B 523 17.90 1.30 29.37
N GLY B 524 16.67 1.64 29.75
CA GLY B 524 16.15 1.41 31.10
C GLY B 524 16.14 2.59 32.05
N VAL B 525 16.29 3.81 31.53
CA VAL B 525 16.18 5.03 32.35
C VAL B 525 14.70 5.45 32.44
N ASN B 526 14.15 6.01 31.36
CA ASN B 526 12.72 6.33 31.27
C ASN B 526 12.30 6.60 29.81
N GLU B 527 10.98 6.76 29.59
CA GLU B 527 10.42 6.98 28.25
C GLU B 527 11.04 8.14 27.46
N SER B 528 11.16 9.30 28.09
CA SER B 528 11.74 10.49 27.45
C SER B 528 13.23 10.34 27.18
N ALA B 529 13.96 9.83 28.18
CA ALA B 529 15.42 9.66 28.07
C ALA B 529 15.81 8.54 27.10
N ASP B 530 15.15 7.40 27.18
CA ASP B 530 15.46 6.24 26.34
C ASP B 530 15.16 6.47 24.86
N MET B 531 14.15 7.30 24.56
CA MET B 531 13.88 7.72 23.18
C MET B 531 15.07 8.49 22.63
N ALA B 532 15.52 9.51 23.38
CA ALA B 532 16.70 10.30 23.01
C ALA B 532 17.96 9.43 22.88
N ILE B 533 18.14 8.49 23.80
CA ILE B 533 19.25 7.54 23.75
C ILE B 533 19.15 6.64 22.51
N GLY B 534 18.00 6.00 22.35
CA GLY B 534 17.74 5.06 21.25
C GLY B 534 18.05 5.59 19.87
N MET B 535 17.70 6.84 19.61
CA MET B 535 18.01 7.49 18.34
C MET B 535 19.50 7.87 18.25
N THR B 536 20.07 8.34 19.36
CA THR B 536 21.50 8.67 19.42
C THR B 536 22.40 7.45 19.19
N ILE B 537 22.01 6.30 19.75
CA ILE B 537 22.73 5.04 19.54
C ILE B 537 22.71 4.65 18.04
N ILE B 538 21.54 4.81 17.41
CA ILE B 538 21.40 4.56 15.96
C ILE B 538 22.23 5.58 15.17
N LYS B 539 22.23 6.83 15.62
CA LYS B 539 22.99 7.91 14.98
C LYS B 539 24.51 7.71 15.08
N ASN B 540 24.99 7.31 16.26
CA ASN B 540 26.42 7.07 16.48
C ASN B 540 26.96 5.87 15.69
N ASN B 541 26.19 4.79 15.64
CA ASN B 541 26.60 3.58 14.91
C ASN B 541 26.64 3.76 13.38
N MET B 542 25.86 4.70 12.85
CA MET B 542 25.98 5.12 11.43
C MET B 542 27.33 5.78 11.17
N ILE B 543 27.78 6.61 12.10
CA ILE B 543 29.02 7.36 11.97
C ILE B 543 30.24 6.45 12.18
N ASN B 544 30.22 5.69 13.28
CA ASN B 544 31.39 4.93 13.73
C ASN B 544 31.44 3.48 13.26
N ASN B 545 30.41 2.71 13.62
CA ASN B 545 30.40 1.24 13.44
C ASN B 545 29.94 0.75 12.05
N GLY B 546 29.74 1.66 11.11
CA GLY B 546 29.47 1.29 9.72
C GLY B 546 28.09 0.70 9.44
N MET B 547 27.08 1.25 10.11
CA MET B 547 25.69 0.88 9.85
C MET B 547 25.17 1.72 8.68
N GLY B 548 24.74 1.06 7.62
CA GLY B 548 24.19 1.74 6.45
C GLY B 548 22.79 2.30 6.69
N PRO B 549 22.27 3.10 5.74
CA PRO B 549 20.97 3.75 5.91
C PRO B 549 19.77 2.79 6.01
N ALA B 550 19.80 1.69 5.25
CA ALA B 550 18.72 0.69 5.31
C ALA B 550 18.66 0.02 6.69
N THR B 551 19.81 -0.42 7.18
CA THR B 551 19.93 -1.02 8.51
C THR B 551 19.70 0.01 9.62
N ALA B 552 20.09 1.26 9.37
CA ALA B 552 19.82 2.36 10.31
C ALA B 552 18.32 2.62 10.46
N GLN B 553 17.61 2.68 9.33
CA GLN B 553 16.15 2.85 9.33
C GLN B 553 15.40 1.66 9.94
N THR B 554 15.92 0.44 9.72
CA THR B 554 15.38 -0.75 10.37
C THR B 554 15.61 -0.70 11.89
N ALA B 555 16.77 -0.20 12.31
CA ALA B 555 17.07 -0.01 13.73
C ALA B 555 16.15 1.02 14.40
N ILE B 556 15.69 2.01 13.64
CA ILE B 556 14.66 2.94 14.11
C ILE B 556 13.36 2.17 14.35
N GLN B 557 12.95 1.39 13.35
CA GLN B 557 11.70 0.60 13.43
C GLN B 557 11.71 -0.36 14.61
N LEU B 558 12.77 -1.17 14.69
CA LEU B 558 12.90 -2.17 15.76
C LEU B 558 12.99 -1.56 17.17
N PHE B 559 13.49 -0.32 17.27
CA PHE B 559 13.52 0.38 18.55
C PHE B 559 12.10 0.76 19.00
N ILE B 560 11.31 1.36 18.11
CA ILE B 560 9.93 1.76 18.44
C ILE B 560 9.07 0.55 18.84
N ALA B 561 9.27 -0.59 18.17
CA ALA B 561 8.59 -1.83 18.53
C ALA B 561 8.93 -2.26 19.95
N ASP B 562 10.21 -2.33 20.25
CA ASP B 562 10.71 -2.70 21.59
C ASP B 562 10.35 -1.64 22.64
N TYR B 563 10.36 -0.37 22.24
CA TYR B 563 9.93 0.76 23.08
C TYR B 563 8.44 0.66 23.45
N ARG B 564 7.61 0.34 22.45
CA ARG B 564 6.16 0.23 22.66
C ARG B 564 5.77 -1.00 23.49
N TYR B 565 6.37 -2.15 23.21
CA TYR B 565 6.11 -3.38 23.99
C TYR B 565 6.62 -3.31 25.43
N THR B 566 7.70 -2.56 25.65
CA THR B 566 8.27 -2.37 27.00
C THR B 566 7.40 -1.41 27.82
N TYR B 567 7.23 -0.19 27.31
CA TYR B 567 6.45 0.84 28.01
C TYR B 567 4.93 0.73 27.83
N LYS B 568 4.47 -0.22 27.01
CA LYS B 568 3.04 -0.50 26.82
C LYS B 568 2.28 0.71 26.25
N CYS B 569 2.89 1.38 25.28
CA CYS B 569 2.40 2.65 24.74
C CYS B 569 2.27 2.57 23.22
N HIS B 570 1.51 1.57 22.75
CA HIS B 570 1.31 1.35 21.31
C HIS B 570 0.46 2.47 20.69
N ARG B 571 0.39 2.47 19.36
CA ARG B 571 -0.38 3.48 18.60
C ARG B 571 -1.82 3.58 19.10
N GLY B 572 -2.32 4.81 19.22
CA GLY B 572 -3.69 5.05 19.68
C GLY B 572 -4.75 4.46 18.77
N ASP B 573 -4.52 4.54 17.47
CA ASP B 573 -5.43 3.94 16.48
C ASP B 573 -5.51 2.40 16.51
N SER B 574 -4.43 1.75 16.96
CA SER B 574 -4.41 0.28 17.07
C SER B 574 -5.35 -0.23 18.18
N LYS B 575 -5.75 -1.50 18.07
CA LYS B 575 -6.72 -2.10 18.97
C LYS B 575 -6.07 -3.02 20.02
N VAL B 576 -4.90 -2.61 20.51
CA VAL B 576 -4.14 -3.41 21.48
C VAL B 576 -4.62 -3.03 22.88
N GLU B 577 -5.17 -4.00 23.61
CA GLU B 577 -5.77 -3.74 24.93
C GLU B 577 -4.73 -3.76 26.06
N GLY B 578 -5.00 -2.95 27.08
CA GLY B 578 -4.10 -2.84 28.24
C GLY B 578 -4.59 -1.80 29.24
N LYS B 579 -3.84 -1.67 30.35
CA LYS B 579 -4.16 -0.71 31.41
C LYS B 579 -3.88 0.73 30.95
N ARG B 580 -2.68 0.94 30.44
CA ARG B 580 -2.29 2.22 29.83
C ARG B 580 -3.05 2.48 28.53
N MET B 581 -3.12 1.46 27.66
CA MET B 581 -3.74 1.59 26.33
C MET B 581 -5.20 2.02 26.32
N LYS B 582 -5.94 1.66 27.37
CA LYS B 582 -7.34 2.09 27.54
C LYS B 582 -7.47 3.62 27.63
N ILE B 583 -6.48 4.27 28.25
CA ILE B 583 -6.44 5.73 28.36
C ILE B 583 -5.85 6.37 27.09
N ILE B 584 -4.87 5.71 26.46
CA ILE B 584 -4.26 6.19 25.21
C ILE B 584 -5.29 6.33 24.09
N LYS B 585 -6.16 5.34 23.96
CA LYS B 585 -7.24 5.37 22.97
C LYS B 585 -8.19 6.56 23.14
N GLU B 586 -8.43 6.96 24.39
CA GLU B 586 -9.20 8.18 24.68
C GLU B 586 -8.43 9.44 24.28
N LEU B 587 -7.15 9.49 24.64
CA LEU B 587 -6.26 10.60 24.29
C LEU B 587 -6.08 10.77 22.78
N TRP B 588 -6.05 9.65 22.06
CA TRP B 588 -6.00 9.65 20.59
C TRP B 588 -7.23 10.32 19.97
N GLU B 589 -8.41 10.04 20.55
CA GLU B 589 -9.67 10.67 20.12
C GLU B 589 -9.75 12.14 20.51
N ASN B 590 -9.34 12.47 21.74
CA ASN B 590 -9.42 13.84 22.26
C ASN B 590 -8.51 14.84 21.53
N THR B 591 -7.28 14.42 21.24
CA THR B 591 -6.28 15.30 20.62
C THR B 591 -6.59 15.52 19.13
N LYS B 592 -6.49 16.77 18.69
CA LYS B 592 -6.70 17.13 17.28
C LYS B 592 -5.44 16.84 16.48
N GLY B 593 -4.33 17.51 16.84
CA GLY B 593 -3.04 17.30 16.19
C GLY B 593 -2.41 16.00 16.67
N ARG B 594 -2.74 14.92 15.98
CA ARG B 594 -2.26 13.58 16.36
C ARG B 594 -0.77 13.37 16.08
N ASP B 595 -0.23 14.06 15.07
CA ASP B 595 1.22 14.05 14.81
C ASP B 595 2.03 14.68 15.95
N GLY B 596 1.42 15.63 16.66
CA GLY B 596 2.03 16.24 17.84
C GLY B 596 2.24 15.33 19.04
N LEU B 597 1.47 14.24 19.12
CA LEU B 597 1.58 13.27 20.22
C LEU B 597 2.91 12.51 20.17
N LEU B 598 3.48 12.26 21.35
CA LEU B 598 4.71 11.48 21.48
C LEU B 598 4.39 10.00 21.33
N VAL B 599 5.42 9.18 21.13
CA VAL B 599 5.27 7.72 21.03
C VAL B 599 4.87 7.11 22.39
N ALA B 600 5.32 7.73 23.49
CA ALA B 600 4.92 7.34 24.84
C ALA B 600 3.42 7.56 25.14
N ASP B 601 2.79 8.47 24.39
CA ASP B 601 1.33 8.68 24.45
C ASP B 601 0.61 8.14 23.19
N GLY B 602 1.14 7.05 22.63
CA GLY B 602 0.56 6.39 21.46
C GLY B 602 0.53 7.18 20.17
N GLY B 603 1.45 8.13 20.02
CA GLY B 603 1.55 8.96 18.81
C GLY B 603 2.35 8.28 17.72
N PRO B 604 2.45 8.92 16.53
CA PRO B 604 3.18 8.36 15.40
C PRO B 604 4.67 8.66 15.46
N ASN B 605 5.49 7.71 15.01
CA ASN B 605 6.94 7.88 14.94
C ASN B 605 7.34 8.69 13.71
N ILE B 606 7.73 9.94 13.93
CA ILE B 606 8.17 10.84 12.86
C ILE B 606 9.70 10.80 12.62
N TYR B 607 10.43 10.05 13.45
CA TYR B 607 11.90 9.96 13.32
C TYR B 607 12.34 9.27 12.03
N ASN B 608 13.43 9.79 11.45
CA ASN B 608 14.09 9.23 10.28
C ASN B 608 15.60 9.53 10.42
N LEU B 609 16.40 9.18 9.42
CA LEU B 609 17.86 9.33 9.51
C LEU B 609 18.31 10.77 9.73
N ARG B 610 17.66 11.72 9.06
CA ARG B 610 18.04 13.15 9.13
C ARG B 610 17.82 13.81 10.49
N ASN B 611 16.78 13.38 11.22
CA ASN B 611 16.34 14.07 12.44
C ASN B 611 16.48 13.24 13.73
N LEU B 612 17.52 12.40 13.79
CA LEU B 612 17.83 11.60 14.98
C LEU B 612 18.38 12.47 16.11
N HIS B 613 19.14 13.50 15.72
CA HIS B 613 19.77 14.43 16.67
C HIS B 613 18.81 15.42 17.36
N ILE B 614 17.58 15.55 16.86
CA ILE B 614 16.60 16.50 17.41
C ILE B 614 15.72 15.77 18.44
N PRO B 615 15.50 16.37 19.63
CA PRO B 615 14.56 15.81 20.62
C PRO B 615 13.12 15.72 20.10
N GLU B 616 12.39 14.70 20.54
CA GLU B 616 11.03 14.44 20.07
C GLU B 616 10.05 15.56 20.44
N ILE B 617 10.17 16.06 21.66
CA ILE B 617 9.31 17.16 22.14
C ILE B 617 9.55 18.43 21.31
N VAL B 618 10.81 18.67 20.93
CA VAL B 618 11.16 19.82 20.09
C VAL B 618 10.76 19.62 18.63
N LEU B 619 10.88 18.38 18.13
CA LEU B 619 10.42 18.02 16.78
C LEU B 619 8.94 18.29 16.57
N LYS B 620 8.13 17.77 17.50
CA LYS B 620 6.67 17.77 17.37
C LYS B 620 5.97 18.98 18.01
N TYR B 621 6.73 19.98 18.45
CA TYR B 621 6.19 21.14 19.17
C TYR B 621 5.13 21.92 18.40
N ASN B 622 5.40 22.17 17.11
CA ASN B 622 4.49 22.94 16.26
C ASN B 622 3.20 22.20 15.90
N LEU B 623 3.22 20.88 15.96
CA LEU B 623 2.04 20.04 15.66
C LEU B 623 1.19 19.68 16.89
N MET B 624 1.63 20.06 18.09
CA MET B 624 0.90 19.77 19.34
C MET B 624 -0.32 20.69 19.53
N ASP B 625 -1.23 20.25 20.38
CA ASP B 625 -2.34 21.09 20.87
C ASP B 625 -1.87 21.88 22.10
N PRO B 626 -2.45 23.07 22.33
CA PRO B 626 -2.03 23.89 23.48
C PRO B 626 -2.33 23.26 24.85
N GLU B 627 -3.46 22.58 24.96
CA GLU B 627 -3.83 21.83 26.18
C GLU B 627 -2.92 20.59 26.42
N TYR B 628 -2.50 19.93 25.34
CA TYR B 628 -1.65 18.74 25.45
C TYR B 628 -0.23 19.09 25.91
N LYS B 629 0.37 20.10 25.28
CA LYS B 629 1.73 20.55 25.65
C LYS B 629 1.78 21.15 27.07
N GLY B 630 0.70 21.81 27.49
CA GLY B 630 0.59 22.34 28.84
C GLY B 630 0.65 21.26 29.91
N ARG B 631 -0.07 20.16 29.69
CA ARG B 631 -0.06 19.02 30.60
C ARG B 631 1.27 18.26 30.53
N LEU B 632 1.77 18.04 29.32
CA LEU B 632 3.07 17.39 29.08
C LEU B 632 4.25 18.19 29.67
N LEU B 633 4.16 19.51 29.63
CA LEU B 633 5.22 20.40 30.12
C LEU B 633 4.74 21.26 31.29
N HIS B 634 4.03 20.64 32.23
CA HIS B 634 3.57 21.31 33.45
C HIS B 634 4.77 21.50 34.38
N PRO B 635 5.21 22.77 34.62
CA PRO B 635 6.47 23.01 35.33
C PRO B 635 6.63 22.35 36.71
N GLN B 636 5.54 22.23 37.47
CA GLN B 636 5.56 21.63 38.82
C GLN B 636 4.80 20.29 38.89
N ASN B 637 5.02 19.42 37.91
CA ASN B 637 4.38 18.09 37.90
C ASN B 637 5.05 17.15 38.91
N PRO B 638 4.29 16.16 39.45
CA PRO B 638 4.84 15.30 40.50
C PRO B 638 5.76 14.16 40.01
N PHE B 639 5.78 13.89 38.71
CA PHE B 639 6.56 12.77 38.16
C PHE B 639 8.06 13.08 38.09
N VAL B 640 8.38 14.32 37.73
CA VAL B 640 9.77 14.79 37.67
C VAL B 640 10.27 15.04 39.11
N GLY B 641 11.09 14.11 39.61
CA GLY B 641 11.56 14.11 41.02
C GLY B 641 12.90 14.80 41.30
N HIS B 642 13.96 14.00 41.41
CA HIS B 642 15.29 14.47 41.82
C HIS B 642 16.20 14.73 40.61
N LEU B 643 16.42 16.00 40.30
CA LEU B 643 17.25 16.44 39.16
C LEU B 643 18.64 16.90 39.63
N SER B 644 19.70 16.41 38.98
CA SER B 644 21.05 16.97 39.17
C SER B 644 21.86 16.85 37.87
N ILE B 645 22.54 17.94 37.50
CA ILE B 645 23.36 17.98 36.28
C ILE B 645 24.67 17.22 36.48
N LYS B 662 28.90 4.82 30.46
CA LYS B 662 28.45 6.16 30.82
C LYS B 662 28.45 7.10 29.61
N MET B 663 27.25 7.55 29.21
CA MET B 663 27.09 8.53 28.13
C MET B 663 26.03 9.57 28.50
N ASP B 664 25.88 10.57 27.63
CA ASP B 664 24.91 11.66 27.83
C ASP B 664 23.98 11.80 26.62
N TYR B 665 22.87 12.49 26.83
CA TYR B 665 21.83 12.66 25.82
C TYR B 665 21.19 14.04 25.88
N ASP B 666 20.40 14.37 24.86
CA ASP B 666 19.62 15.60 24.80
C ASP B 666 18.14 15.28 24.76
N ALA B 667 17.40 15.75 25.77
CA ALA B 667 15.96 15.51 25.87
C ALA B 667 15.29 16.56 26.75
N VAL B 668 14.09 16.97 26.36
CA VAL B 668 13.31 17.95 27.12
C VAL B 668 12.72 17.27 28.35
N SER B 669 12.81 17.94 29.51
CA SER B 669 12.30 17.41 30.77
C SER B 669 10.79 17.63 30.88
N GLY B 670 10.03 16.66 30.37
CA GLY B 670 8.56 16.66 30.46
C GLY B 670 8.08 15.69 31.52
N THR B 671 6.79 15.34 31.45
CA THR B 671 6.18 14.40 32.40
C THR B 671 6.70 12.97 32.26
N HIS B 672 7.19 12.61 31.07
CA HIS B 672 7.77 11.29 30.82
C HIS B 672 9.15 11.09 31.45
N SER B 673 9.79 12.19 31.87
CA SER B 673 11.03 12.12 32.65
C SER B 673 10.72 11.78 34.12
N TRP B 674 10.43 10.51 34.36
CA TRP B 674 10.04 10.00 35.71
C TRP B 674 11.12 9.07 36.27
N ARG B 675 10.93 8.61 37.50
CA ARG B 675 11.89 7.75 38.18
C ARG B 675 11.24 6.47 38.69
N THR B 676 12.03 5.39 38.74
CA THR B 676 11.57 4.12 39.30
C THR B 676 11.81 4.09 40.82
N LYS B 677 11.13 3.16 41.48
CA LYS B 677 11.31 2.92 42.92
C LYS B 677 12.66 2.29 43.17
N GLN B 687 12.54 -2.85 56.12
CA GLN B 687 13.66 -1.93 56.12
C GLN B 687 13.27 -0.49 56.51
N ARG B 688 12.31 -0.36 57.42
CA ARG B 688 11.85 0.96 57.91
C ARG B 688 12.99 1.85 58.41
N ASN B 689 13.86 1.27 59.24
CA ASN B 689 14.97 2.01 59.85
C ASN B 689 16.09 2.36 58.87
N MET B 690 16.32 1.49 57.88
CA MET B 690 17.22 1.77 56.75
C MET B 690 16.78 3.01 55.97
N ILE B 691 15.50 3.07 55.64
CA ILE B 691 14.94 4.17 54.83
C ILE B 691 14.82 5.46 55.66
N LEU B 692 14.71 5.34 56.98
CA LEU B 692 14.67 6.53 57.87
C LEU B 692 15.96 7.34 57.81
N GLU B 693 17.10 6.64 57.83
CA GLU B 693 18.42 7.26 57.65
C GLU B 693 18.56 7.88 56.25
N GLU B 694 18.05 7.17 55.24
CA GLU B 694 18.07 7.63 53.85
C GLU B 694 17.19 8.87 53.63
N GLN B 695 16.04 8.90 54.29
CA GLN B 695 15.15 10.08 54.27
C GLN B 695 15.69 11.25 55.08
N CYS B 696 16.39 10.95 56.19
CA CYS B 696 16.99 11.98 57.05
C CYS B 696 18.00 12.85 56.28
N TYR B 697 18.88 12.19 55.52
CA TYR B 697 19.81 12.89 54.63
C TYR B 697 19.09 13.57 53.46
N ALA B 698 18.07 12.90 52.91
CA ALA B 698 17.26 13.45 51.81
C ALA B 698 16.55 14.75 52.19
N LYS B 699 15.96 14.78 53.40
CA LYS B 699 15.30 15.98 53.91
C LYS B 699 16.27 17.14 54.13
N CYS B 700 17.43 16.85 54.70
CA CYS B 700 18.48 17.86 54.93
C CYS B 700 19.04 18.44 53.63
N CYS B 701 19.26 17.57 52.64
CA CYS B 701 19.79 18.00 51.34
C CYS B 701 18.80 18.81 50.51
N ASN B 702 17.52 18.44 50.54
CA ASN B 702 16.46 19.17 49.83
C ASN B 702 16.28 20.61 50.34
N LEU B 703 16.29 20.77 51.67
CA LEU B 703 16.16 22.09 52.30
C LEU B 703 17.39 22.97 52.05
N PHE B 704 18.57 22.35 51.96
CA PHE B 704 19.80 23.06 51.58
C PHE B 704 19.72 23.54 50.12
N GLU B 705 19.17 22.71 49.24
CA GLU B 705 18.96 23.08 47.84
C GLU B 705 17.88 24.16 47.66
N ALA B 706 16.89 24.18 48.56
CA ALA B 706 15.89 25.25 48.59
C ALA B 706 16.52 26.59 49.00
N CYS B 707 17.39 26.55 50.01
CA CYS B 707 18.11 27.75 50.47
C CYS B 707 19.14 28.22 49.44
N PHE B 708 20.04 27.31 49.07
CA PHE B 708 21.07 27.55 48.05
C PHE B 708 20.67 26.86 46.75
N ASN B 709 20.11 27.63 45.81
CA ASN B 709 19.61 27.08 44.54
C ASN B 709 20.70 26.55 43.60
N SER B 710 21.91 27.12 43.68
CA SER B 710 23.04 26.69 42.87
C SER B 710 23.64 25.33 43.27
N ALA B 711 23.32 24.84 44.48
CA ALA B 711 23.82 23.55 44.99
C ALA B 711 23.55 22.35 44.08
N SER B 712 22.45 22.38 43.34
CA SER B 712 22.14 21.36 42.33
C SER B 712 23.12 21.44 41.15
N TYR B 713 23.40 22.66 40.69
CA TYR B 713 24.33 22.89 39.57
C TYR B 713 25.79 22.76 40.00
N ARG B 714 26.22 23.65 40.88
CA ARG B 714 27.63 23.77 41.30
C ARG B 714 27.86 23.08 42.64
N LYS B 715 29.09 22.61 42.85
CA LYS B 715 29.49 21.99 44.12
C LYS B 715 29.66 23.08 45.18
N PRO B 716 28.90 23.01 46.29
CA PRO B 716 29.14 23.99 47.37
C PRO B 716 30.45 23.72 48.13
N VAL B 717 31.06 24.78 48.66
CA VAL B 717 32.34 24.70 49.38
C VAL B 717 32.20 25.33 50.76
N GLY B 718 32.87 24.74 51.75
CA GLY B 718 32.85 25.23 53.13
C GLY B 718 33.16 24.16 54.15
N GLN B 719 34.09 24.45 55.06
CA GLN B 719 34.44 23.56 56.19
C GLN B 719 33.51 23.81 57.38
N HIS B 720 32.96 25.02 57.47
CA HIS B 720 31.90 25.38 58.44
C HIS B 720 30.65 24.51 58.35
N SER B 721 29.80 24.62 59.37
CA SER B 721 28.61 23.77 59.52
C SER B 721 27.56 24.01 58.43
N MET B 722 26.86 22.94 58.05
CA MET B 722 25.81 22.99 57.02
C MET B 722 24.58 23.78 57.50
N LEU B 723 24.29 23.71 58.80
CA LEU B 723 23.26 24.55 59.43
C LEU B 723 23.66 26.03 59.40
N GLU B 724 24.92 26.32 59.73
CA GLU B 724 25.44 27.69 59.77
C GLU B 724 25.33 28.41 58.42
N ALA B 725 25.54 27.68 57.33
CA ALA B 725 25.35 28.22 55.98
C ALA B 725 23.89 28.59 55.71
N MET B 726 22.98 27.72 56.14
CA MET B 726 21.53 27.93 55.95
C MET B 726 20.98 29.00 56.88
N ALA B 727 21.43 29.00 58.13
CA ALA B 727 20.95 29.95 59.15
C ALA B 727 21.32 31.39 58.81
N HIS B 728 22.59 31.61 58.45
CA HIS B 728 23.06 32.93 58.03
C HIS B 728 22.46 33.38 56.68
N ARG B 729 22.13 32.42 55.81
CA ARG B 729 21.46 32.72 54.53
C ARG B 729 20.02 33.17 54.75
N LEU B 730 19.26 32.40 55.53
CA LEU B 730 17.85 32.70 55.80
C LEU B 730 17.63 33.96 56.65
N ARG B 731 18.64 34.36 57.43
CA ARG B 731 18.59 35.62 58.16
C ARG B 731 18.65 36.82 57.21
N MET B 732 19.57 36.76 56.25
CA MET B 732 19.71 37.81 55.23
C MET B 732 18.53 37.83 54.26
N ASP B 733 17.94 36.66 53.99
CA ASP B 733 16.69 36.58 53.21
C ASP B 733 15.55 37.30 53.92
N ALA B 734 15.47 37.13 55.24
CA ALA B 734 14.44 37.78 56.06
C ALA B 734 14.62 39.29 56.15
N ARG B 735 15.86 39.74 56.31
CA ARG B 735 16.16 41.18 56.44
C ARG B 735 15.87 41.95 55.15
N LEU B 736 16.34 41.41 54.02
CA LEU B 736 16.15 42.06 52.72
C LEU B 736 14.70 42.01 52.24
N ASP B 737 13.97 40.94 52.58
CA ASP B 737 12.54 40.85 52.29
C ASP B 737 11.71 41.88 53.07
N TYR B 738 12.11 42.17 54.31
CA TYR B 738 11.40 43.16 55.15
C TYR B 738 11.60 44.58 54.65
N GLU B 739 12.86 44.97 54.43
CA GLU B 739 13.20 46.35 54.03
C GLU B 739 12.72 46.70 52.61
N SER B 740 12.85 45.76 51.68
CA SER B 740 12.37 45.94 50.30
C SER B 740 10.83 45.98 50.21
N GLY B 741 10.15 45.29 51.14
CA GLY B 741 8.70 45.30 51.21
C GLY B 741 8.04 44.07 50.61
N ARG B 742 8.57 42.89 50.95
CA ARG B 742 7.97 41.60 50.57
C ARG B 742 7.17 41.05 51.74
N MET B 743 7.83 40.91 52.89
CA MET B 743 7.16 40.50 54.13
C MET B 743 6.58 41.71 54.86
N SER B 744 5.55 41.46 55.68
CA SER B 744 4.96 42.47 56.55
C SER B 744 5.78 42.59 57.84
N LYS B 745 5.41 43.54 58.70
CA LYS B 745 6.06 43.74 59.99
C LYS B 745 5.97 42.52 60.93
N ASP B 746 4.88 41.77 60.82
CA ASP B 746 4.69 40.55 61.62
C ASP B 746 5.62 39.44 61.14
N ASP B 747 5.47 39.06 59.87
CA ASP B 747 6.21 37.92 59.29
C ASP B 747 7.72 37.99 59.46
N PHE B 748 8.28 39.20 59.45
CA PHE B 748 9.70 39.43 59.76
C PHE B 748 10.02 39.09 61.22
N GLU B 749 9.16 39.53 62.14
CA GLU B 749 9.34 39.25 63.57
C GLU B 749 9.14 37.78 63.95
N LYS B 750 8.23 37.10 63.25
CA LYS B 750 8.07 35.64 63.40
C LYS B 750 9.29 34.89 62.85
N ALA B 751 9.78 35.34 61.69
CA ALA B 751 10.96 34.76 61.05
C ALA B 751 12.22 34.95 61.88
N MET B 752 12.44 36.18 62.36
CA MET B 752 13.57 36.48 63.25
C MET B 752 13.49 35.74 64.59
N ALA B 753 12.27 35.49 65.07
CA ALA B 753 12.05 34.70 66.29
C ALA B 753 12.50 33.25 66.12
N HIS B 754 12.11 32.63 65.00
CA HIS B 754 12.48 31.24 64.72
C HIS B 754 14.01 31.01 64.64
N LEU B 755 14.74 31.98 64.08
CA LEU B 755 16.21 31.93 64.03
C LEU B 755 16.87 32.11 65.38
N GLY B 756 16.28 32.95 66.25
CA GLY B 756 16.77 33.15 67.62
C GLY B 756 16.85 31.87 68.43
N GLU B 757 15.90 30.97 68.20
CA GLU B 757 15.87 29.64 68.81
C GLU B 757 17.05 28.76 68.36
N ILE B 758 17.34 28.80 67.06
CA ILE B 758 18.33 27.92 66.43
C ILE B 758 19.74 28.23 66.93
N GLY B 759 20.25 27.37 67.83
CA GLY B 759 21.59 27.51 68.41
C GLY B 759 22.24 26.13 68.56
N MET C 10 8.23 32.85 50.82
CA MET C 10 9.11 31.64 50.71
C MET C 10 10.12 31.53 51.85
N THR C 11 10.73 32.65 52.22
CA THR C 11 11.70 32.70 53.32
C THR C 11 11.11 32.22 54.65
N LEU C 12 9.87 32.61 54.92
CA LEU C 12 9.13 32.16 56.11
C LEU C 12 8.88 30.65 56.09
N ALA C 13 8.54 30.12 54.91
CA ALA C 13 8.32 28.68 54.73
C ALA C 13 9.57 27.85 54.95
N LYS C 14 10.72 28.34 54.45
CA LYS C 14 12.02 27.67 54.64
C LYS C 14 12.43 27.62 56.12
N ILE C 15 12.26 28.74 56.81
CA ILE C 15 12.63 28.86 58.24
C ILE C 15 11.75 27.97 59.12
N GLU C 16 10.43 27.97 58.86
CA GLU C 16 9.49 27.11 59.58
C GLU C 16 9.80 25.61 59.40
N LEU C 17 10.20 25.24 58.19
CA LEU C 17 10.64 23.86 57.92
C LEU C 17 11.99 23.54 58.57
N LEU C 18 12.91 24.51 58.57
CA LEU C 18 14.22 24.35 59.22
C LEU C 18 14.11 24.14 60.73
N LYS C 19 13.24 24.92 61.38
CA LYS C 19 12.97 24.76 62.81
C LYS C 19 12.39 23.38 63.11
N GLN C 20 11.33 23.01 62.38
CA GLN C 20 10.64 21.73 62.57
C GLN C 20 11.50 20.52 62.21
N LEU C 21 12.47 20.71 61.31
CA LEU C 21 13.49 19.68 61.02
C LEU C 21 14.48 19.54 62.17
N LEU C 22 14.92 20.67 62.73
CA LEU C 22 15.88 20.67 63.84
C LEU C 22 15.34 20.10 65.17
N ARG C 23 14.00 20.09 65.33
CA ARG C 23 13.37 19.44 66.47
C ARG C 23 13.71 17.95 66.55
N ASP C 24 13.73 17.28 65.40
CA ASP C 24 14.18 15.89 65.30
C ASP C 24 15.67 15.80 65.61
N ASN C 25 16.02 14.99 66.60
CA ASN C 25 17.40 14.88 67.08
C ASN C 25 18.35 14.22 66.08
N GLU C 26 17.82 13.33 65.24
CA GLU C 26 18.61 12.70 64.17
C GLU C 26 19.02 13.71 63.10
N ALA C 27 18.06 14.51 62.63
CA ALA C 27 18.33 15.56 61.64
C ALA C 27 19.21 16.68 62.17
N LYS C 28 19.10 16.98 63.46
CA LYS C 28 19.94 18.00 64.12
C LYS C 28 21.41 17.57 64.16
N THR C 29 21.67 16.29 64.45
CA THR C 29 23.03 15.75 64.41
C THR C 29 23.66 15.77 63.01
N VAL C 30 22.82 15.63 61.98
CA VAL C 30 23.29 15.69 60.59
C VAL C 30 23.71 17.11 60.21
N LEU C 31 22.81 18.07 60.39
CA LEU C 31 23.04 19.46 59.96
C LEU C 31 24.18 20.18 60.69
N LYS C 32 24.41 19.83 61.96
CA LYS C 32 25.51 20.43 62.74
C LYS C 32 26.86 19.84 62.38
N GLN C 33 26.96 18.50 62.35
CA GLN C 33 28.23 17.81 62.10
C GLN C 33 28.67 17.85 60.62
N THR C 34 27.73 17.64 59.71
CA THR C 34 28.02 17.63 58.27
C THR C 34 28.44 19.02 57.78
N THR C 35 29.57 19.08 57.06
CA THR C 35 30.09 20.32 56.49
C THR C 35 29.42 20.64 55.14
N VAL C 36 29.70 21.82 54.61
CA VAL C 36 29.19 22.24 53.29
C VAL C 36 29.91 21.48 52.16
N ASP C 37 31.15 21.07 52.41
CA ASP C 37 31.85 20.13 51.51
C ASP C 37 31.13 18.78 51.48
N GLN C 38 30.82 18.25 52.66
CA GLN C 38 30.21 16.93 52.81
C GLN C 38 28.75 16.82 52.34
N TYR C 39 28.08 17.95 52.07
CA TYR C 39 26.77 17.95 51.40
C TYR C 39 26.75 17.07 50.15
N ASN C 40 27.81 17.18 49.34
CA ASN C 40 27.95 16.40 48.11
C ASN C 40 27.96 14.88 48.33
N ILE C 41 28.53 14.45 49.46
CA ILE C 41 28.58 13.03 49.84
C ILE C 41 27.21 12.54 50.31
N ILE C 42 26.60 13.27 51.24
CA ILE C 42 25.29 12.88 51.81
C ILE C 42 24.10 12.99 50.85
N ARG C 43 24.26 13.72 49.75
CA ARG C 43 23.23 13.77 48.69
C ARG C 43 23.11 12.40 48.01
N LYS C 44 24.26 11.78 47.73
CA LYS C 44 24.30 10.48 47.05
C LYS C 44 24.19 9.27 47.98
N PHE C 45 23.81 9.46 49.24
CA PHE C 45 23.61 8.36 50.19
C PHE C 45 22.38 7.53 49.81
N ASN C 46 22.63 6.35 49.24
CA ASN C 46 21.59 5.39 48.89
C ASN C 46 21.94 4.04 49.51
N THR C 47 21.05 3.52 50.38
CA THR C 47 21.32 2.27 51.10
C THR C 47 21.01 1.00 50.28
N SER C 48 20.14 1.13 49.27
CA SER C 48 19.85 0.06 48.31
C SER C 48 21.04 -0.16 47.37
N ARG C 49 21.02 -1.28 46.66
CA ARG C 49 22.15 -1.73 45.85
C ARG C 49 22.17 -1.12 44.42
N ILE C 50 23.36 -1.10 43.81
CA ILE C 50 23.55 -0.58 42.45
C ILE C 50 22.93 -1.58 41.47
N GLU C 51 22.08 -1.09 40.58
CA GLU C 51 21.38 -1.93 39.61
C GLU C 51 22.33 -2.33 38.47
N LYS C 52 22.65 -3.62 38.40
CA LYS C 52 23.59 -4.15 37.39
C LYS C 52 22.94 -4.49 36.05
N ASN C 53 21.61 -4.41 35.95
CA ASN C 53 20.89 -4.71 34.71
C ASN C 53 19.61 -3.85 34.60
N PRO C 54 19.76 -2.57 34.21
CA PRO C 54 18.63 -1.63 34.18
C PRO C 54 17.63 -1.86 33.02
N SER C 55 18.12 -2.32 31.88
CA SER C 55 17.26 -2.68 30.74
C SER C 55 16.32 -3.86 31.09
N LEU C 56 16.84 -4.84 31.83
CA LEU C 56 16.02 -5.95 32.34
C LEU C 56 15.02 -5.47 33.39
N ARG C 57 15.50 -4.73 34.38
CA ARG C 57 14.68 -4.29 35.51
C ARG C 57 13.60 -3.28 35.10
N MET C 58 13.84 -2.52 34.03
CA MET C 58 12.81 -1.63 33.46
C MET C 58 11.70 -2.47 32.84
N LYS C 59 12.07 -3.40 31.94
CA LYS C 59 11.11 -4.32 31.31
C LYS C 59 10.36 -5.18 32.33
N TRP C 60 11.04 -5.56 33.42
CA TRP C 60 10.42 -6.25 34.55
C TRP C 60 9.44 -5.35 35.31
N ALA C 61 9.87 -4.11 35.59
CA ALA C 61 9.06 -3.14 36.35
C ALA C 61 7.78 -2.70 35.64
N MET C 62 7.81 -2.61 34.31
CA MET C 62 6.63 -2.23 33.52
C MET C 62 5.52 -3.29 33.56
N CYS C 63 5.92 -4.57 33.69
CA CYS C 63 4.96 -5.67 33.84
C CYS C 63 4.21 -5.65 35.18
N SER C 64 4.88 -5.20 36.25
CA SER C 64 4.24 -5.03 37.56
C SER C 64 3.33 -3.79 37.59
N ASN C 65 2.53 -3.66 38.65
CA ASN C 65 1.46 -2.66 38.72
C ASN C 65 1.95 -1.22 38.90
N PHE C 66 2.64 -0.94 40.00
CA PHE C 66 3.01 0.43 40.40
C PHE C 66 4.53 0.62 40.52
N PRO C 67 5.25 0.65 39.39
CA PRO C 67 6.71 0.85 39.42
C PRO C 67 7.16 2.30 39.67
N LEU C 68 6.38 3.28 39.21
CA LEU C 68 6.77 4.69 39.27
C LEU C 68 6.64 5.28 40.67
N ALA C 69 7.17 6.49 40.85
CA ALA C 69 7.11 7.23 42.11
C ALA C 69 6.60 8.65 41.89
N LEU C 70 5.72 9.11 42.78
CA LEU C 70 5.16 10.46 42.73
C LEU C 70 5.79 11.34 43.82
N THR C 71 6.08 12.60 43.45
CA THR C 71 6.59 13.58 44.41
C THR C 71 5.42 14.12 45.24
N LYS C 72 5.61 14.19 46.56
CA LYS C 72 4.58 14.66 47.48
C LYS C 72 4.40 16.18 47.36
N GLY C 73 3.22 16.60 46.91
CA GLY C 73 2.92 18.01 46.74
C GLY C 73 1.44 18.32 46.52
N ASP C 74 1.17 19.56 46.12
CA ASP C 74 -0.20 20.04 45.90
C ASP C 74 -0.83 19.41 44.65
N MET C 75 -0.04 19.34 43.57
CA MET C 75 -0.52 18.82 42.29
C MET C 75 -0.65 17.29 42.25
N ALA C 76 0.10 16.59 43.11
CA ALA C 76 0.05 15.12 43.15
C ALA C 76 -1.30 14.55 43.60
N ASN C 77 -2.03 15.31 44.40
CA ASN C 77 -3.38 14.92 44.85
C ASN C 77 -4.50 15.15 43.82
N ARG C 78 -4.17 15.76 42.68
CA ARG C 78 -5.13 15.96 41.58
C ARG C 78 -5.46 14.63 40.87
N ILE C 79 -4.53 13.68 40.90
CA ILE C 79 -4.71 12.36 40.30
C ILE C 79 -5.56 11.50 41.24
N PRO C 80 -6.65 10.88 40.74
CA PRO C 80 -7.47 10.02 41.60
C PRO C 80 -6.83 8.66 41.86
N LEU C 81 -7.36 7.92 42.84
CA LEU C 81 -6.87 6.58 43.18
C LEU C 81 -7.13 5.56 42.05
N GLU C 82 -8.20 5.76 41.28
CA GLU C 82 -8.48 4.97 40.08
C GLU C 82 -9.19 5.79 39.01
N TYR C 83 -9.32 5.20 37.82
CA TYR C 83 -10.02 5.82 36.70
C TYR C 83 -10.53 4.76 35.73
N LYS C 84 -11.84 4.48 35.79
CA LYS C 84 -12.53 3.51 34.92
C LYS C 84 -11.96 2.09 35.07
N GLY C 85 -11.86 1.65 36.32
CA GLY C 85 -11.33 0.32 36.64
C GLY C 85 -9.83 0.13 36.47
N ILE C 86 -9.08 1.24 36.42
CA ILE C 86 -7.62 1.21 36.26
C ILE C 86 -7.01 1.86 37.49
N GLN C 87 -6.23 1.09 38.26
CA GLN C 87 -5.59 1.59 39.47
C GLN C 87 -4.41 2.50 39.11
N LEU C 88 -4.55 3.80 39.36
CA LEU C 88 -3.53 4.78 39.00
C LEU C 88 -2.42 4.85 40.03
N LYS C 89 -2.78 5.18 41.28
CA LYS C 89 -1.81 5.36 42.37
C LYS C 89 -2.16 4.57 43.63
N THR C 90 -1.22 4.56 44.58
CA THR C 90 -1.39 3.87 45.87
C THR C 90 -0.85 4.75 47.01
N MET C 101 3.81 6.42 45.20
CA MET C 101 3.96 5.45 44.11
C MET C 101 2.75 5.44 43.19
N CYS C 102 2.98 5.06 41.92
CA CYS C 102 1.91 4.98 40.92
C CYS C 102 2.28 4.11 39.73
N SER C 103 1.27 3.84 38.89
CA SER C 103 1.45 3.06 37.66
C SER C 103 1.81 3.96 36.49
N ILE C 104 2.20 3.34 35.38
CA ILE C 104 2.48 4.04 34.11
C ILE C 104 1.24 4.73 33.51
N ALA C 105 0.05 4.21 33.82
CA ALA C 105 -1.22 4.81 33.40
C ALA C 105 -1.46 6.20 34.01
N ALA C 106 -0.89 6.45 35.20
CA ALA C 106 -0.97 7.76 35.86
C ALA C 106 -0.30 8.87 35.03
N VAL C 107 0.79 8.54 34.33
CA VAL C 107 1.51 9.48 33.48
C VAL C 107 0.65 9.86 32.27
N THR C 108 0.02 8.85 31.64
CA THR C 108 -0.87 9.07 30.50
C THR C 108 -2.15 9.83 30.90
N TRP C 109 -2.67 9.55 32.09
CA TRP C 109 -3.83 10.27 32.63
C TRP C 109 -3.55 11.77 32.78
N TRP C 110 -2.35 12.11 33.25
CA TRP C 110 -1.94 13.51 33.43
C TRP C 110 -1.97 14.28 32.11
N ASN C 111 -1.42 13.69 31.06
CA ASN C 111 -1.39 14.32 29.73
C ASN C 111 -2.77 14.42 29.07
N THR C 112 -3.69 13.54 29.46
CA THR C 112 -5.06 13.54 28.92
C THR C 112 -6.00 14.43 29.74
N TYR C 113 -6.10 14.16 31.04
CA TYR C 113 -7.04 14.84 31.94
C TYR C 113 -6.32 15.44 33.16
N GLY C 114 -5.35 16.30 32.91
CA GLY C 114 -4.58 16.98 33.97
C GLY C 114 -4.65 18.49 33.87
N PRO C 115 -3.90 19.20 34.73
CA PRO C 115 -3.90 20.66 34.73
C PRO C 115 -3.09 21.23 33.57
N ILE C 116 -3.70 22.14 32.80
CA ILE C 116 -3.03 22.78 31.67
C ILE C 116 -2.12 23.89 32.22
N GLY C 117 -0.85 23.53 32.44
CA GLY C 117 0.12 24.42 33.07
C GLY C 117 0.66 25.50 32.15
N ASP C 118 1.49 26.37 32.73
CA ASP C 118 2.08 27.49 32.02
C ASP C 118 3.31 27.03 31.24
N THR C 119 3.30 27.25 29.92
CA THR C 119 4.42 26.91 29.04
C THR C 119 4.85 28.14 28.24
N GLU C 120 5.09 29.24 28.94
CA GLU C 120 5.56 30.48 28.35
C GLU C 120 7.08 30.57 28.57
N GLY C 121 7.79 31.01 27.55
CA GLY C 121 9.25 31.04 27.58
C GLY C 121 9.93 29.72 27.31
N PHE C 122 9.16 28.69 26.93
CA PHE C 122 9.69 27.36 26.63
C PHE C 122 10.66 27.38 25.45
N GLU C 123 10.34 28.19 24.44
CA GLU C 123 11.19 28.33 23.25
C GLU C 123 12.51 29.08 23.53
N ARG C 124 12.48 30.02 24.48
CA ARG C 124 13.69 30.75 24.89
C ARG C 124 14.63 29.91 25.78
N VAL C 125 14.06 29.03 26.59
CA VAL C 125 14.85 28.11 27.44
C VAL C 125 15.53 27.06 26.56
N TYR C 126 14.73 26.36 25.77
CA TYR C 126 15.22 25.36 24.81
C TYR C 126 15.49 26.00 23.44
N GLU C 127 16.24 27.09 23.43
CA GLU C 127 16.55 27.84 22.21
C GLU C 127 17.56 27.09 21.35
N SER C 128 18.52 26.44 22.00
CA SER C 128 19.55 25.64 21.33
C SER C 128 18.98 24.52 20.46
N PHE C 129 17.95 23.83 20.97
CA PHE C 129 17.35 22.70 20.24
C PHE C 129 16.48 23.13 19.05
N PHE C 130 15.79 24.27 19.16
CA PHE C 130 15.01 24.81 18.03
C PHE C 130 15.90 25.27 16.87
N LEU C 131 17.12 25.71 17.18
CA LEU C 131 18.12 26.06 16.16
C LEU C 131 18.60 24.85 15.36
N ARG C 132 18.64 23.67 15.98
CA ARG C 132 18.91 22.42 15.25
C ARG C 132 17.81 22.11 14.26
N LYS C 133 16.56 22.33 14.67
CA LYS C 133 15.39 22.06 13.83
C LYS C 133 15.35 22.95 12.60
N MET C 134 15.49 24.27 12.81
CA MET C 134 15.45 25.23 11.71
C MET C 134 16.65 25.09 10.75
N ARG C 135 17.78 24.62 11.26
CA ARG C 135 18.93 24.29 10.39
C ARG C 135 18.59 23.14 9.44
N LEU C 136 17.89 22.12 9.95
CA LEU C 136 17.45 20.97 9.13
C LEU C 136 16.29 21.36 8.22
N ASP C 137 15.28 22.02 8.81
CA ASP C 137 14.06 22.41 8.08
C ASP C 137 14.36 23.32 6.89
N ASN C 138 15.20 24.33 7.11
CA ASN C 138 15.58 25.28 6.05
C ASN C 138 16.69 24.79 5.13
N ALA C 139 17.36 23.69 5.48
CA ALA C 139 18.42 23.11 4.64
C ALA C 139 17.91 22.56 3.33
N THR C 140 18.79 22.56 2.33
CA THR C 140 18.51 22.01 1.01
C THR C 140 19.48 20.85 0.74
N TRP C 141 18.94 19.65 0.55
CA TRP C 141 19.74 18.45 0.33
C TRP C 141 20.15 18.36 -1.14
N GLY C 142 21.45 18.19 -1.37
CA GLY C 142 22.00 18.06 -2.73
C GLY C 142 21.94 16.63 -3.24
N ARG C 143 22.86 16.29 -4.12
CA ARG C 143 22.92 14.96 -4.74
C ARG C 143 23.51 13.90 -3.81
N ILE C 144 23.18 12.64 -4.08
CA ILE C 144 23.90 11.50 -3.53
C ILE C 144 24.80 10.90 -4.63
N THR C 145 26.00 10.48 -4.24
CA THR C 145 26.94 9.84 -5.17
C THR C 145 27.67 8.70 -4.47
N PHE C 146 27.66 7.52 -5.08
CA PHE C 146 28.28 6.33 -4.51
C PHE C 146 29.72 6.21 -5.03
N GLY C 147 30.66 6.07 -4.10
CA GLY C 147 32.08 6.03 -4.44
C GLY C 147 32.95 6.05 -3.19
N PRO C 148 34.27 5.89 -3.37
CA PRO C 148 35.18 5.81 -2.21
C PRO C 148 35.26 7.12 -1.43
N VAL C 149 35.46 7.00 -0.11
CA VAL C 149 35.54 8.16 0.79
C VAL C 149 36.65 7.91 1.82
N GLU C 150 37.68 8.75 1.79
CA GLU C 150 38.73 8.74 2.82
C GLU C 150 38.25 9.55 4.02
N ARG C 151 37.86 8.83 5.08
CA ARG C 151 37.36 9.45 6.31
C ARG C 151 38.52 9.61 7.29
N VAL C 152 38.92 10.86 7.52
CA VAL C 152 40.02 11.16 8.46
C VAL C 152 39.42 11.40 9.84
N ARG C 153 39.87 10.62 10.83
CA ARG C 153 39.39 10.77 12.21
C ARG C 153 40.05 11.97 12.89
N LYS C 154 39.31 13.07 12.98
CA LYS C 154 39.79 14.32 13.59
C LYS C 154 38.87 14.80 14.70
N ARG C 155 39.42 15.64 15.57
CA ARG C 155 38.67 16.22 16.70
C ARG C 155 37.81 17.37 16.18
N VAL C 156 36.52 17.37 16.54
CA VAL C 156 35.57 18.35 16.02
C VAL C 156 34.53 18.77 17.06
N LEU C 157 33.95 19.96 16.84
CA LEU C 157 32.88 20.47 17.69
C LEU C 157 31.57 19.82 17.29
N LEU C 158 30.89 19.19 18.26
CA LEU C 158 29.66 18.44 17.98
C LEU C 158 28.46 19.33 17.65
N ASN C 159 28.26 20.38 18.46
CA ASN C 159 27.15 21.31 18.28
C ASN C 159 27.59 22.77 18.36
N PRO C 160 26.96 23.66 17.56
CA PRO C 160 27.35 25.07 17.54
C PRO C 160 26.90 25.81 18.79
N LEU C 161 27.76 26.70 19.27
CA LEU C 161 27.54 27.40 20.54
C LEU C 161 27.12 28.86 20.32
N THR C 162 26.63 29.49 21.39
CA THR C 162 26.32 30.92 21.39
C THR C 162 27.62 31.71 21.53
N LYS C 163 28.42 31.32 22.53
CA LYS C 163 29.76 31.88 22.72
C LYS C 163 30.62 30.86 23.47
N GLU C 164 31.71 30.43 22.86
CA GLU C 164 32.55 29.36 23.41
C GLU C 164 33.40 29.86 24.58
N MET C 165 33.45 29.05 25.64
CA MET C 165 34.30 29.31 26.81
C MET C 165 34.83 27.99 27.37
N PRO C 166 35.80 28.06 28.30
CA PRO C 166 36.13 26.88 29.11
C PRO C 166 35.03 26.53 30.12
N PRO C 167 35.03 25.30 30.68
CA PRO C 167 34.03 24.95 31.70
C PRO C 167 34.10 25.78 32.99
N ASP C 168 35.31 26.19 33.38
CA ASP C 168 35.51 27.02 34.59
C ASP C 168 34.90 28.41 34.39
N GLU C 169 35.18 29.02 33.25
CA GLU C 169 34.68 30.35 32.92
C GLU C 169 33.18 30.36 32.60
N ALA C 170 32.70 29.32 31.92
CA ALA C 170 31.29 29.19 31.55
C ALA C 170 30.36 29.07 32.76
N SER C 171 30.78 28.28 33.75
CA SER C 171 30.01 28.07 34.98
C SER C 171 29.79 29.37 35.77
N ASN C 172 30.80 30.24 35.78
CA ASN C 172 30.70 31.55 36.43
C ASN C 172 29.73 32.50 35.72
N VAL C 173 29.65 32.41 34.39
CA VAL C 173 28.68 33.18 33.60
C VAL C 173 27.25 32.66 33.83
N ILE C 174 27.09 31.33 33.85
CA ILE C 174 25.80 30.70 34.17
C ILE C 174 25.37 31.04 35.61
N MET C 175 26.34 31.10 36.51
CA MET C 175 26.09 31.47 37.92
C MET C 175 25.56 32.90 38.04
N GLU C 176 26.19 33.83 37.33
CA GLU C 176 25.76 35.25 37.34
C GLU C 176 24.34 35.46 36.78
N ILE C 177 23.94 34.63 35.82
CA ILE C 177 22.59 34.71 35.23
C ILE C 177 21.53 34.19 36.21
N LEU C 178 21.70 32.96 36.67
CA LEU C 178 20.67 32.24 37.42
C LEU C 178 20.70 32.47 38.93
N PHE C 179 21.90 32.44 39.52
CA PHE C 179 22.07 32.54 40.98
C PHE C 179 23.09 33.64 41.33
N PRO C 180 22.73 34.92 41.09
CA PRO C 180 23.73 35.99 41.27
C PRO C 180 24.13 36.27 42.72
N LYS C 181 23.28 35.90 43.68
CA LYS C 181 23.59 36.07 45.10
C LYS C 181 24.65 35.08 45.61
N GLU C 182 24.76 33.93 44.96
CA GLU C 182 25.64 32.83 45.40
C GLU C 182 26.88 32.66 44.53
N ALA C 183 27.32 33.73 43.85
CA ALA C 183 28.45 33.66 42.91
C ALA C 183 29.82 33.61 43.59
N GLY C 184 29.96 34.32 44.71
CA GLY C 184 31.22 34.37 45.45
C GLY C 184 32.08 35.54 45.03
N ILE C 185 33.33 35.27 44.69
CA ILE C 185 34.29 36.30 44.27
C ILE C 185 33.98 36.69 42.82
N PRO C 186 33.79 37.99 42.53
CA PRO C 186 33.51 38.38 41.14
C PRO C 186 34.75 38.29 40.25
N ARG C 187 34.71 37.40 39.26
CA ARG C 187 35.85 37.18 38.37
C ARG C 187 35.88 38.22 37.26
N GLU C 188 36.96 38.22 36.48
CA GLU C 188 37.10 39.10 35.32
C GLU C 188 36.11 38.74 34.21
N SER C 189 35.75 37.46 34.12
CA SER C 189 34.74 36.96 33.17
C SER C 189 33.37 37.63 33.29
N THR C 190 33.01 38.05 34.50
CA THR C 190 31.77 38.81 34.74
C THR C 190 31.75 40.11 33.93
N TRP C 191 32.89 40.82 33.97
CA TRP C 191 33.05 42.07 33.22
C TRP C 191 33.21 41.82 31.70
N ILE C 192 33.89 40.74 31.33
CA ILE C 192 34.15 40.41 29.92
C ILE C 192 32.85 40.07 29.18
N HIS C 193 32.11 39.10 29.72
CA HIS C 193 30.88 38.59 29.09
C HIS C 193 29.63 39.26 29.67
N ARG C 194 29.66 40.59 29.81
CA ARG C 194 28.60 41.33 30.49
C ARG C 194 27.32 41.48 29.65
N GLU C 195 27.50 41.67 28.35
CA GLU C 195 26.36 41.81 27.42
C GLU C 195 25.60 40.49 27.21
N LEU C 196 26.32 39.36 27.26
CA LEU C 196 25.71 38.03 27.17
C LEU C 196 24.90 37.68 28.43
N ILE C 197 25.39 38.09 29.60
CA ILE C 197 24.67 37.90 30.86
C ILE C 197 23.37 38.71 30.84
N LYS C 198 23.48 40.00 30.50
CA LYS C 198 22.32 40.90 30.40
C LYS C 198 21.24 40.39 29.45
N GLU C 199 21.65 39.83 28.31
CA GLU C 199 20.73 39.31 27.30
C GLU C 199 19.92 38.12 27.82
N LYS C 200 20.64 37.11 28.34
CA LYS C 200 20.01 35.88 28.83
C LYS C 200 19.26 36.11 30.15
N ARG C 201 19.69 37.10 30.94
CA ARG C 201 18.93 37.55 32.13
C ARG C 201 17.53 38.03 31.75
N GLU C 202 17.43 38.82 30.68
CA GLU C 202 16.14 39.33 30.20
C GLU C 202 15.28 38.26 29.54
N LYS C 203 15.90 37.32 28.82
CA LYS C 203 15.18 36.20 28.22
C LYS C 203 14.68 35.22 29.29
N LEU C 204 15.60 34.71 30.09
CA LEU C 204 15.28 33.78 31.18
C LEU C 204 14.84 34.56 32.42
N LYS C 205 13.53 34.76 32.56
CA LYS C 205 12.96 35.52 33.68
C LYS C 205 11.49 35.16 33.94
N GLY C 206 10.65 35.33 32.92
CA GLY C 206 9.23 35.02 33.02
C GLY C 206 8.88 33.55 33.12
N THR C 207 9.79 32.67 32.68
CA THR C 207 9.57 31.22 32.74
C THR C 207 9.44 30.69 34.17
N MET C 208 8.65 29.63 34.34
CA MET C 208 8.44 28.96 35.63
C MET C 208 9.20 27.62 35.72
N ILE C 209 10.10 27.37 34.77
CA ILE C 209 10.87 26.12 34.74
C ILE C 209 12.02 26.20 35.75
N THR C 210 12.38 25.07 36.34
CA THR C 210 13.39 24.98 37.40
C THR C 210 14.74 25.57 36.97
N PRO C 211 15.46 26.25 37.88
CA PRO C 211 16.80 26.78 37.56
C PRO C 211 17.80 25.74 37.05
N ILE C 212 17.78 24.54 37.64
CA ILE C 212 18.68 23.44 37.23
C ILE C 212 18.49 23.03 35.76
N VAL C 213 17.28 23.15 35.24
CA VAL C 213 16.99 22.90 33.81
C VAL C 213 17.58 24.02 32.93
N LEU C 214 17.47 25.26 33.40
CA LEU C 214 18.02 26.41 32.67
C LEU C 214 19.55 26.34 32.60
N ALA C 215 20.17 25.98 33.73
CA ALA C 215 21.64 25.86 33.82
C ALA C 215 22.21 24.82 32.86
N TYR C 216 21.47 23.73 32.64
CA TYR C 216 21.83 22.73 31.64
C TYR C 216 21.80 23.31 30.23
N MET C 217 20.70 23.99 29.89
CA MET C 217 20.52 24.58 28.56
C MET C 217 21.51 25.69 28.23
N LEU C 218 21.92 26.46 29.24
CA LEU C 218 23.00 27.44 29.07
C LEU C 218 24.36 26.77 28.88
N GLU C 219 24.59 25.67 29.61
CA GLU C 219 25.85 24.91 29.48
C GLU C 219 26.03 24.26 28.11
N ARG C 220 24.94 23.74 27.53
CA ARG C 220 24.98 23.11 26.20
C ARG C 220 25.20 24.12 25.06
N GLU C 221 24.93 25.40 25.31
CA GLU C 221 25.21 26.48 24.34
C GLU C 221 26.38 27.39 24.75
N LEU C 222 27.29 26.87 25.61
CA LEU C 222 28.47 27.62 26.07
C LEU C 222 29.70 26.73 26.25
N VAL C 223 29.57 25.68 27.07
CA VAL C 223 30.65 24.69 27.23
C VAL C 223 30.71 23.82 25.96
N ALA C 224 31.88 23.77 25.34
CA ALA C 224 32.06 23.08 24.07
C ALA C 224 32.16 21.56 24.27
N ARG C 225 31.39 20.81 23.47
CA ARG C 225 31.54 19.36 23.38
C ARG C 225 32.36 19.05 22.13
N ARG C 226 33.62 18.70 22.34
CA ARG C 226 34.55 18.38 21.26
C ARG C 226 34.97 16.92 21.37
N ARG C 227 34.67 16.12 20.34
CA ARG C 227 34.99 14.68 20.31
C ARG C 227 35.57 14.29 18.96
N PHE C 228 36.39 13.22 18.96
CA PHE C 228 36.94 12.67 17.72
C PHE C 228 35.86 11.93 16.93
N LEU C 229 35.77 12.22 15.63
CA LEU C 229 34.81 11.58 14.73
C LEU C 229 35.43 11.40 13.34
N PRO C 230 34.90 10.45 12.55
CA PRO C 230 35.35 10.30 11.16
C PRO C 230 34.78 11.40 10.25
N VAL C 231 35.65 12.29 9.80
CA VAL C 231 35.27 13.46 9.00
C VAL C 231 35.82 13.34 7.57
N ALA C 232 35.10 13.91 6.62
CA ALA C 232 35.55 14.01 5.23
C ALA C 232 34.95 15.25 4.56
N GLY C 233 35.71 16.35 4.56
CA GLY C 233 35.34 17.58 3.87
C GLY C 233 34.39 18.53 4.59
N ALA C 234 34.00 18.21 5.83
CA ALA C 234 33.04 19.02 6.60
C ALA C 234 33.30 18.94 8.10
N THR C 235 34.03 19.93 8.61
CA THR C 235 34.47 19.99 10.01
C THR C 235 33.54 20.80 10.93
N SER C 236 32.82 21.78 10.36
CA SER C 236 32.02 22.73 11.16
C SER C 236 30.86 22.06 11.91
N ALA C 237 30.44 22.69 13.00
CA ALA C 237 29.45 22.12 13.92
C ALA C 237 28.07 21.88 13.30
N GLU C 238 27.61 22.83 12.48
CA GLU C 238 26.36 22.67 11.72
C GLU C 238 26.37 21.47 10.76
N PHE C 239 27.56 21.05 10.33
CA PHE C 239 27.75 19.80 9.58
C PHE C 239 27.93 18.57 10.47
N ILE C 240 28.70 18.70 11.55
CA ILE C 240 28.98 17.56 12.45
C ILE C 240 27.72 17.02 13.13
N GLU C 241 26.75 17.90 13.43
CA GLU C 241 25.45 17.45 13.95
C GLU C 241 24.62 16.62 12.96
N MET C 242 24.91 16.76 11.66
CA MET C 242 24.31 15.93 10.60
C MET C 242 25.26 14.84 10.07
N LEU C 243 26.46 14.70 10.67
CA LEU C 243 27.56 13.88 10.12
C LEU C 243 27.14 12.47 9.68
N HIS C 244 26.27 11.85 10.46
CA HIS C 244 25.66 10.54 10.14
C HIS C 244 25.05 10.44 8.74
N CYS C 245 24.40 11.52 8.27
CA CYS C 245 23.76 11.56 6.94
C CYS C 245 24.67 12.05 5.81
N LEU C 246 25.78 12.73 6.14
CA LEU C 246 26.63 13.38 5.14
C LEU C 246 27.47 12.43 4.30
N GLN C 247 27.96 11.36 4.91
CA GLN C 247 28.96 10.50 4.28
C GLN C 247 29.12 9.17 5.01
N GLY C 248 29.42 8.13 4.23
CA GLY C 248 29.81 6.83 4.76
C GLY C 248 31.21 6.51 4.26
N GLU C 249 31.60 5.25 4.37
CA GLU C 249 32.87 4.77 3.81
C GLU C 249 32.76 4.59 2.29
N ASN C 250 31.54 4.38 1.80
CA ASN C 250 31.28 4.08 0.38
C ASN C 250 30.22 4.96 -0.31
N TRP C 251 29.88 6.11 0.28
CA TRP C 251 28.95 7.05 -0.36
C TRP C 251 29.06 8.48 0.17
N ARG C 252 28.69 9.43 -0.69
CA ARG C 252 28.74 10.87 -0.40
C ARG C 252 27.33 11.45 -0.51
N GLN C 253 26.98 12.36 0.40
CA GLN C 253 25.70 13.08 0.36
C GLN C 253 25.96 14.57 0.54
N ILE C 254 25.59 15.37 -0.47
CA ILE C 254 25.76 16.82 -0.42
C ILE C 254 24.61 17.40 0.41
N TYR C 255 24.96 18.24 1.38
CA TYR C 255 24.01 18.82 2.33
C TYR C 255 24.36 20.28 2.55
N HIS C 256 23.34 21.14 2.63
CA HIS C 256 23.52 22.58 2.80
C HIS C 256 22.74 23.07 4.02
N PRO C 257 23.39 23.14 5.21
CA PRO C 257 22.66 23.54 6.42
C PRO C 257 22.17 24.99 6.40
N GLY C 258 21.02 25.22 7.02
CA GLY C 258 20.37 26.54 7.02
C GLY C 258 21.01 27.53 7.98
N GLY C 259 20.46 28.75 7.97
CA GLY C 259 20.90 29.81 8.87
C GLY C 259 22.19 30.49 8.41
N ASN C 260 22.72 31.34 9.29
CA ASN C 260 23.97 32.07 9.02
C ASN C 260 25.19 31.15 9.08
N LYS C 261 26.30 31.65 8.52
CA LYS C 261 27.60 30.94 8.53
C LYS C 261 28.70 31.95 8.86
N LEU C 262 29.68 31.51 9.64
CA LEU C 262 30.81 32.35 10.04
C LEU C 262 31.70 32.68 8.85
N THR C 263 32.28 33.88 8.86
CA THR C 263 33.21 34.31 7.82
C THR C 263 34.56 33.57 7.94
N GLU C 264 35.00 33.34 9.18
CA GLU C 264 36.20 32.54 9.46
C GLU C 264 36.05 31.08 9.00
N SER C 265 34.82 30.55 9.06
CA SER C 265 34.52 29.20 8.55
C SER C 265 34.60 29.12 7.02
N ARG C 266 34.16 30.18 6.34
CA ARG C 266 34.33 30.30 4.88
C ARG C 266 35.79 30.51 4.48
N SER C 267 36.56 31.20 5.33
CA SER C 267 37.98 31.47 5.08
C SER C 267 38.85 30.21 5.00
N GLN C 268 38.61 29.25 5.90
CA GLN C 268 39.39 28.01 5.92
C GLN C 268 39.11 27.14 4.70
N SER C 269 37.83 26.92 4.41
CA SER C 269 37.41 26.15 3.23
C SER C 269 37.77 26.83 1.89
N MET C 270 37.86 28.16 1.90
CA MET C 270 38.37 28.91 0.75
C MET C 270 39.84 28.58 0.48
N ILE C 271 40.63 28.55 1.56
CA ILE C 271 42.04 28.17 1.48
C ILE C 271 42.19 26.70 1.05
N VAL C 272 41.40 25.82 1.66
CA VAL C 272 41.40 24.40 1.32
C VAL C 272 40.96 24.16 -0.14
N ALA C 273 40.00 24.97 -0.61
CA ALA C 273 39.51 24.85 -1.98
C ALA C 273 40.59 25.17 -3.00
N CYS C 274 41.22 26.34 -2.85
CA CYS C 274 42.25 26.81 -3.79
C CYS C 274 43.50 25.91 -3.81
N ARG C 275 43.93 25.46 -2.63
CA ARG C 275 45.05 24.51 -2.51
C ARG C 275 44.78 23.21 -3.29
N LYS C 276 43.57 22.67 -3.15
CA LYS C 276 43.21 21.40 -3.76
C LYS C 276 43.03 21.50 -5.29
N ILE C 277 42.70 22.69 -5.79
CA ILE C 277 42.66 22.95 -7.24
C ILE C 277 44.08 23.01 -7.81
N ILE C 278 44.96 23.72 -7.11
CA ILE C 278 46.37 23.88 -7.53
C ILE C 278 47.09 22.54 -7.64
N ARG C 279 46.94 21.68 -6.63
CA ARG C 279 47.60 20.36 -6.62
C ARG C 279 47.24 19.50 -7.83
N ARG C 280 46.02 19.64 -8.34
CA ARG C 280 45.60 18.93 -9.56
C ARG C 280 46.22 19.60 -10.79
N SER C 281 45.96 20.90 -10.95
CA SER C 281 46.30 21.62 -12.19
C SER C 281 47.80 21.72 -12.52
N ILE C 282 48.67 21.70 -11.50
CA ILE C 282 50.14 21.71 -11.71
C ILE C 282 50.62 20.66 -12.71
N VAL C 283 50.04 19.47 -12.65
CA VAL C 283 50.47 18.33 -13.46
C VAL C 283 50.17 18.51 -14.95
N ALA C 284 48.94 18.89 -15.27
CA ALA C 284 48.48 18.97 -16.66
C ALA C 284 49.17 20.08 -17.44
N SER C 285 49.27 19.91 -18.76
CA SER C 285 49.77 20.94 -19.66
C SER C 285 48.80 22.11 -19.65
N ASN C 286 49.35 23.32 -19.52
CA ASN C 286 48.57 24.54 -19.25
C ASN C 286 47.78 24.45 -17.93
N PRO C 287 48.50 24.53 -16.78
CA PRO C 287 47.86 24.57 -15.46
C PRO C 287 46.85 25.70 -15.26
N LEU C 288 47.15 26.88 -15.79
CA LEU C 288 46.26 28.04 -15.67
C LEU C 288 44.87 27.81 -16.28
N GLU C 289 44.80 27.00 -17.34
CA GLU C 289 43.53 26.68 -18.00
C GLU C 289 42.62 25.86 -17.09
N LEU C 290 43.16 24.80 -16.49
CA LEU C 290 42.41 23.97 -15.52
C LEU C 290 42.08 24.74 -14.25
N ALA C 291 43.04 25.51 -13.74
CA ALA C 291 42.85 26.34 -12.56
C ALA C 291 41.63 27.26 -12.71
N VAL C 292 41.49 27.88 -13.88
CA VAL C 292 40.32 28.70 -14.20
C VAL C 292 39.06 27.85 -14.38
N GLU C 293 39.19 26.75 -15.12
CA GLU C 293 38.05 25.86 -15.42
C GLU C 293 37.37 25.29 -14.17
N ILE C 294 38.19 24.82 -13.23
CA ILE C 294 37.69 24.23 -11.98
C ILE C 294 37.24 25.30 -10.98
N ALA C 295 38.02 26.36 -10.83
CA ALA C 295 37.69 27.44 -9.89
C ALA C 295 36.41 28.21 -10.23
N ASN C 296 36.05 28.25 -11.52
CA ASN C 296 34.76 28.79 -11.95
C ASN C 296 33.57 27.99 -11.40
N LYS C 297 33.70 26.67 -11.40
CA LYS C 297 32.62 25.77 -11.01
C LYS C 297 32.84 25.08 -9.65
N THR C 298 33.57 25.74 -8.74
CA THR C 298 33.66 25.32 -7.34
C THR C 298 32.65 26.08 -6.52
N VAL C 299 32.09 25.40 -5.51
CA VAL C 299 31.07 25.98 -4.63
C VAL C 299 31.40 25.62 -3.19
N ILE C 300 31.72 26.64 -2.39
CA ILE C 300 31.91 26.48 -0.95
C ILE C 300 30.51 26.49 -0.31
N ASP C 301 29.96 25.29 -0.12
CA ASP C 301 28.60 25.07 0.34
C ASP C 301 27.54 25.62 -0.65
N THR C 302 27.21 26.91 -0.57
CA THR C 302 26.19 27.53 -1.42
C THR C 302 26.78 28.60 -2.34
N GLU C 303 27.50 29.55 -1.75
CA GLU C 303 28.18 30.60 -2.54
C GLU C 303 29.35 30.02 -3.36
N PRO C 304 29.64 30.59 -4.55
CA PRO C 304 30.78 30.11 -5.34
C PRO C 304 32.13 30.51 -4.76
N LEU C 305 33.21 29.98 -5.35
CA LEU C 305 34.57 30.32 -4.94
C LEU C 305 34.94 31.76 -5.32
N LYS C 306 34.46 32.21 -6.49
CA LYS C 306 34.63 33.59 -6.94
C LYS C 306 34.21 34.60 -5.87
N SER C 307 32.98 34.42 -5.38
CA SER C 307 32.39 35.33 -4.40
C SER C 307 33.11 35.32 -3.05
N CYS C 308 33.55 34.13 -2.62
CA CYS C 308 34.35 34.00 -1.39
C CYS C 308 35.68 34.75 -1.49
N LEU C 309 36.38 34.55 -2.60
CA LEU C 309 37.65 35.23 -2.86
C LEU C 309 37.50 36.76 -2.99
N ALA C 310 36.37 37.19 -3.57
CA ALA C 310 36.07 38.61 -3.73
C ALA C 310 35.61 39.26 -2.42
N ALA C 311 34.75 38.57 -1.67
CA ALA C 311 34.16 39.12 -0.44
C ALA C 311 35.15 39.16 0.72
N ILE C 312 35.80 38.03 0.99
CA ILE C 312 36.73 37.91 2.13
C ILE C 312 38.07 38.58 1.78
N ASP C 313 38.56 39.43 2.68
CA ASP C 313 39.88 40.06 2.56
C ASP C 313 40.88 39.33 3.45
N GLY C 314 41.27 38.14 3.01
CA GLY C 314 42.25 37.31 3.74
C GLY C 314 42.89 36.28 2.82
N GLY C 315 42.71 35.00 3.13
CA GLY C 315 43.25 33.91 2.32
C GLY C 315 44.70 33.59 2.63
N ASP C 316 45.41 33.06 1.64
CA ASP C 316 46.81 32.67 1.77
C ASP C 316 47.52 32.76 0.39
N VAL C 317 48.59 31.97 0.19
CA VAL C 317 49.32 31.94 -1.09
C VAL C 317 48.45 31.43 -2.24
N ALA C 318 47.74 30.32 -1.98
CA ALA C 318 46.88 29.68 -2.99
C ALA C 318 45.73 30.55 -3.46
N CYS C 319 45.08 31.27 -2.54
CA CYS C 319 43.94 32.13 -2.88
C CYS C 319 44.32 33.26 -3.82
N ASP C 320 45.48 33.88 -3.58
CA ASP C 320 45.99 34.93 -4.47
C ASP C 320 46.28 34.41 -5.89
N ILE C 321 46.74 33.17 -6.00
CA ILE C 321 47.01 32.56 -7.30
C ILE C 321 45.70 32.33 -8.08
N ILE C 322 44.66 31.86 -7.39
CA ILE C 322 43.34 31.65 -7.99
C ILE C 322 42.65 32.98 -8.27
N ARG C 323 42.76 33.93 -7.33
CA ARG C 323 42.29 35.32 -7.55
C ARG C 323 42.90 35.92 -8.82
N ALA C 324 44.20 35.69 -9.01
CA ALA C 324 44.91 36.15 -10.22
C ALA C 324 44.48 35.38 -11.47
N ALA C 325 44.26 34.07 -11.33
CA ALA C 325 43.78 33.24 -12.43
C ALA C 325 42.39 33.67 -12.91
N LEU C 326 41.48 33.87 -11.96
CA LEU C 326 40.13 34.34 -12.26
C LEU C 326 40.08 35.82 -12.65
N GLY C 327 41.00 36.62 -12.10
CA GLY C 327 41.16 38.02 -12.48
C GLY C 327 40.58 39.00 -11.48
N LEU C 328 40.99 38.87 -10.22
CA LEU C 328 40.59 39.78 -9.13
C LEU C 328 41.83 40.36 -8.47
N LYS C 329 41.62 41.34 -7.60
CA LYS C 329 42.70 41.88 -6.76
C LYS C 329 43.22 40.80 -5.81
N ILE C 330 44.52 40.85 -5.52
CA ILE C 330 45.17 39.85 -4.66
C ILE C 330 45.50 40.44 -3.29
N ARG C 331 44.80 39.96 -2.26
CA ARG C 331 45.05 40.41 -0.89
C ARG C 331 46.22 39.63 -0.33
N GLN C 332 47.40 40.24 -0.36
CA GLN C 332 48.61 39.61 0.17
C GLN C 332 48.57 39.70 1.70
N ARG C 333 47.82 38.80 2.32
CA ARG C 333 47.60 38.82 3.76
C ARG C 333 47.87 37.46 4.42
N GLN C 334 48.28 37.50 5.68
CA GLN C 334 48.57 36.31 6.48
C GLN C 334 48.01 36.49 7.89
N ARG C 335 47.12 35.58 8.30
CA ARG C 335 46.54 35.59 9.64
C ARG C 335 47.26 34.60 10.56
N PHE C 336 47.91 35.12 11.61
CA PHE C 336 48.56 34.30 12.62
C PHE C 336 47.72 34.30 13.90
N GLY C 337 46.55 33.67 13.82
CA GLY C 337 45.62 33.59 14.94
C GLY C 337 44.94 34.92 15.21
N ARG C 338 45.43 35.63 16.23
CA ARG C 338 44.92 36.94 16.62
C ARG C 338 45.56 38.07 15.78
N LEU C 339 46.83 37.90 15.43
CA LEU C 339 47.54 38.84 14.56
C LEU C 339 47.03 38.72 13.12
N GLU C 340 47.02 39.85 12.41
CA GLU C 340 46.66 39.88 10.98
C GLU C 340 47.61 40.82 10.22
N LEU C 341 48.37 40.24 9.30
CA LEU C 341 49.40 40.96 8.54
C LEU C 341 48.95 41.22 7.10
N LYS C 342 49.58 42.22 6.48
CA LYS C 342 49.44 42.51 5.06
C LYS C 342 50.82 42.81 4.49
N ARG C 343 51.15 42.24 3.34
CA ARG C 343 52.51 42.31 2.78
C ARG C 343 52.81 43.67 2.14
N ILE C 344 53.91 44.31 2.60
CA ILE C 344 54.43 45.54 2.00
C ILE C 344 55.43 45.16 0.91
N SER C 345 56.44 44.36 1.27
CA SER C 345 57.48 43.93 0.33
C SER C 345 58.20 42.67 0.80
N GLY C 346 58.98 42.09 -0.11
CA GLY C 346 59.77 40.89 0.17
C GLY C 346 59.00 39.60 0.00
N ARG C 347 59.74 38.51 -0.21
CA ARG C 347 59.18 37.17 -0.35
C ARG C 347 59.88 36.20 0.60
N GLY C 348 59.14 35.19 1.06
CA GLY C 348 59.65 34.15 1.96
C GLY C 348 59.53 32.74 1.37
N PHE C 349 60.42 31.85 1.82
CA PHE C 349 60.39 30.43 1.45
C PHE C 349 60.57 29.57 2.70
N LYS C 350 59.79 28.49 2.78
CA LYS C 350 59.74 27.63 3.95
C LYS C 350 60.87 26.60 3.96
N ASN C 351 61.40 26.31 5.15
CA ASN C 351 62.48 25.33 5.34
C ASN C 351 62.28 24.51 6.63
N ASP C 352 62.09 23.20 6.48
CA ASP C 352 61.90 22.30 7.63
C ASP C 352 63.22 22.04 8.36
N GLU C 353 63.41 22.74 9.47
CA GLU C 353 64.62 22.63 10.30
C GLU C 353 64.26 22.24 11.74
N GLU C 354 65.20 21.59 12.42
CA GLU C 354 65.02 21.15 13.80
C GLU C 354 65.67 22.12 14.78
N ILE C 355 64.83 22.85 15.53
CA ILE C 355 65.29 23.85 16.51
C ILE C 355 65.16 23.30 17.93
N LEU C 356 66.20 23.51 18.73
CA LEU C 356 66.17 23.18 20.16
C LEU C 356 65.46 24.31 20.91
N ILE C 357 64.32 24.00 21.52
CA ILE C 357 63.56 24.96 22.31
C ILE C 357 64.20 25.07 23.70
N GLY C 358 64.09 26.25 24.31
CA GLY C 358 64.75 26.57 25.59
C GLY C 358 64.53 25.61 26.75
N ASN C 359 63.33 25.02 26.82
CA ASN C 359 63.02 23.98 27.82
C ASN C 359 63.87 22.71 27.67
N GLY C 360 64.23 22.37 26.42
CA GLY C 360 65.12 21.24 26.11
C GLY C 360 64.41 20.15 25.35
N THR C 361 63.90 20.48 24.16
CA THR C 361 63.19 19.54 23.30
C THR C 361 63.47 19.83 21.82
N ILE C 362 63.53 18.77 21.02
CA ILE C 362 63.75 18.87 19.57
C ILE C 362 62.38 18.91 18.88
N GLN C 363 62.20 19.86 17.96
CA GLN C 363 60.94 20.03 17.23
C GLN C 363 61.20 20.46 15.78
N LYS C 364 60.50 19.81 14.85
CA LYS C 364 60.54 20.18 13.44
C LYS C 364 59.60 21.36 13.17
N ILE C 365 60.19 22.53 12.91
CA ILE C 365 59.43 23.76 12.65
C ILE C 365 59.89 24.37 11.32
N GLY C 366 58.92 24.81 10.51
CA GLY C 366 59.21 25.43 9.22
C GLY C 366 59.64 26.88 9.36
N ILE C 367 60.94 27.14 9.22
CA ILE C 367 61.48 28.51 9.32
C ILE C 367 61.29 29.23 7.98
N TRP C 368 61.01 30.53 8.04
CA TRP C 368 60.85 31.36 6.84
C TRP C 368 62.17 32.08 6.49
N ASP C 369 62.69 31.78 5.30
CA ASP C 369 63.96 32.34 4.82
C ASP C 369 63.74 33.72 4.20
N GLY C 370 64.83 34.47 4.04
CA GLY C 370 64.80 35.76 3.33
C GLY C 370 64.19 36.91 4.10
N GLU C 371 64.40 38.13 3.61
CA GLU C 371 63.89 39.35 4.23
C GLU C 371 62.46 39.62 3.79
N GLU C 372 61.59 39.91 4.77
CA GLU C 372 60.17 40.22 4.52
C GLU C 372 59.76 41.46 5.31
N GLU C 373 58.76 42.18 4.79
CA GLU C 373 58.24 43.40 5.43
C GLU C 373 56.71 43.42 5.35
N PHE C 374 56.04 43.56 6.49
CA PHE C 374 54.58 43.48 6.58
C PHE C 374 53.94 44.70 7.23
N HIS C 375 52.79 45.11 6.69
CA HIS C 375 51.91 46.10 7.32
C HIS C 375 51.06 45.35 8.35
N VAL C 376 51.22 45.72 9.62
CA VAL C 376 50.69 44.95 10.75
C VAL C 376 49.43 45.60 11.33
N ARG C 377 48.55 44.77 11.87
CA ARG C 377 47.38 45.23 12.62
C ARG C 377 46.89 44.13 13.56
N CYS C 378 46.77 44.44 14.85
CA CYS C 378 46.33 43.50 15.87
C CYS C 378 45.23 44.12 16.74
N GLY C 379 43.97 43.91 16.33
CA GLY C 379 42.82 44.48 17.02
C GLY C 379 42.69 45.96 16.77
N GLU C 380 43.01 46.76 17.79
CA GLU C 380 43.01 48.23 17.68
C GLU C 380 44.37 48.76 17.24
N CYS C 381 45.44 48.26 17.87
CA CYS C 381 46.80 48.73 17.61
C CYS C 381 47.32 48.32 16.23
N ARG C 382 48.16 49.18 15.65
CA ARG C 382 48.70 48.98 14.30
C ARG C 382 50.23 49.18 14.30
N GLY C 383 50.86 48.84 13.19
CA GLY C 383 52.31 48.98 13.05
C GLY C 383 52.89 48.40 11.76
N ILE C 384 54.20 48.46 11.65
CA ILE C 384 54.95 47.91 10.51
C ILE C 384 56.01 46.93 11.05
N LEU C 385 56.22 45.83 10.32
CA LEU C 385 57.20 44.80 10.71
C LEU C 385 58.34 44.72 9.69
N LYS C 386 59.53 44.39 10.18
CA LYS C 386 60.70 44.12 9.33
C LYS C 386 61.47 42.96 9.96
N LYS C 387 61.68 41.89 9.19
CA LYS C 387 62.34 40.68 9.68
C LYS C 387 63.19 40.00 8.61
N SER C 388 64.16 39.21 9.07
CA SER C 388 64.99 38.34 8.21
C SER C 388 64.85 36.90 8.73
N LYS C 389 65.72 36.00 8.28
CA LYS C 389 65.72 34.62 8.79
C LYS C 389 66.06 34.57 10.29
N MET C 390 65.03 34.33 11.10
CA MET C 390 65.15 34.19 12.56
C MET C 390 65.72 35.44 13.26
N LYS C 391 65.10 36.58 13.01
CA LYS C 391 65.46 37.85 13.66
C LYS C 391 64.36 38.90 13.56
N LEU C 392 64.23 39.71 14.62
CA LEU C 392 63.43 40.94 14.59
C LEU C 392 64.38 42.11 14.44
N GLU C 393 64.46 42.65 13.22
CA GLU C 393 65.32 43.78 12.92
C GLU C 393 64.71 45.09 13.43
N LYS C 394 63.44 45.32 13.08
CA LYS C 394 62.68 46.47 13.55
C LYS C 394 61.22 46.11 13.84
N LEU C 395 60.54 46.98 14.58
CA LEU C 395 59.12 46.84 14.85
C LEU C 395 58.51 48.21 15.20
N LEU C 396 58.19 48.98 14.17
CA LEU C 396 57.55 50.29 14.33
C LEU C 396 56.06 50.07 14.62
N ILE C 397 55.60 50.58 15.76
CA ILE C 397 54.20 50.42 16.19
C ILE C 397 53.62 51.74 16.72
N ASN C 398 52.30 51.77 16.91
CA ASN C 398 51.59 52.95 17.41
C ASN C 398 51.13 52.78 18.86
N SER C 399 50.71 53.89 19.46
CA SER C 399 50.17 53.89 20.83
C SER C 399 48.71 53.46 20.84
N ALA C 400 48.35 52.59 21.78
CA ALA C 400 46.99 52.05 21.89
C ALA C 400 46.75 51.50 23.32
N LYS C 401 45.77 50.61 23.48
CA LYS C 401 45.55 49.93 24.76
C LYS C 401 46.70 48.97 25.10
N LYS C 402 46.80 48.61 26.38
CA LYS C 402 47.90 47.80 26.89
C LYS C 402 47.85 46.35 26.41
N GLU C 403 46.66 45.76 26.39
CA GLU C 403 46.47 44.38 25.91
C GLU C 403 46.71 44.22 24.40
N ASP C 404 46.41 45.24 23.61
CA ASP C 404 46.63 45.22 22.16
C ASP C 404 48.12 45.38 21.81
N MET C 405 48.80 46.30 22.49
CA MET C 405 50.24 46.51 22.30
C MET C 405 51.09 45.33 22.80
N ARG C 406 50.67 44.72 23.91
CA ARG C 406 51.33 43.53 24.46
C ARG C 406 51.19 42.33 23.49
N ASP C 407 49.97 42.09 23.02
CA ASP C 407 49.72 41.01 22.04
C ASP C 407 50.43 41.26 20.70
N LEU C 408 50.43 42.52 20.25
CA LEU C 408 51.10 42.90 18.99
C LEU C 408 52.61 42.60 19.01
N ILE C 409 53.27 42.91 20.13
CA ILE C 409 54.71 42.70 20.29
C ILE C 409 55.03 41.20 20.44
N ILE C 410 54.20 40.47 21.19
CA ILE C 410 54.39 39.02 21.40
C ILE C 410 54.14 38.23 20.11
N LEU C 411 53.03 38.50 19.43
CA LEU C 411 52.66 37.78 18.20
C LEU C 411 53.63 38.03 17.03
N CYS C 412 54.22 39.22 16.97
CA CYS C 412 55.26 39.52 15.97
C CYS C 412 56.59 38.82 16.29
N MET C 413 56.93 38.72 17.58
CA MET C 413 58.13 37.98 18.02
C MET C 413 58.04 36.48 17.70
N VAL C 414 56.85 35.90 17.90
CA VAL C 414 56.61 34.49 17.57
C VAL C 414 56.55 34.28 16.05
N PHE C 415 55.88 35.18 15.34
CA PHE C 415 55.79 35.13 13.87
C PHE C 415 57.16 35.26 13.19
N SER C 416 58.05 36.07 13.75
CA SER C 416 59.40 36.26 13.21
C SER C 416 60.32 35.03 13.37
N GLN C 417 60.00 34.15 14.30
CA GLN C 417 60.74 32.90 14.55
C GLN C 417 62.18 33.16 15.03
N ASP C 418 62.31 34.12 15.94
CA ASP C 418 63.62 34.53 16.46
C ASP C 418 64.18 33.46 17.40
N THR C 419 65.51 33.39 17.50
CA THR C 419 66.18 32.45 18.41
C THR C 419 65.92 32.79 19.88
N ARG C 420 65.83 34.09 20.19
CA ARG C 420 65.46 34.56 21.54
C ARG C 420 64.07 34.07 21.98
N MET C 421 63.14 33.94 21.04
CA MET C 421 61.81 33.38 21.29
C MET C 421 61.89 31.88 21.59
N PHE C 422 62.63 31.14 20.75
CA PHE C 422 62.82 29.70 20.92
C PHE C 422 63.59 29.37 22.20
N GLN C 423 64.71 30.05 22.43
CA GLN C 423 65.51 29.88 23.65
C GLN C 423 64.88 30.69 24.79
N GLY C 424 63.75 30.21 25.30
CA GLY C 424 63.01 30.88 26.38
C GLY C 424 61.65 30.29 26.68
N VAL C 425 61.62 28.99 26.97
CA VAL C 425 60.40 28.25 27.31
C VAL C 425 60.65 27.45 28.58
N ARG C 426 59.67 27.44 29.49
CA ARG C 426 59.80 26.80 30.79
C ARG C 426 58.59 25.91 31.07
N GLY C 427 58.81 24.59 31.03
CA GLY C 427 57.76 23.60 31.30
C GLY C 427 57.50 22.72 30.09
N GLU C 428 56.29 22.80 29.53
CA GLU C 428 55.89 22.02 28.35
C GLU C 428 54.97 22.81 27.44
N ILE C 429 54.95 22.41 26.16
CA ILE C 429 54.06 22.98 25.14
C ILE C 429 53.50 21.83 24.30
N ASN C 433 48.98 15.98 19.88
CA ASN C 433 48.03 15.84 21.00
C ASN C 433 48.19 14.47 21.68
N ARG C 434 47.13 13.94 22.30
CA ARG C 434 47.16 12.60 22.90
C ARG C 434 47.24 11.49 21.84
N ALA C 435 46.49 11.66 20.75
CA ALA C 435 46.58 10.76 19.59
C ALA C 435 47.90 10.92 18.83
N GLY C 436 48.51 12.10 18.92
CA GLY C 436 49.82 12.36 18.31
C GLY C 436 49.67 12.81 16.87
N GLN C 437 48.80 13.80 16.66
CA GLN C 437 48.45 14.30 15.33
C GLN C 437 49.08 15.66 14.98
N LEU C 438 49.78 16.27 15.94
CA LEU C 438 50.63 17.46 15.71
C LEU C 438 49.89 18.76 15.34
N LEU C 439 49.25 18.79 14.17
CA LEU C 439 48.55 19.97 13.62
C LEU C 439 49.50 21.13 13.27
N SER C 440 50.03 21.82 14.30
CA SER C 440 50.97 22.95 14.07
C SER C 440 51.80 23.30 15.32
N PRO C 441 53.12 23.51 15.15
CA PRO C 441 53.98 23.92 16.27
C PRO C 441 53.97 25.42 16.58
N MET C 442 53.70 26.27 15.59
CA MET C 442 53.72 27.73 15.77
C MET C 442 52.50 28.24 16.56
N TYR C 443 51.34 27.65 16.31
CA TYR C 443 50.12 27.96 17.08
C TYR C 443 50.21 27.50 18.54
N GLN C 444 51.03 26.48 18.81
CA GLN C 444 51.29 26.04 20.19
C GLN C 444 52.18 27.03 20.93
N LEU C 445 53.19 27.56 20.25
CA LEU C 445 54.05 28.63 20.79
C LEU C 445 53.27 29.93 21.02
N GLN C 446 52.31 30.21 20.13
CA GLN C 446 51.41 31.36 20.27
C GLN C 446 50.63 31.29 21.59
N ARG C 447 49.95 30.16 21.81
CA ARG C 447 49.11 29.94 23.00
C ARG C 447 49.91 29.96 24.32
N TYR C 448 51.16 29.50 24.27
CA TYR C 448 52.04 29.51 25.45
C TYR C 448 52.47 30.92 25.83
N PHE C 449 53.01 31.66 24.86
CA PHE C 449 53.51 33.02 25.10
C PHE C 449 52.42 34.09 25.25
N LEU C 450 51.18 33.80 24.85
CA LEU C 450 50.04 34.68 25.14
C LEU C 450 49.75 34.73 26.65
N ASN C 451 49.77 33.57 27.29
CA ASN C 451 49.57 33.47 28.74
C ASN C 451 50.83 33.84 29.51
N ARG C 452 51.91 33.10 29.26
CA ARG C 452 53.18 33.25 29.96
C ARG C 452 54.17 34.06 29.13
N SER C 453 54.02 35.39 29.17
CA SER C 453 54.86 36.32 28.41
C SER C 453 56.14 36.74 29.15
N ASN C 454 56.16 36.61 30.48
CA ASN C 454 57.33 36.98 31.30
C ASN C 454 58.62 36.21 30.98
N ASP C 455 58.49 34.99 30.45
CA ASP C 455 59.64 34.21 29.97
C ASP C 455 60.28 34.86 28.73
N LEU C 456 59.44 35.38 27.83
CA LEU C 456 59.89 35.98 26.57
C LEU C 456 60.62 37.31 26.77
N PHE C 457 59.98 38.24 27.48
CA PHE C 457 60.53 39.60 27.67
C PHE C 457 61.87 39.65 28.40
N ASP C 458 62.09 38.72 29.33
CA ASP C 458 63.37 38.61 30.04
C ASP C 458 64.48 38.04 29.15
N GLN C 459 64.17 36.97 28.43
CA GLN C 459 65.11 36.33 27.49
C GLN C 459 65.43 37.17 26.24
N TRP C 460 64.53 38.11 25.90
CA TRP C 460 64.70 38.95 24.70
C TRP C 460 65.85 39.96 24.85
N GLY C 461 65.84 40.69 25.95
CA GLY C 461 66.85 41.73 26.23
C GLY C 461 66.30 43.14 26.06
N TYR C 462 67.16 44.12 26.31
CA TYR C 462 66.77 45.55 26.25
C TYR C 462 67.88 46.40 25.62
N GLU C 463 67.52 47.63 25.24
CA GLU C 463 68.47 48.61 24.71
C GLU C 463 67.96 50.05 24.91
N GLU C 464 68.75 51.04 24.51
CA GLU C 464 68.41 52.45 24.66
C GLU C 464 67.30 52.87 23.68
N SER C 465 66.42 53.76 24.14
CA SER C 465 65.30 54.26 23.32
C SER C 465 65.77 55.24 22.25
N PRO C 466 64.97 55.44 21.18
CA PRO C 466 65.30 56.47 20.18
C PRO C 466 65.03 57.87 20.71
N LYS C 467 65.93 58.81 20.40
CA LYS C 467 65.85 60.19 20.91
C LYS C 467 65.23 61.19 19.91
N ALA C 468 64.43 60.71 18.97
CA ALA C 468 63.71 61.58 18.02
C ALA C 468 62.50 62.23 18.68
N SER C 469 61.92 63.21 18.00
CA SER C 469 60.77 63.96 18.50
C SER C 469 59.49 63.12 18.55
N GLU C 470 59.23 62.39 17.46
CA GLU C 470 58.04 61.54 17.34
C GLU C 470 58.21 60.12 17.92
N LEU C 471 59.43 59.59 17.90
CA LEU C 471 59.70 58.23 18.37
C LEU C 471 59.79 58.13 19.90
N HIS C 472 59.40 56.97 20.43
CA HIS C 472 59.47 56.66 21.86
C HIS C 472 59.72 55.16 22.07
N GLY C 473 60.02 54.79 23.31
CA GLY C 473 60.27 53.38 23.69
C GLY C 473 59.37 52.94 24.82
N ILE C 474 59.26 51.62 25.02
CA ILE C 474 58.44 51.04 26.08
C ILE C 474 59.07 49.80 26.72
N ASN C 475 58.76 49.59 28.01
CA ASN C 475 59.28 48.47 28.79
C ASN C 475 58.31 47.27 28.75
N GLU C 476 58.51 46.28 29.63
CA GLU C 476 57.67 45.07 29.69
C GLU C 476 56.20 45.34 29.99
N SER C 477 55.93 46.30 30.88
CA SER C 477 54.55 46.58 31.34
C SER C 477 53.74 47.54 30.47
N MET C 478 54.20 47.82 29.23
CA MET C 478 53.50 48.66 28.26
C MET C 478 53.34 50.11 28.76
N ASN C 479 54.46 50.69 29.19
CA ASN C 479 54.53 52.09 29.64
C ASN C 479 55.76 52.77 29.01
N ALA C 480 55.71 54.09 28.87
CA ALA C 480 56.80 54.85 28.25
C ALA C 480 58.07 54.80 29.10
N SER C 481 59.16 54.31 28.52
CA SER C 481 60.42 54.05 29.25
C SER C 481 61.65 54.33 28.39
N ASP C 482 62.79 54.50 29.07
CA ASP C 482 64.08 54.77 28.41
C ASP C 482 64.76 53.49 27.94
N TYR C 483 64.73 52.44 28.78
CA TYR C 483 65.28 51.13 28.42
C TYR C 483 64.22 50.29 27.70
N THR C 484 64.10 50.53 26.39
CA THR C 484 63.13 49.81 25.55
C THR C 484 63.61 48.40 25.18
N LEU C 485 62.69 47.61 24.62
CA LEU C 485 63.00 46.24 24.16
C LEU C 485 63.87 46.28 22.90
N LYS C 486 64.66 45.21 22.71
CA LYS C 486 65.61 45.12 21.59
C LYS C 486 64.89 44.98 20.24
N GLY C 487 64.94 46.05 19.44
CA GLY C 487 64.27 46.10 18.14
C GLY C 487 62.78 46.36 18.23
N VAL C 488 62.39 47.28 19.13
CA VAL C 488 61.00 47.70 19.32
C VAL C 488 60.96 49.22 19.46
N VAL C 489 60.13 49.88 18.65
CA VAL C 489 59.99 51.34 18.65
C VAL C 489 58.51 51.72 18.57
N VAL C 490 58.10 52.68 19.40
CA VAL C 490 56.73 53.19 19.43
C VAL C 490 56.73 54.63 18.88
N THR C 491 56.01 54.86 17.79
CA THR C 491 55.95 56.18 17.14
C THR C 491 54.54 56.77 17.17
N LYS C 505 49.19 46.52 -10.32
CA LYS C 505 48.72 45.40 -11.12
C LYS C 505 49.72 44.25 -11.16
N VAL C 506 49.20 43.03 -11.31
CA VAL C 506 50.00 41.80 -11.36
C VAL C 506 49.37 40.83 -12.37
N SER C 507 50.21 40.12 -13.12
CA SER C 507 49.76 39.14 -14.11
C SER C 507 50.16 37.72 -13.70
N ILE C 508 49.47 36.72 -14.26
CA ILE C 508 49.66 35.30 -13.91
C ILE C 508 50.17 34.50 -15.11
N THR C 509 51.10 33.58 -14.83
CA THR C 509 51.74 32.77 -15.87
C THR C 509 50.91 31.52 -16.16
N LYS C 510 51.21 30.89 -17.29
CA LYS C 510 50.68 29.57 -17.65
C LYS C 510 50.88 28.55 -16.53
N ASN C 511 52.06 28.57 -15.89
CA ASN C 511 52.40 27.65 -14.81
C ASN C 511 52.19 28.22 -13.38
N LEU C 512 51.22 29.12 -13.23
CA LEU C 512 50.72 29.56 -11.92
C LEU C 512 51.77 30.21 -11.02
N SER C 513 52.31 31.33 -11.46
CA SER C 513 53.21 32.16 -10.65
C SER C 513 53.03 33.63 -11.01
N LEU C 514 52.75 34.46 -10.01
CA LEU C 514 52.34 35.84 -10.25
C LEU C 514 53.54 36.77 -10.43
N ILE C 515 53.62 37.40 -11.61
CA ILE C 515 54.75 38.25 -12.00
C ILE C 515 54.35 39.71 -11.98
N LYS C 516 55.22 40.57 -11.43
CA LYS C 516 55.05 42.02 -11.49
C LYS C 516 55.36 42.54 -12.91
N ARG C 517 55.15 43.84 -13.13
CA ARG C 517 55.52 44.47 -14.40
C ARG C 517 57.05 44.59 -14.56
N THR C 518 57.77 44.70 -13.44
CA THR C 518 59.24 44.73 -13.44
C THR C 518 59.88 43.40 -13.84
N GLY C 519 59.16 42.30 -13.65
CA GLY C 519 59.65 40.96 -13.97
C GLY C 519 59.78 40.06 -12.75
N GLU C 520 59.84 40.65 -11.56
CA GLU C 520 59.97 39.88 -10.31
C GLU C 520 58.66 39.17 -10.01
N VAL C 521 58.77 37.95 -9.47
CA VAL C 521 57.60 37.14 -9.11
C VAL C 521 57.38 37.18 -7.59
N ILE C 522 56.10 37.17 -7.19
CA ILE C 522 55.71 37.34 -5.77
C ILE C 522 55.10 36.08 -5.16
N MET C 523 54.23 35.39 -5.89
CA MET C 523 53.69 34.09 -5.49
C MET C 523 54.37 33.03 -6.35
N GLY C 524 53.98 31.78 -6.16
CA GLY C 524 54.45 30.68 -7.00
C GLY C 524 53.60 29.44 -6.88
N ALA C 525 53.69 28.56 -7.88
CA ALA C 525 52.99 27.28 -7.86
C ALA C 525 53.49 26.38 -6.72
N ASN C 526 54.81 26.29 -6.59
CA ASN C 526 55.45 25.51 -5.52
C ASN C 526 55.65 26.29 -4.20
N ASP C 527 55.02 27.47 -4.08
CA ASP C 527 55.10 28.30 -2.89
C ASP C 527 53.88 28.09 -1.95
N VAL C 528 52.93 27.25 -2.38
CA VAL C 528 51.75 26.91 -1.54
C VAL C 528 52.13 25.81 -0.55
N SER C 529 51.44 25.78 0.59
CA SER C 529 51.62 24.72 1.58
C SER C 529 51.09 23.40 1.04
N GLU C 530 51.78 22.31 1.37
CA GLU C 530 51.36 20.96 1.00
C GLU C 530 50.48 20.28 2.05
N LEU C 531 50.17 20.99 3.14
CA LEU C 531 49.25 20.50 4.18
C LEU C 531 47.82 20.47 3.64
N GLU C 532 47.32 19.26 3.36
CA GLU C 532 45.97 19.06 2.83
C GLU C 532 44.99 18.82 3.98
N SER C 533 44.66 19.90 4.69
CA SER C 533 43.79 19.84 5.87
C SER C 533 42.32 19.73 5.47
N GLN C 534 41.47 19.41 6.45
CA GLN C 534 40.03 19.23 6.23
C GLN C 534 39.31 20.57 6.12
N ALA C 535 38.39 20.67 5.17
CA ALA C 535 37.60 21.89 4.96
C ALA C 535 36.52 22.02 6.03
N GLN C 536 36.27 23.25 6.47
CA GLN C 536 35.28 23.50 7.54
C GLN C 536 33.86 23.35 6.99
N LEU C 537 33.61 23.92 5.83
CA LEU C 537 32.33 23.80 5.11
C LEU C 537 32.45 22.82 3.94
N MET C 538 31.28 22.40 3.43
CA MET C 538 31.21 21.52 2.25
C MET C 538 31.84 22.20 1.04
N ILE C 539 32.48 21.38 0.19
CA ILE C 539 33.10 21.86 -1.04
C ILE C 539 32.63 21.01 -2.21
N THR C 540 31.78 21.59 -3.04
CA THR C 540 31.21 20.90 -4.21
C THR C 540 31.86 21.45 -5.47
N TYR C 541 32.36 20.54 -6.31
CA TYR C 541 32.91 20.88 -7.62
C TYR C 541 31.84 20.56 -8.66
N ASP C 542 31.16 21.60 -9.16
CA ASP C 542 30.08 21.44 -10.14
C ASP C 542 30.65 21.08 -11.52
N THR C 543 31.11 19.83 -11.63
CA THR C 543 31.87 19.33 -12.78
C THR C 543 31.55 17.84 -12.95
N PRO C 544 31.72 17.30 -14.18
CA PRO C 544 31.74 15.84 -14.30
C PRO C 544 32.95 15.16 -13.63
N LYS C 545 34.06 15.88 -13.49
CA LYS C 545 35.31 15.35 -12.95
C LYS C 545 35.60 15.90 -11.55
N MET C 546 34.68 15.65 -10.62
CA MET C 546 34.84 16.12 -9.23
C MET C 546 35.80 15.23 -8.44
N TRP C 547 35.77 13.93 -8.71
CA TRP C 547 36.72 12.95 -8.13
C TRP C 547 38.20 13.33 -8.26
N GLU C 548 38.55 14.03 -9.35
CA GLU C 548 39.93 14.45 -9.62
C GLU C 548 40.51 15.33 -8.51
N MET C 549 39.68 16.19 -7.92
CA MET C 549 40.00 16.85 -6.65
C MET C 549 39.51 15.94 -5.53
N GLY C 550 40.32 14.94 -5.21
CA GLY C 550 40.01 13.96 -4.17
C GLY C 550 41.22 13.57 -3.36
N THR C 551 41.03 12.62 -2.45
CA THR C 551 42.09 12.10 -1.58
C THR C 551 42.90 11.05 -2.35
N THR C 552 44.07 10.71 -1.82
CA THR C 552 44.95 9.68 -2.40
C THR C 552 44.22 8.38 -2.76
N LYS C 553 43.63 7.73 -1.75
CA LYS C 553 42.99 6.41 -1.93
C LYS C 553 41.72 6.49 -2.77
N GLU C 554 41.03 7.63 -2.74
CA GLU C 554 39.89 7.88 -3.61
C GLU C 554 40.33 7.88 -5.07
N LEU C 555 41.40 8.60 -5.36
CA LEU C 555 41.96 8.67 -6.72
C LEU C 555 42.58 7.34 -7.16
N VAL C 556 43.32 6.69 -6.27
CA VAL C 556 43.93 5.38 -6.55
C VAL C 556 42.85 4.34 -6.89
N GLN C 557 41.78 4.33 -6.11
CA GLN C 557 40.66 3.41 -6.32
C GLN C 557 39.90 3.71 -7.61
N ASN C 558 39.52 4.98 -7.79
CA ASN C 558 38.77 5.41 -8.99
C ASN C 558 39.56 5.22 -10.30
N THR C 559 40.88 5.38 -10.25
CA THR C 559 41.73 5.24 -11.45
C THR C 559 41.80 3.78 -11.92
N TYR C 560 42.11 2.87 -11.00
CA TYR C 560 42.14 1.43 -11.32
C TYR C 560 40.77 0.88 -11.75
N GLN C 561 39.69 1.45 -11.22
CA GLN C 561 38.32 1.12 -11.65
C GLN C 561 38.08 1.51 -13.12
N TRP C 562 38.58 2.67 -13.51
CA TRP C 562 38.48 3.14 -14.89
C TRP C 562 39.30 2.26 -15.85
N VAL C 563 40.43 1.72 -15.37
CA VAL C 563 41.24 0.77 -16.14
C VAL C 563 40.49 -0.56 -16.34
N LEU C 564 39.87 -1.07 -15.28
CA LEU C 564 39.13 -2.35 -15.33
C LEU C 564 37.91 -2.32 -16.26
N LYS C 565 37.18 -1.21 -16.25
CA LYS C 565 36.01 -1.06 -17.12
C LYS C 565 36.42 -1.04 -18.59
N ASN C 566 37.47 -0.28 -18.90
CA ASN C 566 38.00 -0.17 -20.27
C ASN C 566 39.22 -1.07 -20.51
N LEU C 567 39.30 -2.22 -19.82
CA LEU C 567 40.41 -3.17 -20.00
C LEU C 567 40.35 -3.92 -21.33
N VAL C 568 39.17 -3.99 -21.94
CA VAL C 568 38.99 -4.63 -23.25
C VAL C 568 39.67 -3.80 -24.34
N THR C 569 39.36 -2.50 -24.38
CA THR C 569 39.93 -1.57 -25.36
C THR C 569 41.40 -1.23 -25.09
N LEU C 570 41.79 -1.14 -23.82
CA LEU C 570 43.18 -0.83 -23.45
C LEU C 570 44.15 -1.97 -23.76
N LYS C 571 43.79 -3.19 -23.36
CA LYS C 571 44.63 -4.38 -23.62
C LYS C 571 44.72 -4.73 -25.10
N ALA C 572 43.65 -4.47 -25.86
CA ALA C 572 43.63 -4.71 -27.30
C ALA C 572 44.51 -3.74 -28.08
N GLN C 573 44.41 -2.45 -27.75
CA GLN C 573 45.21 -1.40 -28.40
C GLN C 573 46.72 -1.46 -28.08
N PHE C 574 47.09 -2.15 -26.99
CA PHE C 574 48.50 -2.28 -26.61
C PHE C 574 49.32 -3.15 -27.57
N LEU C 575 48.63 -4.01 -28.33
CA LEU C 575 49.26 -4.75 -29.44
C LEU C 575 49.04 -4.07 -30.80
N LEU C 576 48.87 -2.75 -30.79
CA LEU C 576 48.68 -1.93 -32.01
C LEU C 576 49.31 -0.54 -31.83
N GLY C 577 48.75 0.26 -30.92
CA GLY C 577 49.27 1.59 -30.63
C GLY C 577 50.48 1.52 -29.70
N LYS C 578 51.55 2.22 -30.08
CA LYS C 578 52.83 2.15 -29.36
C LYS C 578 52.81 2.98 -28.08
N GLU C 579 52.67 4.30 -28.23
CA GLU C 579 52.62 5.23 -27.10
C GLU C 579 51.41 6.16 -27.23
N ASP C 580 50.26 5.56 -27.56
CA ASP C 580 49.00 6.27 -27.71
C ASP C 580 48.18 6.21 -26.40
N MET C 581 48.23 5.07 -25.72
CA MET C 581 47.44 4.83 -24.50
C MET C 581 47.98 5.54 -23.27
N PHE C 582 49.31 5.59 -23.13
CA PHE C 582 49.96 6.10 -21.91
C PHE C 582 49.51 7.51 -21.51
N GLN C 583 49.31 8.37 -22.51
CA GLN C 583 48.93 9.76 -22.29
C GLN C 583 47.40 9.95 -22.43
N TRP C 584 46.65 9.37 -21.48
CA TRP C 584 45.19 9.45 -21.47
C TRP C 584 44.73 10.45 -20.39
N ASP C 585 43.57 11.09 -20.65
CA ASP C 585 43.01 12.12 -19.75
C ASP C 585 42.85 11.69 -18.28
N ALA C 586 42.45 10.45 -18.07
CA ALA C 586 42.18 9.93 -16.72
C ALA C 586 43.43 9.81 -15.82
N PHE C 587 44.60 9.61 -16.43
CA PHE C 587 45.84 9.39 -15.69
C PHE C 587 46.57 10.68 -15.24
N GLU C 588 46.06 11.85 -15.63
CA GLU C 588 46.54 13.13 -15.09
C GLU C 588 46.29 13.25 -13.59
N ALA C 589 45.07 12.89 -13.18
CA ALA C 589 44.69 12.90 -11.77
C ALA C 589 45.50 11.91 -10.92
N PHE C 590 45.93 10.81 -11.53
CA PHE C 590 46.79 9.83 -10.84
C PHE C 590 48.21 10.37 -10.59
N GLU C 591 48.75 11.13 -11.55
CA GLU C 591 50.09 11.71 -11.41
C GLU C 591 50.17 12.77 -10.31
N SER C 592 49.07 13.51 -10.08
CA SER C 592 49.00 14.48 -8.98
C SER C 592 49.11 13.85 -7.58
N ILE C 593 48.87 12.55 -7.49
CA ILE C 593 49.10 11.78 -6.27
C ILE C 593 50.59 11.54 -6.06
N ILE C 594 51.30 11.20 -7.15
CA ILE C 594 52.71 10.79 -7.08
C ILE C 594 53.58 12.03 -6.76
N PRO C 595 54.59 11.88 -5.89
CA PRO C 595 55.53 13.01 -5.65
C PRO C 595 56.27 13.43 -6.92
N GLN C 596 56.45 14.74 -7.10
CA GLN C 596 57.08 15.30 -8.31
C GLN C 596 58.49 14.76 -8.60
N LYS C 597 59.25 14.45 -7.54
CA LYS C 597 60.62 13.98 -7.67
C LYS C 597 60.72 12.57 -8.28
N MET C 598 59.84 11.67 -7.86
CA MET C 598 59.84 10.27 -8.33
C MET C 598 58.87 9.99 -9.49
N ALA C 599 58.09 10.98 -9.92
CA ALA C 599 57.04 10.78 -10.92
C ALA C 599 57.57 10.32 -12.28
N GLY C 600 58.67 10.94 -12.72
CA GLY C 600 59.31 10.59 -13.98
C GLY C 600 60.02 9.24 -13.98
N GLN C 601 60.65 8.91 -12.86
CA GLN C 601 61.37 7.63 -12.72
C GLN C 601 60.43 6.43 -12.80
N TYR C 602 59.24 6.55 -12.19
CA TYR C 602 58.23 5.49 -12.23
C TYR C 602 57.66 5.29 -13.63
N SER C 603 57.52 6.37 -14.41
CA SER C 603 57.04 6.28 -15.79
C SER C 603 58.04 5.56 -16.69
N GLY C 604 59.32 5.89 -16.56
CA GLY C 604 60.40 5.20 -17.26
C GLY C 604 60.46 3.72 -16.89
N PHE C 605 60.30 3.45 -15.60
CA PHE C 605 60.24 2.08 -15.08
C PHE C 605 59.04 1.30 -15.59
N ALA C 606 57.86 1.88 -15.43
CA ALA C 606 56.60 1.21 -15.78
C ALA C 606 56.46 0.94 -17.28
N ARG C 607 56.78 1.95 -18.10
CA ARG C 607 56.74 1.80 -19.57
C ARG C 607 57.65 0.68 -20.09
N ALA C 608 58.85 0.57 -19.50
CA ALA C 608 59.80 -0.49 -19.87
C ALA C 608 59.34 -1.89 -19.46
N VAL C 609 58.74 -1.99 -18.28
CA VAL C 609 58.16 -3.25 -17.79
C VAL C 609 56.95 -3.66 -18.65
N LEU C 610 56.13 -2.69 -19.03
CA LEU C 610 55.02 -2.93 -19.95
C LEU C 610 55.47 -3.26 -21.39
N LYS C 611 56.57 -2.63 -21.84
CA LYS C 611 57.12 -2.89 -23.17
C LYS C 611 57.76 -4.29 -23.31
N GLN C 612 58.23 -4.86 -22.20
CA GLN C 612 58.62 -6.29 -22.18
C GLN C 612 57.45 -7.20 -22.48
N MET C 613 56.31 -6.92 -21.84
CA MET C 613 55.09 -7.68 -22.03
C MET C 613 54.49 -7.48 -23.43
N ARG C 614 54.72 -6.30 -24.01
CA ARG C 614 54.27 -5.94 -25.35
C ARG C 614 55.07 -6.66 -26.44
N ASP C 615 56.38 -6.44 -26.44
CA ASP C 615 57.26 -6.93 -27.51
C ASP C 615 57.42 -8.44 -27.45
N GLN C 616 57.78 -8.96 -26.27
CA GLN C 616 57.94 -10.40 -26.03
C GLN C 616 56.60 -11.03 -25.63
N GLU C 617 56.57 -12.35 -25.59
CA GLU C 617 55.33 -13.12 -25.38
C GLU C 617 55.14 -13.50 -23.90
N VAL C 618 55.22 -12.52 -23.00
CA VAL C 618 55.07 -12.74 -21.56
C VAL C 618 54.21 -11.63 -20.95
N MET C 619 52.90 -11.73 -21.19
CA MET C 619 51.93 -10.70 -20.77
C MET C 619 51.21 -11.10 -19.47
N LYS C 620 51.26 -10.20 -18.48
CA LYS C 620 50.48 -10.33 -17.23
C LYS C 620 49.44 -9.22 -17.17
N THR C 621 48.19 -9.60 -16.86
CA THR C 621 47.05 -8.68 -16.88
C THR C 621 46.96 -7.89 -15.57
N ASP C 622 47.16 -8.58 -14.44
CA ASP C 622 47.18 -7.92 -13.12
C ASP C 622 48.30 -6.89 -12.99
N GLN C 623 49.46 -7.17 -13.60
CA GLN C 623 50.58 -6.24 -13.62
C GLN C 623 50.37 -5.11 -14.64
N PHE C 624 49.71 -5.41 -15.76
CA PHE C 624 49.31 -4.40 -16.75
C PHE C 624 48.36 -3.37 -16.14
N ILE C 625 47.42 -3.82 -15.31
CA ILE C 625 46.49 -2.94 -14.61
C ILE C 625 47.23 -2.08 -13.57
N LYS C 626 48.17 -2.68 -12.86
CA LYS C 626 48.86 -2.02 -11.75
C LYS C 626 49.79 -0.87 -12.16
N LEU C 627 50.54 -1.05 -13.25
CA LEU C 627 51.60 -0.12 -13.66
C LEU C 627 51.17 0.96 -14.66
N LEU C 628 50.06 0.75 -15.37
CA LEU C 628 49.63 1.64 -16.47
C LEU C 628 49.38 3.11 -16.07
N PRO C 629 48.81 3.35 -14.86
CA PRO C 629 48.62 4.75 -14.42
C PRO C 629 49.90 5.55 -14.18
N PHE C 630 51.01 4.87 -13.86
CA PHE C 630 52.30 5.53 -13.65
C PHE C 630 52.98 6.00 -14.93
N CYS C 631 52.53 5.50 -16.09
CA CYS C 631 53.15 5.80 -17.38
C CYS C 631 52.77 7.15 -18.02
N PHE C 632 51.83 7.90 -17.44
CA PHE C 632 51.43 9.19 -17.99
C PHE C 632 52.55 10.24 -17.93
N SER C 633 53.26 10.29 -16.80
CA SER C 633 54.32 11.27 -16.59
C SER C 633 55.43 11.16 -17.64
N PRO C 634 56.10 12.28 -17.99
CA PRO C 634 57.26 12.19 -18.87
C PRO C 634 58.39 11.34 -18.25
N PRO C 635 58.86 10.29 -18.96
CA PRO C 635 59.80 9.34 -18.36
C PRO C 635 61.20 9.93 -18.12
N LYS C 636 61.89 9.41 -17.12
CA LYS C 636 63.23 9.86 -16.74
C LYS C 636 64.13 8.66 -16.49
N LEU C 637 64.92 8.31 -17.50
CA LEU C 637 65.81 7.15 -17.47
C LEU C 637 67.14 7.50 -16.77
N ARG C 638 67.98 6.48 -16.57
CA ARG C 638 69.33 6.69 -16.04
C ARG C 638 70.27 7.27 -17.11
N SER C 639 71.50 7.60 -16.69
CA SER C 639 72.58 7.97 -17.60
C SER C 639 72.86 6.90 -18.67
N ASN C 640 72.70 5.64 -18.30
CA ASN C 640 72.91 4.50 -19.21
C ASN C 640 71.92 4.46 -20.37
N GLY C 641 70.65 4.71 -20.07
CA GLY C 641 69.55 4.52 -21.04
C GLY C 641 68.47 3.61 -20.48
N GLU C 642 68.85 2.73 -19.54
CA GLU C 642 67.91 1.89 -18.82
C GLU C 642 67.15 2.72 -17.77
N PRO C 643 65.93 2.29 -17.38
CA PRO C 643 65.18 3.01 -16.35
C PRO C 643 65.65 2.67 -14.92
N TYR C 644 65.06 3.36 -13.94
CA TYR C 644 65.35 3.10 -12.53
C TYR C 644 64.51 1.94 -12.04
N GLN C 645 65.13 0.94 -11.42
CA GLN C 645 64.43 -0.23 -10.90
C GLN C 645 63.85 0.08 -9.52
N PHE C 646 62.67 -0.46 -9.23
CA PHE C 646 61.94 -0.16 -7.99
C PHE C 646 61.30 -1.38 -7.33
N LEU C 647 61.26 -1.36 -5.99
CA LEU C 647 60.58 -2.37 -5.17
C LEU C 647 59.12 -1.93 -4.93
N LYS C 648 58.95 -0.73 -4.37
CA LYS C 648 57.63 -0.15 -4.09
C LYS C 648 57.52 1.29 -4.61
N LEU C 649 56.36 1.62 -5.17
CA LEU C 649 56.09 2.94 -5.75
C LEU C 649 55.28 3.75 -4.73
N VAL C 650 55.93 4.70 -4.07
CA VAL C 650 55.33 5.45 -2.95
C VAL C 650 54.45 6.59 -3.47
N LEU C 651 53.33 6.81 -2.79
CA LEU C 651 52.37 7.86 -3.11
C LEU C 651 52.23 8.83 -1.93
N LYS C 652 51.53 9.95 -2.15
CA LYS C 652 51.41 11.01 -1.14
C LYS C 652 50.51 10.62 0.04
N GLY C 653 50.85 11.13 1.23
CA GLY C 653 50.01 10.99 2.41
C GLY C 653 50.17 9.68 3.16
N GLY C 654 51.10 9.67 4.13
CA GLY C 654 51.25 8.54 5.04
C GLY C 654 51.98 7.34 4.46
N GLY C 655 52.37 6.42 5.35
CA GLY C 655 53.10 5.21 4.99
C GLY C 655 52.25 4.04 4.51
N GLU C 656 50.92 4.20 4.52
CA GLU C 656 49.99 3.17 4.03
C GLU C 656 49.99 3.16 2.51
N ASN C 657 50.12 4.35 1.91
CA ASN C 657 49.89 4.54 0.48
C ASN C 657 51.10 4.20 -0.37
N PHE C 658 51.15 2.96 -0.85
CA PHE C 658 52.17 2.53 -1.82
C PHE C 658 51.70 1.30 -2.61
N ILE C 659 52.21 1.18 -3.83
CA ILE C 659 52.00 0.00 -4.67
C ILE C 659 53.29 -0.81 -4.66
N GLU C 660 53.17 -2.13 -4.47
CA GLU C 660 54.30 -3.05 -4.51
C GLU C 660 54.37 -3.69 -5.90
N VAL C 661 55.56 -3.68 -6.50
CA VAL C 661 55.78 -4.18 -7.86
C VAL C 661 55.73 -5.71 -7.91
N ARG C 662 56.27 -6.35 -6.87
CA ARG C 662 56.41 -7.80 -6.80
C ARG C 662 55.32 -8.41 -5.90
N LYS C 663 55.24 -7.88 -4.68
CA LYS C 663 54.28 -8.27 -3.66
C LYS C 663 52.96 -7.53 -3.86
N GLY C 664 51.93 -7.92 -3.10
CA GLY C 664 50.74 -7.08 -2.90
C GLY C 664 50.98 -5.97 -1.88
N SER C 665 50.00 -5.08 -1.76
CA SER C 665 50.09 -3.89 -0.90
C SER C 665 48.72 -3.52 -0.33
N PRO C 666 48.66 -2.57 0.63
CA PRO C 666 47.36 -2.12 1.14
C PRO C 666 46.42 -1.52 0.08
N LEU C 667 46.99 -0.79 -0.88
CA LEU C 667 46.22 -0.19 -1.97
C LEU C 667 45.88 -1.18 -3.09
N PHE C 668 46.81 -2.08 -3.41
CA PHE C 668 46.68 -2.98 -4.55
C PHE C 668 47.22 -4.37 -4.22
N SER C 669 46.41 -5.39 -4.54
CA SER C 669 46.85 -6.79 -4.47
C SER C 669 45.94 -7.66 -5.34
N TYR C 670 46.47 -8.79 -5.79
CA TYR C 670 45.74 -9.72 -6.64
C TYR C 670 45.80 -11.14 -6.08
N ASN C 671 44.68 -11.86 -6.18
CA ASN C 671 44.57 -13.26 -5.77
C ASN C 671 44.22 -14.13 -6.99
N PRO C 672 45.21 -14.89 -7.52
CA PRO C 672 44.95 -15.68 -8.73
C PRO C 672 44.12 -16.96 -8.52
N GLN C 673 43.90 -17.37 -7.26
CA GLN C 673 43.05 -18.52 -6.94
C GLN C 673 41.60 -18.25 -7.33
N THR C 674 41.06 -17.13 -6.83
CA THR C 674 39.68 -16.72 -7.09
C THR C 674 39.56 -15.65 -8.18
N GLU C 675 40.69 -15.17 -8.70
CA GLU C 675 40.75 -14.08 -9.69
C GLU C 675 40.10 -12.80 -9.15
N VAL C 676 40.41 -12.48 -7.89
CA VAL C 676 39.81 -11.34 -7.18
C VAL C 676 40.88 -10.27 -6.96
N LEU C 677 40.69 -9.13 -7.62
CA LEU C 677 41.58 -7.97 -7.45
C LEU C 677 41.07 -7.10 -6.31
N THR C 678 41.90 -6.91 -5.28
CA THR C 678 41.54 -6.13 -4.10
C THR C 678 42.15 -4.73 -4.20
N ILE C 679 41.28 -3.70 -4.29
CA ILE C 679 41.69 -2.30 -4.39
C ILE C 679 41.14 -1.51 -3.20
N CYS C 680 42.04 -1.07 -2.31
CA CYS C 680 41.68 -0.26 -1.12
C CYS C 680 40.59 -0.89 -0.23
N GLY C 681 40.57 -2.23 -0.17
CA GLY C 681 39.52 -2.98 0.53
C GLY C 681 38.45 -3.57 -0.37
N ARG C 682 38.13 -2.88 -1.46
CA ARG C 682 37.06 -3.30 -2.38
C ARG C 682 37.58 -4.39 -3.32
N MET C 683 36.73 -5.37 -3.61
CA MET C 683 37.12 -6.55 -4.41
C MET C 683 36.41 -6.57 -5.76
N MET C 684 37.20 -6.55 -6.85
CA MET C 684 36.70 -6.74 -8.21
C MET C 684 37.18 -8.06 -8.77
N SER C 685 36.45 -8.58 -9.76
CA SER C 685 36.77 -9.85 -10.42
C SER C 685 37.44 -9.62 -11.77
N LEU C 686 38.48 -10.39 -12.06
CA LEU C 686 39.14 -10.40 -13.36
C LEU C 686 38.75 -11.62 -14.22
N LYS C 687 37.68 -12.33 -13.84
CA LYS C 687 37.23 -13.52 -14.56
C LYS C 687 36.66 -13.16 -15.93
N GLY C 688 37.02 -13.96 -16.94
CA GLY C 688 36.64 -13.70 -18.33
C GLY C 688 37.60 -12.80 -19.12
N LYS C 689 38.59 -12.21 -18.44
CA LYS C 689 39.56 -11.31 -19.06
C LYS C 689 40.98 -11.61 -18.55
N ILE C 690 41.33 -12.89 -18.56
CA ILE C 690 42.69 -13.38 -18.30
C ILE C 690 43.01 -14.43 -19.37
N GLU C 691 44.22 -14.39 -19.90
CA GLU C 691 44.64 -15.29 -20.98
C GLU C 691 44.94 -16.71 -20.46
N ASP C 692 44.76 -17.70 -21.34
CA ASP C 692 44.93 -19.12 -20.97
C ASP C 692 46.39 -19.53 -20.75
N GLU C 693 47.34 -18.75 -21.26
CA GLU C 693 48.77 -18.98 -21.04
C GLU C 693 49.33 -18.16 -19.86
N GLU C 694 48.45 -17.64 -19.00
CA GLU C 694 48.82 -16.72 -17.92
C GLU C 694 48.70 -17.36 -16.51
N ARG C 695 48.38 -18.66 -16.43
CA ARG C 695 48.19 -19.34 -15.13
C ARG C 695 49.51 -19.78 -14.52
N ASN C 696 50.37 -20.38 -15.34
CA ASN C 696 51.67 -20.90 -14.90
C ASN C 696 52.76 -19.83 -14.92
N ARG C 697 52.79 -19.06 -16.02
CA ARG C 697 53.66 -17.89 -16.22
C ARG C 697 54.09 -17.19 -14.92
N SER C 698 55.41 -17.13 -14.69
CA SER C 698 55.96 -16.51 -13.49
C SER C 698 55.85 -14.99 -13.53
N MET C 699 55.84 -14.37 -12.36
CA MET C 699 55.69 -12.92 -12.22
C MET C 699 57.00 -12.17 -12.48
N GLY C 700 58.14 -12.78 -12.13
CA GLY C 700 59.47 -12.18 -12.29
C GLY C 700 59.82 -11.61 -13.65
N ASN C 701 59.17 -12.11 -14.70
CA ASN C 701 59.31 -11.56 -16.06
C ASN C 701 58.78 -10.12 -16.19
N ALA C 702 57.75 -9.78 -15.42
CA ALA C 702 57.17 -8.43 -15.39
C ALA C 702 57.37 -7.78 -14.02
N VAL C 703 58.61 -7.76 -13.54
CA VAL C 703 58.99 -7.04 -12.32
C VAL C 703 60.03 -5.99 -12.67
N LEU C 704 61.24 -6.44 -13.04
CA LEU C 704 62.35 -5.55 -13.36
C LEU C 704 62.44 -5.30 -14.86
N ALA C 705 62.77 -4.06 -15.23
CA ALA C 705 62.92 -3.67 -16.63
C ALA C 705 64.19 -4.25 -17.25
N GLY C 706 64.05 -4.95 -18.38
CA GLY C 706 65.16 -5.66 -19.01
C GLY C 706 65.63 -6.88 -18.24
N PHE C 707 64.68 -7.71 -17.80
CA PHE C 707 64.97 -8.93 -17.04
C PHE C 707 63.95 -10.03 -17.37
N LEU C 708 64.39 -11.29 -17.33
CA LEU C 708 63.52 -12.45 -17.61
C LEU C 708 63.92 -13.68 -16.78
N VAL C 709 62.96 -14.56 -16.56
CA VAL C 709 63.15 -15.77 -15.75
C VAL C 709 63.68 -16.90 -16.62
N SER C 710 64.89 -17.36 -16.33
CA SER C 710 65.51 -18.50 -17.04
C SER C 710 65.10 -19.81 -16.37
N GLY C 711 65.41 -19.91 -15.07
CA GLY C 711 65.12 -21.11 -14.28
C GLY C 711 64.56 -20.75 -12.92
N LYS C 712 65.08 -21.40 -11.87
CA LYS C 712 64.63 -21.17 -10.48
C LYS C 712 65.82 -21.10 -9.52
N TYR C 713 65.54 -20.66 -8.30
CA TYR C 713 66.56 -20.36 -7.27
C TYR C 713 67.78 -21.29 -7.29
N ASP C 714 68.96 -20.72 -7.54
CA ASP C 714 70.22 -21.45 -7.59
C ASP C 714 71.12 -20.95 -6.45
N PRO C 715 71.25 -21.75 -5.35
CA PRO C 715 72.11 -21.37 -4.20
C PRO C 715 73.58 -21.03 -4.51
N ASP C 716 74.12 -21.54 -5.62
CA ASP C 716 75.51 -21.30 -6.02
C ASP C 716 75.83 -19.82 -6.30
N LEU C 717 74.84 -19.07 -6.78
CA LEU C 717 74.98 -17.62 -6.98
C LEU C 717 75.09 -16.86 -5.65
N GLY C 718 74.32 -17.27 -4.65
CA GLY C 718 74.41 -16.75 -3.28
C GLY C 718 73.14 -16.04 -2.85
N ASP C 719 73.29 -14.81 -2.36
CA ASP C 719 72.19 -14.05 -1.76
C ASP C 719 71.24 -13.47 -2.80
N PHE C 720 70.11 -12.95 -2.33
CA PHE C 720 69.16 -12.21 -3.17
C PHE C 720 69.75 -10.84 -3.47
N LYS C 721 69.70 -10.43 -4.74
CA LYS C 721 70.34 -9.20 -5.20
C LYS C 721 69.41 -8.00 -5.06
N THR C 722 69.88 -6.94 -4.40
CA THR C 722 69.08 -5.72 -4.16
C THR C 722 69.04 -4.82 -5.41
N ILE C 723 68.27 -3.72 -5.32
CA ILE C 723 68.05 -2.80 -6.45
C ILE C 723 69.37 -2.31 -7.07
N GLU C 724 70.25 -1.78 -6.23
CA GLU C 724 71.55 -1.25 -6.68
C GLU C 724 72.44 -2.33 -7.32
N GLU C 725 72.42 -3.52 -6.73
CA GLU C 725 73.18 -4.67 -7.26
C GLU C 725 72.64 -5.13 -8.61
N LEU C 726 71.32 -5.19 -8.75
CA LEU C 726 70.65 -5.60 -9.99
C LEU C 726 70.87 -4.63 -11.15
N GLU C 727 70.76 -3.33 -10.87
CA GLU C 727 70.99 -2.28 -11.87
C GLU C 727 72.41 -2.28 -12.44
N LYS C 728 73.39 -2.65 -11.61
CA LYS C 728 74.81 -2.64 -11.99
C LYS C 728 75.35 -3.98 -12.54
N LEU C 729 74.47 -4.90 -12.92
CA LEU C 729 74.88 -6.13 -13.60
C LEU C 729 75.01 -5.91 -15.11
N LYS C 730 75.82 -6.75 -15.75
CA LYS C 730 76.01 -6.72 -17.20
C LYS C 730 74.80 -7.40 -17.88
N PRO C 731 74.46 -7.01 -19.12
CA PRO C 731 73.45 -7.77 -19.87
C PRO C 731 73.94 -9.18 -20.21
N GLY C 732 73.07 -10.18 -20.00
CA GLY C 732 73.45 -11.59 -20.09
C GLY C 732 74.20 -12.02 -18.84
N GLU C 733 73.55 -11.84 -17.69
CA GLU C 733 74.12 -12.22 -16.39
C GLU C 733 73.00 -12.61 -15.43
N LYS C 734 73.17 -13.75 -14.76
CA LYS C 734 72.11 -14.36 -13.94
C LYS C 734 72.10 -13.77 -12.52
N ALA C 735 70.96 -13.90 -11.84
CA ALA C 735 70.77 -13.34 -10.50
C ALA C 735 69.57 -13.94 -9.77
N ASN C 736 69.66 -14.00 -8.44
CA ASN C 736 68.57 -14.48 -7.58
C ASN C 736 67.70 -13.32 -7.09
N ILE C 737 66.38 -13.49 -7.17
CA ILE C 737 65.39 -12.47 -6.79
C ILE C 737 64.28 -13.12 -5.95
N LEU C 738 63.81 -12.39 -4.94
CA LEU C 738 62.67 -12.77 -4.11
C LEU C 738 61.47 -11.90 -4.49
N LEU C 739 60.41 -12.52 -5.02
CA LEU C 739 59.19 -11.80 -5.41
C LEU C 739 58.42 -11.37 -4.17
N TYR C 740 58.03 -12.36 -3.36
CA TYR C 740 57.35 -12.12 -2.09
C TYR C 740 57.59 -13.30 -1.17
N GLN C 741 57.99 -13.00 0.07
CA GLN C 741 58.45 -14.01 1.05
C GLN C 741 57.87 -15.42 0.85
N GLY C 742 58.61 -16.27 0.14
CA GLY C 742 58.18 -17.64 -0.17
C GLY C 742 58.43 -18.10 -1.60
N LYS C 743 58.52 -17.16 -2.54
CA LYS C 743 58.65 -17.45 -3.97
C LYS C 743 59.93 -16.85 -4.57
N PRO C 744 61.09 -17.52 -4.39
CA PRO C 744 62.33 -17.05 -5.01
C PRO C 744 62.45 -17.48 -6.48
N VAL C 745 63.16 -16.68 -7.28
CA VAL C 745 63.28 -16.89 -8.74
C VAL C 745 64.70 -16.57 -9.21
N LYS C 746 65.15 -17.28 -10.25
CA LYS C 746 66.43 -17.03 -10.93
C LYS C 746 66.17 -16.24 -12.21
N VAL C 747 66.71 -15.02 -12.27
CA VAL C 747 66.39 -14.04 -13.32
C VAL C 747 67.67 -13.60 -14.03
N VAL C 748 67.58 -13.40 -15.35
CA VAL C 748 68.72 -13.04 -16.21
C VAL C 748 68.44 -11.74 -16.96
N LYS C 749 69.47 -10.91 -17.12
CA LYS C 749 69.34 -9.61 -17.78
C LYS C 749 69.32 -9.76 -19.31
CA SER D 14 -22.89 -52.01 -61.89
C SER D 14 -23.57 -51.21 -63.00
N MET D 15 -24.68 -50.57 -62.66
CA MET D 15 -25.48 -49.79 -63.61
C MET D 15 -24.93 -48.37 -63.85
N ASP D 16 -23.94 -47.95 -63.07
CA ASP D 16 -23.28 -46.64 -63.24
C ASP D 16 -22.69 -46.44 -64.64
N THR D 17 -22.08 -47.50 -65.19
CA THR D 17 -21.54 -47.49 -66.55
C THR D 17 -22.66 -47.52 -67.61
N PHE D 18 -23.71 -48.30 -67.33
CA PHE D 18 -24.87 -48.43 -68.23
C PHE D 18 -25.62 -47.11 -68.45
N ILE D 19 -25.75 -46.31 -67.39
CA ILE D 19 -26.42 -45.00 -67.46
C ILE D 19 -25.62 -44.00 -68.30
N THR D 20 -24.29 -44.03 -68.17
CA THR D 20 -23.39 -43.16 -68.95
C THR D 20 -23.47 -43.45 -70.45
N ARG D 21 -23.57 -44.73 -70.82
CA ARG D 21 -23.69 -45.14 -72.22
C ARG D 21 -25.07 -44.80 -72.82
N ASN D 22 -26.12 -45.13 -72.08
CA ASN D 22 -27.50 -45.00 -72.57
C ASN D 22 -27.98 -43.55 -72.64
N PHE D 23 -27.99 -42.90 -71.48
CA PHE D 23 -28.57 -41.56 -71.34
C PHE D 23 -27.58 -40.43 -71.68
N GLN D 24 -28.13 -39.27 -72.02
CA GLN D 24 -27.33 -38.10 -72.40
C GLN D 24 -26.77 -37.37 -71.17
N THR D 25 -25.92 -36.38 -71.42
CA THR D 25 -25.29 -35.59 -70.36
C THR D 25 -26.29 -34.69 -69.63
N THR D 26 -27.13 -33.99 -70.39
CA THR D 26 -28.15 -33.08 -69.84
C THR D 26 -29.22 -33.80 -69.01
N ILE D 27 -29.50 -35.07 -69.33
CA ILE D 27 -30.47 -35.88 -68.59
C ILE D 27 -29.88 -36.33 -67.24
N ILE D 28 -28.62 -36.78 -67.25
CA ILE D 28 -27.93 -37.26 -66.04
C ILE D 28 -27.60 -36.12 -65.07
N GLN D 29 -27.18 -34.97 -65.61
CA GLN D 29 -26.88 -33.78 -64.81
C GLN D 29 -28.11 -33.29 -64.02
N LYS D 30 -29.23 -33.16 -64.72
CA LYS D 30 -30.49 -32.73 -64.09
C LYS D 30 -31.10 -33.79 -63.16
N ALA D 31 -30.85 -35.07 -63.45
CA ALA D 31 -31.33 -36.18 -62.60
C ALA D 31 -30.61 -36.21 -61.24
N LYS D 32 -29.29 -36.05 -61.25
CA LYS D 32 -28.49 -35.97 -60.02
C LYS D 32 -28.77 -34.70 -59.21
N ASN D 33 -29.10 -33.60 -59.89
CA ASN D 33 -29.55 -32.37 -59.23
C ASN D 33 -30.90 -32.53 -58.53
N THR D 34 -31.78 -33.34 -59.11
CA THR D 34 -33.07 -33.69 -58.48
C THR D 34 -32.84 -34.53 -57.23
N MET D 35 -31.99 -35.55 -57.34
CA MET D 35 -31.62 -36.41 -56.21
C MET D 35 -30.86 -35.65 -55.11
N ALA D 36 -30.08 -34.64 -55.50
CA ALA D 36 -29.41 -33.75 -54.54
C ALA D 36 -30.41 -32.91 -53.74
N GLU D 37 -31.48 -32.47 -54.40
CA GLU D 37 -32.56 -31.73 -53.73
C GLU D 37 -33.42 -32.62 -52.81
N PHE D 38 -33.61 -33.88 -53.18
CA PHE D 38 -34.31 -34.86 -52.34
C PHE D 38 -33.43 -35.51 -51.24
N SER D 39 -32.14 -35.16 -51.21
CA SER D 39 -31.20 -35.62 -50.17
C SER D 39 -30.93 -37.13 -50.25
N GLU D 40 -30.50 -37.58 -51.43
CA GLU D 40 -30.16 -38.99 -51.69
C GLU D 40 -28.95 -39.09 -52.61
N ASP D 41 -28.06 -40.03 -52.30
CA ASP D 41 -26.83 -40.24 -53.08
C ASP D 41 -27.17 -40.96 -54.39
N PRO D 42 -26.71 -40.40 -55.55
CA PRO D 42 -26.93 -41.09 -56.83
C PRO D 42 -26.22 -42.45 -56.98
N GLU D 43 -24.95 -42.52 -56.58
CA GLU D 43 -24.15 -43.74 -56.76
C GLU D 43 -24.52 -44.88 -55.81
N LEU D 44 -24.95 -44.55 -54.60
CA LEU D 44 -25.42 -45.56 -53.62
C LEU D 44 -26.83 -46.08 -53.93
N GLN D 45 -27.57 -45.41 -54.81
CA GLN D 45 -28.88 -45.87 -55.29
C GLN D 45 -29.00 -45.71 -56.80
N PRO D 46 -28.44 -46.69 -57.58
CA PRO D 46 -28.54 -46.63 -59.05
C PRO D 46 -29.95 -46.80 -59.62
N ALA D 47 -30.78 -47.63 -58.98
CA ALA D 47 -32.15 -47.92 -59.45
C ALA D 47 -33.06 -46.69 -59.38
N MET D 48 -32.93 -45.89 -58.32
CA MET D 48 -33.70 -44.65 -58.17
C MET D 48 -33.26 -43.55 -59.14
N LEU D 49 -31.98 -43.56 -59.51
CA LEU D 49 -31.44 -42.65 -60.55
C LEU D 49 -32.00 -43.00 -61.93
N PHE D 50 -32.07 -44.29 -62.26
CA PHE D 50 -32.59 -44.76 -63.54
C PHE D 50 -34.06 -44.39 -63.77
N ASN D 51 -34.88 -44.55 -62.74
CA ASN D 51 -36.32 -44.22 -62.82
C ASN D 51 -36.59 -42.73 -63.12
N ILE D 52 -35.75 -41.85 -62.58
CA ILE D 52 -35.83 -40.41 -62.83
C ILE D 52 -35.31 -40.08 -64.23
N CYS D 53 -34.23 -40.74 -64.66
CA CYS D 53 -33.63 -40.54 -65.98
C CYS D 53 -34.55 -40.96 -67.14
N VAL D 54 -35.27 -42.07 -66.96
CA VAL D 54 -36.26 -42.52 -67.96
C VAL D 54 -37.45 -41.57 -67.98
N HIS D 55 -38.00 -41.28 -66.80
CA HIS D 55 -39.15 -40.36 -66.65
C HIS D 55 -38.88 -38.96 -67.22
N LEU D 56 -37.66 -38.46 -67.02
CA LEU D 56 -37.24 -37.15 -67.55
C LEU D 56 -37.11 -37.15 -69.08
N GLU D 57 -36.54 -38.23 -69.64
CA GLU D 57 -36.33 -38.33 -71.08
C GLU D 57 -37.64 -38.42 -71.88
N VAL D 58 -38.63 -39.13 -71.33
CA VAL D 58 -39.95 -39.27 -71.97
C VAL D 58 -40.63 -37.89 -72.13
N CYS D 59 -40.46 -37.03 -71.14
CA CYS D 59 -40.98 -35.65 -71.21
C CYS D 59 -40.31 -34.84 -72.32
N TYR D 60 -39.00 -35.00 -72.49
CA TYR D 60 -38.25 -34.31 -73.55
C TYR D 60 -38.59 -34.82 -74.96
N VAL D 61 -38.74 -36.15 -75.10
CA VAL D 61 -39.05 -36.77 -76.40
C VAL D 61 -40.40 -36.29 -76.96
N ILE D 62 -41.38 -36.08 -76.08
CA ILE D 62 -42.69 -35.53 -76.47
C ILE D 62 -42.56 -34.06 -76.89
N SER D 63 -41.74 -33.30 -76.15
CA SER D 63 -41.55 -31.85 -76.39
C SER D 63 -40.44 -31.50 -77.40
N ASP D 64 -39.72 -32.49 -77.93
CA ASP D 64 -38.52 -32.22 -78.75
C ASP D 64 -38.86 -31.59 -80.10
N MET D 65 -39.66 -32.30 -80.89
CA MET D 65 -40.00 -31.88 -82.27
C MET D 65 -41.29 -31.06 -82.37
N ASN D 66 -42.13 -31.09 -81.35
CA ASN D 66 -43.42 -30.37 -81.36
C ASN D 66 -43.26 -28.86 -81.12
N PHE D 67 -43.33 -28.09 -82.21
CA PHE D 67 -43.33 -26.62 -82.16
C PHE D 67 -44.67 -26.09 -82.68
N LEU D 68 -45.08 -24.93 -82.16
CA LEU D 68 -46.31 -24.26 -82.58
C LEU D 68 -45.99 -23.07 -83.49
N ASP D 69 -46.84 -22.84 -84.49
CA ASP D 69 -46.67 -21.72 -85.43
C ASP D 69 -47.30 -20.43 -84.87
N GLU D 70 -47.18 -19.33 -85.61
CA GLU D 70 -47.61 -18.01 -85.15
C GLU D 70 -49.13 -17.82 -85.02
N GLU D 71 -49.91 -18.62 -85.75
CA GLU D 71 -51.37 -18.66 -85.56
C GLU D 71 -51.73 -19.43 -84.29
N GLY D 72 -51.31 -20.69 -84.24
CA GLY D 72 -51.55 -21.59 -83.09
C GLY D 72 -51.86 -23.02 -83.49
N LYS D 73 -50.94 -23.65 -84.22
CA LYS D 73 -51.10 -25.00 -84.75
C LYS D 73 -49.74 -25.70 -84.84
N ALA D 74 -49.72 -27.01 -84.55
CA ALA D 74 -48.46 -27.76 -84.47
C ALA D 74 -47.92 -28.17 -85.84
N TYR D 75 -46.61 -28.43 -85.87
CA TYR D 75 -45.95 -29.03 -87.05
C TYR D 75 -44.66 -29.75 -86.62
N THR D 76 -44.32 -30.83 -87.33
CA THR D 76 -43.14 -31.64 -87.01
C THR D 76 -41.86 -30.96 -87.51
N ALA D 77 -40.95 -30.63 -86.59
CA ALA D 77 -39.69 -29.98 -86.92
C ALA D 77 -38.66 -31.01 -87.39
N ASN D 86 -40.14 -21.75 -86.08
CA ASN D 86 -40.72 -20.77 -85.17
C ASN D 86 -40.35 -21.09 -83.71
N LEU D 87 -39.70 -20.14 -83.04
CA LEU D 87 -39.10 -20.37 -81.72
C LEU D 87 -40.12 -20.31 -80.58
N ARG D 88 -40.91 -21.39 -80.45
CA ARG D 88 -41.88 -21.55 -79.36
C ARG D 88 -42.43 -22.99 -79.33
N PRO D 89 -41.87 -23.86 -78.46
CA PRO D 89 -42.35 -25.25 -78.33
C PRO D 89 -43.79 -25.40 -77.85
N GLN D 90 -44.43 -26.51 -78.21
CA GLN D 90 -45.81 -26.81 -77.80
C GLN D 90 -45.85 -27.25 -76.34
N TYR D 91 -44.99 -28.19 -75.98
CA TYR D 91 -44.88 -28.70 -74.61
C TYR D 91 -43.79 -27.94 -73.84
N GLU D 92 -44.07 -27.65 -72.57
CA GLU D 92 -43.13 -26.98 -71.66
C GLU D 92 -42.60 -27.99 -70.65
N VAL D 93 -41.30 -28.22 -70.66
CA VAL D 93 -40.66 -29.22 -69.78
C VAL D 93 -40.49 -28.65 -68.37
N ILE D 94 -41.33 -29.11 -67.43
CA ILE D 94 -41.27 -28.67 -66.03
C ILE D 94 -40.36 -29.59 -65.21
N GLU D 95 -40.54 -30.90 -65.36
CA GLU D 95 -39.72 -31.89 -64.65
C GLU D 95 -38.29 -31.85 -65.18
N GLY D 96 -37.32 -31.99 -64.27
CA GLY D 96 -35.90 -31.87 -64.59
C GLY D 96 -35.25 -30.64 -63.97
N MET D 97 -35.97 -29.52 -64.00
CA MET D 97 -35.49 -28.27 -63.42
C MET D 97 -35.61 -28.28 -61.90
N PRO D 98 -34.91 -27.34 -61.20
CA PRO D 98 -35.06 -27.23 -59.73
C PRO D 98 -36.47 -26.87 -59.26
N ARG D 99 -36.77 -27.14 -57.98
CA ARG D 99 -38.10 -26.95 -57.41
C ARG D 99 -38.63 -25.53 -57.55
N THR D 100 -37.86 -24.55 -57.06
CA THR D 100 -38.29 -23.14 -57.05
C THR D 100 -38.46 -22.55 -58.46
N ILE D 101 -37.65 -22.99 -59.40
CA ILE D 101 -37.81 -22.61 -60.82
C ILE D 101 -39.00 -23.35 -61.43
N ALA D 102 -39.11 -24.65 -61.16
CA ALA D 102 -40.23 -25.47 -61.65
C ALA D 102 -41.58 -24.97 -61.15
N TRP D 103 -41.63 -24.56 -59.88
CA TRP D 103 -42.84 -23.94 -59.30
C TRP D 103 -43.11 -22.55 -59.87
N MET D 104 -42.06 -21.76 -60.09
CA MET D 104 -42.17 -20.44 -60.73
C MET D 104 -42.77 -20.56 -62.14
N VAL D 105 -42.33 -21.58 -62.89
CA VAL D 105 -42.89 -21.88 -64.21
C VAL D 105 -44.36 -22.27 -64.11
N GLN D 106 -44.68 -23.18 -63.19
CA GLN D 106 -46.04 -23.68 -63.00
C GLN D 106 -47.04 -22.59 -62.59
N ARG D 107 -46.62 -21.72 -61.67
CA ARG D 107 -47.47 -20.61 -61.22
C ARG D 107 -47.63 -19.51 -62.28
N SER D 108 -46.52 -19.16 -62.96
CA SER D 108 -46.54 -18.14 -64.02
C SER D 108 -47.47 -18.51 -65.18
N LEU D 109 -47.46 -19.79 -65.56
CA LEU D 109 -48.36 -20.31 -66.60
C LEU D 109 -49.81 -20.25 -66.16
N ALA D 110 -50.09 -20.84 -65.00
CA ALA D 110 -51.45 -20.90 -64.44
C ALA D 110 -52.07 -19.52 -64.18
N GLN D 111 -51.25 -18.58 -63.71
CA GLN D 111 -51.70 -17.21 -63.45
C GLN D 111 -52.01 -16.44 -64.74
N GLU D 112 -51.19 -16.64 -65.78
CA GLU D 112 -51.35 -15.93 -67.05
C GLU D 112 -52.57 -16.44 -67.85
N HIS D 113 -52.68 -17.76 -68.00
CA HIS D 113 -53.79 -18.37 -68.74
C HIS D 113 -55.16 -18.23 -68.05
N GLY D 114 -55.16 -18.09 -66.72
CA GLY D 114 -56.38 -17.89 -65.94
C GLY D 114 -56.98 -19.20 -65.48
N ILE D 115 -56.16 -20.01 -64.81
CA ILE D 115 -56.56 -21.31 -64.26
C ILE D 115 -55.96 -21.51 -62.87
N GLU D 116 -56.50 -22.48 -62.14
CA GLU D 116 -56.03 -22.79 -60.78
C GLU D 116 -54.73 -23.60 -60.82
N THR D 117 -53.81 -23.29 -59.91
CA THR D 117 -52.52 -23.95 -59.83
C THR D 117 -52.68 -25.35 -59.22
N PRO D 118 -52.07 -26.39 -59.83
CA PRO D 118 -52.08 -27.73 -59.20
C PRO D 118 -51.33 -27.78 -57.86
N LYS D 119 -51.82 -28.62 -56.95
CA LYS D 119 -51.21 -28.79 -55.62
C LYS D 119 -49.88 -29.53 -55.67
N TYR D 120 -49.78 -30.53 -56.56
CA TYR D 120 -48.52 -31.26 -56.80
C TYR D 120 -47.67 -30.58 -57.88
N LEU D 121 -46.39 -30.94 -57.92
CA LEU D 121 -45.46 -30.44 -58.94
C LEU D 121 -45.70 -31.16 -60.27
N ALA D 122 -46.13 -30.41 -61.28
CA ALA D 122 -46.42 -30.96 -62.60
C ALA D 122 -45.15 -31.30 -63.38
N ASP D 123 -45.27 -32.20 -64.34
CA ASP D 123 -44.14 -32.65 -65.16
C ASP D 123 -44.07 -31.97 -66.54
N LEU D 124 -45.24 -31.70 -67.14
CA LEU D 124 -45.33 -31.05 -68.45
C LEU D 124 -46.49 -30.06 -68.52
N PHE D 125 -46.55 -29.31 -69.62
CA PHE D 125 -47.65 -28.37 -69.89
C PHE D 125 -47.75 -28.04 -71.38
N ASP D 126 -48.88 -28.40 -71.99
CA ASP D 126 -49.14 -28.08 -73.40
C ASP D 126 -49.71 -26.66 -73.49
N TYR D 127 -49.12 -25.83 -74.37
CA TYR D 127 -49.54 -24.44 -74.54
C TYR D 127 -50.87 -24.29 -75.28
N LYS D 128 -51.13 -25.16 -76.25
CA LYS D 128 -52.38 -25.12 -77.03
C LYS D 128 -53.60 -25.56 -76.21
N THR D 129 -53.43 -26.63 -75.43
CA THR D 129 -54.51 -27.17 -74.59
C THR D 129 -54.82 -26.32 -73.36
N LYS D 130 -53.81 -25.61 -72.84
CA LYS D 130 -53.87 -24.92 -71.54
C LYS D 130 -54.21 -25.91 -70.41
N ARG D 131 -53.47 -27.01 -70.38
CA ARG D 131 -53.67 -28.09 -69.39
C ARG D 131 -52.32 -28.66 -68.97
N PHE D 132 -52.12 -28.82 -67.66
CA PHE D 132 -50.90 -29.45 -67.13
C PHE D 132 -50.95 -30.96 -67.34
N ILE D 133 -49.76 -31.57 -67.41
CA ILE D 133 -49.62 -33.00 -67.72
C ILE D 133 -48.69 -33.64 -66.67
N GLU D 134 -49.02 -34.88 -66.30
CA GLU D 134 -48.23 -35.64 -65.31
C GLU D 134 -47.88 -37.01 -65.91
N VAL D 135 -46.58 -37.26 -66.08
CA VAL D 135 -46.07 -38.48 -66.71
C VAL D 135 -45.75 -39.53 -65.64
N GLY D 136 -46.00 -40.80 -65.98
CA GLY D 136 -45.70 -41.94 -65.10
C GLY D 136 -45.26 -43.15 -65.88
N ILE D 137 -44.18 -43.80 -65.42
CA ILE D 137 -43.60 -44.97 -66.09
C ILE D 137 -43.68 -46.19 -65.17
N THR D 138 -44.81 -46.90 -65.21
CA THR D 138 -45.02 -48.12 -64.44
C THR D 138 -44.31 -49.33 -65.07
N LYS D 139 -44.30 -50.45 -64.36
CA LYS D 139 -43.70 -51.70 -64.83
C LYS D 139 -44.78 -52.68 -65.29
N GLY D 140 -45.71 -52.99 -64.38
CA GLY D 140 -46.81 -53.92 -64.66
C GLY D 140 -47.96 -53.26 -65.43
N LEU D 141 -49.14 -53.26 -64.83
CA LEU D 141 -50.34 -52.74 -65.48
C LEU D 141 -50.40 -51.22 -65.44
N ALA D 142 -50.84 -50.62 -66.55
CA ALA D 142 -50.97 -49.16 -66.67
C ALA D 142 -52.18 -48.63 -65.91
N ASP D 143 -53.30 -49.34 -65.97
CA ASP D 143 -54.54 -48.91 -65.32
C ASP D 143 -54.49 -48.96 -63.79
N ASP D 144 -53.65 -49.84 -63.23
CA ASP D 144 -53.41 -49.88 -61.78
C ASP D 144 -52.72 -48.61 -61.28
N TYR D 145 -51.68 -48.19 -62.01
CA TYR D 145 -50.96 -46.94 -61.70
C TYR D 145 -51.78 -45.68 -62.07
N PHE D 146 -52.67 -45.81 -63.05
CA PHE D 146 -53.56 -44.72 -63.50
C PHE D 146 -54.50 -44.24 -62.39
N TRP D 147 -55.30 -45.17 -61.86
CA TRP D 147 -56.30 -44.85 -60.83
C TRP D 147 -55.73 -44.51 -59.45
N LYS D 148 -54.47 -44.88 -59.20
CA LYS D 148 -53.75 -44.43 -58.00
C LYS D 148 -53.44 -42.92 -58.06
N LYS D 149 -53.06 -42.44 -59.24
CA LYS D 149 -52.83 -41.01 -59.48
C LYS D 149 -54.14 -40.20 -59.48
N LYS D 150 -55.25 -40.82 -59.89
CA LYS D 150 -56.57 -40.19 -59.85
C LYS D 150 -57.09 -39.88 -58.43
N GLU D 151 -56.65 -40.67 -57.44
CA GLU D 151 -56.97 -40.39 -56.03
C GLU D 151 -56.27 -39.13 -55.51
N LYS D 152 -55.02 -38.92 -55.93
CA LYS D 152 -54.22 -37.77 -55.50
C LYS D 152 -54.46 -36.54 -56.36
N LEU D 153 -54.22 -36.67 -57.66
CA LEU D 153 -54.29 -35.54 -58.60
C LEU D 153 -55.73 -35.17 -59.01
N GLY D 154 -56.62 -36.14 -59.05
CA GLY D 154 -58.04 -35.91 -59.34
C GLY D 154 -58.28 -35.66 -60.82
N ASN D 155 -58.57 -34.41 -61.17
CA ASN D 155 -58.75 -33.98 -62.55
C ASN D 155 -58.05 -32.63 -62.84
N SER D 156 -56.92 -32.41 -62.17
CA SER D 156 -56.13 -31.19 -62.34
C SER D 156 -55.19 -31.34 -63.53
N MET D 157 -54.40 -32.42 -63.52
CA MET D 157 -53.42 -32.72 -64.56
C MET D 157 -53.91 -33.83 -65.48
N GLU D 158 -53.53 -33.76 -66.75
CA GLU D 158 -53.82 -34.81 -67.74
C GLU D 158 -52.81 -35.95 -67.57
N LEU D 159 -53.29 -37.12 -67.15
CA LEU D 159 -52.41 -38.27 -66.90
C LEU D 159 -51.94 -38.90 -68.22
N MET D 160 -50.67 -39.31 -68.25
CA MET D 160 -50.08 -40.03 -69.38
C MET D 160 -49.22 -41.17 -68.87
N ILE D 161 -49.85 -42.33 -68.65
CA ILE D 161 -49.19 -43.50 -68.06
C ILE D 161 -48.64 -44.39 -69.18
N PHE D 162 -47.33 -44.68 -69.12
CA PHE D 162 -46.66 -45.59 -70.06
C PHE D 162 -46.02 -46.74 -69.30
N SER D 163 -45.53 -47.74 -70.05
CA SER D 163 -44.86 -48.90 -69.45
C SER D 163 -43.93 -49.61 -70.42
N TYR D 164 -43.14 -50.55 -69.89
CA TYR D 164 -42.13 -51.28 -70.66
C TYR D 164 -42.74 -52.34 -71.58
N ASN D 165 -43.76 -53.05 -71.09
CA ASN D 165 -44.36 -54.20 -71.80
C ASN D 165 -45.57 -53.86 -72.69
N GLN D 166 -45.46 -52.77 -73.45
CA GLN D 166 -46.48 -52.35 -74.43
C GLN D 166 -47.88 -52.19 -73.82
N ASP D 167 -48.00 -51.28 -72.86
CA ASP D 167 -49.26 -50.99 -72.18
C ASP D 167 -49.31 -49.53 -71.73
N TYR D 168 -50.48 -48.92 -71.81
CA TYR D 168 -50.67 -47.50 -71.47
C TYR D 168 -52.13 -47.17 -71.20
N SER D 169 -52.35 -46.15 -70.36
CA SER D 169 -53.68 -45.67 -70.02
C SER D 169 -53.70 -44.14 -69.97
N LEU D 170 -53.97 -43.52 -71.12
CA LEU D 170 -54.02 -42.05 -71.24
C LEU D 170 -55.36 -41.55 -70.75
N SER D 171 -55.35 -40.37 -70.11
CA SER D 171 -56.57 -39.73 -69.61
C SER D 171 -57.36 -39.16 -70.76
N ASN D 172 -56.73 -38.25 -71.52
CA ASN D 172 -57.31 -37.66 -72.71
C ASN D 172 -56.84 -38.42 -73.95
N GLU D 173 -57.75 -38.63 -74.91
CA GLU D 173 -57.47 -39.46 -76.09
C GLU D 173 -56.70 -38.71 -77.16
N SER D 174 -57.14 -37.49 -77.49
CA SER D 174 -56.54 -36.68 -78.55
C SER D 174 -55.42 -35.72 -78.08
N SER D 175 -54.94 -35.88 -76.85
CA SER D 175 -53.83 -35.08 -76.33
C SER D 175 -52.50 -35.46 -77.00
N LEU D 176 -52.19 -36.76 -76.98
CA LEU D 176 -51.01 -37.31 -77.62
C LEU D 176 -51.42 -38.18 -78.83
N ASP D 177 -50.88 -37.86 -80.00
CA ASP D 177 -51.16 -38.62 -81.23
C ASP D 177 -50.20 -39.83 -81.37
N GLU D 178 -50.43 -40.64 -82.40
CA GLU D 178 -49.64 -41.83 -82.67
C GLU D 178 -48.13 -41.61 -82.84
N GLU D 179 -47.73 -40.40 -83.23
CA GLU D 179 -46.32 -40.09 -83.43
C GLU D 179 -45.32 -40.34 -82.30
N GLY D 180 -45.35 -39.51 -81.28
CA GLY D 180 -44.65 -39.76 -80.02
C GLY D 180 -44.99 -41.07 -79.32
N LYS D 181 -46.26 -41.48 -79.41
CA LYS D 181 -46.72 -42.75 -78.79
C LYS D 181 -45.93 -43.97 -79.27
N GLY D 182 -45.53 -43.96 -80.54
CA GLY D 182 -44.66 -44.99 -81.11
C GLY D 182 -43.24 -44.92 -80.58
N ARG D 183 -42.69 -43.71 -80.49
CA ARG D 183 -41.31 -43.50 -80.01
C ARG D 183 -41.12 -43.82 -78.52
N VAL D 184 -42.12 -43.49 -77.71
CA VAL D 184 -42.08 -43.74 -76.25
C VAL D 184 -42.10 -45.24 -75.94
N LEU D 185 -43.05 -45.96 -76.54
CA LEU D 185 -43.15 -47.42 -76.37
C LEU D 185 -41.97 -48.17 -77.00
N SER D 186 -41.42 -47.64 -78.08
CA SER D 186 -40.19 -48.19 -78.69
C SER D 186 -38.96 -47.95 -77.82
N ARG D 187 -38.87 -46.76 -77.22
CA ARG D 187 -37.75 -46.40 -76.34
C ARG D 187 -37.72 -47.24 -75.06
N LEU D 188 -38.88 -47.43 -74.43
CA LEU D 188 -38.98 -48.21 -73.19
C LEU D 188 -38.67 -49.69 -73.40
N THR D 189 -39.21 -50.27 -74.48
CA THR D 189 -38.94 -51.68 -74.84
C THR D 189 -37.46 -51.90 -75.22
N GLU D 190 -36.85 -50.90 -75.86
CA GLU D 190 -35.41 -50.92 -76.19
C GLU D 190 -34.54 -50.91 -74.94
N LEU D 191 -34.89 -50.05 -73.98
CA LEU D 191 -34.18 -49.95 -72.70
C LEU D 191 -34.38 -51.20 -71.82
N GLN D 192 -35.61 -51.72 -71.79
CA GLN D 192 -35.92 -52.94 -71.03
C GLN D 192 -35.19 -54.16 -71.59
N ALA D 193 -35.10 -54.24 -72.92
CA ALA D 193 -34.35 -55.31 -73.60
C ALA D 193 -32.85 -55.26 -73.29
N GLU D 194 -32.29 -54.06 -73.18
CA GLU D 194 -30.89 -53.85 -72.81
C GLU D 194 -30.56 -54.31 -71.38
N LEU D 195 -31.48 -54.07 -70.45
CA LEU D 195 -31.30 -54.46 -69.05
C LEU D 195 -31.39 -55.98 -68.84
N SER D 196 -32.41 -56.60 -69.44
CA SER D 196 -32.61 -58.05 -69.35
C SER D 196 -31.52 -58.85 -70.09
N LEU D 197 -30.96 -58.26 -71.14
CA LEU D 197 -29.83 -58.87 -71.88
C LEU D 197 -28.53 -58.86 -71.06
N LYS D 198 -28.27 -57.74 -70.38
CA LYS D 198 -27.03 -57.54 -69.61
C LYS D 198 -27.17 -57.81 -68.09
N ASN D 199 -28.25 -58.52 -67.70
CA ASN D 199 -28.49 -58.92 -66.29
C ASN D 199 -28.61 -57.74 -65.29
N LEU D 200 -29.14 -56.62 -65.77
CA LEU D 200 -29.37 -55.42 -64.94
C LEU D 200 -30.84 -55.26 -64.50
N TRP D 201 -31.75 -56.04 -65.06
CA TRP D 201 -33.17 -56.00 -64.70
C TRP D 201 -33.43 -56.55 -63.28
N GLN D 202 -32.61 -57.52 -62.86
CA GLN D 202 -32.70 -58.09 -61.51
C GLN D 202 -32.42 -57.08 -60.39
N VAL D 203 -31.55 -56.10 -60.65
CA VAL D 203 -31.21 -55.05 -59.68
C VAL D 203 -32.33 -54.01 -59.57
N LEU D 204 -32.94 -53.66 -60.71
CA LEU D 204 -34.04 -52.70 -60.76
C LEU D 204 -35.33 -53.22 -60.10
N ILE D 205 -35.66 -54.49 -60.37
CA ILE D 205 -36.83 -55.16 -59.76
C ILE D 205 -36.64 -55.35 -58.25
N GLY D 206 -35.42 -55.66 -57.82
CA GLY D 206 -35.09 -55.79 -56.40
C GLY D 206 -35.29 -54.50 -55.64
N GLU D 207 -35.73 -54.63 -54.38
CA GLU D 207 -36.10 -53.46 -53.56
C GLU D 207 -34.90 -52.62 -53.17
N GLU D 208 -35.12 -51.32 -53.02
CA GLU D 208 -34.07 -50.36 -52.70
C GLU D 208 -34.59 -49.31 -51.70
N ASP D 209 -34.02 -49.31 -50.49
CA ASP D 209 -34.40 -48.37 -49.44
C ASP D 209 -33.31 -48.29 -48.37
N VAL D 210 -32.83 -47.08 -48.11
CA VAL D 210 -31.74 -46.83 -47.14
C VAL D 210 -32.10 -45.66 -46.22
N GLU D 211 -31.57 -45.70 -44.99
CA GLU D 211 -31.82 -44.65 -43.99
C GLU D 211 -31.02 -43.39 -44.32
N LYS D 212 -31.65 -42.23 -44.15
CA LYS D 212 -31.04 -40.94 -44.47
C LYS D 212 -30.56 -40.26 -43.18
N GLY D 213 -29.53 -40.85 -42.58
CA GLY D 213 -28.92 -40.31 -41.36
C GLY D 213 -28.06 -39.10 -41.63
N ILE D 214 -27.82 -38.30 -40.58
CA ILE D 214 -27.03 -37.08 -40.70
C ILE D 214 -25.54 -37.44 -40.66
N ASP D 215 -24.85 -37.20 -41.77
CA ASP D 215 -23.42 -37.52 -41.89
C ASP D 215 -22.57 -36.32 -41.46
N PHE D 216 -21.96 -36.43 -40.28
CA PHE D 216 -21.01 -35.44 -39.78
C PHE D 216 -19.94 -36.15 -38.96
N LYS D 217 -18.75 -36.28 -39.53
CA LYS D 217 -17.63 -37.00 -38.91
C LYS D 217 -16.35 -36.17 -38.93
N LEU D 218 -15.48 -36.45 -37.97
CA LEU D 218 -14.29 -35.63 -37.70
C LEU D 218 -13.04 -36.17 -38.39
N GLY D 219 -12.26 -35.25 -38.98
CA GLY D 219 -10.98 -35.60 -39.61
C GLY D 219 -9.87 -35.83 -38.61
N GLN D 220 -8.63 -35.83 -39.10
CA GLN D 220 -7.45 -36.14 -38.27
C GLN D 220 -7.07 -34.98 -37.34
N THR D 221 -6.95 -33.78 -37.91
CA THR D 221 -6.48 -32.61 -37.17
C THR D 221 -7.43 -32.22 -36.05
N ILE D 222 -8.71 -32.07 -36.39
CA ILE D 222 -9.76 -31.74 -35.41
C ILE D 222 -9.91 -32.80 -34.30
N SER D 223 -9.76 -34.08 -34.66
CA SER D 223 -9.80 -35.18 -33.68
C SER D 223 -8.56 -35.20 -32.80
N ARG D 224 -7.39 -34.96 -33.39
CA ARG D 224 -6.14 -34.86 -32.64
C ARG D 224 -6.12 -33.63 -31.73
N LEU D 225 -6.71 -32.52 -32.19
CA LEU D 225 -6.91 -31.33 -31.36
C LEU D 225 -7.84 -31.61 -30.17
N ARG D 226 -8.91 -32.38 -30.42
CA ARG D 226 -9.85 -32.77 -29.37
C ARG D 226 -9.22 -33.67 -28.30
N ASP D 227 -8.28 -34.53 -28.70
CA ASP D 227 -7.55 -35.41 -27.77
C ASP D 227 -6.66 -34.63 -26.78
N ILE D 228 -6.18 -33.45 -27.20
CA ILE D 228 -5.40 -32.56 -26.33
C ILE D 228 -6.21 -31.40 -25.74
N SER D 229 -7.54 -31.53 -25.72
CA SER D 229 -8.44 -30.55 -25.11
C SER D 229 -9.24 -31.20 -23.99
N VAL D 230 -8.58 -32.11 -23.25
CA VAL D 230 -9.23 -32.93 -22.22
C VAL D 230 -8.75 -32.51 -20.83
N PRO D 231 -9.52 -32.84 -19.77
CA PRO D 231 -9.03 -32.58 -18.40
C PRO D 231 -7.83 -33.44 -17.99
N ALA D 232 -7.18 -33.06 -16.88
CA ALA D 232 -6.01 -33.79 -16.38
C ALA D 232 -6.41 -35.14 -15.81
N GLY D 233 -5.65 -36.17 -16.17
CA GLY D 233 -5.97 -37.56 -15.82
C GLY D 233 -6.86 -38.24 -16.85
N PHE D 234 -6.55 -38.02 -18.13
CA PHE D 234 -7.27 -38.62 -19.25
C PHE D 234 -6.31 -38.87 -20.41
N SER D 235 -6.41 -40.05 -21.02
CA SER D 235 -5.53 -40.43 -22.15
C SER D 235 -5.93 -39.69 -23.42
N ASN D 236 -7.21 -39.74 -23.75
CA ASN D 236 -7.76 -39.06 -24.92
C ASN D 236 -9.27 -38.79 -24.75
N PHE D 237 -9.91 -38.27 -25.80
CA PHE D 237 -11.33 -37.90 -25.75
C PHE D 237 -12.29 -39.09 -25.55
N GLU D 238 -11.95 -40.24 -26.13
CA GLU D 238 -12.74 -41.47 -25.98
C GLU D 238 -12.91 -41.87 -24.51
N GLY D 239 -11.86 -41.68 -23.72
CA GLY D 239 -11.91 -41.90 -22.26
C GLY D 239 -12.84 -40.95 -21.53
N MET D 240 -12.84 -39.67 -21.94
CA MET D 240 -13.72 -38.66 -21.35
C MET D 240 -15.20 -38.91 -21.66
N ARG D 241 -15.47 -39.24 -22.92
CA ARG D 241 -16.83 -39.59 -23.38
C ARG D 241 -17.40 -40.74 -22.56
N SER D 242 -16.65 -41.83 -22.47
CA SER D 242 -17.05 -43.01 -21.70
C SER D 242 -17.10 -42.73 -20.18
N TYR D 243 -16.23 -41.86 -19.69
CA TYR D 243 -16.23 -41.47 -18.28
C TYR D 243 -17.51 -40.71 -17.91
N ILE D 244 -17.76 -39.61 -18.61
CA ILE D 244 -18.92 -38.74 -18.32
C ILE D 244 -20.25 -39.50 -18.48
N ASP D 245 -20.35 -40.33 -19.52
CA ASP D 245 -21.57 -41.09 -19.78
C ASP D 245 -21.87 -42.18 -18.73
N ASN D 246 -20.84 -42.90 -18.28
CA ASN D 246 -21.02 -44.09 -17.43
C ASN D 246 -20.97 -43.84 -15.92
N ILE D 247 -19.99 -43.08 -15.44
CA ILE D 247 -19.71 -42.99 -13.99
C ILE D 247 -20.73 -42.16 -13.23
N ASP D 248 -20.83 -42.41 -11.92
CA ASP D 248 -21.69 -41.67 -11.00
C ASP D 248 -20.81 -40.87 -10.04
N PRO D 249 -20.72 -39.53 -10.23
CA PRO D 249 -19.90 -38.69 -9.36
C PRO D 249 -20.69 -38.07 -8.20
N LYS D 250 -21.39 -38.91 -7.44
CA LYS D 250 -22.19 -38.43 -6.31
C LYS D 250 -21.29 -38.18 -5.11
N GLY D 251 -21.64 -37.15 -4.33
CA GLY D 251 -20.85 -36.73 -3.16
C GLY D 251 -19.46 -36.19 -3.44
N ALA D 252 -19.19 -35.80 -4.69
CA ALA D 252 -17.87 -35.31 -5.10
C ALA D 252 -17.60 -33.89 -4.60
N ILE D 253 -18.63 -33.06 -4.58
CA ILE D 253 -18.55 -31.69 -4.06
C ILE D 253 -18.24 -31.71 -2.57
N GLU D 254 -19.03 -32.46 -1.81
CA GLU D 254 -18.89 -32.53 -0.35
C GLU D 254 -17.57 -33.18 0.10
N ARG D 255 -17.06 -34.13 -0.68
CA ARG D 255 -15.74 -34.72 -0.44
C ARG D 255 -14.61 -33.72 -0.70
N ASN D 256 -14.72 -32.99 -1.81
CA ASN D 256 -13.73 -31.93 -2.15
C ASN D 256 -13.72 -30.77 -1.15
N LEU D 257 -14.90 -30.29 -0.76
CA LEU D 257 -15.02 -29.20 0.21
C LEU D 257 -14.43 -29.54 1.59
N ALA D 258 -14.62 -30.78 2.02
CA ALA D 258 -14.02 -31.28 3.27
C ALA D 258 -12.49 -31.29 3.17
N ARG D 259 -11.96 -31.79 2.06
CA ARG D 259 -10.50 -31.88 1.85
C ARG D 259 -9.85 -30.62 1.26
N MET D 260 -10.63 -29.60 0.93
CA MET D 260 -10.08 -28.30 0.52
C MET D 260 -9.63 -27.54 1.77
N SER D 261 -8.61 -26.69 1.60
CA SER D 261 -8.06 -25.90 2.70
C SER D 261 -9.14 -25.01 3.34
N PRO D 262 -9.22 -24.97 4.68
CA PRO D 262 -10.12 -24.02 5.35
C PRO D 262 -9.77 -22.53 5.13
N LEU D 263 -8.53 -22.25 4.78
CA LEU D 263 -8.06 -20.89 4.44
C LEU D 263 -8.88 -20.24 3.31
N VAL D 264 -9.38 -21.07 2.38
CA VAL D 264 -10.32 -20.62 1.36
C VAL D 264 -11.67 -20.39 2.03
N SER D 265 -12.03 -19.12 2.24
CA SER D 265 -13.32 -18.76 2.85
C SER D 265 -13.77 -17.35 2.49
N VAL D 266 -15.06 -17.11 2.67
CA VAL D 266 -15.68 -15.81 2.35
C VAL D 266 -15.33 -14.74 3.39
N THR D 267 -15.12 -15.15 4.64
CA THR D 267 -14.70 -14.26 5.73
C THR D 267 -15.75 -13.18 6.04
N PRO D 268 -16.92 -13.59 6.55
CA PRO D 268 -18.01 -12.67 6.80
C PRO D 268 -17.81 -11.84 8.07
N LYS D 269 -18.01 -10.52 7.96
CA LYS D 269 -17.99 -9.61 9.10
C LYS D 269 -19.23 -8.73 9.07
N LYS D 270 -19.97 -8.68 10.17
CA LYS D 270 -21.18 -7.86 10.26
C LYS D 270 -20.79 -6.39 10.34
N LEU D 271 -21.40 -5.58 9.49
CA LEU D 271 -21.06 -4.17 9.38
C LEU D 271 -21.68 -3.37 10.52
N THR D 272 -20.95 -2.34 10.95
CA THR D 272 -21.40 -1.39 11.97
C THR D 272 -20.93 0.01 11.57
N TRP D 273 -21.40 1.02 12.30
CA TRP D 273 -21.06 2.41 12.01
C TRP D 273 -19.58 2.72 12.26
N GLU D 274 -19.03 2.20 13.35
CA GLU D 274 -17.59 2.34 13.64
C GLU D 274 -16.68 1.77 12.54
N ASP D 275 -17.13 0.73 11.84
CA ASP D 275 -16.37 0.16 10.71
C ASP D 275 -16.34 1.08 9.50
N LEU D 276 -17.41 1.84 9.27
CA LEU D 276 -17.46 2.83 8.18
C LEU D 276 -16.56 4.02 8.47
N ARG D 277 -15.29 3.86 8.12
CA ARG D 277 -14.28 4.91 8.26
C ARG D 277 -14.46 5.94 7.11
N PRO D 278 -14.21 7.24 7.38
CA PRO D 278 -14.26 8.26 6.33
C PRO D 278 -13.43 7.94 5.08
N ILE D 279 -14.08 7.95 3.91
CA ILE D 279 -13.41 7.60 2.65
C ILE D 279 -12.46 8.72 2.22
N GLY D 280 -11.33 8.34 1.63
CA GLY D 280 -10.36 9.28 1.09
C GLY D 280 -9.72 10.12 2.20
N PRO D 281 -8.79 9.52 2.96
CA PRO D 281 -8.13 10.28 4.03
C PRO D 281 -7.17 11.36 3.50
N HIS D 282 -6.49 11.07 2.39
CA HIS D 282 -5.48 11.97 1.82
C HIS D 282 -5.99 13.34 1.37
N ILE D 283 -7.29 13.47 1.10
CA ILE D 283 -7.86 14.76 0.66
C ILE D 283 -7.90 15.83 1.77
N TYR D 284 -7.71 15.43 3.03
CA TYR D 284 -7.62 16.37 4.15
C TYR D 284 -6.17 16.79 4.48
N ASN D 285 -5.20 16.04 3.98
CA ASN D 285 -3.78 16.35 4.17
C ASN D 285 -3.38 17.65 3.47
N HIS D 286 -3.04 18.67 4.25
CA HIS D 286 -2.64 19.99 3.73
C HIS D 286 -1.29 19.99 2.99
N GLU D 287 -0.48 18.94 3.17
CA GLU D 287 0.79 18.79 2.46
C GLU D 287 0.64 18.58 0.94
N LEU D 288 -0.53 18.09 0.50
CA LEU D 288 -0.84 17.97 -0.93
C LEU D 288 -1.33 19.30 -1.49
N PRO D 289 -1.21 19.52 -2.82
CA PRO D 289 -1.72 20.75 -3.43
C PRO D 289 -3.23 20.68 -3.64
N GLU D 290 -3.95 21.77 -3.34
CA GLU D 290 -5.41 21.77 -3.47
C GLU D 290 -5.84 21.73 -4.94
N VAL D 291 -6.87 20.92 -5.21
CA VAL D 291 -7.29 20.61 -6.58
C VAL D 291 -7.62 21.88 -7.37
N PRO D 292 -6.99 22.04 -8.56
CA PRO D 292 -7.20 23.24 -9.35
C PRO D 292 -8.44 23.18 -10.23
N TYR D 293 -8.87 24.35 -10.69
CA TYR D 293 -9.98 24.46 -11.64
C TYR D 293 -9.51 23.93 -12.99
N ASN D 294 -10.23 22.94 -13.51
CA ASN D 294 -9.85 22.24 -14.75
C ASN D 294 -11.00 22.06 -15.76
N ALA D 295 -12.05 22.87 -15.64
CA ALA D 295 -13.19 22.81 -16.56
C ALA D 295 -12.83 23.48 -17.89
N PHE D 296 -13.67 23.26 -18.89
CA PHE D 296 -13.43 23.80 -20.23
C PHE D 296 -13.62 25.31 -20.26
N LEU D 297 -14.75 25.77 -19.72
CA LEU D 297 -15.04 27.19 -19.53
C LEU D 297 -15.25 27.50 -18.05
N LEU D 298 -15.33 28.79 -17.73
CA LEU D 298 -15.67 29.26 -16.38
C LEU D 298 -17.16 29.01 -16.13
N MET D 299 -17.54 28.97 -14.85
CA MET D 299 -18.93 28.70 -14.48
C MET D 299 -19.51 29.81 -13.60
N SER D 300 -19.24 29.79 -12.29
CA SER D 300 -19.76 30.83 -11.39
C SER D 300 -19.01 32.16 -11.54
N ASP D 301 -17.74 32.08 -11.92
CA ASP D 301 -16.88 33.26 -12.09
C ASP D 301 -17.09 34.02 -13.40
N GLU D 302 -17.94 33.50 -14.29
CA GLU D 302 -18.18 34.11 -15.61
C GLU D 302 -18.71 35.55 -15.53
N LEU D 303 -18.53 36.30 -16.61
CA LEU D 303 -19.06 37.65 -16.74
C LEU D 303 -19.49 37.89 -18.19
N GLY D 304 -20.79 38.07 -18.41
CA GLY D 304 -21.34 38.29 -19.74
C GLY D 304 -21.53 39.76 -20.03
N LEU D 305 -20.83 40.27 -21.04
CA LEU D 305 -21.01 41.65 -21.50
C LEU D 305 -22.36 41.76 -22.22
N ALA D 306 -23.37 42.17 -21.46
CA ALA D 306 -24.76 42.11 -21.92
C ALA D 306 -25.13 43.24 -22.89
N ASN D 307 -25.44 42.86 -24.13
CA ASN D 307 -25.93 43.77 -25.16
C ASN D 307 -27.41 43.52 -25.41
N MET D 308 -28.16 44.58 -25.68
CA MET D 308 -29.59 44.51 -25.90
C MET D 308 -29.89 44.24 -27.37
N THR D 309 -30.92 43.44 -27.63
CA THR D 309 -31.32 43.08 -29.00
C THR D 309 -32.84 42.96 -29.15
N GLU D 310 -33.27 42.84 -30.40
CA GLU D 310 -34.67 42.55 -30.77
C GLU D 310 -35.22 41.27 -30.14
N GLY D 311 -34.34 40.26 -29.99
CA GLY D 311 -34.73 38.92 -29.52
C GLY D 311 -34.88 37.91 -30.63
N LYS D 312 -34.01 38.00 -31.64
CA LYS D 312 -33.99 37.08 -32.79
C LYS D 312 -32.55 36.81 -33.21
N SER D 313 -32.31 35.62 -33.77
CA SER D 313 -30.96 35.12 -34.02
C SER D 313 -30.15 35.96 -35.02
N LYS D 314 -28.87 36.14 -34.71
CA LYS D 314 -27.91 36.83 -35.58
C LYS D 314 -26.63 35.99 -35.72
N LYS D 315 -25.71 36.46 -36.56
CA LYS D 315 -24.41 35.82 -36.74
C LYS D 315 -23.55 36.01 -35.48
N PRO D 316 -22.63 35.05 -35.20
CA PRO D 316 -21.84 35.11 -33.96
C PRO D 316 -20.79 36.23 -33.94
N LYS D 317 -20.18 36.50 -35.09
CA LYS D 317 -19.18 37.56 -35.23
C LYS D 317 -19.81 38.94 -35.10
N THR D 318 -20.95 39.15 -35.78
CA THR D 318 -21.74 40.37 -35.68
C THR D 318 -22.22 40.62 -34.25
N LEU D 319 -22.62 39.55 -33.56
CA LEU D 319 -23.06 39.61 -32.16
C LEU D 319 -21.93 40.00 -31.22
N ALA D 320 -20.78 39.34 -31.39
CA ALA D 320 -19.57 39.64 -30.61
C ALA D 320 -19.03 41.05 -30.89
N LYS D 321 -19.15 41.50 -32.13
CA LYS D 321 -18.77 42.85 -32.53
C LYS D 321 -19.62 43.92 -31.84
N GLU D 322 -20.94 43.71 -31.86
CA GLU D 322 -21.90 44.64 -31.23
C GLU D 322 -21.82 44.65 -29.70
N CYS D 323 -21.51 43.50 -29.10
CA CYS D 323 -21.31 43.41 -27.64
C CYS D 323 -20.08 44.21 -27.20
N LEU D 324 -18.97 44.01 -27.91
CA LEU D 324 -17.73 44.75 -27.64
C LEU D 324 -17.84 46.24 -27.97
N GLU D 325 -18.65 46.58 -28.97
CA GLU D 325 -18.93 47.99 -29.32
C GLU D 325 -19.58 48.73 -28.15
N LYS D 326 -20.56 48.09 -27.51
CA LYS D 326 -21.29 48.69 -26.40
C LYS D 326 -20.46 48.86 -25.13
N TYR D 327 -19.41 48.04 -24.97
CA TYR D 327 -18.41 48.19 -23.90
C TYR D 327 -17.04 48.48 -24.53
N SER D 328 -16.91 49.68 -25.08
CA SER D 328 -15.73 50.05 -25.90
C SER D 328 -14.42 50.21 -25.12
N THR D 329 -14.50 50.61 -23.85
CA THR D 329 -13.33 50.76 -22.99
C THR D 329 -12.54 49.45 -22.85
N LEU D 330 -13.28 48.34 -22.71
CA LEU D 330 -12.67 47.02 -22.58
C LEU D 330 -12.16 46.48 -23.92
N ARG D 331 -12.86 46.81 -25.01
CA ARG D 331 -12.45 46.39 -26.35
C ARG D 331 -11.11 47.02 -26.76
N ASP D 332 -10.95 48.32 -26.49
CA ASP D 332 -9.80 49.09 -26.98
C ASP D 332 -8.66 49.20 -25.94
N GLN D 333 -8.44 48.14 -25.17
CA GLN D 333 -7.38 48.13 -24.16
C GLN D 333 -6.10 47.57 -24.79
N THR D 334 -5.05 48.39 -24.83
CA THR D 334 -3.72 47.97 -25.29
C THR D 334 -2.60 48.04 -24.21
N ASP D 335 -2.90 48.64 -23.06
CA ASP D 335 -1.95 48.76 -21.94
C ASP D 335 -2.56 48.13 -20.68
N PRO D 336 -2.60 46.78 -20.61
CA PRO D 336 -3.22 46.09 -19.48
C PRO D 336 -2.31 45.98 -18.27
N ILE D 337 -2.84 45.35 -17.21
CA ILE D 337 -2.10 45.03 -16.00
C ILE D 337 -2.14 43.51 -15.84
N LEU D 338 -0.97 42.88 -15.83
CA LEU D 338 -0.86 41.44 -15.59
C LEU D 338 -1.07 41.17 -14.09
N ILE D 339 -2.15 40.48 -13.75
CA ILE D 339 -2.48 40.14 -12.35
C ILE D 339 -1.89 38.79 -11.96
N MET D 340 -1.99 37.80 -12.84
CA MET D 340 -1.53 36.44 -12.56
C MET D 340 -1.06 35.73 -13.82
N LYS D 341 -0.09 34.82 -13.65
CA LYS D 341 0.46 34.05 -14.76
C LYS D 341 0.55 32.57 -14.42
N SER D 342 0.20 31.72 -15.38
CA SER D 342 0.42 30.28 -15.27
C SER D 342 1.92 29.99 -15.46
N GLU D 343 2.34 28.79 -15.05
CA GLU D 343 3.75 28.41 -15.02
C GLU D 343 4.39 28.43 -16.41
N LYS D 344 3.81 27.69 -17.34
CA LYS D 344 4.36 27.53 -18.69
C LYS D 344 3.64 28.36 -19.77
N ALA D 345 2.90 29.40 -19.34
CA ALA D 345 2.24 30.32 -20.26
C ALA D 345 3.23 31.37 -20.76
N ASN D 346 2.75 32.24 -21.65
CA ASN D 346 3.51 33.36 -22.18
C ASN D 346 2.62 34.59 -22.12
N GLU D 347 3.14 35.67 -21.55
CA GLU D 347 2.34 36.88 -21.31
C GLU D 347 2.02 37.56 -22.64
N ASN D 348 3.07 37.79 -23.44
CA ASN D 348 2.94 38.52 -24.69
C ASN D 348 2.18 37.77 -25.78
N PHE D 349 2.44 36.47 -25.93
CA PHE D 349 1.76 35.68 -26.97
C PHE D 349 0.25 35.57 -26.71
N LEU D 350 -0.14 35.36 -25.46
CA LEU D 350 -1.56 35.32 -25.10
C LEU D 350 -2.25 36.67 -25.30
N TRP D 351 -1.58 37.76 -24.93
CA TRP D 351 -2.12 39.11 -25.13
C TRP D 351 -2.16 39.50 -26.61
N LYS D 352 -1.09 39.21 -27.35
CA LYS D 352 -1.07 39.41 -28.80
C LYS D 352 -2.21 38.64 -29.48
N LEU D 353 -2.45 37.42 -29.02
CA LEU D 353 -3.55 36.59 -29.52
C LEU D 353 -4.92 37.16 -29.13
N TRP D 354 -5.04 37.67 -27.90
CA TRP D 354 -6.27 38.34 -27.45
C TRP D 354 -6.59 39.57 -28.31
N ARG D 355 -5.59 40.39 -28.59
CA ARG D 355 -5.77 41.54 -29.49
C ARG D 355 -6.14 41.11 -30.91
N ASP D 356 -5.53 40.02 -31.38
CA ASP D 356 -5.84 39.46 -32.70
C ASP D 356 -7.32 39.08 -32.80
N CYS D 357 -7.87 38.50 -31.73
CA CYS D 357 -9.29 38.14 -31.67
C CYS D 357 -10.21 39.35 -31.70
N VAL D 358 -9.92 40.33 -30.84
CA VAL D 358 -10.74 41.54 -30.70
C VAL D 358 -10.73 42.35 -32.00
N ASN D 359 -9.56 42.47 -32.63
CA ASN D 359 -9.42 43.19 -33.89
C ASN D 359 -10.07 42.45 -35.07
N THR D 360 -9.87 41.13 -35.14
CA THR D 360 -10.48 40.31 -36.19
C THR D 360 -12.01 40.31 -36.11
N ILE D 361 -12.56 40.26 -34.89
CA ILE D 361 -14.01 40.30 -34.68
C ILE D 361 -14.60 41.69 -34.94
N SER D 362 -13.87 42.75 -34.56
CA SER D 362 -14.33 44.12 -34.75
C SER D 362 -14.40 44.59 -36.21
N ASN D 363 -13.60 44.00 -37.09
CA ASN D 363 -13.47 44.49 -38.48
C ASN D 363 -14.73 44.31 -39.34
N GLU D 364 -14.72 44.95 -40.51
CA GLU D 364 -15.86 44.95 -41.44
C GLU D 364 -15.97 43.70 -42.32
N GLU D 365 -14.90 42.90 -42.40
CA GLU D 365 -14.89 41.70 -43.24
C GLU D 365 -15.74 40.57 -42.65
N MET D 366 -16.05 39.57 -43.49
CA MET D 366 -16.85 38.40 -43.07
C MET D 366 -16.02 37.33 -42.37
N SER D 367 -14.77 37.16 -42.79
CA SER D 367 -13.89 36.09 -42.30
C SER D 367 -13.53 36.24 -40.82
N ASN D 368 -13.70 35.15 -40.06
CA ASN D 368 -13.25 35.06 -38.66
C ASN D 368 -11.95 34.24 -38.50
N GLU D 369 -11.20 34.08 -39.59
CA GLU D 369 -9.95 33.34 -39.57
C GLU D 369 -8.84 34.22 -39.00
N LEU D 370 -8.11 33.69 -38.02
CA LEU D 370 -6.92 34.37 -37.49
C LEU D 370 -5.71 33.99 -38.32
N GLN D 371 -4.76 34.92 -38.44
CA GLN D 371 -3.52 34.69 -39.18
C GLN D 371 -2.63 33.74 -38.38
N LYS D 372 -1.94 32.85 -39.09
CA LYS D 372 -1.17 31.77 -38.45
C LYS D 372 0.18 32.31 -37.96
N THR D 373 0.11 33.10 -36.90
CA THR D 373 1.25 33.85 -36.37
C THR D 373 2.09 33.01 -35.40
N ASN D 374 3.24 33.53 -35.02
CA ASN D 374 4.11 32.89 -34.02
C ASN D 374 3.47 32.79 -32.63
N TYR D 375 2.68 33.82 -32.27
CA TYR D 375 1.93 33.82 -31.00
C TYR D 375 0.73 32.86 -31.04
N ALA D 376 0.07 32.77 -32.19
CA ALA D 376 -1.04 31.84 -32.37
C ALA D 376 -0.56 30.38 -32.46
N LYS D 377 0.54 30.16 -33.19
CA LYS D 377 1.13 28.82 -33.35
C LYS D 377 1.62 28.20 -32.03
N TRP D 378 2.08 29.03 -31.10
CA TRP D 378 2.46 28.55 -29.76
C TRP D 378 1.24 28.13 -28.94
N ALA D 379 0.24 29.01 -28.89
CA ALA D 379 -1.00 28.76 -28.12
C ALA D 379 -1.91 27.68 -28.76
N THR D 380 -1.69 27.40 -30.04
CA THR D 380 -2.36 26.30 -30.75
C THR D 380 -1.59 24.98 -30.60
N GLY D 381 -0.26 25.06 -30.57
CA GLY D 381 0.61 23.89 -30.47
C GLY D 381 1.01 23.38 -31.83
N ASP D 382 1.61 24.24 -32.63
CA ASP D 382 2.00 23.91 -34.00
C ASP D 382 3.27 23.06 -34.01
N GLY D 383 3.24 21.96 -34.76
CA GLY D 383 4.37 21.05 -34.91
C GLY D 383 4.86 20.33 -33.65
N LEU D 384 4.02 20.22 -32.62
CA LEU D 384 4.43 19.60 -31.36
C LEU D 384 4.34 18.07 -31.36
N THR D 385 3.70 17.48 -32.39
CA THR D 385 3.64 16.01 -32.51
C THR D 385 5.01 15.42 -32.86
N TYR D 386 5.18 14.14 -32.55
CA TYR D 386 6.42 13.42 -32.84
C TYR D 386 6.28 12.81 -34.23
N GLN D 387 7.38 12.71 -34.96
CA GLN D 387 7.39 12.22 -36.34
C GLN D 387 7.39 10.68 -36.39
N LYS D 388 6.56 10.11 -37.28
CA LYS D 388 6.48 8.66 -37.45
C LYS D 388 7.62 8.14 -38.32
N ILE D 389 8.59 7.47 -37.69
CA ILE D 389 9.70 6.82 -38.40
C ILE D 389 9.44 5.32 -38.56
N MET D 390 10.25 4.66 -39.39
CA MET D 390 10.11 3.23 -39.64
C MET D 390 10.62 2.40 -38.46
N LYS D 391 10.09 1.18 -38.33
CA LYS D 391 10.44 0.28 -37.21
C LYS D 391 11.90 -0.17 -37.21
N GLU D 392 12.49 -0.32 -38.41
CA GLU D 392 13.89 -0.72 -38.55
C GLU D 392 14.85 0.35 -38.00
N VAL D 393 14.49 1.62 -38.18
CA VAL D 393 15.31 2.74 -37.72
C VAL D 393 15.23 2.89 -36.20
N ALA D 394 14.03 2.73 -35.65
CA ALA D 394 13.80 2.90 -34.21
C ALA D 394 14.43 1.80 -33.35
N ILE D 395 14.47 0.58 -33.87
CA ILE D 395 15.10 -0.56 -33.17
C ILE D 395 16.61 -0.34 -33.01
N ASP D 396 17.27 0.12 -34.08
CA ASP D 396 18.71 0.43 -34.04
C ASP D 396 19.04 1.63 -33.16
N ASP D 397 18.12 2.60 -33.07
CA ASP D 397 18.29 3.78 -32.21
C ASP D 397 18.12 3.38 -30.73
N GLU D 398 19.21 3.53 -29.97
CA GLU D 398 19.24 3.14 -28.55
C GLU D 398 18.65 4.20 -27.61
N THR D 399 18.53 5.44 -28.09
CA THR D 399 17.99 6.54 -27.28
C THR D 399 16.48 6.45 -27.07
N MET D 400 15.75 5.94 -28.07
CA MET D 400 14.29 5.81 -27.99
C MET D 400 13.85 4.76 -26.97
N CYS D 401 12.80 5.09 -26.22
CA CYS D 401 12.26 4.20 -25.17
C CYS D 401 10.74 4.35 -25.06
N GLN D 402 10.11 3.36 -24.44
CA GLN D 402 8.69 3.46 -24.08
C GLN D 402 8.57 4.39 -22.87
N GLU D 403 7.72 5.41 -22.99
CA GLU D 403 7.56 6.40 -21.92
C GLU D 403 6.79 5.82 -20.74
N GLU D 404 7.25 6.12 -19.52
CA GLU D 404 6.48 5.85 -18.31
C GLU D 404 5.26 6.77 -18.32
N PRO D 405 4.04 6.18 -18.22
CA PRO D 405 2.84 6.99 -18.39
C PRO D 405 2.59 7.92 -17.21
N LYS D 406 2.07 9.12 -17.49
CA LYS D 406 1.70 10.07 -16.46
C LYS D 406 0.49 9.54 -15.71
N ILE D 407 0.52 9.65 -14.37
CA ILE D 407 -0.58 9.24 -13.51
C ILE D 407 -1.16 10.53 -12.91
N PRO D 408 -2.51 10.63 -12.80
CA PRO D 408 -3.13 11.81 -12.19
C PRO D 408 -2.57 12.18 -10.81
N ASN D 409 -2.55 13.48 -10.52
CA ASN D 409 -2.01 14.00 -9.25
C ASN D 409 -2.85 13.59 -8.06
N LYS D 410 -2.27 13.61 -6.88
CA LYS D 410 -3.00 13.38 -5.63
C LYS D 410 -3.21 14.72 -4.94
N CYS D 411 -4.42 15.26 -5.10
CA CYS D 411 -4.77 16.59 -4.59
C CYS D 411 -5.64 16.52 -3.34
N ARG D 412 -5.78 17.68 -2.69
CA ARG D 412 -6.60 17.82 -1.48
C ARG D 412 -7.88 18.62 -1.76
N VAL D 413 -8.76 18.69 -0.76
CA VAL D 413 -10.04 19.39 -0.90
C VAL D 413 -9.79 20.88 -1.12
N ALA D 414 -10.32 21.41 -2.22
CA ALA D 414 -10.27 22.83 -2.51
C ALA D 414 -11.63 23.45 -2.16
N ALA D 415 -11.59 24.63 -1.54
CA ALA D 415 -12.79 25.32 -1.09
C ALA D 415 -13.68 25.83 -2.22
N TRP D 416 -13.10 26.07 -3.40
CA TRP D 416 -13.85 26.60 -4.55
C TRP D 416 -14.96 25.68 -5.08
N VAL D 417 -14.77 24.36 -4.96
CA VAL D 417 -15.76 23.39 -5.47
C VAL D 417 -17.05 23.52 -4.67
N GLN D 418 -16.93 23.77 -3.37
CA GLN D 418 -18.08 24.09 -2.52
C GLN D 418 -18.75 25.39 -2.96
N THR D 419 -17.96 26.41 -3.26
CA THR D 419 -18.46 27.70 -3.72
C THR D 419 -19.18 27.60 -5.07
N GLU D 420 -18.60 26.85 -6.00
CA GLU D 420 -19.24 26.57 -7.30
C GLU D 420 -20.61 25.92 -7.12
N MET D 421 -20.69 24.93 -6.25
CA MET D 421 -21.95 24.25 -5.93
C MET D 421 -22.99 25.21 -5.34
N ASN D 422 -22.53 26.11 -4.46
CA ASN D 422 -23.42 27.09 -3.82
C ASN D 422 -23.98 28.11 -4.81
N LEU D 423 -23.10 28.72 -5.60
CA LEU D 423 -23.48 29.80 -6.52
C LEU D 423 -24.28 29.32 -7.74
N LEU D 424 -23.91 28.17 -8.29
CA LEU D 424 -24.65 27.59 -9.42
C LEU D 424 -26.07 27.18 -9.03
N SER D 425 -26.26 26.72 -7.80
CA SER D 425 -27.58 26.36 -7.27
C SER D 425 -28.48 27.57 -6.97
N THR D 426 -27.88 28.74 -6.80
CA THR D 426 -28.62 29.97 -6.49
C THR D 426 -29.48 30.44 -7.67
N LEU D 427 -30.58 31.12 -7.36
CA LEU D 427 -31.47 31.71 -8.38
C LEU D 427 -30.93 33.02 -8.93
N THR D 428 -31.25 33.30 -10.19
CA THR D 428 -30.96 34.59 -10.85
C THR D 428 -32.24 35.10 -11.49
N SER D 429 -32.16 36.29 -12.08
CA SER D 429 -33.29 36.90 -12.80
C SER D 429 -33.19 36.70 -14.32
N LYS D 430 -32.54 35.61 -14.75
CA LYS D 430 -32.14 35.42 -16.15
C LYS D 430 -32.45 34.00 -16.62
N ARG D 431 -33.37 33.88 -17.59
CA ARG D 431 -33.73 32.60 -18.21
C ARG D 431 -32.88 32.38 -19.46
N ALA D 432 -32.20 31.24 -19.51
CA ALA D 432 -31.29 30.89 -20.61
C ALA D 432 -31.79 29.81 -21.57
N LEU D 433 -32.73 28.96 -21.12
CA LEU D 433 -33.14 27.78 -21.90
C LEU D 433 -33.87 28.14 -23.19
N ASP D 434 -33.69 27.29 -24.20
CA ASP D 434 -34.22 27.51 -25.56
C ASP D 434 -35.27 26.43 -25.91
N LEU D 435 -36.20 26.20 -24.99
CA LEU D 435 -37.16 25.10 -25.12
C LEU D 435 -38.21 25.38 -26.21
N PRO D 436 -38.30 24.50 -27.23
CA PRO D 436 -39.28 24.71 -28.30
C PRO D 436 -40.72 24.35 -27.92
N GLU D 437 -41.64 24.66 -28.82
CA GLU D 437 -43.08 24.37 -28.65
C GLU D 437 -43.41 22.88 -28.73
N ILE D 438 -44.57 22.53 -28.17
CA ILE D 438 -45.16 21.19 -28.29
C ILE D 438 -46.65 21.30 -28.66
N GLY D 439 -47.29 20.16 -28.87
CA GLY D 439 -48.72 20.14 -29.21
C GLY D 439 -49.64 20.67 -28.11
N PRO D 440 -50.91 20.93 -28.45
CA PRO D 440 -51.86 21.46 -27.47
C PRO D 440 -52.35 20.36 -26.53
N ASP D 441 -52.63 20.75 -25.28
CA ASP D 441 -53.03 19.79 -24.25
C ASP D 441 -54.50 19.39 -24.40
N VAL D 442 -54.73 18.14 -24.78
CA VAL D 442 -56.09 17.58 -24.91
C VAL D 442 -56.45 16.78 -23.66
N ALA D 443 -55.64 15.75 -23.37
CA ALA D 443 -55.88 14.86 -22.23
C ALA D 443 -55.59 15.55 -20.89
N PRO D 444 -56.27 15.14 -19.80
CA PRO D 444 -55.98 15.70 -18.47
C PRO D 444 -54.54 15.48 -17.97
N VAL D 445 -53.92 14.38 -18.38
CA VAL D 445 -52.52 14.09 -18.05
C VAL D 445 -51.60 15.17 -18.63
N GLU D 446 -51.88 15.56 -19.88
CA GLU D 446 -51.11 16.60 -20.57
C GLU D 446 -51.31 17.98 -19.94
N HIS D 447 -52.51 18.23 -19.42
CA HIS D 447 -52.79 19.45 -18.64
C HIS D 447 -52.01 19.47 -17.32
N VAL D 448 -51.94 18.33 -16.64
CA VAL D 448 -51.21 18.20 -15.38
C VAL D 448 -49.69 18.34 -15.60
N GLY D 449 -49.18 17.64 -16.62
CA GLY D 449 -47.76 17.70 -16.97
C GLY D 449 -47.29 19.10 -17.34
N SER D 450 -48.07 19.76 -18.20
CA SER D 450 -47.79 21.14 -18.60
C SER D 450 -47.92 22.15 -17.46
N GLU D 451 -48.84 21.88 -16.53
CA GLU D 451 -48.97 22.67 -15.31
C GLU D 451 -47.77 22.44 -14.38
N ARG D 452 -47.30 21.19 -14.30
CA ARG D 452 -46.10 20.86 -13.53
C ARG D 452 -44.85 21.55 -14.09
N ARG D 453 -44.71 21.57 -15.42
CA ARG D 453 -43.55 22.22 -16.07
C ARG D 453 -43.35 23.68 -15.66
N LYS D 454 -44.45 24.42 -15.50
CA LYS D 454 -44.39 25.82 -15.05
C LYS D 454 -43.62 25.97 -13.73
N TYR D 455 -43.86 25.04 -12.80
CA TYR D 455 -43.14 25.03 -11.52
C TYR D 455 -41.71 24.49 -11.71
N PHE D 456 -41.59 23.31 -12.30
CA PHE D 456 -40.30 22.61 -12.43
C PHE D 456 -39.29 23.31 -13.33
N VAL D 457 -39.71 23.69 -14.54
CA VAL D 457 -38.79 24.23 -15.55
C VAL D 457 -38.31 25.64 -15.18
N ASN D 458 -39.22 26.51 -14.75
CA ASN D 458 -38.86 27.86 -14.32
C ASN D 458 -37.90 27.87 -13.13
N GLU D 459 -38.09 26.95 -12.20
CA GLU D 459 -37.19 26.80 -11.06
C GLU D 459 -35.75 26.57 -11.52
N ILE D 460 -35.56 25.67 -12.47
CA ILE D 460 -34.24 25.39 -13.05
C ILE D 460 -33.78 26.52 -13.99
N ASN D 461 -34.69 27.00 -14.84
CA ASN D 461 -34.33 28.00 -15.87
C ASN D 461 -33.79 29.30 -15.28
N TYR D 462 -34.45 29.80 -14.22
CA TYR D 462 -34.00 31.01 -13.52
C TYR D 462 -32.69 30.86 -12.74
N CYS D 463 -32.26 29.63 -12.43
CA CYS D 463 -31.02 29.40 -11.67
C CYS D 463 -29.77 29.66 -12.52
N LYS D 464 -28.65 29.78 -11.82
CA LYS D 464 -27.34 30.09 -12.43
C LYS D 464 -26.79 28.92 -13.24
N ALA D 465 -26.96 27.70 -12.73
CA ALA D 465 -26.47 26.48 -13.40
C ALA D 465 -27.00 26.31 -14.82
N SER D 466 -28.28 26.65 -15.03
CA SER D 466 -28.92 26.52 -16.34
C SER D 466 -28.35 27.48 -17.38
N THR D 467 -28.05 28.71 -16.96
CA THR D 467 -27.39 29.70 -17.82
C THR D 467 -25.96 29.26 -18.17
N VAL D 468 -25.29 28.59 -17.23
CA VAL D 468 -23.97 28.02 -17.48
C VAL D 468 -24.05 26.81 -18.43
N MET D 469 -25.06 25.96 -18.23
CA MET D 469 -25.29 24.80 -19.11
C MET D 469 -25.43 25.21 -20.56
N MET D 470 -26.32 26.18 -20.81
CA MET D 470 -26.58 26.66 -22.17
C MET D 470 -25.37 27.34 -22.83
N LYS D 471 -24.45 27.87 -22.04
CA LYS D 471 -23.19 28.40 -22.55
C LYS D 471 -22.33 27.27 -23.15
N TYR D 472 -22.16 26.19 -22.40
CA TYR D 472 -21.44 24.99 -22.87
C TYR D 472 -22.05 24.41 -24.15
N VAL D 473 -23.38 24.28 -24.15
CA VAL D 473 -24.11 23.66 -25.27
C VAL D 473 -23.88 24.44 -26.56
N LEU D 474 -24.15 25.73 -26.52
CA LEU D 474 -24.03 26.60 -27.69
C LEU D 474 -22.57 26.75 -28.18
N PHE D 475 -21.62 26.76 -27.25
CA PHE D 475 -20.20 26.83 -27.60
C PHE D 475 -19.74 25.55 -28.30
N HIS D 476 -20.02 24.41 -27.66
CA HIS D 476 -19.65 23.10 -28.24
C HIS D 476 -20.30 22.82 -29.60
N THR D 477 -21.53 23.30 -29.78
CA THR D 477 -22.23 23.17 -31.08
C THR D 477 -21.47 23.89 -32.18
N SER D 478 -21.17 25.17 -31.95
CA SER D 478 -20.42 25.99 -32.91
C SER D 478 -18.95 25.54 -33.03
N LEU D 479 -18.37 25.06 -31.94
CA LEU D 479 -17.00 24.55 -31.93
C LEU D 479 -16.87 23.24 -32.73
N LEU D 480 -17.89 22.39 -32.64
CA LEU D 480 -17.93 21.15 -33.44
C LEU D 480 -18.08 21.44 -34.93
N ASN D 481 -18.91 22.44 -35.25
CA ASN D 481 -19.13 22.82 -36.65
C ASN D 481 -17.88 23.39 -37.29
N GLU D 482 -17.21 24.30 -36.60
CA GLU D 482 -15.95 24.89 -37.08
C GLU D 482 -14.83 23.85 -37.17
N SER D 483 -14.79 22.92 -36.22
CA SER D 483 -13.81 21.83 -36.22
C SER D 483 -13.85 20.96 -37.50
N ASN D 484 -15.05 20.73 -38.02
CA ASN D 484 -15.23 20.00 -39.27
C ASN D 484 -15.08 20.93 -40.47
N ALA D 485 -15.82 22.03 -40.46
CA ALA D 485 -15.87 22.97 -41.60
C ALA D 485 -14.59 23.75 -41.85
N SER D 486 -13.74 23.89 -40.83
CA SER D 486 -12.46 24.62 -40.94
C SER D 486 -11.34 23.86 -40.24
N MET D 487 -10.89 22.78 -40.86
CA MET D 487 -9.87 21.89 -40.28
C MET D 487 -8.50 22.56 -40.23
N GLY D 488 -8.03 23.02 -41.39
CA GLY D 488 -6.71 23.64 -41.50
C GLY D 488 -6.58 25.03 -40.91
N LYS D 489 -7.70 25.76 -40.84
CA LYS D 489 -7.69 27.19 -40.47
C LYS D 489 -7.75 27.42 -38.96
N TYR D 490 -6.95 28.37 -38.48
CA TYR D 490 -7.06 28.89 -37.11
C TYR D 490 -8.22 29.88 -37.11
N LYS D 491 -9.20 29.67 -36.23
CA LYS D 491 -10.40 30.52 -36.19
C LYS D 491 -10.74 30.97 -34.77
N VAL D 492 -11.35 32.16 -34.67
CA VAL D 492 -11.86 32.69 -33.41
C VAL D 492 -13.37 32.41 -33.30
N ILE D 493 -13.80 31.97 -32.13
CA ILE D 493 -15.21 31.64 -31.87
C ILE D 493 -15.63 32.38 -30.59
N PRO D 494 -16.72 33.17 -30.67
CA PRO D 494 -17.17 33.90 -29.48
C PRO D 494 -17.96 33.01 -28.53
N ILE D 495 -17.79 33.24 -27.23
CA ILE D 495 -18.49 32.49 -26.19
C ILE D 495 -19.84 33.19 -25.96
N THR D 496 -20.84 32.76 -26.74
CA THR D 496 -22.14 33.44 -26.85
C THR D 496 -23.22 32.72 -26.04
N ASN D 497 -24.21 33.50 -25.60
CA ASN D 497 -25.44 32.97 -24.98
C ASN D 497 -26.55 34.02 -24.99
N ARG D 498 -27.75 33.62 -25.39
CA ARG D 498 -28.93 34.50 -25.34
C ARG D 498 -29.65 34.31 -24.01
N VAL D 499 -30.23 35.39 -23.50
CA VAL D 499 -30.85 35.42 -22.16
C VAL D 499 -32.10 36.31 -22.19
N VAL D 500 -33.10 35.93 -21.40
CA VAL D 500 -34.34 36.70 -21.23
C VAL D 500 -34.61 36.90 -19.74
N ASN D 501 -35.13 38.07 -19.39
CA ASN D 501 -35.43 38.41 -17.98
C ASN D 501 -36.91 38.20 -17.62
N GLU D 502 -37.26 38.46 -16.36
CA GLU D 502 -38.63 38.29 -15.84
C GLU D 502 -39.70 39.06 -16.63
N LYS D 503 -39.34 40.24 -17.15
CA LYS D 503 -40.28 41.08 -17.91
C LYS D 503 -40.33 40.72 -19.41
N GLY D 504 -39.32 40.00 -19.89
CA GLY D 504 -39.33 39.42 -21.24
C GLY D 504 -38.47 40.09 -22.29
N GLU D 505 -37.57 40.99 -21.87
CA GLU D 505 -36.68 41.69 -22.81
C GLU D 505 -35.37 40.92 -22.97
N SER D 506 -34.95 40.72 -24.21
CA SER D 506 -33.84 39.81 -24.54
C SER D 506 -32.48 40.50 -24.44
N PHE D 507 -31.56 39.88 -23.69
CA PHE D 507 -30.16 40.29 -23.63
C PHE D 507 -29.30 39.24 -24.33
N ASP D 508 -28.25 39.70 -25.02
CA ASP D 508 -27.27 38.82 -25.67
C ASP D 508 -25.95 38.91 -24.92
N MET D 509 -25.52 37.79 -24.33
CA MET D 509 -24.35 37.76 -23.45
C MET D 509 -23.09 37.35 -24.22
N LEU D 510 -22.01 38.11 -24.03
CA LEU D 510 -20.68 37.75 -24.54
C LEU D 510 -19.75 37.49 -23.35
N TYR D 511 -19.55 36.23 -23.03
CA TYR D 511 -18.69 35.82 -21.90
C TYR D 511 -17.20 35.88 -22.23
N GLY D 512 -16.86 35.93 -23.51
CA GLY D 512 -15.47 36.02 -23.95
C GLY D 512 -15.26 35.51 -25.36
N LEU D 513 -13.99 35.40 -25.76
CA LEU D 513 -13.60 34.92 -27.08
C LEU D 513 -12.65 33.74 -26.94
N ALA D 514 -12.67 32.83 -27.91
CA ALA D 514 -11.85 31.62 -27.86
C ALA D 514 -11.25 31.26 -29.22
N VAL D 515 -9.96 30.90 -29.21
CA VAL D 515 -9.22 30.59 -30.43
C VAL D 515 -9.20 29.09 -30.69
N LYS D 516 -9.88 28.67 -31.75
CA LYS D 516 -9.82 27.29 -32.23
C LYS D 516 -8.49 27.06 -32.96
N GLY D 517 -7.85 25.93 -32.68
CA GLY D 517 -6.60 25.53 -33.34
C GLY D 517 -6.86 24.71 -34.60
N GLN D 518 -5.80 24.12 -35.14
CA GLN D 518 -5.91 23.24 -36.30
C GLN D 518 -6.57 21.93 -35.86
N SER D 519 -7.57 21.48 -36.62
CA SER D 519 -8.44 20.39 -36.20
C SER D 519 -8.68 19.35 -37.30
N HIS D 520 -7.62 18.62 -37.67
CA HIS D 520 -7.75 17.47 -38.56
C HIS D 520 -8.11 16.24 -37.71
N LEU D 521 -9.36 16.22 -37.26
CA LEU D 521 -9.83 15.25 -36.28
C LEU D 521 -10.39 14.01 -36.97
N ARG D 522 -9.51 13.04 -37.21
CA ARG D 522 -9.91 11.76 -37.82
C ARG D 522 -10.54 10.86 -36.77
N GLY D 523 -9.75 10.49 -35.76
CA GLY D 523 -10.24 9.66 -34.66
C GLY D 523 -11.14 10.45 -33.72
N ASP D 524 -11.94 9.72 -32.94
CA ASP D 524 -12.86 10.33 -31.97
C ASP D 524 -12.09 11.02 -30.84
N THR D 525 -11.04 10.36 -30.34
CA THR D 525 -10.22 10.88 -29.25
C THR D 525 -9.24 11.99 -29.64
N ASP D 526 -9.00 12.18 -30.95
CA ASP D 526 -8.09 13.22 -31.45
C ASP D 526 -8.46 14.61 -30.93
N VAL D 527 -7.44 15.42 -30.68
CA VAL D 527 -7.56 16.66 -29.90
C VAL D 527 -7.42 17.90 -30.79
N VAL D 528 -8.21 18.92 -30.46
CA VAL D 528 -8.08 20.27 -31.04
C VAL D 528 -7.88 21.24 -29.89
N THR D 529 -6.82 22.03 -29.96
CA THR D 529 -6.50 23.01 -28.92
C THR D 529 -7.43 24.22 -29.03
N VAL D 530 -7.91 24.69 -27.88
CA VAL D 530 -8.83 25.82 -27.80
C VAL D 530 -8.33 26.76 -26.69
N VAL D 531 -8.00 27.99 -27.05
CA VAL D 531 -7.47 28.97 -26.09
C VAL D 531 -8.62 29.87 -25.65
N THR D 532 -8.97 29.83 -24.36
CA THR D 532 -10.17 30.51 -23.85
C THR D 532 -9.85 31.82 -23.13
N PHE D 533 -10.24 32.94 -23.75
CA PHE D 533 -10.18 34.26 -23.13
C PHE D 533 -11.57 34.63 -22.61
N GLU D 534 -11.73 34.70 -21.29
CA GLU D 534 -13.04 34.89 -20.66
C GLU D 534 -13.03 36.04 -19.67
N PHE D 535 -14.12 36.81 -19.66
CA PHE D 535 -14.27 37.93 -18.73
C PHE D 535 -14.72 37.42 -17.37
N SER D 536 -14.40 38.17 -16.32
CA SER D 536 -14.75 37.82 -14.94
C SER D 536 -14.56 38.99 -13.99
N SER D 537 -15.44 39.09 -13.00
CA SER D 537 -15.29 40.04 -11.89
C SER D 537 -14.42 39.49 -10.76
N THR D 538 -14.16 38.17 -10.75
CA THR D 538 -13.43 37.51 -9.67
C THR D 538 -11.94 37.87 -9.69
N ASP D 539 -11.44 38.33 -8.54
CA ASP D 539 -10.01 38.60 -8.35
C ASP D 539 -9.30 37.27 -8.10
N PRO D 540 -8.37 36.87 -8.99
CA PRO D 540 -7.73 35.55 -8.82
C PRO D 540 -6.82 35.43 -7.59
N ARG D 541 -6.34 36.57 -7.08
CA ARG D 541 -5.48 36.59 -5.88
C ARG D 541 -6.20 36.22 -4.58
N VAL D 542 -7.54 36.29 -4.56
CA VAL D 542 -8.33 35.93 -3.36
C VAL D 542 -8.20 34.44 -3.04
N ASP D 543 -8.38 33.60 -4.07
CA ASP D 543 -8.18 32.15 -3.97
C ASP D 543 -7.20 31.74 -5.07
N SER D 544 -5.91 31.91 -4.79
CA SER D 544 -4.84 31.67 -5.77
C SER D 544 -4.71 30.21 -6.21
N GLY D 545 -5.00 29.28 -5.30
CA GLY D 545 -4.94 27.84 -5.61
C GLY D 545 -5.98 27.33 -6.59
N LYS D 546 -7.04 28.11 -6.82
CA LYS D 546 -8.02 27.80 -7.86
C LYS D 546 -7.48 28.01 -9.27
N TRP D 547 -6.54 28.95 -9.45
CA TRP D 547 -6.17 29.46 -10.78
C TRP D 547 -4.70 29.25 -11.22
N PRO D 548 -4.10 28.06 -10.97
CA PRO D 548 -2.73 27.85 -11.46
C PRO D 548 -2.65 27.62 -12.97
N LYS D 549 -3.73 27.15 -13.58
CA LYS D 549 -3.78 26.92 -15.03
C LYS D 549 -3.96 28.21 -15.84
N TYR D 550 -4.53 29.24 -15.21
CA TYR D 550 -4.95 30.46 -15.91
C TYR D 550 -3.91 31.60 -15.86
N THR D 551 -3.96 32.45 -16.88
CA THR D 551 -3.13 33.65 -17.01
C THR D 551 -4.08 34.86 -17.05
N VAL D 552 -4.18 35.57 -15.92
CA VAL D 552 -5.19 36.61 -15.73
C VAL D 552 -4.64 38.01 -16.04
N PHE D 553 -5.36 38.77 -16.88
CA PHE D 553 -5.05 40.17 -17.18
C PHE D 553 -6.18 41.07 -16.65
N ARG D 554 -5.80 42.16 -15.97
CA ARG D 554 -6.75 43.20 -15.53
C ARG D 554 -6.96 44.16 -16.71
N ILE D 555 -8.16 44.18 -17.27
CA ILE D 555 -8.46 44.91 -18.52
C ILE D 555 -9.33 46.16 -18.37
N GLY D 556 -9.93 46.37 -17.19
CA GLY D 556 -10.72 47.58 -16.94
C GLY D 556 -11.69 47.41 -15.80
N SER D 557 -12.77 48.18 -15.84
CA SER D 557 -13.79 48.14 -14.81
C SER D 557 -15.16 48.55 -15.33
N LEU D 558 -16.20 48.09 -14.63
CA LEU D 558 -17.59 48.42 -14.94
C LEU D 558 -18.33 48.80 -13.67
N PHE D 559 -19.15 49.85 -13.76
CA PHE D 559 -19.88 50.39 -12.62
C PHE D 559 -21.13 49.58 -12.29
N VAL D 560 -20.96 48.62 -11.37
CA VAL D 560 -22.06 47.84 -10.79
C VAL D 560 -22.20 48.40 -9.38
N SER D 561 -23.40 48.36 -8.81
CA SER D 561 -23.67 48.98 -7.51
C SER D 561 -23.28 50.49 -7.56
N GLY D 562 -22.51 50.95 -6.59
CA GLY D 562 -22.02 52.36 -6.57
C GLY D 562 -20.52 52.57 -6.77
N ARG D 563 -19.81 51.52 -7.18
CA ARG D 563 -18.33 51.54 -7.31
C ARG D 563 -17.83 50.67 -8.46
N GLU D 564 -16.66 51.04 -8.98
CA GLU D 564 -16.03 50.32 -10.09
C GLU D 564 -15.53 48.94 -9.64
N LYS D 565 -16.10 47.88 -10.21
CA LYS D 565 -15.62 46.52 -9.96
C LYS D 565 -14.62 46.22 -11.07
N SER D 566 -13.50 45.60 -10.69
CA SER D 566 -12.44 45.26 -11.64
C SER D 566 -12.88 44.11 -12.54
N VAL D 567 -12.76 44.33 -13.85
CA VAL D 567 -13.06 43.32 -14.86
C VAL D 567 -11.73 42.74 -15.36
N TYR D 568 -11.51 41.45 -15.09
CA TYR D 568 -10.30 40.75 -15.50
C TYR D 568 -10.54 39.91 -16.76
N LEU D 569 -9.46 39.35 -17.29
CA LEU D 569 -9.51 38.48 -18.48
C LEU D 569 -8.73 37.19 -18.22
N TYR D 570 -9.47 36.12 -17.91
CA TYR D 570 -8.89 34.81 -17.62
C TYR D 570 -8.50 34.07 -18.90
N CYS D 571 -7.22 34.12 -19.23
CA CYS D 571 -6.68 33.46 -20.43
C CYS D 571 -6.14 32.08 -20.08
N ARG D 572 -6.40 31.09 -20.93
CA ARG D 572 -5.95 29.72 -20.69
C ARG D 572 -5.87 28.92 -21.99
N VAL D 573 -4.81 28.11 -22.11
CA VAL D 573 -4.69 27.12 -23.17
C VAL D 573 -5.46 25.88 -22.71
N ASN D 574 -6.46 25.48 -23.50
CA ASN D 574 -7.34 24.35 -23.17
C ASN D 574 -7.44 23.42 -24.38
N GLY D 575 -8.20 22.33 -24.23
CA GLY D 575 -8.36 21.35 -25.31
C GLY D 575 -9.64 20.55 -25.17
N THR D 576 -10.01 19.88 -26.27
CA THR D 576 -11.19 19.02 -26.30
C THR D 576 -11.15 18.10 -27.52
N ASN D 577 -12.10 17.16 -27.58
CA ASN D 577 -12.19 16.18 -28.66
C ASN D 577 -13.62 16.01 -29.17
N LYS D 578 -13.77 15.30 -30.29
CA LYS D 578 -15.08 15.08 -30.93
C LYS D 578 -16.18 14.56 -29.99
N ILE D 579 -15.80 13.69 -29.06
CA ILE D 579 -16.75 13.07 -28.13
C ILE D 579 -17.19 14.11 -27.09
N GLN D 580 -16.21 14.77 -26.46
CA GLN D 580 -16.48 15.80 -25.45
C GLN D 580 -17.32 16.97 -26.02
N MET D 581 -17.09 17.31 -27.29
CA MET D 581 -17.91 18.30 -27.99
C MET D 581 -19.35 17.80 -28.20
N LYS D 582 -19.49 16.54 -28.61
CA LYS D 582 -20.81 15.92 -28.83
C LYS D 582 -21.63 15.81 -27.54
N TRP D 583 -21.00 15.36 -26.46
CA TRP D 583 -21.67 15.28 -25.16
C TRP D 583 -21.98 16.65 -24.53
N GLY D 584 -21.29 17.69 -24.98
CA GLY D 584 -21.66 19.08 -24.68
C GLY D 584 -22.95 19.51 -25.33
N MET D 585 -23.15 19.10 -26.59
CA MET D 585 -24.39 19.38 -27.32
C MET D 585 -25.58 18.64 -26.71
N GLU D 586 -25.32 17.48 -26.12
CA GLU D 586 -26.32 16.69 -25.39
C GLU D 586 -26.21 16.89 -23.87
N ALA D 587 -25.81 18.10 -23.44
CA ALA D 587 -25.77 18.47 -22.03
C ALA D 587 -27.13 18.97 -21.54
N ARG D 588 -28.07 19.18 -22.45
CA ARG D 588 -29.45 19.55 -22.09
C ARG D 588 -30.21 18.47 -21.29
N ARG D 589 -29.76 17.22 -21.39
CA ARG D 589 -30.41 16.10 -20.67
C ARG D 589 -30.26 16.16 -19.14
N CYS D 590 -29.37 17.00 -18.63
CA CYS D 590 -29.28 17.26 -17.19
C CYS D 590 -30.60 17.72 -16.55
N LEU D 591 -31.44 18.38 -17.34
CA LEU D 591 -32.83 18.66 -16.96
C LEU D 591 -33.59 17.38 -16.64
N LEU D 592 -33.60 16.45 -17.59
CA LEU D 592 -34.41 15.23 -17.50
C LEU D 592 -34.04 14.33 -16.32
N GLN D 593 -32.74 14.22 -16.01
CA GLN D 593 -32.27 13.38 -14.90
C GLN D 593 -32.71 13.93 -13.53
N SER D 594 -32.63 15.25 -13.37
CA SER D 594 -33.07 15.92 -12.14
C SER D 594 -34.58 16.07 -12.05
N MET D 595 -35.23 16.36 -13.18
CA MET D 595 -36.67 16.61 -13.23
C MET D 595 -37.50 15.34 -13.03
N GLN D 596 -37.03 14.22 -13.59
CA GLN D 596 -37.65 12.91 -13.37
C GLN D 596 -37.57 12.48 -11.91
N GLN D 597 -36.39 12.63 -11.32
CA GLN D 597 -36.14 12.24 -9.93
C GLN D 597 -37.05 12.97 -8.94
N MET D 598 -37.20 14.28 -9.13
CA MET D 598 -38.05 15.10 -8.25
C MET D 598 -39.54 15.00 -8.56
N GLU D 599 -39.89 14.80 -9.84
CA GLU D 599 -41.30 14.54 -10.21
C GLU D 599 -41.80 13.22 -9.61
N ALA D 600 -40.94 12.21 -9.56
CA ALA D 600 -41.25 10.93 -8.91
C ALA D 600 -41.69 11.10 -7.45
N ILE D 601 -41.07 12.05 -6.74
CA ILE D 601 -41.45 12.38 -5.37
C ILE D 601 -42.82 13.05 -5.32
N VAL D 602 -43.07 13.96 -6.27
CA VAL D 602 -44.38 14.65 -6.38
C VAL D 602 -45.49 13.65 -6.68
N GLU D 603 -45.23 12.70 -7.57
CA GLU D 603 -46.19 11.64 -7.90
C GLU D 603 -46.47 10.74 -6.70
N GLN D 604 -45.43 10.30 -5.99
CA GLN D 604 -45.60 9.51 -4.77
C GLN D 604 -46.34 10.27 -3.67
N GLU D 605 -46.08 11.58 -3.56
CA GLU D 605 -46.78 12.44 -2.61
C GLU D 605 -48.24 12.66 -3.03
N SER D 606 -48.50 12.74 -4.34
CA SER D 606 -49.86 12.82 -4.88
C SER D 606 -50.68 11.57 -4.58
N SER D 607 -50.03 10.41 -4.62
CA SER D 607 -50.67 9.13 -4.27
C SER D 607 -51.14 9.09 -2.82
N ILE D 608 -50.38 9.71 -1.92
CA ILE D 608 -50.70 9.73 -0.49
C ILE D 608 -51.94 10.59 -0.21
N GLN D 609 -51.98 11.80 -0.76
CA GLN D 609 -53.05 12.76 -0.46
C GLN D 609 -54.20 12.83 -1.47
N GLY D 610 -54.06 12.12 -2.59
CA GLY D 610 -55.17 11.93 -3.53
C GLY D 610 -55.35 12.98 -4.62
N TYR D 611 -54.57 14.05 -4.59
CA TYR D 611 -54.62 15.10 -5.63
C TYR D 611 -53.22 15.51 -6.08
N ASP D 612 -53.14 16.37 -7.08
CA ASP D 612 -51.87 16.84 -7.62
C ASP D 612 -51.13 17.69 -6.58
N MET D 613 -50.06 17.12 -6.01
CA MET D 613 -49.29 17.76 -4.93
C MET D 613 -48.06 18.52 -5.46
N THR D 614 -48.21 19.22 -6.59
CA THR D 614 -47.10 19.97 -7.17
C THR D 614 -46.94 21.29 -6.43
N LYS D 615 -48.02 22.08 -6.40
CA LYS D 615 -48.03 23.35 -5.67
C LYS D 615 -47.75 23.15 -4.18
N ALA D 616 -48.35 22.11 -3.60
CA ALA D 616 -48.15 21.76 -2.19
C ALA D 616 -46.67 21.51 -1.84
N CYS D 617 -45.94 20.89 -2.76
CA CYS D 617 -44.51 20.63 -2.57
C CYS D 617 -43.67 21.91 -2.67
N PHE D 618 -43.90 22.70 -3.73
CA PHE D 618 -43.17 23.96 -3.95
C PHE D 618 -43.57 25.03 -2.92
N LYS D 619 -44.79 25.55 -3.06
CA LYS D 619 -45.27 26.69 -2.28
C LYS D 619 -46.03 26.32 -1.01
N GLY D 620 -46.70 25.16 -1.01
CA GLY D 620 -47.64 24.80 0.06
C GLY D 620 -49.04 25.24 -0.30
N ASP D 621 -50.02 24.76 0.47
CA ASP D 621 -51.44 25.08 0.22
C ASP D 621 -52.26 25.04 1.51
N ARG D 622 -53.57 25.28 1.39
CA ARG D 622 -54.55 25.19 2.48
C ARG D 622 -54.27 24.06 3.47
N VAL D 623 -54.07 22.86 2.95
CA VAL D 623 -53.96 21.65 3.75
C VAL D 623 -52.52 21.40 4.23
N ASN D 624 -51.56 21.51 3.31
CA ASN D 624 -50.18 21.03 3.54
C ASN D 624 -49.12 22.12 3.60
N SER D 625 -48.06 21.83 4.36
CA SER D 625 -46.87 22.69 4.42
C SER D 625 -46.01 22.46 3.18
N PRO D 626 -45.03 23.35 2.93
CA PRO D 626 -44.09 23.09 1.83
C PRO D 626 -43.16 21.90 2.09
N LYS D 627 -42.83 21.16 1.03
CA LYS D 627 -41.85 20.07 1.12
C LYS D 627 -40.47 20.65 1.40
N THR D 628 -39.91 20.30 2.55
CA THR D 628 -38.57 20.73 2.95
C THR D 628 -37.60 19.56 2.87
N PHE D 629 -36.36 19.84 2.46
CA PHE D 629 -35.29 18.86 2.40
C PHE D 629 -34.09 19.34 3.19
N SER D 630 -33.32 18.40 3.73
CA SER D 630 -32.03 18.70 4.34
C SER D 630 -31.07 19.10 3.21
N ILE D 631 -30.86 20.39 3.04
CA ILE D 631 -30.12 20.93 1.90
C ILE D 631 -28.61 20.98 2.15
N GLY D 632 -28.20 21.29 3.38
CA GLY D 632 -26.78 21.39 3.70
C GLY D 632 -26.49 21.83 5.13
N THR D 633 -25.23 22.16 5.39
CA THR D 633 -24.74 22.52 6.73
C THR D 633 -24.54 24.02 6.91
N GLN D 634 -24.52 24.45 8.17
CA GLN D 634 -24.11 25.79 8.56
C GLN D 634 -23.58 25.75 9.99
N GLU D 635 -22.32 26.14 10.16
CA GLU D 635 -21.57 25.98 11.43
C GLU D 635 -21.79 24.64 12.14
N GLY D 636 -21.71 23.55 11.37
CA GLY D 636 -21.81 22.19 11.89
C GLY D 636 -23.20 21.75 12.35
N LYS D 637 -24.24 22.28 11.71
CA LYS D 637 -25.64 21.90 12.00
C LYS D 637 -26.49 21.89 10.73
N LEU D 638 -27.52 21.06 10.70
CA LEU D 638 -28.39 20.90 9.53
C LEU D 638 -29.11 22.19 9.16
N VAL D 639 -29.36 22.37 7.86
CA VAL D 639 -30.15 23.48 7.34
C VAL D 639 -31.18 22.91 6.37
N LYS D 640 -32.42 23.36 6.51
CA LYS D 640 -33.50 22.95 5.60
C LYS D 640 -33.52 23.87 4.38
N GLY D 641 -33.89 23.30 3.23
CA GLY D 641 -34.11 24.05 1.99
C GLY D 641 -35.44 23.65 1.37
N SER D 642 -35.97 24.51 0.51
CA SER D 642 -37.26 24.26 -0.14
C SER D 642 -37.18 23.18 -1.21
N PHE D 643 -38.35 22.76 -1.71
CA PHE D 643 -38.43 21.77 -2.80
C PHE D 643 -37.66 22.26 -4.02
N GLY D 644 -37.88 23.52 -4.39
CA GLY D 644 -37.21 24.13 -5.53
C GLY D 644 -35.69 24.16 -5.46
N LYS D 645 -35.15 24.29 -4.25
CA LYS D 645 -33.69 24.30 -4.04
C LYS D 645 -33.12 22.91 -4.30
N ALA D 646 -33.77 21.89 -3.73
CA ALA D 646 -33.38 20.48 -3.94
C ALA D 646 -33.34 20.09 -5.41
N LEU D 647 -34.29 20.61 -6.20
CA LEU D 647 -34.31 20.41 -7.65
C LEU D 647 -33.10 21.06 -8.34
N ARG D 648 -32.78 22.29 -7.92
CA ARG D 648 -31.61 23.00 -8.45
C ARG D 648 -30.28 22.37 -8.02
N VAL D 649 -30.24 21.89 -6.78
CA VAL D 649 -29.08 21.14 -6.26
C VAL D 649 -28.82 19.90 -7.12
N ILE D 650 -29.86 19.11 -7.36
CA ILE D 650 -29.74 17.88 -8.15
C ILE D 650 -29.47 18.18 -9.64
N PHE D 651 -30.06 19.27 -10.14
CA PHE D 651 -29.76 19.73 -11.51
C PHE D 651 -28.30 20.15 -11.66
N THR D 652 -27.81 20.92 -10.68
CA THR D 652 -26.40 21.31 -10.64
C THR D 652 -25.48 20.09 -10.55
N LYS D 653 -25.85 19.13 -9.70
CA LYS D 653 -25.12 17.85 -9.56
C LYS D 653 -24.97 17.12 -10.90
N CYS D 654 -26.04 17.10 -11.69
CA CYS D 654 -26.02 16.46 -13.01
C CYS D 654 -25.22 17.24 -14.05
N LEU D 655 -25.15 18.57 -13.91
CA LEU D 655 -24.28 19.40 -14.75
C LEU D 655 -22.80 19.21 -14.43
N MET D 656 -22.49 19.08 -13.13
CA MET D 656 -21.10 18.82 -12.69
C MET D 656 -20.59 17.45 -13.14
N HIS D 657 -21.49 16.48 -13.31
CA HIS D 657 -21.14 15.18 -13.89
C HIS D 657 -20.61 15.32 -15.31
N TYR D 658 -21.18 16.25 -16.10
CA TYR D 658 -20.67 16.54 -17.44
C TYR D 658 -19.35 17.32 -17.40
N VAL D 659 -19.33 18.41 -16.63
CA VAL D 659 -18.18 19.31 -16.58
C VAL D 659 -16.92 18.60 -16.09
N PHE D 660 -17.07 17.73 -15.08
CA PHE D 660 -15.97 16.93 -14.55
C PHE D 660 -16.20 15.43 -14.79
N GLY D 661 -16.60 15.09 -16.01
CA GLY D 661 -16.91 13.71 -16.40
C GLY D 661 -15.72 12.99 -16.99
N ASN D 662 -15.22 11.99 -16.27
CA ASN D 662 -14.11 11.16 -16.74
C ASN D 662 -14.06 9.82 -15.98
N ALA D 663 -13.09 8.97 -16.34
CA ALA D 663 -12.88 7.67 -15.68
C ALA D 663 -12.86 7.73 -14.14
N GLN D 664 -12.30 8.80 -13.57
CA GLN D 664 -12.23 8.96 -12.11
C GLN D 664 -13.61 9.08 -11.46
N LEU D 665 -14.50 9.85 -12.09
CA LEU D 665 -15.87 9.99 -11.60
C LEU D 665 -16.70 8.71 -11.80
N GLU D 666 -16.45 8.00 -12.91
CA GLU D 666 -17.14 6.75 -13.21
C GLU D 666 -16.86 5.70 -12.15
N GLY D 667 -15.56 5.43 -11.94
CA GLY D 667 -15.10 4.45 -10.96
C GLY D 667 -15.46 4.81 -9.52
N PHE D 668 -15.36 6.10 -9.19
CA PHE D 668 -15.72 6.58 -7.86
C PHE D 668 -17.21 6.35 -7.58
N SER D 669 -18.06 6.93 -8.42
CA SER D 669 -19.52 6.83 -8.25
C SER D 669 -20.04 5.39 -8.31
N ALA D 670 -19.42 4.56 -9.16
CA ALA D 670 -19.79 3.15 -9.28
C ALA D 670 -19.41 2.35 -8.04
N GLU D 671 -18.16 2.47 -7.60
CA GLU D 671 -17.68 1.71 -6.43
C GLU D 671 -18.17 2.27 -5.10
N SER D 672 -18.35 3.58 -5.00
CA SER D 672 -18.92 4.20 -3.79
C SER D 672 -20.41 3.92 -3.60
N ARG D 673 -21.12 3.63 -4.69
CA ARG D 673 -22.53 3.23 -4.63
C ARG D 673 -22.76 1.97 -3.79
N ARG D 674 -21.80 1.03 -3.84
CA ARG D 674 -21.84 -0.17 -3.00
C ARG D 674 -21.85 0.22 -1.52
N LEU D 675 -20.94 1.13 -1.16
CA LEU D 675 -20.84 1.64 0.20
C LEU D 675 -22.07 2.45 0.61
N LEU D 676 -22.65 3.19 -0.34
CA LEU D 676 -23.90 3.94 -0.11
C LEU D 676 -25.06 3.03 0.29
N LEU D 677 -25.25 1.94 -0.45
CA LEU D 677 -26.36 1.00 -0.19
C LEU D 677 -26.22 0.26 1.15
N LEU D 678 -24.98 0.03 1.59
CA LEU D 678 -24.71 -0.54 2.91
C LEU D 678 -25.11 0.42 4.04
N ILE D 679 -24.91 1.72 3.84
CA ILE D 679 -25.34 2.74 4.79
C ILE D 679 -26.88 2.76 4.91
N GLN D 680 -27.56 2.56 3.79
CA GLN D 680 -29.02 2.46 3.76
C GLN D 680 -29.54 1.25 4.54
N ALA D 681 -28.82 0.13 4.44
CA ALA D 681 -29.13 -1.08 5.21
C ALA D 681 -28.99 -0.84 6.71
N LEU D 682 -27.93 -0.16 7.12
CA LEU D 682 -27.73 0.23 8.52
C LEU D 682 -28.80 1.22 9.01
N LYS D 683 -29.24 2.12 8.13
CA LYS D 683 -30.36 3.03 8.42
C LYS D 683 -31.69 2.27 8.58
N ASP D 684 -31.92 1.30 7.69
CA ASP D 684 -33.13 0.47 7.73
C ASP D 684 -33.08 -0.69 8.75
N ARG D 685 -31.93 -0.87 9.40
CA ARG D 685 -31.72 -1.92 10.41
C ARG D 685 -31.91 -3.33 9.83
N LYS D 686 -31.30 -3.56 8.67
CA LYS D 686 -31.30 -4.87 8.02
C LYS D 686 -30.11 -5.72 8.43
N GLY D 687 -29.14 -5.13 9.14
CA GLY D 687 -27.97 -5.87 9.63
C GLY D 687 -27.08 -6.36 8.51
N PRO D 688 -26.45 -5.43 7.77
CA PRO D 688 -25.62 -5.81 6.62
C PRO D 688 -24.28 -6.42 7.02
N TRP D 689 -23.79 -7.34 6.17
CA TRP D 689 -22.49 -7.98 6.34
C TRP D 689 -21.59 -7.67 5.16
N VAL D 690 -20.28 -7.78 5.38
CA VAL D 690 -19.27 -7.52 4.34
C VAL D 690 -18.24 -8.66 4.36
N PHE D 691 -17.67 -8.94 3.20
CA PHE D 691 -16.70 -10.04 3.03
C PHE D 691 -15.25 -9.57 3.00
N ASP D 692 -15.00 -8.40 2.43
CA ASP D 692 -13.69 -7.74 2.50
C ASP D 692 -13.88 -6.22 2.37
N LEU D 693 -14.03 -5.54 3.50
CA LEU D 693 -14.39 -4.12 3.53
C LEU D 693 -13.28 -3.21 2.99
N GLU D 694 -12.01 -3.56 3.25
CA GLU D 694 -10.88 -2.83 2.68
C GLU D 694 -10.78 -2.98 1.15
N GLY D 695 -11.32 -4.08 0.62
CA GLY D 695 -11.43 -4.27 -0.82
C GLY D 695 -12.36 -3.28 -1.50
N MET D 696 -13.49 -2.97 -0.84
CA MET D 696 -14.40 -1.92 -1.31
C MET D 696 -13.70 -0.56 -1.36
N TYR D 697 -13.07 -0.21 -0.25
CA TYR D 697 -12.37 1.07 -0.10
C TYR D 697 -11.20 1.21 -1.09
N SER D 698 -10.52 0.11 -1.38
CA SER D 698 -9.46 0.08 -2.40
C SER D 698 -9.98 0.51 -3.77
N GLY D 699 -11.15 -0.01 -4.16
CA GLY D 699 -11.80 0.37 -5.41
C GLY D 699 -12.28 1.81 -5.47
N ILE D 700 -12.75 2.32 -4.34
CA ILE D 700 -13.22 3.71 -4.23
C ILE D 700 -12.03 4.68 -4.24
N GLU D 701 -11.09 4.46 -3.32
CA GLU D 701 -10.03 5.44 -3.03
C GLU D 701 -8.94 5.57 -4.09
N GLU D 702 -8.79 4.57 -4.97
CA GLU D 702 -7.89 4.70 -6.13
C GLU D 702 -8.40 5.73 -7.14
N CYS D 703 -9.71 5.86 -7.25
CA CYS D 703 -10.35 6.83 -8.14
C CYS D 703 -10.29 8.28 -7.64
N ILE D 704 -10.03 8.48 -6.34
CA ILE D 704 -9.85 9.83 -5.77
C ILE D 704 -8.43 10.29 -6.09
N SER D 705 -8.29 11.20 -7.06
CA SER D 705 -6.99 11.69 -7.50
C SER D 705 -6.99 13.23 -7.67
N ASN D 706 -7.31 13.73 -8.87
CA ASN D 706 -7.28 15.17 -9.16
C ASN D 706 -8.55 15.73 -9.83
N ASN D 707 -9.66 15.00 -9.73
CA ASN D 707 -10.95 15.47 -10.22
C ASN D 707 -11.63 16.24 -9.08
N PRO D 708 -11.89 17.56 -9.26
CA PRO D 708 -12.49 18.36 -8.19
C PRO D 708 -13.81 17.83 -7.62
N TRP D 709 -14.66 17.29 -8.50
CA TRP D 709 -15.98 16.78 -8.10
C TRP D 709 -15.88 15.46 -7.34
N VAL D 710 -14.90 14.62 -7.70
CA VAL D 710 -14.64 13.36 -6.98
C VAL D 710 -14.11 13.63 -5.58
N ILE D 711 -13.21 14.62 -5.46
CA ILE D 711 -12.62 15.00 -4.17
C ILE D 711 -13.67 15.64 -3.26
N GLN D 712 -14.42 16.60 -3.79
CA GLN D 712 -15.46 17.29 -3.02
C GLN D 712 -16.60 16.34 -2.62
N SER D 713 -16.93 15.38 -3.49
CA SER D 713 -17.91 14.33 -3.17
C SER D 713 -17.45 13.45 -2.02
N ALA D 714 -16.15 13.14 -2.00
CA ALA D 714 -15.55 12.37 -0.88
C ALA D 714 -15.58 13.16 0.44
N TYR D 715 -15.41 14.48 0.36
CA TYR D 715 -15.59 15.35 1.52
C TYR D 715 -17.04 15.35 2.00
N TRP D 716 -17.97 15.55 1.06
CA TRP D 716 -19.41 15.56 1.37
C TRP D 716 -19.93 14.21 1.88
N PHE D 717 -19.44 13.12 1.30
CA PHE D 717 -19.78 11.76 1.73
C PHE D 717 -19.45 11.57 3.22
N ASN D 718 -18.25 11.99 3.60
CA ASN D 718 -17.81 11.88 5.00
C ASN D 718 -18.55 12.81 5.95
N GLU D 719 -18.97 13.98 5.46
CA GLU D 719 -19.80 14.90 6.25
C GLU D 719 -21.19 14.30 6.49
N TRP D 720 -21.82 13.86 5.40
CA TRP D 720 -23.14 13.18 5.47
C TRP D 720 -23.10 11.93 6.35
N LEU D 721 -22.04 11.14 6.19
CA LEU D 721 -21.80 9.95 7.03
C LEU D 721 -21.81 10.29 8.53
N GLY D 722 -21.20 11.41 8.89
CA GLY D 722 -21.18 11.90 10.27
C GLY D 722 -22.55 12.21 10.83
N PHE D 723 -23.38 12.91 10.04
CA PHE D 723 -24.75 13.25 10.46
C PHE D 723 -25.65 12.02 10.58
N GLU D 724 -25.45 11.02 9.72
CA GLU D 724 -26.16 9.74 9.83
C GLU D 724 -25.74 8.98 11.08
N LYS D 725 -24.43 8.93 11.34
CA LYS D 725 -23.90 8.32 12.57
C LYS D 725 -24.44 8.96 13.85
N GLU D 726 -24.70 10.26 13.82
CA GLU D 726 -25.33 10.96 14.94
C GLU D 726 -26.78 10.50 15.13
N GLY D 727 -27.52 10.42 14.03
CA GLY D 727 -28.90 9.92 14.04
C GLY D 727 -29.02 8.44 14.43
N SER D 728 -27.99 7.66 14.13
CA SER D 728 -27.94 6.23 14.48
C SER D 728 -28.00 5.95 15.98
N LYS D 729 -27.57 6.91 16.79
CA LYS D 729 -27.65 6.80 18.26
C LYS D 729 -29.08 6.77 18.80
N VAL D 730 -30.04 7.26 18.01
CA VAL D 730 -31.46 7.18 18.36
C VAL D 730 -31.97 5.73 18.21
N LEU D 731 -31.70 5.12 17.05
CA LEU D 731 -32.21 3.77 16.73
C LEU D 731 -31.66 2.64 17.62
N GLU D 732 -30.38 2.74 17.99
CA GLU D 732 -29.77 1.73 18.87
C GLU D 732 -30.36 1.69 20.29
N SER D 733 -30.98 2.80 20.71
CA SER D 733 -31.68 2.88 22.00
C SER D 733 -33.21 2.67 21.92
N VAL D 734 -33.69 2.03 20.86
CA VAL D 734 -35.12 1.73 20.69
C VAL D 734 -35.39 0.30 21.18
N ASP D 735 -36.52 0.12 21.87
CA ASP D 735 -36.93 -1.17 22.46
C ASP D 735 -35.96 -1.66 23.55
N GLU D 736 -34.76 -2.08 23.15
CA GLU D 736 -33.71 -2.46 24.09
C GLU D 736 -33.11 -1.20 24.72
N MET E 10 -23.78 29.23 4.73
CA MET E 10 -24.53 27.96 4.48
C MET E 10 -23.98 27.20 3.27
N ASN E 11 -23.31 26.08 3.54
CA ASN E 11 -22.74 25.22 2.50
C ASN E 11 -23.71 24.13 2.09
N ILE E 12 -23.91 23.98 0.78
CA ILE E 12 -24.82 22.97 0.22
C ILE E 12 -24.10 21.61 0.15
N ASN E 13 -24.88 20.55 0.36
CA ASN E 13 -24.41 19.18 0.24
C ASN E 13 -25.45 18.35 -0.56
N PRO E 14 -25.03 17.73 -1.68
CA PRO E 14 -25.96 16.90 -2.46
C PRO E 14 -26.27 15.54 -1.83
N TYR E 15 -25.32 14.97 -1.09
CA TYR E 15 -25.55 13.72 -0.36
C TYR E 15 -26.62 13.84 0.76
N PHE E 16 -26.80 15.05 1.30
CA PHE E 16 -27.82 15.31 2.33
C PHE E 16 -29.27 15.06 1.89
N LEU E 17 -29.51 15.00 0.58
CA LEU E 17 -30.78 14.49 0.04
C LEU E 17 -31.14 13.11 0.59
N PHE E 18 -30.14 12.25 0.77
CA PHE E 18 -30.34 10.89 1.26
C PHE E 18 -30.82 10.77 2.73
N ILE E 19 -30.81 11.87 3.48
CA ILE E 19 -31.41 11.92 4.82
C ILE E 19 -32.92 11.75 4.70
N ASP E 20 -33.54 12.52 3.80
CA ASP E 20 -34.99 12.50 3.61
C ASP E 20 -35.45 11.32 2.76
N VAL E 21 -34.81 11.14 1.61
CA VAL E 21 -35.17 10.09 0.63
C VAL E 21 -34.20 8.90 0.77
N PRO E 22 -34.70 7.65 0.68
CA PRO E 22 -33.77 6.51 0.68
C PRO E 22 -32.98 6.39 -0.64
N ILE E 23 -31.92 5.60 -0.61
CA ILE E 23 -30.92 5.58 -1.69
C ILE E 23 -31.43 4.89 -2.96
N GLN E 24 -32.23 3.84 -2.81
CA GLN E 24 -32.84 3.17 -3.96
C GLN E 24 -33.88 4.07 -4.64
N ALA E 25 -34.67 4.78 -3.84
CA ALA E 25 -35.64 5.75 -4.36
C ALA E 25 -34.95 6.88 -5.15
N ALA E 26 -33.78 7.31 -4.68
CA ALA E 26 -32.98 8.34 -5.34
C ALA E 26 -31.70 7.76 -5.96
N ILE E 27 -31.81 6.60 -6.61
CA ILE E 27 -30.65 5.92 -7.21
C ILE E 27 -30.21 6.57 -8.54
N SER E 28 -31.15 7.16 -9.27
CA SER E 28 -30.85 7.85 -10.53
C SER E 28 -29.79 8.96 -10.39
N THR E 29 -29.77 9.64 -9.24
CA THR E 29 -28.77 10.68 -8.95
C THR E 29 -27.31 10.17 -8.85
N THR E 30 -27.14 8.92 -8.43
CA THR E 30 -25.80 8.33 -8.27
C THR E 30 -25.20 7.77 -9.58
N PHE E 31 -25.93 7.88 -10.70
CA PHE E 31 -25.46 7.43 -12.01
C PHE E 31 -25.12 8.65 -12.88
N PRO E 32 -23.82 9.00 -13.00
CA PRO E 32 -23.42 10.19 -13.76
C PRO E 32 -23.36 9.91 -15.26
N TYR E 33 -24.54 9.73 -15.87
CA TYR E 33 -24.65 9.31 -17.27
C TYR E 33 -24.79 10.49 -18.24
N THR E 34 -25.03 11.69 -17.71
CA THR E 34 -24.92 12.93 -18.49
C THR E 34 -23.48 13.25 -18.88
N GLY E 35 -22.51 12.73 -18.11
CA GLY E 35 -21.08 12.92 -18.39
C GLY E 35 -20.54 12.09 -19.53
N VAL E 36 -19.28 12.37 -19.87
CA VAL E 36 -18.60 11.72 -20.99
C VAL E 36 -18.07 10.37 -20.51
N PRO E 37 -18.31 9.29 -21.27
CA PRO E 37 -17.73 8.00 -20.89
C PRO E 37 -16.24 7.92 -21.24
N PRO E 38 -15.46 7.11 -20.52
CA PRO E 38 -14.02 7.04 -20.73
C PRO E 38 -13.63 6.23 -21.97
N TYR E 39 -13.02 6.91 -22.95
CA TYR E 39 -12.55 6.27 -24.20
C TYR E 39 -11.08 5.86 -24.06
N SER E 40 -10.74 4.75 -24.72
CA SER E 40 -9.36 4.25 -24.73
C SER E 40 -8.52 5.04 -25.73
N HIS E 41 -7.24 5.21 -25.39
CA HIS E 41 -6.28 5.93 -26.22
C HIS E 41 -5.16 4.98 -26.63
N GLY E 42 -4.73 5.06 -27.89
CA GLY E 42 -3.55 4.33 -28.36
C GLY E 42 -3.71 2.83 -28.42
N THR E 43 -2.62 2.11 -28.12
CA THR E 43 -2.57 0.64 -28.22
C THR E 43 -3.31 -0.08 -27.09
N GLY E 44 -3.77 -1.29 -27.38
CA GLY E 44 -4.40 -2.18 -26.40
C GLY E 44 -3.59 -3.41 -26.07
N THR E 45 -2.29 -3.40 -26.39
CA THR E 45 -1.41 -4.54 -26.19
C THR E 45 -1.08 -4.73 -24.71
N GLY E 46 -0.88 -3.62 -23.99
CA GLY E 46 -0.67 -3.64 -22.54
C GLY E 46 -1.83 -4.24 -21.77
N TYR E 47 -3.05 -3.91 -22.21
CA TYR E 47 -4.28 -4.45 -21.60
C TYR E 47 -4.50 -5.94 -21.93
N THR E 48 -4.18 -6.33 -23.16
CA THR E 48 -4.32 -7.72 -23.60
C THR E 48 -3.33 -8.65 -22.89
N ILE E 49 -2.06 -8.22 -22.82
CA ILE E 49 -1.01 -9.01 -22.16
C ILE E 49 -1.30 -9.24 -20.67
N ASP E 50 -1.86 -8.23 -19.99
CA ASP E 50 -2.36 -8.40 -18.62
C ASP E 50 -3.30 -9.59 -18.50
N THR E 51 -4.29 -9.63 -19.39
CA THR E 51 -5.29 -10.70 -19.40
C THR E 51 -4.68 -12.07 -19.70
N VAL E 52 -3.70 -12.11 -20.62
CA VAL E 52 -2.98 -13.36 -20.94
C VAL E 52 -2.15 -13.85 -19.75
N ILE E 53 -1.46 -12.92 -19.08
CA ILE E 53 -0.67 -13.24 -17.89
C ILE E 53 -1.58 -13.68 -16.74
N ARG E 54 -2.58 -12.87 -16.44
CA ARG E 54 -3.52 -13.14 -15.33
C ARG E 54 -4.31 -14.44 -15.53
N THR E 55 -4.68 -14.77 -16.76
CA THR E 55 -5.35 -16.03 -17.08
C THR E 55 -4.46 -17.23 -16.71
N HIS E 56 -3.19 -17.17 -17.11
CA HIS E 56 -2.20 -18.19 -16.75
C HIS E 56 -1.80 -18.15 -15.27
N GLU E 57 -1.80 -16.95 -14.68
CA GLU E 57 -1.52 -16.77 -13.24
C GLU E 57 -2.45 -17.61 -12.35
N TYR E 58 -3.72 -17.73 -12.76
CA TYR E 58 -4.72 -18.47 -12.00
C TYR E 58 -4.74 -19.98 -12.29
N SER E 59 -4.04 -20.40 -13.35
CA SER E 59 -3.97 -21.81 -13.77
C SER E 59 -2.56 -22.42 -13.80
N ASN E 60 -1.55 -21.66 -13.35
CA ASN E 60 -0.14 -22.09 -13.47
C ASN E 60 0.28 -23.35 -12.69
N LYS E 61 -0.42 -23.63 -11.58
CA LYS E 61 -0.12 -24.82 -10.76
C LYS E 61 -0.51 -26.14 -11.45
N GLY E 62 -1.44 -26.08 -12.40
CA GLY E 62 -1.88 -27.27 -13.14
C GLY E 62 -0.87 -27.79 -14.15
N LYS E 63 -1.33 -28.69 -15.01
CA LYS E 63 -0.47 -29.35 -16.00
C LYS E 63 -0.08 -28.39 -17.12
N GLN E 64 1.21 -28.42 -17.49
CA GLN E 64 1.72 -27.71 -18.66
C GLN E 64 2.26 -28.71 -19.69
N TYR E 65 2.02 -28.43 -20.96
CA TYR E 65 2.50 -29.29 -22.05
C TYR E 65 2.52 -28.56 -23.39
N ILE E 66 3.41 -28.99 -24.28
CA ILE E 66 3.53 -28.41 -25.62
C ILE E 66 2.58 -29.15 -26.56
N SER E 67 1.73 -28.41 -27.26
CA SER E 67 0.81 -28.98 -28.25
C SER E 67 1.58 -29.41 -29.50
N ASP E 68 1.39 -30.66 -29.91
CA ASP E 68 2.03 -31.17 -31.14
C ASP E 68 1.38 -30.64 -32.43
N VAL E 69 0.12 -30.18 -32.35
CA VAL E 69 -0.61 -29.68 -33.52
C VAL E 69 -0.14 -28.27 -33.87
N THR E 70 -0.35 -27.33 -32.96
CA THR E 70 -0.02 -25.92 -33.19
C THR E 70 1.45 -25.60 -32.92
N GLY E 71 2.00 -26.19 -31.85
CA GLY E 71 3.36 -25.87 -31.40
C GLY E 71 3.33 -24.75 -30.39
N CYS E 72 2.50 -24.91 -29.36
CA CYS E 72 2.18 -23.87 -28.39
C CYS E 72 2.15 -24.41 -26.97
N THR E 73 2.47 -23.56 -26.00
CA THR E 73 2.42 -23.91 -24.59
C THR E 73 0.97 -23.93 -24.11
N MET E 74 0.49 -25.10 -23.67
CA MET E 74 -0.88 -25.28 -23.21
C MET E 74 -0.89 -25.50 -21.70
N VAL E 75 -1.69 -24.72 -20.98
CA VAL E 75 -1.88 -24.88 -19.54
C VAL E 75 -3.25 -25.50 -19.27
N ASP E 76 -3.32 -26.36 -18.26
CA ASP E 76 -4.52 -27.12 -17.94
C ASP E 76 -4.74 -27.17 -16.41
N PRO E 77 -5.61 -26.27 -15.88
CA PRO E 77 -5.94 -26.28 -14.46
C PRO E 77 -7.04 -27.26 -14.06
N THR E 78 -7.83 -27.76 -15.02
CA THR E 78 -8.95 -28.65 -14.71
C THR E 78 -8.44 -29.98 -14.12
N ASN E 79 -9.08 -30.42 -13.05
CA ASN E 79 -8.58 -31.50 -12.18
C ASN E 79 -7.15 -31.22 -11.67
N GLY E 80 -6.88 -29.95 -11.36
CA GLY E 80 -5.58 -29.52 -10.83
C GLY E 80 -5.65 -29.42 -9.31
N PRO E 81 -4.56 -28.95 -8.68
CA PRO E 81 -4.53 -28.83 -7.22
C PRO E 81 -5.53 -27.78 -6.70
N LEU E 82 -6.18 -28.08 -5.58
CA LEU E 82 -7.18 -27.19 -4.99
C LEU E 82 -6.52 -25.91 -4.46
N PRO E 83 -7.25 -24.79 -4.46
CA PRO E 83 -6.68 -23.55 -3.94
C PRO E 83 -6.53 -23.58 -2.41
N GLU E 84 -5.49 -22.92 -1.92
CA GLU E 84 -5.24 -22.77 -0.48
C GLU E 84 -5.21 -21.29 -0.08
N ASP E 85 -5.94 -20.46 -0.83
CA ASP E 85 -6.02 -19.01 -0.60
C ASP E 85 -7.22 -18.42 -1.35
N ASN E 86 -7.53 -17.17 -1.06
CA ASN E 86 -8.69 -16.49 -1.66
C ASN E 86 -8.40 -15.74 -2.97
N GLU E 87 -7.34 -16.13 -3.68
CA GLU E 87 -7.08 -15.62 -5.03
C GLU E 87 -7.99 -16.31 -6.05
N PRO E 88 -8.09 -15.75 -7.27
CA PRO E 88 -8.90 -16.41 -8.30
C PRO E 88 -8.34 -17.78 -8.71
N SER E 89 -9.15 -18.82 -8.51
CA SER E 89 -8.83 -20.19 -8.89
C SER E 89 -9.49 -20.55 -10.22
N ALA E 90 -8.70 -21.05 -11.16
CA ALA E 90 -9.21 -21.70 -12.38
C ALA E 90 -9.22 -23.24 -12.23
N TYR E 91 -8.92 -23.74 -11.03
CA TYR E 91 -8.73 -25.17 -10.79
C TYR E 91 -10.07 -25.83 -10.51
N ALA E 92 -10.82 -26.07 -11.59
CA ALA E 92 -12.14 -26.69 -11.52
C ALA E 92 -12.01 -28.21 -11.44
N GLN E 93 -12.95 -28.84 -10.74
CA GLN E 93 -12.97 -30.30 -10.57
C GLN E 93 -14.15 -30.90 -11.34
N LEU E 94 -13.84 -31.81 -12.26
CA LEU E 94 -14.83 -32.42 -13.18
C LEU E 94 -15.99 -33.11 -12.45
N ASP E 95 -15.66 -33.91 -11.45
CA ASP E 95 -16.67 -34.64 -10.68
C ASP E 95 -17.63 -33.71 -9.93
N CYS E 96 -17.11 -32.58 -9.45
CA CYS E 96 -17.93 -31.57 -8.78
C CYS E 96 -18.85 -30.82 -9.75
N VAL E 97 -18.39 -30.60 -10.97
CA VAL E 97 -19.21 -30.00 -12.03
C VAL E 97 -20.33 -30.95 -12.44
N LEU E 98 -19.98 -32.21 -12.67
CA LEU E 98 -20.94 -33.25 -13.08
C LEU E 98 -22.03 -33.52 -12.04
N GLU E 99 -21.67 -33.48 -10.74
CA GLU E 99 -22.65 -33.65 -9.66
C GLU E 99 -23.69 -32.53 -9.64
N ALA E 100 -23.24 -31.29 -9.86
CA ALA E 100 -24.13 -30.13 -9.97
C ALA E 100 -25.06 -30.23 -11.18
N LEU E 101 -24.57 -30.78 -12.29
CA LEU E 101 -25.38 -31.04 -13.48
C LEU E 101 -26.33 -32.22 -13.29
N ASP E 102 -25.88 -33.26 -12.58
CA ASP E 102 -26.75 -34.40 -12.21
C ASP E 102 -27.89 -33.95 -11.31
N ARG E 103 -27.58 -33.08 -10.36
CA ARG E 103 -28.59 -32.46 -9.47
C ARG E 103 -29.63 -31.68 -10.26
N MET E 104 -29.16 -30.94 -11.27
CA MET E 104 -30.03 -30.20 -12.19
C MET E 104 -30.91 -31.14 -12.99
N ASP E 105 -30.32 -32.21 -13.54
CA ASP E 105 -31.05 -33.20 -14.32
C ASP E 105 -32.08 -33.97 -13.48
N GLU E 106 -31.77 -34.19 -12.20
CA GLU E 106 -32.72 -34.83 -11.27
C GLU E 106 -33.96 -33.94 -11.03
N GLU E 107 -33.73 -32.66 -10.75
CA GLU E 107 -34.82 -31.70 -10.52
C GLU E 107 -35.55 -31.33 -11.82
N HIS E 108 -34.81 -31.26 -12.93
CA HIS E 108 -35.36 -30.95 -14.25
C HIS E 108 -35.17 -32.16 -15.19
N PRO E 109 -36.13 -33.11 -15.21
CA PRO E 109 -35.88 -34.40 -15.90
C PRO E 109 -35.67 -34.44 -17.43
N GLY E 110 -36.70 -34.31 -18.25
CA GLY E 110 -36.52 -34.31 -19.72
C GLY E 110 -35.75 -33.16 -20.34
N LEU E 111 -35.29 -32.20 -19.52
CA LEU E 111 -34.81 -30.90 -20.02
C LEU E 111 -33.49 -30.99 -20.78
N PHE E 112 -32.61 -31.88 -20.35
CA PHE E 112 -31.28 -32.03 -20.96
C PHE E 112 -31.36 -32.57 -22.39
N GLN E 113 -32.13 -33.65 -22.57
CA GLN E 113 -32.27 -34.28 -23.89
C GLN E 113 -33.25 -33.54 -24.82
N ALA E 114 -34.25 -32.87 -24.24
CA ALA E 114 -35.23 -32.08 -25.01
C ALA E 114 -34.60 -30.81 -25.59
N ALA E 115 -33.75 -30.15 -24.81
CA ALA E 115 -32.98 -28.99 -25.27
C ALA E 115 -31.98 -29.36 -26.37
N SER E 116 -31.44 -30.57 -26.31
CA SER E 116 -30.53 -31.10 -27.33
C SER E 116 -31.24 -31.31 -28.67
N GLN E 117 -32.44 -31.89 -28.63
CA GLN E 117 -33.23 -32.12 -29.85
C GLN E 117 -33.73 -30.83 -30.50
N ASN E 118 -34.15 -29.86 -29.69
CA ASN E 118 -34.53 -28.53 -30.20
C ASN E 118 -33.37 -27.83 -30.89
N ALA E 119 -32.18 -27.89 -30.28
CA ALA E 119 -30.96 -27.38 -30.88
C ALA E 119 -30.56 -28.17 -32.13
N MET E 120 -30.72 -29.50 -32.08
CA MET E 120 -30.40 -30.38 -33.20
C MET E 120 -31.31 -30.18 -34.40
N GLU E 121 -32.61 -30.11 -34.16
CA GLU E 121 -33.59 -29.88 -35.22
C GLU E 121 -33.50 -28.48 -35.81
N THR E 122 -33.14 -27.50 -34.99
CA THR E 122 -32.83 -26.14 -35.46
C THR E 122 -31.60 -26.14 -36.36
N LEU E 123 -30.54 -26.84 -35.93
CA LEU E 123 -29.29 -26.97 -36.69
C LEU E 123 -29.55 -27.50 -38.11
N MET E 124 -30.38 -28.54 -38.21
CA MET E 124 -30.72 -29.16 -39.49
C MET E 124 -31.44 -28.19 -40.44
N VAL E 125 -32.33 -27.36 -39.88
CA VAL E 125 -33.05 -26.33 -40.66
C VAL E 125 -32.15 -25.10 -40.94
N THR E 126 -31.27 -24.76 -40.01
CA THR E 126 -30.40 -23.56 -40.13
C THR E 126 -29.51 -23.58 -41.39
N THR E 127 -29.57 -22.47 -42.13
CA THR E 127 -28.77 -22.27 -43.35
C THR E 127 -27.47 -21.52 -43.03
N VAL E 128 -26.61 -21.33 -44.03
CA VAL E 128 -25.32 -20.64 -43.86
C VAL E 128 -25.50 -19.13 -43.66
N ASP E 129 -26.52 -18.53 -44.28
CA ASP E 129 -26.80 -17.08 -44.15
C ASP E 129 -27.18 -16.64 -42.73
N LYS E 130 -27.59 -17.59 -41.88
CA LYS E 130 -27.80 -17.35 -40.45
C LYS E 130 -26.58 -16.74 -39.75
N LEU E 131 -25.37 -17.07 -40.21
CA LEU E 131 -24.14 -16.48 -39.62
C LEU E 131 -23.97 -14.97 -39.79
N THR E 132 -24.64 -14.36 -40.77
CA THR E 132 -24.43 -12.96 -41.12
C THR E 132 -25.25 -12.00 -40.25
N GLN E 133 -25.06 -12.07 -38.93
CA GLN E 133 -25.74 -11.19 -37.97
C GLN E 133 -25.08 -11.22 -36.58
N GLY E 134 -23.75 -11.14 -36.57
CA GLY E 134 -22.96 -11.20 -35.32
C GLY E 134 -22.01 -10.04 -35.13
N ARG E 135 -22.38 -8.86 -35.65
CA ARG E 135 -21.56 -7.65 -35.58
C ARG E 135 -20.13 -7.88 -36.15
N GLN E 136 -19.07 -7.53 -35.42
CA GLN E 136 -17.70 -7.70 -35.92
C GLN E 136 -17.27 -9.15 -35.85
N THR E 137 -16.45 -9.57 -36.81
CA THR E 137 -15.88 -10.92 -36.86
C THR E 137 -14.45 -10.85 -37.40
N PHE E 138 -13.56 -11.63 -36.79
CA PHE E 138 -12.16 -11.70 -37.23
C PHE E 138 -12.08 -12.44 -38.57
N ASP E 139 -11.95 -11.68 -39.66
CA ASP E 139 -11.78 -12.26 -40.98
C ASP E 139 -10.35 -12.79 -41.08
N TRP E 140 -10.23 -14.12 -41.09
CA TRP E 140 -8.92 -14.80 -41.10
C TRP E 140 -8.09 -14.54 -42.38
N THR E 141 -8.76 -14.20 -43.48
CA THR E 141 -8.09 -13.91 -44.75
C THR E 141 -7.25 -12.63 -44.66
N VAL E 142 -7.92 -11.52 -44.37
CA VAL E 142 -7.27 -10.21 -44.26
C VAL E 142 -6.65 -9.93 -42.87
N CYS E 143 -6.97 -10.76 -41.87
CA CYS E 143 -6.43 -10.66 -40.51
C CYS E 143 -6.79 -9.35 -39.77
N ARG E 144 -7.99 -8.83 -40.04
CA ARG E 144 -8.54 -7.68 -39.33
C ARG E 144 -10.06 -7.86 -39.21
N ASN E 145 -10.67 -7.18 -38.24
CA ASN E 145 -12.10 -7.30 -38.01
C ASN E 145 -12.94 -6.72 -39.16
N GLN E 146 -13.94 -7.48 -39.60
CA GLN E 146 -14.87 -7.06 -40.63
C GLN E 146 -16.30 -7.45 -40.21
N PRO E 147 -17.33 -6.96 -40.94
CA PRO E 147 -18.70 -7.43 -40.67
C PRO E 147 -18.90 -8.92 -40.96
N ALA E 148 -19.89 -9.53 -40.30
CA ALA E 148 -20.15 -10.96 -40.40
C ALA E 148 -20.41 -11.45 -41.83
N ALA E 149 -21.16 -10.65 -42.60
CA ALA E 149 -21.47 -10.95 -43.99
C ALA E 149 -20.22 -10.89 -44.89
N THR E 150 -19.40 -9.88 -44.68
CA THR E 150 -18.17 -9.68 -45.47
C THR E 150 -17.14 -10.77 -45.17
N ALA E 151 -16.95 -11.08 -43.88
CA ALA E 151 -16.00 -12.11 -43.45
C ALA E 151 -16.41 -13.52 -43.86
N LEU E 152 -17.72 -13.77 -43.89
CA LEU E 152 -18.25 -15.07 -44.33
C LEU E 152 -18.07 -15.26 -45.85
N ASN E 153 -18.36 -14.23 -46.62
CA ASN E 153 -18.27 -14.30 -48.09
C ASN E 153 -16.85 -14.54 -48.60
N THR E 154 -15.87 -13.93 -47.94
CA THR E 154 -14.45 -14.16 -48.25
C THR E 154 -14.01 -15.60 -47.96
N THR E 155 -14.57 -16.17 -46.89
CA THR E 155 -14.30 -17.56 -46.50
C THR E 155 -14.94 -18.58 -47.45
N ILE E 156 -16.16 -18.30 -47.93
CA ILE E 156 -16.84 -19.17 -48.89
C ILE E 156 -16.08 -19.22 -50.24
N THR E 157 -15.65 -18.05 -50.71
CA THR E 157 -14.88 -17.96 -51.97
C THR E 157 -13.49 -18.57 -51.85
N SER E 158 -12.83 -18.35 -50.71
CA SER E 158 -11.53 -18.98 -50.38
C SER E 158 -11.61 -20.52 -50.31
N PHE E 159 -12.68 -21.03 -49.70
CA PHE E 159 -12.91 -22.48 -49.60
C PHE E 159 -13.07 -23.17 -50.97
N ARG E 160 -13.70 -22.47 -51.92
CA ARG E 160 -13.84 -22.98 -53.30
C ARG E 160 -12.51 -23.21 -54.03
N LEU E 161 -11.50 -22.41 -53.70
CA LEU E 161 -10.16 -22.56 -54.30
C LEU E 161 -9.42 -23.83 -53.85
N ASN E 162 -9.81 -24.39 -52.72
CA ASN E 162 -9.24 -25.65 -52.19
C ASN E 162 -10.22 -26.83 -52.25
N ASP E 163 -11.22 -26.74 -53.14
CA ASP E 163 -12.24 -27.77 -53.34
C ASP E 163 -13.04 -28.07 -52.05
N LEU E 164 -13.81 -27.06 -51.61
CA LEU E 164 -14.70 -27.18 -50.46
C LEU E 164 -16.00 -26.40 -50.73
N ASN E 165 -16.96 -27.08 -51.35
CA ASN E 165 -18.25 -26.48 -51.73
C ASN E 165 -19.40 -26.95 -50.84
N GLY E 166 -19.19 -26.89 -49.53
CA GLY E 166 -20.24 -27.18 -48.55
C GLY E 166 -21.24 -26.06 -48.42
N ALA E 167 -20.77 -24.83 -48.53
CA ALA E 167 -21.62 -23.63 -48.52
C ALA E 167 -22.65 -23.62 -49.65
N ASP E 168 -22.30 -24.19 -50.80
CA ASP E 168 -23.20 -24.30 -51.96
C ASP E 168 -24.46 -25.13 -51.67
N LYS E 169 -24.34 -26.13 -50.81
CA LYS E 169 -25.46 -27.03 -50.47
C LYS E 169 -26.58 -26.35 -49.66
N GLY E 170 -26.27 -25.22 -49.00
CA GLY E 170 -27.29 -24.38 -48.37
C GLY E 170 -27.33 -24.46 -46.85
N GLY E 171 -27.29 -25.68 -46.33
CA GLY E 171 -27.37 -25.90 -44.88
C GLY E 171 -26.09 -25.54 -44.14
N LEU E 172 -26.23 -25.33 -42.83
CA LEU E 172 -25.08 -25.01 -41.96
C LEU E 172 -24.17 -26.21 -41.70
N ILE E 173 -24.71 -27.42 -41.80
CA ILE E 173 -23.95 -28.65 -41.52
C ILE E 173 -22.81 -28.90 -42.53
N PRO E 174 -23.09 -28.86 -43.86
CA PRO E 174 -21.98 -29.03 -44.81
C PRO E 174 -20.93 -27.91 -44.80
N PHE E 175 -21.32 -26.69 -44.43
CA PHE E 175 -20.38 -25.59 -44.23
C PHE E 175 -19.45 -25.87 -43.03
N CYS E 176 -20.05 -26.31 -41.92
CA CYS E 176 -19.28 -26.69 -40.72
C CYS E 176 -18.45 -27.96 -40.91
N GLN E 177 -18.92 -28.88 -41.76
CA GLN E 177 -18.13 -30.05 -42.16
C GLN E 177 -16.85 -29.63 -42.88
N ASP E 178 -16.96 -28.65 -43.78
CA ASP E 178 -15.80 -28.11 -44.53
C ASP E 178 -14.78 -27.38 -43.64
N ILE E 179 -15.25 -26.76 -42.55
CA ILE E 179 -14.37 -26.05 -41.63
C ILE E 179 -13.42 -27.02 -40.89
N ILE E 180 -13.99 -28.09 -40.33
CA ILE E 180 -13.19 -29.12 -39.67
C ILE E 180 -12.30 -29.93 -40.64
N ASP E 181 -12.75 -30.07 -41.88
CA ASP E 181 -11.96 -30.73 -42.93
C ASP E 181 -10.83 -29.84 -43.48
N SER E 182 -11.04 -28.52 -43.48
CA SER E 182 -10.00 -27.57 -43.93
C SER E 182 -8.77 -27.51 -43.01
N LEU E 183 -8.92 -27.98 -41.77
CA LEU E 183 -7.78 -28.15 -40.86
C LEU E 183 -6.82 -29.25 -41.33
N ASP E 184 -7.36 -30.27 -42.01
CA ASP E 184 -6.57 -31.39 -42.54
C ASP E 184 -5.80 -31.06 -43.83
N ARG E 185 -6.21 -29.99 -44.53
CA ARG E 185 -5.56 -29.58 -45.78
C ARG E 185 -4.07 -29.26 -45.59
N PRO E 186 -3.21 -29.72 -46.52
CA PRO E 186 -1.78 -29.42 -46.43
C PRO E 186 -1.45 -27.95 -46.74
N GLU E 187 -2.11 -27.38 -47.74
CA GLU E 187 -2.00 -25.95 -48.06
C GLU E 187 -3.39 -25.34 -48.20
N MET E 188 -3.45 -24.02 -48.04
CA MET E 188 -4.71 -23.27 -48.06
C MET E 188 -4.56 -22.01 -48.92
N THR E 189 -4.98 -22.12 -50.19
CA THR E 189 -5.00 -20.97 -51.11
C THR E 189 -6.25 -20.15 -50.84
N PHE E 190 -6.12 -18.82 -50.87
CA PHE E 190 -7.21 -17.91 -50.49
C PHE E 190 -7.04 -16.50 -51.04
N PHE E 191 -8.16 -15.79 -51.21
CA PHE E 191 -8.15 -14.39 -51.63
C PHE E 191 -7.79 -13.49 -50.45
N SER E 192 -6.87 -12.56 -50.66
CA SER E 192 -6.41 -11.64 -49.62
C SER E 192 -6.27 -10.22 -50.17
N VAL E 193 -5.97 -9.27 -49.28
CA VAL E 193 -5.81 -7.86 -49.63
C VAL E 193 -4.36 -7.42 -49.35
N LYS E 194 -3.79 -6.62 -50.25
CA LYS E 194 -2.42 -6.13 -50.12
C LYS E 194 -2.29 -4.66 -50.51
N ASN E 195 -1.39 -3.95 -49.85
CA ASN E 195 -1.19 -2.51 -50.03
C ASN E 195 -0.33 -2.16 -51.25
N ILE E 196 -0.45 -0.91 -51.71
CA ILE E 196 0.39 -0.36 -52.78
C ILE E 196 0.94 1.00 -52.32
N LYS E 197 2.13 0.98 -51.72
CA LYS E 197 2.74 2.18 -51.15
C LYS E 197 3.27 3.11 -52.25
N LYS E 198 2.38 3.98 -52.74
CA LYS E 198 2.68 4.92 -53.82
C LYS E 198 3.09 6.28 -53.24
N LYS E 199 4.26 6.78 -53.63
CA LYS E 199 4.79 8.04 -53.10
C LYS E 199 4.14 9.25 -53.78
N LEU E 200 3.94 10.32 -52.99
CA LEU E 200 3.43 11.60 -53.49
C LEU E 200 4.07 12.76 -52.71
N PRO E 201 4.15 13.95 -53.32
CA PRO E 201 4.72 15.11 -52.61
C PRO E 201 3.71 15.72 -51.65
N ALA E 202 4.17 16.05 -50.45
CA ALA E 202 3.35 16.70 -49.41
C ALA E 202 4.08 17.90 -48.82
N LYS E 203 3.36 18.70 -48.07
CA LYS E 203 3.90 19.89 -47.40
C LYS E 203 3.79 19.68 -45.88
N ASN E 204 4.60 18.73 -45.41
CA ASN E 204 4.60 18.30 -44.00
C ASN E 204 5.90 17.61 -43.58
N ARG E 205 6.84 18.40 -43.04
CA ARG E 205 8.06 17.90 -42.39
C ARG E 205 9.01 17.10 -43.30
N LYS E 206 8.65 15.85 -43.59
CA LYS E 206 9.46 14.98 -44.44
C LYS E 206 9.35 15.37 -45.92
N GLY E 207 8.17 15.85 -46.30
CA GLY E 207 7.91 16.29 -47.67
C GLY E 207 7.55 15.15 -48.61
N PHE E 208 6.77 14.19 -48.12
CA PHE E 208 6.29 13.08 -48.93
C PHE E 208 5.01 12.46 -48.34
N LEU E 209 4.42 11.49 -49.04
CA LEU E 209 3.13 10.92 -48.64
C LEU E 209 2.96 9.50 -49.19
N ILE E 210 2.75 8.53 -48.29
CA ILE E 210 2.54 7.13 -48.67
C ILE E 210 1.05 6.90 -48.96
N LYS E 211 0.64 7.11 -50.21
CA LYS E 211 -0.74 6.88 -50.63
C LYS E 211 -1.00 5.39 -50.84
N ARG E 212 -1.57 4.73 -49.83
CA ARG E 212 -1.83 3.29 -49.87
C ARG E 212 -3.10 2.98 -50.66
N ILE E 213 -2.98 2.11 -51.67
CA ILE E 213 -4.12 1.64 -52.46
C ILE E 213 -4.24 0.10 -52.29
N PRO E 214 -5.41 -0.38 -51.80
CA PRO E 214 -5.61 -1.82 -51.62
C PRO E 214 -6.26 -2.50 -52.82
N MET E 215 -6.10 -3.82 -52.91
CA MET E 215 -6.71 -4.63 -53.98
C MET E 215 -6.70 -6.13 -53.68
N LYS E 216 -7.57 -6.86 -54.36
CA LYS E 216 -7.77 -8.30 -54.13
C LYS E 216 -6.66 -9.12 -54.82
N VAL E 217 -5.84 -9.83 -54.04
CA VAL E 217 -4.68 -10.59 -54.55
C VAL E 217 -4.88 -12.08 -54.21
N LYS E 218 -3.84 -12.79 -53.72
CA LYS E 218 -3.88 -14.23 -53.50
C LYS E 218 -2.68 -14.65 -52.64
N ASP E 219 -2.89 -15.63 -51.76
CA ASP E 219 -1.84 -16.09 -50.84
C ASP E 219 -2.00 -17.58 -50.55
N LYS E 220 -0.94 -18.17 -50.00
CA LYS E 220 -0.92 -19.58 -49.58
C LYS E 220 -0.32 -19.69 -48.19
N ILE E 221 -0.94 -20.53 -47.35
CA ILE E 221 -0.48 -20.77 -45.97
C ILE E 221 -0.33 -22.27 -45.76
N THR E 222 0.72 -22.66 -45.02
CA THR E 222 0.95 -24.07 -44.68
C THR E 222 -0.07 -24.57 -43.66
N LYS E 223 -0.18 -25.90 -43.55
CA LYS E 223 -1.17 -26.55 -42.68
C LYS E 223 -1.17 -26.00 -41.25
N VAL E 224 0.02 -25.90 -40.65
CA VAL E 224 0.16 -25.49 -39.24
C VAL E 224 -0.17 -24.01 -39.05
N GLU E 225 0.31 -23.16 -39.95
CA GLU E 225 0.09 -21.71 -39.88
C GLU E 225 -1.38 -21.29 -40.13
N TYR E 226 -2.09 -22.04 -40.96
CA TYR E 226 -3.54 -21.82 -41.16
C TYR E 226 -4.34 -22.19 -39.90
N ILE E 227 -4.02 -23.34 -39.31
CA ILE E 227 -4.67 -23.81 -38.08
C ILE E 227 -4.62 -22.72 -36.99
N LYS E 228 -3.48 -22.04 -36.89
CA LYS E 228 -3.30 -20.94 -35.94
C LYS E 228 -4.26 -19.77 -36.23
N ARG E 229 -4.38 -19.39 -37.50
CA ARG E 229 -5.31 -18.32 -37.93
C ARG E 229 -6.78 -18.65 -37.64
N ALA E 230 -7.16 -19.91 -37.86
CA ALA E 230 -8.52 -20.39 -37.55
C ALA E 230 -8.81 -20.36 -36.05
N LEU E 231 -7.80 -20.64 -35.23
CA LEU E 231 -7.92 -20.63 -33.77
C LEU E 231 -7.68 -19.24 -33.12
N SER E 232 -7.40 -18.22 -33.92
CA SER E 232 -7.00 -16.90 -33.41
C SER E 232 -8.18 -16.02 -32.95
N LEU E 233 -7.91 -15.16 -31.97
CA LEU E 233 -8.85 -14.16 -31.47
C LEU E 233 -8.23 -12.76 -31.56
N ASN E 234 -8.83 -11.88 -32.35
CA ASN E 234 -8.34 -10.50 -32.49
C ASN E 234 -8.77 -9.65 -31.30
N THR E 235 -7.79 -9.03 -30.64
CA THR E 235 -8.00 -8.29 -29.39
C THR E 235 -7.98 -6.78 -29.61
N MET E 236 -8.60 -6.07 -28.67
CA MET E 236 -8.78 -4.61 -28.77
C MET E 236 -9.35 -4.06 -27.47
N THR E 237 -9.07 -2.79 -27.20
CA THR E 237 -9.54 -2.12 -25.99
C THR E 237 -11.01 -1.73 -26.13
N LYS E 238 -11.77 -1.89 -25.05
CA LYS E 238 -13.20 -1.53 -25.03
C LYS E 238 -13.35 -0.04 -24.73
N ASP E 239 -13.88 0.70 -25.71
CA ASP E 239 -14.15 2.13 -25.56
C ASP E 239 -15.52 2.37 -24.93
N ALA E 240 -15.63 3.49 -24.22
CA ALA E 240 -16.90 3.96 -23.64
C ALA E 240 -17.49 3.03 -22.56
N GLU E 241 -16.63 2.36 -21.79
CA GLU E 241 -17.09 1.47 -20.73
C GLU E 241 -17.47 2.28 -19.50
N ARG E 242 -18.69 2.04 -19.00
CA ARG E 242 -19.27 2.87 -17.94
C ARG E 242 -18.91 2.34 -16.55
N GLY E 243 -18.86 3.26 -15.59
CA GLY E 243 -18.68 2.92 -14.17
C GLY E 243 -17.40 2.20 -13.79
N LYS E 244 -16.31 2.49 -14.51
CA LYS E 244 -15.02 1.86 -14.26
C LYS E 244 -13.87 2.82 -14.51
N LEU E 245 -12.84 2.75 -13.67
CA LEU E 245 -11.68 3.62 -13.77
C LEU E 245 -10.76 3.20 -14.92
N LYS E 246 -10.18 1.99 -14.79
CA LYS E 246 -9.18 1.52 -15.73
C LYS E 246 -9.83 0.78 -16.91
N ARG E 247 -9.21 0.89 -18.08
CA ARG E 247 -9.72 0.24 -19.29
C ARG E 247 -9.30 -1.22 -19.32
N ARG E 248 -9.88 -1.98 -20.25
CA ARG E 248 -9.58 -3.40 -20.39
C ARG E 248 -9.79 -3.90 -21.81
N ALA E 249 -9.18 -5.05 -22.12
CA ALA E 249 -9.20 -5.63 -23.47
C ALA E 249 -10.37 -6.59 -23.67
N ILE E 250 -10.86 -6.66 -24.90
CA ILE E 250 -11.90 -7.61 -25.32
C ILE E 250 -11.51 -8.26 -26.65
N ALA E 251 -11.82 -9.55 -26.81
CA ALA E 251 -11.46 -10.33 -28.00
C ALA E 251 -12.63 -10.47 -28.97
N THR E 252 -12.32 -10.80 -30.23
CA THR E 252 -13.31 -11.09 -31.27
C THR E 252 -12.85 -12.28 -32.09
N ALA E 253 -13.65 -13.34 -32.13
CA ALA E 253 -13.26 -14.60 -32.77
C ALA E 253 -13.57 -14.65 -34.25
N GLY E 254 -13.00 -15.65 -34.92
CA GLY E 254 -13.14 -15.83 -36.35
C GLY E 254 -14.47 -16.41 -36.80
N ILE E 255 -14.66 -16.48 -38.11
CA ILE E 255 -15.89 -17.00 -38.71
C ILE E 255 -16.06 -18.53 -38.55
N GLN E 256 -14.95 -19.24 -38.36
CA GLN E 256 -14.96 -20.71 -38.25
C GLN E 256 -15.72 -21.20 -37.02
N ILE E 257 -15.35 -20.66 -35.86
CA ILE E 257 -15.95 -21.06 -34.57
C ILE E 257 -17.41 -20.62 -34.39
N ARG E 258 -17.84 -19.57 -35.10
CA ARG E 258 -19.18 -18.99 -34.95
C ARG E 258 -20.35 -19.96 -35.17
N GLY E 259 -20.26 -20.80 -36.19
CA GLY E 259 -21.29 -21.80 -36.49
C GLY E 259 -21.53 -22.78 -35.34
N PHE E 260 -20.45 -23.19 -34.69
CA PHE E 260 -20.52 -24.15 -33.59
C PHE E 260 -20.99 -23.50 -32.29
N VAL E 261 -20.59 -22.24 -32.06
CA VAL E 261 -20.99 -21.49 -30.86
C VAL E 261 -22.50 -21.24 -30.84
N LEU E 262 -23.07 -20.90 -31.99
CA LEU E 262 -24.53 -20.71 -32.13
C LEU E 262 -25.32 -21.92 -31.62
N VAL E 263 -24.85 -23.12 -31.97
CA VAL E 263 -25.51 -24.37 -31.56
C VAL E 263 -25.38 -24.60 -30.05
N VAL E 264 -24.17 -24.38 -29.52
CA VAL E 264 -23.90 -24.56 -28.09
C VAL E 264 -24.68 -23.53 -27.26
N GLU E 265 -24.80 -22.30 -27.78
CA GLU E 265 -25.61 -21.26 -27.12
C GLU E 265 -27.11 -21.50 -27.24
N ASN E 266 -27.56 -22.00 -28.41
CA ASN E 266 -28.96 -22.36 -28.61
C ASN E 266 -29.39 -23.54 -27.71
N LEU E 267 -28.45 -24.45 -27.45
CA LEU E 267 -28.66 -25.56 -26.51
C LEU E 267 -28.83 -25.04 -25.09
N ALA E 268 -27.88 -24.22 -24.64
CA ALA E 268 -27.91 -23.63 -23.30
C ALA E 268 -29.06 -22.62 -23.12
N LYS E 269 -29.45 -21.96 -24.20
CA LYS E 269 -30.65 -21.10 -24.23
C LYS E 269 -31.89 -21.89 -23.83
N ASN E 270 -32.09 -23.03 -24.48
CA ASN E 270 -33.24 -23.91 -24.21
C ASN E 270 -33.27 -24.48 -22.80
N ILE E 271 -32.08 -24.65 -22.19
CA ILE E 271 -31.99 -25.02 -20.77
C ILE E 271 -32.34 -23.81 -19.89
N CYS E 272 -31.71 -22.67 -20.17
CA CYS E 272 -31.89 -21.44 -19.38
C CYS E 272 -33.34 -20.98 -19.24
N GLU E 273 -34.09 -21.02 -20.35
CA GLU E 273 -35.51 -20.62 -20.36
C GLU E 273 -36.34 -21.36 -19.29
N ASN E 274 -36.11 -22.67 -19.19
CA ASN E 274 -36.84 -23.53 -18.27
C ASN E 274 -36.39 -23.43 -16.81
N LEU E 275 -35.12 -23.07 -16.58
CA LEU E 275 -34.60 -22.91 -15.21
C LEU E 275 -35.25 -21.70 -14.53
N GLU E 276 -35.74 -21.92 -13.30
CA GLU E 276 -36.51 -20.90 -12.57
C GLU E 276 -35.64 -19.75 -12.06
N GLN E 277 -34.34 -19.99 -11.88
CA GLN E 277 -33.41 -19.00 -11.33
C GLN E 277 -32.45 -18.41 -12.38
N SER E 278 -32.91 -18.35 -13.64
CA SER E 278 -32.08 -17.83 -14.74
C SER E 278 -32.43 -16.38 -15.04
N GLY E 279 -31.42 -15.57 -15.30
CA GLY E 279 -31.58 -14.18 -15.73
C GLY E 279 -31.74 -14.07 -17.23
N LEU E 280 -30.94 -14.85 -17.97
CA LEU E 280 -31.07 -14.96 -19.43
C LEU E 280 -31.94 -16.17 -19.79
N PRO E 281 -32.51 -16.20 -21.02
CA PRO E 281 -32.50 -15.16 -22.06
C PRO E 281 -33.54 -14.05 -21.84
N VAL E 282 -34.44 -14.25 -20.89
CA VAL E 282 -35.42 -13.22 -20.46
C VAL E 282 -34.79 -11.84 -20.22
N GLY E 283 -35.58 -10.79 -20.49
CA GLY E 283 -35.12 -9.42 -20.38
C GLY E 283 -36.26 -8.42 -20.31
N GLY E 284 -35.94 -7.20 -19.90
CA GLY E 284 -36.93 -6.12 -19.81
C GLY E 284 -37.99 -6.37 -18.76
N ASN E 285 -39.25 -6.20 -19.16
CA ASN E 285 -40.40 -6.42 -18.27
C ASN E 285 -40.61 -7.89 -17.89
N GLU E 286 -40.31 -8.79 -18.84
CA GLU E 286 -40.42 -10.23 -18.60
C GLU E 286 -39.43 -10.71 -17.52
N LYS E 287 -38.24 -10.10 -17.49
CA LYS E 287 -37.26 -10.35 -16.42
C LYS E 287 -37.80 -9.83 -15.10
N LYS E 288 -38.19 -8.55 -15.07
CA LYS E 288 -38.80 -7.92 -13.88
C LYS E 288 -40.01 -8.68 -13.33
N ALA E 289 -40.77 -9.31 -14.22
CA ALA E 289 -41.86 -10.21 -13.83
C ALA E 289 -41.32 -11.48 -13.16
N LYS E 290 -40.35 -12.11 -13.81
CA LYS E 290 -39.77 -13.38 -13.32
C LYS E 290 -39.05 -13.23 -11.98
N LEU E 291 -38.25 -12.17 -11.83
CA LEU E 291 -37.44 -11.97 -10.64
C LEU E 291 -38.26 -11.60 -9.41
N SER E 292 -39.26 -10.73 -9.59
CA SER E 292 -40.20 -10.37 -8.52
C SER E 292 -41.01 -11.56 -7.98
N ASN E 293 -41.29 -12.53 -8.85
CA ASN E 293 -41.91 -13.81 -8.43
C ASN E 293 -40.93 -14.66 -7.63
N ALA E 294 -39.69 -14.73 -8.09
CA ALA E 294 -38.63 -15.49 -7.41
C ALA E 294 -38.31 -14.97 -6.01
N VAL E 295 -38.36 -13.64 -5.84
CA VAL E 295 -38.15 -13.01 -4.52
C VAL E 295 -39.34 -13.25 -3.59
N ALA E 296 -40.56 -13.17 -4.13
CA ALA E 296 -41.79 -13.37 -3.36
C ALA E 296 -41.88 -14.75 -2.70
N LYS E 297 -41.38 -15.78 -3.38
CA LYS E 297 -41.33 -17.14 -2.83
C LYS E 297 -40.40 -17.26 -1.61
N MET E 298 -39.19 -16.73 -1.74
CA MET E 298 -38.18 -16.82 -0.67
C MET E 298 -38.55 -16.05 0.59
N LEU E 299 -39.33 -14.98 0.46
CA LEU E 299 -39.87 -14.25 1.62
C LEU E 299 -40.92 -15.08 2.38
N SER E 300 -41.81 -15.75 1.65
CA SER E 300 -42.82 -16.62 2.24
C SER E 300 -42.34 -18.06 2.53
N ASN E 301 -41.18 -18.44 1.96
CA ASN E 301 -40.51 -19.71 2.30
C ASN E 301 -39.79 -19.66 3.62
N CYS E 302 -39.32 -18.47 3.96
CA CYS E 302 -38.56 -18.23 5.20
C CYS E 302 -39.30 -18.82 6.42
N PRO E 303 -38.59 -19.53 7.34
CA PRO E 303 -39.29 -20.09 8.52
C PRO E 303 -39.85 -19.02 9.48
N PRO E 304 -40.57 -19.45 10.54
CA PRO E 304 -41.03 -18.48 11.53
C PRO E 304 -39.92 -18.17 12.54
N GLY E 305 -39.35 -16.96 12.49
CA GLY E 305 -38.32 -16.55 13.46
C GLY E 305 -36.92 -16.63 12.87
N GLY E 306 -36.74 -17.48 11.87
CA GLY E 306 -35.50 -17.51 11.09
C GLY E 306 -35.33 -16.28 10.22
N ILE E 307 -34.20 -16.24 9.50
CA ILE E 307 -33.80 -15.06 8.73
C ILE E 307 -33.53 -15.47 7.28
N SER E 308 -34.06 -14.68 6.34
CA SER E 308 -33.71 -14.77 4.93
C SER E 308 -32.78 -13.61 4.61
N MET E 309 -31.59 -13.91 4.10
CA MET E 309 -30.61 -12.88 3.75
C MET E 309 -30.28 -12.95 2.26
N THR E 310 -30.25 -11.79 1.60
CA THR E 310 -29.89 -11.68 0.19
C THR E 310 -28.46 -11.16 0.06
N VAL E 311 -27.69 -11.80 -0.82
CA VAL E 311 -26.31 -11.40 -1.12
C VAL E 311 -26.31 -10.71 -2.48
N THR E 312 -25.92 -9.43 -2.49
CA THR E 312 -25.69 -8.69 -3.74
C THR E 312 -24.40 -9.23 -4.37
N GLY E 313 -24.55 -10.17 -5.30
CA GLY E 313 -23.42 -10.92 -5.83
C GLY E 313 -22.60 -10.19 -6.88
N ASP E 314 -21.33 -10.59 -6.99
CA ASP E 314 -20.44 -10.14 -8.06
C ASP E 314 -19.22 -11.07 -8.09
N ASN E 315 -18.99 -11.72 -9.25
CA ASN E 315 -17.86 -12.65 -9.41
C ASN E 315 -16.67 -11.95 -10.09
N THR E 316 -15.47 -12.13 -9.52
CA THR E 316 -14.24 -11.56 -10.09
C THR E 316 -13.56 -12.52 -11.07
N LYS E 317 -12.99 -11.95 -12.14
CA LYS E 317 -12.22 -12.70 -13.14
C LYS E 317 -13.03 -13.85 -13.76
N TRP E 318 -14.24 -13.51 -14.23
CA TRP E 318 -15.20 -14.50 -14.72
C TRP E 318 -14.67 -15.26 -15.94
N ASN E 319 -14.39 -14.53 -17.02
CA ASN E 319 -13.91 -15.14 -18.27
C ASN E 319 -12.51 -15.75 -18.15
N GLU E 320 -11.68 -15.18 -17.29
CA GLU E 320 -10.27 -15.59 -17.15
C GLU E 320 -10.09 -16.94 -16.43
N CYS E 321 -10.97 -17.25 -15.49
CA CYS E 321 -10.88 -18.50 -14.70
C CYS E 321 -11.62 -19.68 -15.33
N LEU E 322 -12.80 -19.42 -15.89
CA LEU E 322 -13.61 -20.47 -16.54
C LEU E 322 -12.87 -21.09 -17.73
N ASN E 323 -12.70 -22.41 -17.68
CA ASN E 323 -11.92 -23.14 -18.69
C ASN E 323 -12.83 -23.75 -19.78
N PRO E 324 -12.36 -23.75 -21.05
CA PRO E 324 -13.07 -24.46 -22.15
C PRO E 324 -13.20 -25.98 -21.97
N ARG E 325 -12.26 -26.59 -21.24
CA ARG E 325 -12.28 -28.03 -20.95
C ARG E 325 -13.47 -28.43 -20.09
N ILE E 326 -13.93 -27.52 -19.22
CA ILE E 326 -15.15 -27.73 -18.43
C ILE E 326 -16.39 -27.61 -19.32
N PHE E 327 -16.42 -26.60 -20.19
CA PHE E 327 -17.52 -26.41 -21.14
C PHE E 327 -17.63 -27.55 -22.16
N LEU E 328 -16.52 -28.23 -22.45
CA LEU E 328 -16.54 -29.46 -23.25
C LEU E 328 -17.25 -30.59 -22.51
N ALA E 329 -16.95 -30.73 -21.22
CA ALA E 329 -17.61 -31.72 -20.36
C ALA E 329 -19.10 -31.42 -20.15
N MET E 330 -19.47 -30.14 -20.12
CA MET E 330 -20.87 -29.73 -20.00
C MET E 330 -21.72 -30.17 -21.21
N THR E 331 -21.18 -30.00 -22.41
CA THR E 331 -21.87 -30.44 -23.63
C THR E 331 -21.99 -31.97 -23.73
N GLU E 332 -20.98 -32.69 -23.23
CA GLU E 332 -21.00 -34.16 -23.22
C GLU E 332 -22.03 -34.75 -22.27
N ARG E 333 -22.23 -34.11 -21.12
CA ARG E 333 -23.28 -34.51 -20.18
C ARG E 333 -24.65 -34.17 -20.76
N ILE E 334 -24.83 -32.92 -21.20
CA ILE E 334 -26.12 -32.43 -21.69
C ILE E 334 -26.68 -33.24 -22.87
N THR E 335 -25.82 -33.60 -23.83
CA THR E 335 -26.24 -34.31 -25.05
C THR E 335 -26.08 -35.83 -24.90
N ARG E 336 -26.65 -36.39 -23.83
CA ARG E 336 -26.46 -37.82 -23.52
C ARG E 336 -27.22 -38.72 -24.49
N ASP E 337 -28.53 -38.50 -24.58
CA ASP E 337 -29.41 -39.34 -25.39
C ASP E 337 -29.36 -39.03 -26.89
N SER E 338 -28.83 -37.86 -27.25
CA SER E 338 -28.68 -37.47 -28.66
C SER E 338 -27.67 -38.34 -29.40
N PRO E 339 -27.76 -38.41 -30.75
CA PRO E 339 -26.83 -39.24 -31.52
C PRO E 339 -25.38 -38.76 -31.50
N ILE E 340 -24.49 -39.58 -32.06
CA ILE E 340 -23.04 -39.34 -31.97
C ILE E 340 -22.61 -38.12 -32.81
N TRP E 341 -23.25 -37.91 -33.96
CA TRP E 341 -22.93 -36.77 -34.82
C TRP E 341 -23.18 -35.41 -34.12
N PHE E 342 -24.28 -35.32 -33.37
CA PHE E 342 -24.67 -34.09 -32.68
C PHE E 342 -23.84 -33.86 -31.42
N ARG E 343 -23.50 -34.95 -30.72
CA ARG E 343 -22.52 -34.91 -29.62
C ARG E 343 -21.18 -34.36 -30.10
N ASP E 344 -20.74 -34.83 -31.28
CA ASP E 344 -19.50 -34.37 -31.90
C ASP E 344 -19.56 -32.92 -32.40
N PHE E 345 -20.73 -32.47 -32.84
CA PHE E 345 -20.93 -31.09 -33.31
C PHE E 345 -20.81 -30.08 -32.16
N CYS E 346 -21.55 -30.35 -31.07
CA CYS E 346 -21.51 -29.49 -29.87
C CYS E 346 -20.14 -29.46 -29.19
N SER E 347 -19.39 -30.56 -29.30
CA SER E 347 -18.05 -30.66 -28.70
C SER E 347 -16.97 -29.83 -29.40
N ILE E 348 -17.18 -29.46 -30.67
CA ILE E 348 -16.17 -28.71 -31.45
C ILE E 348 -15.87 -27.33 -30.89
N ALA E 349 -16.92 -26.58 -30.51
CA ALA E 349 -16.74 -25.19 -30.06
C ALA E 349 -15.85 -25.06 -28.80
N PRO E 350 -16.09 -25.91 -27.76
CA PRO E 350 -15.16 -25.96 -26.63
C PRO E 350 -13.72 -26.37 -26.97
N VAL E 351 -13.56 -27.29 -27.93
CA VAL E 351 -12.23 -27.76 -28.36
C VAL E 351 -11.40 -26.64 -29.00
N LEU E 352 -12.04 -25.81 -29.83
CA LEU E 352 -11.38 -24.68 -30.47
C LEU E 352 -10.96 -23.60 -29.46
N PHE E 353 -11.84 -23.32 -28.49
CA PHE E 353 -11.51 -22.43 -27.36
C PHE E 353 -10.41 -23.00 -26.47
N SER E 354 -10.37 -24.32 -26.30
CA SER E 354 -9.33 -24.98 -25.51
C SER E 354 -7.93 -24.89 -26.13
N ASN E 355 -7.87 -24.82 -27.47
CA ASN E 355 -6.60 -24.68 -28.20
C ASN E 355 -6.45 -23.33 -28.92
N LYS E 356 -7.07 -22.29 -28.38
CA LYS E 356 -7.09 -20.96 -29.02
C LYS E 356 -5.76 -20.22 -28.90
N ILE E 357 -5.60 -19.20 -29.74
CA ILE E 357 -4.44 -18.30 -29.73
C ILE E 357 -4.98 -16.87 -29.66
N ALA E 358 -4.28 -16.01 -28.92
CA ALA E 358 -4.68 -14.62 -28.73
C ALA E 358 -3.72 -13.67 -29.44
N ARG E 359 -4.24 -12.92 -30.41
CA ARG E 359 -3.47 -11.86 -31.08
C ARG E 359 -3.29 -10.70 -30.11
N LEU E 360 -2.19 -9.97 -30.24
CA LEU E 360 -1.79 -8.95 -29.24
C LEU E 360 -1.87 -7.51 -29.76
N GLY E 361 -2.81 -7.24 -30.67
CA GLY E 361 -3.09 -5.87 -31.12
C GLY E 361 -2.01 -5.24 -31.98
N LYS E 362 -1.80 -3.95 -31.80
CA LYS E 362 -0.80 -3.18 -32.58
C LYS E 362 0.60 -3.46 -32.09
N GLY E 363 0.82 -3.22 -30.79
CA GLY E 363 2.13 -3.38 -30.15
C GLY E 363 2.37 -2.31 -29.11
N PHE E 364 3.62 -1.82 -29.05
CA PHE E 364 4.00 -0.72 -28.16
C PHE E 364 4.76 0.36 -28.91
N MET E 365 4.53 1.62 -28.53
CA MET E 365 5.19 2.76 -29.15
C MET E 365 6.44 3.15 -28.34
N ILE E 366 7.55 3.40 -29.05
CA ILE E 366 8.77 3.95 -28.44
C ILE E 366 9.04 5.33 -29.02
N THR E 367 9.53 6.23 -28.17
CA THR E 367 9.76 7.63 -28.53
C THR E 367 11.04 8.19 -27.92
N SER E 368 11.56 9.25 -28.53
CA SER E 368 12.65 10.05 -27.97
C SER E 368 12.18 11.50 -27.87
N LYS E 369 12.02 11.99 -26.64
CA LYS E 369 11.58 13.37 -26.39
C LYS E 369 12.60 14.41 -26.86
N THR E 370 13.88 14.05 -26.82
CA THR E 370 14.96 14.94 -27.30
C THR E 370 14.83 15.22 -28.80
N LYS E 371 14.68 14.16 -29.58
CA LYS E 371 14.53 14.26 -31.04
C LYS E 371 13.09 14.54 -31.49
N ARG E 372 12.12 14.23 -30.62
CA ARG E 372 10.68 14.31 -30.93
C ARG E 372 10.31 13.40 -32.10
N LEU E 373 10.59 12.11 -31.92
CA LEU E 373 10.35 11.07 -32.93
C LEU E 373 9.65 9.88 -32.28
N LYS E 374 8.69 9.30 -32.98
CA LYS E 374 7.91 8.14 -32.48
C LYS E 374 7.94 6.99 -33.48
N ALA E 375 7.69 5.78 -32.96
CA ALA E 375 7.70 4.57 -33.79
C ALA E 375 6.95 3.42 -33.12
N GLN E 376 6.00 2.84 -33.86
CA GLN E 376 5.27 1.65 -33.41
C GLN E 376 6.11 0.41 -33.66
N ILE E 377 6.34 -0.37 -32.61
CA ILE E 377 7.00 -1.67 -32.71
C ILE E 377 5.90 -2.73 -32.81
N PRO E 378 5.82 -3.48 -33.94
CA PRO E 378 4.83 -4.56 -34.03
C PRO E 378 5.05 -5.73 -33.06
N CYS E 379 4.08 -6.62 -32.99
CA CYS E 379 4.14 -7.79 -32.10
C CYS E 379 5.15 -8.86 -32.54
N PRO E 380 5.35 -9.06 -33.87
CA PRO E 380 6.46 -9.91 -34.32
C PRO E 380 7.86 -9.41 -33.91
N ASP E 381 8.07 -8.09 -33.96
CA ASP E 381 9.35 -7.48 -33.57
C ASP E 381 9.33 -6.98 -32.12
N LEU E 382 8.56 -7.63 -31.26
CA LEU E 382 8.32 -7.14 -29.89
C LEU E 382 9.55 -7.33 -28.99
N PHE E 383 10.20 -8.49 -29.10
CA PHE E 383 11.43 -8.78 -28.35
C PHE E 383 12.71 -8.40 -29.10
N SER E 384 12.59 -7.91 -30.34
CA SER E 384 13.74 -7.42 -31.12
C SER E 384 14.20 -6.04 -30.63
N ILE E 385 14.67 -6.01 -29.38
CA ILE E 385 14.92 -4.77 -28.62
C ILE E 385 15.23 -5.18 -27.16
N PRO E 386 16.20 -4.52 -26.51
CA PRO E 386 16.41 -4.77 -25.07
C PRO E 386 15.19 -4.40 -24.21
N LEU E 387 14.90 -5.22 -23.22
CA LEU E 387 13.72 -5.01 -22.37
C LEU E 387 13.87 -3.83 -21.40
N GLU E 388 15.10 -3.34 -21.22
CA GLU E 388 15.35 -2.09 -20.48
C GLU E 388 14.77 -0.86 -21.19
N ARG E 389 14.70 -0.90 -22.52
CA ARG E 389 14.15 0.21 -23.31
C ARG E 389 12.63 0.34 -23.20
N TYR E 390 11.94 -0.76 -22.84
CA TYR E 390 10.55 -0.69 -22.40
C TYR E 390 10.47 -0.19 -20.96
N ASN E 391 9.30 0.34 -20.56
CA ASN E 391 9.14 0.93 -19.22
C ASN E 391 9.10 -0.13 -18.11
N GLU E 392 9.14 0.32 -16.86
CA GLU E 392 9.27 -0.57 -15.70
C GLU E 392 8.13 -1.60 -15.57
N GLU E 393 6.90 -1.16 -15.82
CA GLU E 393 5.72 -2.04 -15.71
C GLU E 393 5.59 -3.00 -16.88
N THR E 394 5.84 -2.51 -18.10
CA THR E 394 5.77 -3.32 -19.32
C THR E 394 6.90 -4.37 -19.40
N ARG E 395 8.04 -4.07 -18.80
CA ARG E 395 9.17 -5.00 -18.73
C ARG E 395 8.79 -6.31 -18.02
N ALA E 396 8.14 -6.18 -16.86
CA ALA E 396 7.69 -7.34 -16.08
C ALA E 396 6.64 -8.19 -16.81
N LYS E 397 5.78 -7.54 -17.60
CA LYS E 397 4.77 -8.24 -18.40
C LYS E 397 5.38 -9.08 -19.52
N LEU E 398 6.35 -8.51 -20.24
CA LEU E 398 7.02 -9.20 -21.35
C LEU E 398 7.86 -10.39 -20.90
N LYS E 399 8.41 -10.33 -19.68
CA LYS E 399 9.12 -11.46 -19.08
C LYS E 399 8.19 -12.63 -18.75
N LYS E 400 7.03 -12.32 -18.17
CA LYS E 400 6.01 -13.34 -17.85
C LYS E 400 5.34 -13.92 -19.10
N LEU E 401 5.30 -13.14 -20.19
CA LEU E 401 4.72 -13.58 -21.46
C LEU E 401 5.61 -14.56 -22.24
N LYS E 402 6.93 -14.50 -22.02
CA LYS E 402 7.92 -15.34 -22.75
C LYS E 402 7.53 -16.80 -23.04
N PRO E 403 7.17 -17.58 -22.00
CA PRO E 403 6.82 -19.00 -22.24
C PRO E 403 5.61 -19.23 -23.16
N PHE E 404 4.66 -18.30 -23.17
CA PHE E 404 3.44 -18.41 -24.00
C PHE E 404 3.52 -17.65 -25.33
N PHE E 405 4.62 -16.92 -25.55
CA PHE E 405 4.79 -16.07 -26.73
C PHE E 405 5.19 -16.90 -27.95
N ASN E 406 4.56 -16.59 -29.10
CA ASN E 406 4.81 -17.30 -30.37
C ASN E 406 5.71 -16.50 -31.32
N GLU E 407 6.27 -17.21 -32.30
CA GLU E 407 7.20 -16.62 -33.28
C GLU E 407 6.57 -15.56 -34.18
N GLU E 408 5.29 -15.74 -34.52
CA GLU E 408 4.57 -14.82 -35.41
C GLU E 408 3.88 -13.63 -34.70
N GLY E 409 4.25 -13.37 -33.44
CA GLY E 409 3.73 -12.23 -32.70
C GLY E 409 2.33 -12.44 -32.16
N THR E 410 2.09 -13.62 -31.59
CA THR E 410 0.83 -13.97 -30.93
C THR E 410 1.13 -14.70 -29.62
N ALA E 411 0.09 -14.92 -28.82
CA ALA E 411 0.23 -15.59 -27.52
C ALA E 411 -0.70 -16.80 -27.43
N SER E 412 -0.15 -17.93 -26.99
CA SER E 412 -0.94 -19.12 -26.69
C SER E 412 -1.76 -18.87 -25.43
N LEU E 413 -2.99 -19.37 -25.42
CA LEU E 413 -3.90 -19.14 -24.30
C LEU E 413 -4.95 -20.25 -24.21
N SER E 414 -4.55 -21.39 -23.63
CA SER E 414 -5.44 -22.54 -23.47
C SER E 414 -6.55 -22.30 -22.44
N PRO E 415 -6.21 -21.79 -21.24
CA PRO E 415 -7.27 -21.54 -20.26
C PRO E 415 -7.98 -20.21 -20.50
N GLY E 416 -9.05 -19.97 -19.76
CA GLY E 416 -9.83 -18.73 -19.87
C GLY E 416 -10.63 -18.62 -21.15
N MET E 417 -11.30 -17.48 -21.31
CA MET E 417 -12.15 -17.21 -22.48
C MET E 417 -11.90 -15.85 -23.18
N MET E 418 -10.98 -15.04 -22.64
CA MET E 418 -10.84 -13.61 -23.00
C MET E 418 -12.17 -12.85 -22.93
N MET E 419 -12.96 -12.91 -24.00
CA MET E 419 -14.37 -12.51 -23.97
C MET E 419 -15.17 -13.71 -24.48
N GLY E 420 -15.56 -14.57 -23.54
CA GLY E 420 -16.28 -15.79 -23.85
C GLY E 420 -17.65 -15.53 -24.42
N MET E 421 -17.95 -16.18 -25.54
CA MET E 421 -19.27 -16.09 -26.17
C MET E 421 -20.31 -16.92 -25.42
N PHE E 422 -19.84 -17.90 -24.62
CA PHE E 422 -20.74 -18.74 -23.83
C PHE E 422 -21.30 -17.97 -22.63
N ASN E 423 -22.35 -17.20 -22.87
CA ASN E 423 -23.11 -16.53 -21.81
C ASN E 423 -24.14 -17.48 -21.24
N MET E 424 -24.93 -18.09 -22.13
CA MET E 424 -26.00 -19.01 -21.76
C MET E 424 -25.44 -20.24 -21.05
N LEU E 425 -24.44 -20.86 -21.66
CA LEU E 425 -23.82 -22.07 -21.10
C LEU E 425 -23.13 -21.81 -19.76
N SER E 426 -22.53 -20.63 -19.60
CA SER E 426 -21.93 -20.23 -18.32
C SER E 426 -22.99 -19.88 -17.26
N THR E 427 -24.14 -19.34 -17.70
CA THR E 427 -25.28 -19.10 -16.81
C THR E 427 -25.84 -20.41 -16.25
N VAL E 428 -25.84 -21.46 -17.08
CA VAL E 428 -26.24 -22.81 -16.64
C VAL E 428 -25.28 -23.31 -15.55
N LEU E 429 -23.98 -23.11 -15.76
CA LEU E 429 -22.96 -23.47 -14.77
C LEU E 429 -23.08 -22.66 -13.47
N GLY E 430 -23.47 -21.39 -13.58
CA GLY E 430 -23.76 -20.56 -12.42
C GLY E 430 -25.01 -20.97 -11.68
N VAL E 431 -26.06 -21.34 -12.43
CA VAL E 431 -27.30 -21.90 -11.84
C VAL E 431 -27.04 -23.28 -11.23
N ALA E 432 -26.13 -24.06 -11.84
CA ALA E 432 -25.74 -25.37 -11.31
C ALA E 432 -25.25 -25.31 -9.87
N ALA E 433 -24.49 -24.25 -9.55
CA ALA E 433 -24.08 -23.97 -8.16
C ALA E 433 -25.26 -23.62 -7.26
N LEU E 434 -26.18 -22.82 -7.78
CA LEU E 434 -27.42 -22.47 -7.06
C LEU E 434 -28.33 -23.68 -6.80
N GLY E 435 -28.27 -24.67 -7.69
CA GLY E 435 -29.08 -25.88 -7.58
C GLY E 435 -28.75 -26.86 -6.45
N ILE E 436 -27.58 -26.74 -5.85
CA ILE E 436 -27.19 -27.62 -4.72
C ILE E 436 -28.06 -27.31 -3.49
N LYS E 437 -28.16 -26.03 -3.14
CA LYS E 437 -29.02 -25.50 -2.06
C LYS E 437 -28.55 -25.77 -0.61
N ASN E 438 -27.97 -26.94 -0.36
CA ASN E 438 -27.46 -27.31 0.97
C ASN E 438 -26.27 -28.26 0.85
N ILE E 439 -25.33 -28.13 1.79
CA ILE E 439 -24.18 -29.04 1.89
C ILE E 439 -23.97 -29.46 3.34
N GLY E 440 -23.84 -30.76 3.55
CA GLY E 440 -23.67 -31.33 4.89
C GLY E 440 -24.92 -31.32 5.75
N ASN E 441 -26.10 -31.25 5.13
CA ASN E 441 -27.40 -31.21 5.84
C ASN E 441 -27.48 -30.17 6.96
N LYS E 442 -26.82 -29.03 6.75
CA LYS E 442 -26.76 -27.96 7.76
C LYS E 442 -28.08 -27.18 7.78
N GLU E 443 -28.29 -26.41 8.84
CA GLU E 443 -29.56 -25.68 9.01
C GLU E 443 -29.64 -24.41 8.16
N TYR E 444 -29.66 -24.59 6.84
CA TYR E 444 -29.89 -23.51 5.88
C TYR E 444 -30.35 -24.07 4.53
N LEU E 445 -30.87 -23.19 3.68
CA LEU E 445 -31.25 -23.55 2.31
C LEU E 445 -31.01 -22.35 1.41
N TRP E 446 -29.97 -22.40 0.57
CA TRP E 446 -29.69 -21.31 -0.36
C TRP E 446 -30.40 -21.50 -1.70
N ASP E 447 -30.68 -20.39 -2.36
CA ASP E 447 -31.13 -20.36 -3.75
C ASP E 447 -30.70 -18.99 -4.30
N GLY E 448 -30.96 -18.69 -5.56
CA GLY E 448 -30.56 -17.39 -6.09
C GLY E 448 -31.05 -17.02 -7.46
N LEU E 449 -30.29 -16.12 -8.10
CA LEU E 449 -30.53 -15.68 -9.47
C LEU E 449 -29.17 -15.52 -10.14
N GLN E 450 -29.08 -15.89 -11.43
CA GLN E 450 -27.83 -15.89 -12.18
C GLN E 450 -28.03 -15.29 -13.56
N SER E 451 -27.07 -14.47 -13.99
CA SER E 451 -27.09 -13.83 -15.31
C SER E 451 -25.65 -13.68 -15.80
N SER E 452 -25.09 -14.79 -16.27
CA SER E 452 -23.67 -14.92 -16.58
C SER E 452 -22.78 -14.63 -15.35
N ASP E 453 -22.12 -13.46 -15.31
CA ASP E 453 -21.17 -13.16 -14.22
C ASP E 453 -21.85 -12.69 -12.93
N ASP E 454 -22.82 -11.77 -13.05
CA ASP E 454 -23.52 -11.22 -11.89
C ASP E 454 -24.55 -12.23 -11.37
N PHE E 455 -24.67 -12.30 -10.04
CA PHE E 455 -25.63 -13.19 -9.38
C PHE E 455 -26.28 -12.50 -8.18
N ALA E 456 -27.22 -13.21 -7.54
CA ALA E 456 -27.83 -12.77 -6.29
C ALA E 456 -28.31 -13.97 -5.49
N LEU E 457 -27.69 -14.22 -4.34
CA LEU E 457 -27.92 -15.43 -3.54
C LEU E 457 -28.84 -15.16 -2.34
N PHE E 458 -29.98 -15.86 -2.30
CA PHE E 458 -30.87 -15.86 -1.13
C PHE E 458 -30.48 -17.01 -0.21
N VAL E 459 -30.49 -16.76 1.10
CA VAL E 459 -30.09 -17.77 2.09
C VAL E 459 -31.05 -17.76 3.29
N ASN E 460 -31.92 -18.77 3.34
CA ASN E 460 -32.83 -18.97 4.48
C ASN E 460 -32.18 -19.84 5.55
N ALA E 461 -32.25 -19.40 6.80
CA ALA E 461 -31.75 -20.17 7.95
C ALA E 461 -32.35 -19.66 9.26
N LYS E 462 -32.13 -20.41 10.34
CA LYS E 462 -32.72 -20.10 11.65
C LYS E 462 -32.03 -18.93 12.37
N ASP E 463 -30.74 -18.74 12.13
CA ASP E 463 -29.99 -17.59 12.65
C ASP E 463 -28.91 -17.15 11.66
N GLU E 464 -28.52 -15.88 11.76
CA GLU E 464 -27.62 -15.26 10.77
C GLU E 464 -26.18 -15.79 10.79
N GLU E 465 -25.75 -16.36 11.92
CA GLU E 465 -24.45 -17.05 11.98
C GLU E 465 -24.39 -18.24 11.01
N THR E 466 -25.51 -18.94 10.85
CA THR E 466 -25.63 -20.05 9.91
C THR E 466 -25.78 -19.57 8.45
N CYS E 467 -26.46 -18.45 8.26
CA CYS E 467 -26.58 -17.82 6.93
C CYS E 467 -25.22 -17.54 6.31
N MET E 468 -24.33 -16.94 7.09
CA MET E 468 -22.97 -16.62 6.63
C MET E 468 -22.15 -17.88 6.38
N GLU E 469 -22.37 -18.93 7.18
CA GLU E 469 -21.77 -20.25 6.93
C GLU E 469 -22.31 -20.86 5.64
N GLY E 470 -23.59 -20.64 5.35
CA GLY E 470 -24.18 -21.02 4.06
C GLY E 470 -23.60 -20.27 2.89
N ILE E 471 -23.36 -18.97 3.06
CA ILE E 471 -22.70 -18.13 2.06
C ILE E 471 -21.24 -18.59 1.89
N ASN E 472 -20.59 -18.93 3.00
CA ASN E 472 -19.23 -19.48 2.99
C ASN E 472 -19.17 -20.82 2.25
N ASP E 473 -20.18 -21.67 2.45
CA ASP E 473 -20.29 -22.93 1.71
C ASP E 473 -20.55 -22.71 0.20
N PHE E 474 -21.35 -21.68 -0.14
CA PHE E 474 -21.56 -21.31 -1.54
C PHE E 474 -20.29 -20.80 -2.20
N TYR E 475 -19.59 -19.89 -1.50
CA TYR E 475 -18.29 -19.36 -1.95
C TYR E 475 -17.33 -20.49 -2.31
N ARG E 476 -17.20 -21.46 -1.40
CA ARG E 476 -16.27 -22.57 -1.55
C ARG E 476 -16.70 -23.58 -2.62
N THR E 477 -18.02 -23.78 -2.78
CA THR E 477 -18.55 -24.65 -3.83
C THR E 477 -18.27 -24.08 -5.23
N CYS E 478 -18.43 -22.77 -5.37
CA CYS E 478 -18.17 -22.06 -6.62
C CYS E 478 -16.71 -22.16 -7.08
N LYS E 479 -15.78 -22.19 -6.13
CA LYS E 479 -14.34 -22.37 -6.42
C LYS E 479 -14.04 -23.70 -7.12
N LEU E 480 -14.83 -24.73 -6.82
CA LEU E 480 -14.69 -26.05 -7.43
C LEU E 480 -15.18 -26.10 -8.89
N LEU E 481 -16.02 -25.14 -9.29
CA LEU E 481 -16.52 -25.02 -10.66
C LEU E 481 -15.74 -24.02 -11.53
N GLY E 482 -14.81 -23.28 -10.92
CA GLY E 482 -14.06 -22.22 -11.61
C GLY E 482 -14.75 -20.87 -11.58
N ILE E 483 -15.50 -20.61 -10.50
CA ILE E 483 -16.25 -19.36 -10.31
C ILE E 483 -15.76 -18.71 -9.02
N ASN E 484 -15.24 -17.50 -9.13
CA ASN E 484 -14.62 -16.79 -8.01
C ASN E 484 -15.45 -15.59 -7.58
N MET E 485 -16.11 -15.71 -6.44
CA MET E 485 -16.92 -14.64 -5.87
C MET E 485 -16.01 -13.52 -5.37
N SER E 486 -16.32 -12.29 -5.80
CA SER E 486 -15.55 -11.11 -5.39
C SER E 486 -15.97 -10.69 -3.99
N LYS E 487 -15.13 -11.00 -3.00
CA LYS E 487 -15.33 -10.53 -1.62
C LYS E 487 -15.27 -9.00 -1.52
N LYS E 488 -14.49 -8.39 -2.42
CA LYS E 488 -14.33 -6.93 -2.45
C LYS E 488 -15.61 -6.23 -2.92
N LYS E 489 -16.17 -6.70 -4.03
CA LYS E 489 -17.33 -6.04 -4.66
C LYS E 489 -18.70 -6.57 -4.19
N SER E 490 -18.76 -7.82 -3.74
CA SER E 490 -20.01 -8.38 -3.20
C SER E 490 -20.27 -7.93 -1.77
N TYR E 491 -21.54 -8.02 -1.37
CA TYR E 491 -21.97 -7.71 0.00
C TYR E 491 -23.33 -8.33 0.28
N CYS E 492 -23.75 -8.31 1.54
CA CYS E 492 -24.94 -9.03 1.98
C CYS E 492 -25.75 -8.28 3.03
N ASN E 493 -27.03 -8.62 3.13
CA ASN E 493 -27.95 -8.05 4.11
C ASN E 493 -29.23 -8.91 4.23
N GLU E 494 -30.12 -8.55 5.15
CA GLU E 494 -31.41 -9.21 5.29
C GLU E 494 -32.28 -8.92 4.05
N THR E 495 -33.11 -9.90 3.67
CA THR E 495 -33.91 -9.82 2.44
C THR E 495 -34.94 -8.71 2.53
N GLY E 496 -35.15 -8.02 1.41
CA GLY E 496 -35.93 -6.79 1.35
C GLY E 496 -35.37 -5.85 0.29
N MET E 497 -34.04 -5.75 0.25
CA MET E 497 -33.34 -4.98 -0.80
C MET E 497 -32.04 -5.65 -1.23
N PHE E 498 -31.71 -5.48 -2.51
CA PHE E 498 -30.48 -6.01 -3.12
C PHE E 498 -30.26 -5.36 -4.51
N GLU E 499 -29.20 -5.78 -5.20
CA GLU E 499 -28.94 -5.36 -6.59
C GLU E 499 -28.61 -6.58 -7.47
N PHE E 500 -29.07 -6.54 -8.71
CA PHE E 500 -28.87 -7.64 -9.67
C PHE E 500 -28.96 -7.11 -11.11
N THR E 501 -27.84 -7.19 -11.85
CA THR E 501 -27.73 -6.63 -13.21
C THR E 501 -28.13 -5.14 -13.27
N SER E 502 -27.63 -4.37 -12.31
CA SER E 502 -27.91 -2.93 -12.16
C SER E 502 -29.39 -2.58 -11.85
N MET E 503 -30.19 -3.56 -11.44
CA MET E 503 -31.58 -3.35 -11.06
C MET E 503 -31.66 -3.39 -9.55
N PHE E 504 -32.11 -2.29 -8.95
CA PHE E 504 -32.10 -2.12 -7.51
C PHE E 504 -33.47 -2.43 -6.92
N TYR E 505 -33.50 -3.38 -5.98
CA TYR E 505 -34.73 -3.87 -5.36
C TYR E 505 -34.91 -3.22 -3.98
N ARG E 506 -36.15 -2.92 -3.63
CA ARG E 506 -36.50 -2.37 -2.32
C ARG E 506 -37.99 -2.61 -2.08
N ASP E 507 -38.31 -3.81 -1.59
CA ASP E 507 -39.69 -4.31 -1.48
C ASP E 507 -40.42 -4.27 -2.85
N GLY E 508 -39.64 -4.43 -3.92
CA GLY E 508 -40.09 -4.25 -5.29
C GLY E 508 -39.04 -3.46 -6.07
N PHE E 509 -38.86 -3.79 -7.34
CA PHE E 509 -37.84 -3.14 -8.18
C PHE E 509 -38.17 -1.66 -8.39
N VAL E 510 -37.25 -0.79 -7.98
CA VAL E 510 -37.42 0.65 -8.13
C VAL E 510 -36.90 1.04 -9.51
N SER E 511 -37.51 2.06 -10.11
CA SER E 511 -37.12 2.54 -11.42
C SER E 511 -35.79 3.28 -11.37
N ASN E 512 -35.03 3.22 -12.45
CA ASN E 512 -33.74 3.91 -12.59
C ASN E 512 -33.67 4.58 -13.97
N PHE E 513 -33.98 5.86 -13.99
CA PHE E 513 -34.10 6.63 -15.24
C PHE E 513 -32.76 6.90 -15.92
N ALA E 514 -31.72 7.11 -15.12
CA ALA E 514 -30.37 7.41 -15.64
C ALA E 514 -29.76 6.31 -16.51
N MET E 515 -30.19 5.06 -16.34
CA MET E 515 -29.75 3.94 -17.17
C MET E 515 -30.10 4.11 -18.65
N GLU E 516 -31.32 4.61 -18.91
CA GLU E 516 -31.82 4.82 -20.29
C GLU E 516 -31.62 6.25 -20.82
N LEU E 517 -30.96 7.12 -20.05
CA LEU E 517 -30.86 8.55 -20.39
C LEU E 517 -30.09 8.86 -21.68
N PRO E 518 -29.01 8.09 -21.99
CA PRO E 518 -28.31 8.30 -23.26
C PRO E 518 -29.11 8.00 -24.54
N SER E 519 -30.16 7.20 -24.45
CA SER E 519 -31.01 6.89 -25.61
C SER E 519 -31.96 8.02 -26.03
N PHE E 520 -32.19 8.99 -25.14
CA PHE E 520 -33.12 10.11 -25.42
C PHE E 520 -32.71 11.06 -26.55
N GLY E 521 -31.42 11.11 -26.88
CA GLY E 521 -30.94 11.96 -27.97
C GLY E 521 -31.31 11.47 -29.36
N VAL E 522 -30.69 12.06 -30.37
CA VAL E 522 -30.93 11.70 -31.78
C VAL E 522 -30.20 10.39 -32.07
N ALA E 523 -30.90 9.44 -32.69
CA ALA E 523 -30.41 8.07 -32.88
C ALA E 523 -29.28 7.95 -33.90
N GLY E 524 -29.37 8.72 -34.99
CA GLY E 524 -28.36 8.73 -36.06
C GLY E 524 -28.68 7.93 -37.32
N VAL E 525 -29.94 7.54 -37.50
CA VAL E 525 -30.37 6.86 -38.74
C VAL E 525 -30.72 7.92 -39.81
N ASN E 526 -31.87 8.59 -39.65
CA ASN E 526 -32.26 9.71 -40.53
C ASN E 526 -33.41 10.52 -39.92
N GLU E 527 -33.74 11.65 -40.55
CA GLU E 527 -34.79 12.57 -40.06
C GLU E 527 -36.15 11.92 -39.79
N SER E 528 -36.64 11.14 -40.75
CA SER E 528 -37.94 10.46 -40.62
C SER E 528 -37.91 9.36 -39.55
N ALA E 529 -36.85 8.55 -39.58
CA ALA E 529 -36.69 7.42 -38.64
C ALA E 529 -36.43 7.88 -37.21
N ASP E 530 -35.52 8.84 -37.03
CA ASP E 530 -35.15 9.33 -35.70
C ASP E 530 -36.29 10.07 -34.99
N MET E 531 -37.16 10.72 -35.75
CA MET E 531 -38.37 11.32 -35.18
C MET E 531 -39.25 10.24 -34.57
N ALA E 532 -39.54 9.20 -35.36
CA ALA E 532 -40.32 8.06 -34.88
C ALA E 532 -39.66 7.37 -33.67
N ILE E 533 -38.34 7.22 -33.71
CA ILE E 533 -37.58 6.65 -32.59
C ILE E 533 -37.67 7.55 -31.36
N GLY E 534 -37.34 8.83 -31.54
CA GLY E 534 -37.31 9.82 -30.45
C GLY E 534 -38.59 9.90 -29.62
N MET E 535 -39.74 9.81 -30.28
CA MET E 535 -41.04 9.80 -29.59
C MET E 535 -41.30 8.44 -28.94
N THR E 536 -40.93 7.36 -29.61
CA THR E 536 -41.07 6.00 -29.07
C THR E 536 -40.22 5.79 -27.80
N ILE E 537 -39.00 6.33 -27.79
CA ILE E 537 -38.12 6.28 -26.61
C ILE E 537 -38.75 7.03 -25.43
N ILE E 538 -39.35 8.19 -25.70
CA ILE E 538 -40.09 8.96 -24.69
C ILE E 538 -41.33 8.18 -24.23
N LYS E 539 -42.01 7.54 -25.18
CA LYS E 539 -43.20 6.74 -24.90
C LYS E 539 -42.92 5.51 -24.05
N ASN E 540 -41.83 4.79 -24.38
CA ASN E 540 -41.44 3.59 -23.63
C ASN E 540 -40.97 3.88 -22.19
N ASN E 541 -40.22 4.96 -22.02
CA ASN E 541 -39.72 5.36 -20.69
C ASN E 541 -40.83 5.84 -19.73
N MET E 542 -41.93 6.36 -20.28
CA MET E 542 -43.12 6.64 -19.48
C MET E 542 -43.75 5.36 -18.92
N ILE E 543 -43.77 4.31 -19.73
CA ILE E 543 -44.37 3.03 -19.37
C ILE E 543 -43.48 2.26 -18.39
N ASN E 544 -42.20 2.14 -18.74
CA ASN E 544 -41.26 1.26 -18.03
C ASN E 544 -40.43 1.96 -16.96
N ASN E 545 -39.66 2.96 -17.36
CA ASN E 545 -38.65 3.59 -16.48
C ASN E 545 -39.17 4.70 -15.54
N GLY E 546 -40.49 4.90 -15.49
CA GLY E 546 -41.09 5.80 -14.50
C GLY E 546 -40.87 7.27 -14.75
N MET E 547 -40.93 7.68 -16.03
CA MET E 547 -40.88 9.09 -16.40
C MET E 547 -42.29 9.65 -16.32
N GLY E 548 -42.47 10.69 -15.50
CA GLY E 548 -43.77 11.35 -15.35
C GLY E 548 -44.11 12.22 -16.55
N PRO E 549 -45.36 12.73 -16.59
CA PRO E 549 -45.83 13.52 -17.74
C PRO E 549 -45.08 14.84 -17.97
N ALA E 550 -44.70 15.52 -16.89
CA ALA E 550 -43.95 16.79 -16.99
C ALA E 550 -42.57 16.56 -17.60
N THR E 551 -41.86 15.56 -17.09
CA THR E 551 -40.55 15.17 -17.61
C THR E 551 -40.66 14.54 -19.01
N ALA E 552 -41.77 13.85 -19.27
CA ALA E 552 -42.04 13.31 -20.60
C ALA E 552 -42.21 14.40 -21.64
N GLN E 553 -43.02 15.42 -21.29
CA GLN E 553 -43.22 16.59 -22.16
C GLN E 553 -41.96 17.43 -22.35
N THR E 554 -41.13 17.53 -21.31
CA THR E 554 -39.82 18.18 -21.42
C THR E 554 -38.88 17.38 -22.35
N ALA E 555 -38.96 16.06 -22.26
CA ALA E 555 -38.18 15.18 -23.16
C ALA E 555 -38.61 15.31 -24.63
N ILE E 556 -39.88 15.63 -24.87
CA ILE E 556 -40.37 15.97 -26.21
C ILE E 556 -39.69 17.25 -26.68
N GLN E 557 -39.73 18.28 -25.83
CA GLN E 557 -39.15 19.59 -26.14
C GLN E 557 -37.65 19.48 -26.43
N LEU E 558 -36.91 18.87 -25.52
CA LEU E 558 -35.46 18.72 -25.66
C LEU E 558 -35.04 17.87 -26.86
N PHE E 559 -35.91 16.95 -27.29
CA PHE E 559 -35.63 16.17 -28.51
C PHE E 559 -35.72 17.04 -29.76
N ILE E 560 -36.79 17.83 -29.88
CA ILE E 560 -36.97 18.72 -31.05
C ILE E 560 -35.83 19.75 -31.16
N ALA E 561 -35.36 20.26 -30.01
CA ALA E 561 -34.21 21.16 -29.99
C ALA E 561 -32.95 20.49 -30.55
N ASP E 562 -32.65 19.31 -30.03
CA ASP E 562 -31.49 18.51 -30.47
C ASP E 562 -31.67 18.02 -31.92
N TYR E 563 -32.90 17.69 -32.28
CA TYR E 563 -33.27 17.31 -33.66
C TYR E 563 -33.04 18.45 -34.64
N ARG E 564 -33.46 19.66 -34.26
CA ARG E 564 -33.32 20.84 -35.11
C ARG E 564 -31.87 21.31 -35.26
N TYR E 565 -31.12 21.35 -34.16
CA TYR E 565 -29.69 21.72 -34.19
C TYR E 565 -28.81 20.70 -34.93
N THR E 566 -29.19 19.42 -34.88
CA THR E 566 -28.46 18.35 -35.59
C THR E 566 -28.73 18.43 -37.09
N TYR E 567 -30.00 18.29 -37.46
CA TYR E 567 -30.40 18.30 -38.88
C TYR E 567 -30.51 19.69 -39.52
N LYS E 568 -30.32 20.76 -38.72
CA LYS E 568 -30.30 22.14 -39.20
C LYS E 568 -31.64 22.54 -39.86
N CYS E 569 -32.74 22.15 -39.22
CA CYS E 569 -34.09 22.30 -39.75
C CYS E 569 -34.99 23.03 -38.77
N HIS E 570 -34.57 24.23 -38.35
CA HIS E 570 -35.30 25.04 -37.38
C HIS E 570 -36.60 25.57 -37.98
N ARG E 571 -37.45 26.15 -37.13
CA ARG E 571 -38.75 26.72 -37.54
C ARG E 571 -38.59 27.69 -38.70
N GLY E 572 -39.49 27.61 -39.68
CA GLY E 572 -39.47 28.49 -40.84
C GLY E 572 -39.63 29.96 -40.50
N ASP E 573 -40.51 30.24 -39.54
CA ASP E 573 -40.72 31.62 -39.05
C ASP E 573 -39.51 32.24 -38.34
N SER E 574 -38.66 31.41 -37.72
CA SER E 574 -37.46 31.91 -37.03
C SER E 574 -36.42 32.45 -38.02
N LYS E 575 -35.53 33.30 -37.51
CA LYS E 575 -34.54 34.01 -38.33
C LYS E 575 -33.14 33.39 -38.20
N VAL E 576 -33.07 32.06 -38.13
CA VAL E 576 -31.80 31.34 -37.96
C VAL E 576 -31.25 31.07 -39.36
N GLU E 577 -30.06 31.60 -39.64
CA GLU E 577 -29.46 31.51 -40.98
C GLU E 577 -28.68 30.21 -41.18
N GLY E 578 -28.67 29.72 -42.42
CA GLY E 578 -27.98 28.50 -42.79
C GLY E 578 -28.18 28.11 -44.25
N LYS E 579 -27.54 27.02 -44.66
CA LYS E 579 -27.63 26.53 -46.04
C LYS E 579 -29.01 25.92 -46.31
N ARG E 580 -29.43 25.03 -45.43
CA ARG E 580 -30.79 24.45 -45.47
C ARG E 580 -31.86 25.50 -45.14
N MET E 581 -31.62 26.27 -44.07
CA MET E 581 -32.59 27.26 -43.56
C MET E 581 -33.01 28.34 -44.57
N LYS E 582 -32.11 28.69 -45.48
CA LYS E 582 -32.41 29.64 -46.56
C LYS E 582 -33.54 29.14 -47.48
N ILE E 583 -33.60 27.83 -47.70
CA ILE E 583 -34.67 27.21 -48.50
C ILE E 583 -35.92 26.96 -47.66
N ILE E 584 -35.75 26.63 -46.37
CA ILE E 584 -36.89 26.41 -45.46
C ILE E 584 -37.76 27.66 -45.32
N LYS E 585 -37.12 28.82 -45.19
CA LYS E 585 -37.82 30.11 -45.11
C LYS E 585 -38.69 30.39 -46.35
N GLU E 586 -38.22 29.97 -47.52
CA GLU E 586 -39.02 30.06 -48.75
C GLU E 586 -40.21 29.08 -48.72
N LEU E 587 -39.94 27.84 -48.30
CA LEU E 587 -40.99 26.82 -48.16
C LEU E 587 -42.06 27.18 -47.13
N TRP E 588 -41.65 27.85 -46.05
CA TRP E 588 -42.56 28.37 -45.04
C TRP E 588 -43.54 29.39 -45.63
N GLU E 589 -43.03 30.27 -46.50
CA GLU E 589 -43.86 31.27 -47.21
C GLU E 589 -44.76 30.64 -48.27
N ASN E 590 -44.21 29.70 -49.04
CA ASN E 590 -44.94 29.04 -50.14
C ASN E 590 -46.12 28.19 -49.68
N THR E 591 -45.92 27.42 -48.61
CA THR E 591 -46.94 26.49 -48.11
C THR E 591 -48.06 27.24 -47.38
N LYS E 592 -49.30 26.86 -47.66
CA LYS E 592 -50.48 27.45 -47.02
C LYS E 592 -50.71 26.80 -45.66
N GLY E 593 -50.93 25.49 -45.65
CA GLY E 593 -51.11 24.72 -44.42
C GLY E 593 -49.78 24.49 -43.75
N ARG E 594 -49.38 25.44 -42.90
CA ARG E 594 -48.08 25.38 -42.21
C ARG E 594 -48.02 24.31 -41.12
N ASP E 595 -49.16 23.99 -40.50
CA ASP E 595 -49.24 22.87 -39.55
C ASP E 595 -48.97 21.51 -40.21
N GLY E 596 -49.28 21.40 -41.49
CA GLY E 596 -48.97 20.20 -42.28
C GLY E 596 -47.51 19.90 -42.50
N LEU E 597 -46.65 20.93 -42.42
CA LEU E 597 -45.20 20.76 -42.60
C LEU E 597 -44.58 19.95 -41.47
N LEU E 598 -43.60 19.11 -41.82
CA LEU E 598 -42.85 18.31 -40.86
C LEU E 598 -41.81 19.19 -40.16
N VAL E 599 -41.26 18.71 -39.07
CA VAL E 599 -40.20 19.42 -38.34
C VAL E 599 -38.89 19.46 -39.15
N ALA E 600 -38.65 18.42 -39.96
CA ALA E 600 -37.52 18.38 -40.89
C ALA E 600 -37.58 19.44 -42.01
N ASP E 601 -38.78 19.94 -42.30
CA ASP E 601 -39.00 21.07 -43.22
C ASP E 601 -39.41 22.36 -42.48
N GLY E 602 -38.89 22.53 -41.26
CA GLY E 602 -39.15 23.73 -40.45
C GLY E 602 -40.58 23.96 -40.00
N GLY E 603 -41.36 22.89 -39.89
CA GLY E 603 -42.76 22.95 -39.46
C GLY E 603 -42.88 22.95 -37.94
N PRO E 604 -44.11 23.10 -37.42
CA PRO E 604 -44.37 23.13 -35.99
C PRO E 604 -44.47 21.72 -35.39
N ASN E 605 -43.98 21.57 -34.16
CA ASN E 605 -44.07 20.31 -33.42
C ASN E 605 -45.45 20.14 -32.80
N ILE E 606 -46.26 19.25 -33.39
CA ILE E 606 -47.61 18.95 -32.89
C ILE E 606 -47.65 17.77 -31.89
N TYR E 607 -46.50 17.12 -31.67
CA TYR E 607 -46.44 15.96 -30.76
C TYR E 607 -46.69 16.34 -29.29
N ASN E 608 -47.40 15.46 -28.60
CA ASN E 608 -47.67 15.56 -27.17
C ASN E 608 -47.75 14.13 -26.61
N LEU E 609 -48.06 13.97 -25.33
CA LEU E 609 -48.03 12.65 -24.68
C LEU E 609 -48.99 11.64 -25.33
N ARG E 610 -50.18 12.10 -25.71
CA ARG E 610 -51.21 11.22 -26.28
C ARG E 610 -50.88 10.63 -27.66
N ASN E 611 -50.15 11.39 -28.48
CA ASN E 611 -49.93 11.01 -29.90
C ASN E 611 -48.47 10.71 -30.25
N LEU E 612 -47.73 10.12 -29.31
CA LEU E 612 -46.34 9.71 -29.54
C LEU E 612 -46.26 8.48 -30.45
N HIS E 613 -47.27 7.61 -30.31
CA HIS E 613 -47.35 6.36 -31.09
C HIS E 613 -47.74 6.54 -32.57
N ILE E 614 -48.23 7.71 -32.96
CA ILE E 614 -48.67 7.97 -34.34
C ILE E 614 -47.50 8.59 -35.13
N PRO E 615 -47.22 8.08 -36.36
CA PRO E 615 -46.21 8.71 -37.22
C PRO E 615 -46.56 10.16 -37.61
N GLU E 616 -45.53 10.99 -37.78
CA GLU E 616 -45.70 12.42 -38.05
C GLU E 616 -46.38 12.69 -39.39
N ILE E 617 -45.98 11.93 -40.41
CA ILE E 617 -46.57 12.05 -41.75
C ILE E 617 -48.08 11.69 -41.72
N VAL E 618 -48.44 10.69 -40.91
CA VAL E 618 -49.83 10.29 -40.75
C VAL E 618 -50.62 11.28 -39.88
N LEU E 619 -49.97 11.82 -38.84
CA LEU E 619 -50.58 12.86 -37.99
C LEU E 619 -50.99 14.09 -38.79
N LYS E 620 -50.05 14.61 -39.57
CA LYS E 620 -50.21 15.89 -40.26
C LYS E 620 -50.78 15.79 -41.68
N TYR E 621 -51.24 14.60 -42.09
CA TYR E 621 -51.70 14.34 -43.46
C TYR E 621 -52.86 15.25 -43.91
N ASN E 622 -53.84 15.42 -43.03
CA ASN E 622 -55.02 16.23 -43.33
C ASN E 622 -54.76 17.73 -43.40
N LEU E 623 -53.68 18.19 -42.75
CA LEU E 623 -53.29 19.61 -42.76
C LEU E 623 -52.28 20.00 -43.86
N MET E 624 -51.79 19.01 -44.62
CA MET E 624 -50.82 19.27 -45.70
C MET E 624 -51.47 19.87 -46.95
N ASP E 625 -50.64 20.48 -47.79
CA ASP E 625 -51.04 20.92 -49.13
C ASP E 625 -50.85 19.75 -50.12
N PRO E 626 -51.66 19.69 -51.19
CA PRO E 626 -51.54 18.61 -52.17
C PRO E 626 -50.20 18.56 -52.92
N GLU E 627 -49.66 19.74 -53.24
CA GLU E 627 -48.32 19.85 -53.87
C GLU E 627 -47.19 19.43 -52.92
N TYR E 628 -47.33 19.75 -51.63
CA TYR E 628 -46.30 19.44 -50.64
C TYR E 628 -46.20 17.93 -50.38
N LYS E 629 -47.34 17.29 -50.14
CA LYS E 629 -47.39 15.84 -49.91
C LYS E 629 -46.95 15.02 -51.13
N GLY E 630 -47.25 15.53 -52.33
CA GLY E 630 -46.81 14.91 -53.58
C GLY E 630 -45.29 14.84 -53.71
N ARG E 631 -44.62 15.95 -53.38
CA ARG E 631 -43.16 16.00 -53.39
C ARG E 631 -42.55 15.20 -52.25
N LEU E 632 -43.12 15.33 -51.05
CA LEU E 632 -42.71 14.56 -49.87
C LEU E 632 -42.89 13.05 -50.04
N LEU E 633 -43.94 12.64 -50.75
CA LEU E 633 -44.26 11.23 -50.97
C LEU E 633 -44.21 10.86 -52.46
N HIS E 634 -43.17 11.33 -53.15
CA HIS E 634 -42.95 11.01 -54.57
C HIS E 634 -42.46 9.55 -54.64
N PRO E 635 -43.27 8.62 -55.22
CA PRO E 635 -42.94 7.18 -55.14
C PRO E 635 -41.54 6.76 -55.65
N GLN E 636 -41.03 7.43 -56.68
CA GLN E 636 -39.71 7.12 -57.26
C GLN E 636 -38.67 8.23 -57.03
N ASN E 637 -38.61 8.75 -55.81
CA ASN E 637 -37.61 9.78 -55.46
C ASN E 637 -36.20 9.18 -55.31
N PRO E 638 -35.14 9.97 -55.57
CA PRO E 638 -33.79 9.44 -55.54
C PRO E 638 -33.15 9.28 -54.14
N PHE E 639 -33.77 9.86 -53.11
CA PHE E 639 -33.21 9.84 -51.75
C PHE E 639 -33.42 8.49 -51.06
N VAL E 640 -34.59 7.89 -51.28
CA VAL E 640 -34.92 6.57 -50.74
C VAL E 640 -34.17 5.51 -51.55
N GLY E 641 -33.10 4.95 -50.97
CA GLY E 641 -32.26 3.98 -51.67
C GLY E 641 -32.85 2.59 -51.77
N HIS E 642 -32.01 1.57 -51.57
CA HIS E 642 -32.42 0.17 -51.65
C HIS E 642 -32.72 -0.37 -50.26
N LEU E 643 -34.01 -0.49 -49.93
CA LEU E 643 -34.45 -0.88 -48.60
C LEU E 643 -34.72 -2.37 -48.54
N SER E 644 -34.72 -2.89 -47.32
CA SER E 644 -34.96 -4.30 -47.07
C SER E 644 -35.59 -4.48 -45.69
N ILE E 645 -36.64 -5.31 -45.63
CA ILE E 645 -37.39 -5.53 -44.40
C ILE E 645 -36.63 -6.44 -43.43
N LYS E 662 -30.78 -3.06 -30.47
CA LYS E 662 -31.60 -3.34 -31.64
C LYS E 662 -33.08 -3.20 -31.33
N MET E 663 -33.73 -2.21 -31.94
CA MET E 663 -35.19 -2.02 -31.82
C MET E 663 -35.81 -1.66 -33.18
N ASP E 664 -37.13 -1.57 -33.19
CA ASP E 664 -37.90 -1.24 -34.41
C ASP E 664 -38.82 -0.04 -34.17
N TYR E 665 -39.28 0.55 -35.27
CA TYR E 665 -40.09 1.77 -35.23
C TYR E 665 -41.16 1.76 -36.33
N ASP E 666 -42.09 2.70 -36.23
CA ASP E 666 -43.13 2.91 -37.24
C ASP E 666 -42.98 4.31 -37.84
N ALA E 667 -42.74 4.36 -39.15
CA ALA E 667 -42.58 5.63 -39.86
C ALA E 667 -42.88 5.45 -41.35
N VAL E 668 -43.51 6.46 -41.94
CA VAL E 668 -43.83 6.46 -43.37
C VAL E 668 -42.56 6.75 -44.17
N SER E 669 -42.34 5.96 -45.23
CA SER E 669 -41.16 6.12 -46.09
C SER E 669 -41.35 7.26 -47.08
N GLY E 670 -40.96 8.46 -46.65
CA GLY E 670 -40.98 9.67 -47.49
C GLY E 670 -39.58 10.03 -47.96
N THR E 671 -39.42 11.27 -48.43
CA THR E 671 -38.14 11.77 -48.92
C THR E 671 -37.08 11.93 -47.80
N HIS E 672 -37.54 12.10 -46.57
CA HIS E 672 -36.64 12.21 -45.41
C HIS E 672 -36.02 10.87 -45.00
N SER E 673 -36.56 9.75 -45.50
CA SER E 673 -35.95 8.44 -45.33
C SER E 673 -34.78 8.26 -46.31
N TRP E 674 -33.64 8.88 -45.98
CA TRP E 674 -32.45 8.89 -46.82
C TRP E 674 -31.32 8.09 -46.17
N ARG E 675 -30.21 7.92 -46.89
CA ARG E 675 -29.06 7.13 -46.44
C ARG E 675 -27.78 7.98 -46.44
N THR E 676 -26.89 7.69 -45.49
CA THR E 676 -25.60 8.37 -45.37
C THR E 676 -24.55 7.70 -46.26
N LYS E 677 -23.47 8.43 -46.54
CA LYS E 677 -22.35 7.92 -47.34
C LYS E 677 -21.54 6.86 -46.57
N ARG E 678 -21.01 5.87 -47.29
CA ARG E 678 -20.09 4.88 -46.72
C ARG E 678 -18.76 5.53 -46.34
N ASN E 679 -18.23 5.17 -45.16
CA ASN E 679 -16.98 5.73 -44.66
C ASN E 679 -15.77 5.16 -45.40
N ARG E 680 -15.41 5.81 -46.51
CA ARG E 680 -14.26 5.42 -47.34
C ARG E 680 -13.02 6.34 -47.20
N SER E 681 -13.23 7.61 -46.84
CA SER E 681 -12.13 8.58 -46.76
C SER E 681 -11.24 8.36 -45.54
N ILE E 682 -10.31 7.42 -45.67
CA ILE E 682 -9.32 7.10 -44.64
C ILE E 682 -8.00 7.78 -45.03
N LEU E 683 -7.11 7.97 -44.06
CA LEU E 683 -5.71 8.44 -44.26
C LEU E 683 -5.16 8.22 -45.68
N ASN E 684 -5.41 9.19 -46.56
CA ASN E 684 -5.04 9.14 -47.99
C ASN E 684 -5.01 7.73 -48.59
N THR E 685 -6.13 7.02 -48.39
CA THR E 685 -6.30 5.65 -48.87
C THR E 685 -7.35 5.67 -49.97
N ASP E 686 -6.88 5.62 -51.22
CA ASP E 686 -7.76 5.52 -52.39
C ASP E 686 -8.28 4.09 -52.47
N GLN E 687 -9.60 3.93 -52.34
CA GLN E 687 -10.24 2.61 -52.24
C GLN E 687 -11.11 2.26 -53.46
N ARG E 688 -10.67 2.69 -54.65
CA ARG E 688 -11.40 2.40 -55.91
C ARG E 688 -11.68 0.91 -56.11
N ASN E 689 -10.65 0.08 -55.91
CA ASN E 689 -10.76 -1.37 -56.10
C ASN E 689 -11.60 -2.08 -55.05
N MET E 690 -11.56 -1.59 -53.81
CA MET E 690 -12.46 -2.04 -52.73
C MET E 690 -13.93 -1.84 -53.09
N ILE E 691 -14.26 -0.66 -53.58
CA ILE E 691 -15.63 -0.29 -53.92
C ILE E 691 -16.09 -0.99 -55.21
N LEU E 692 -15.15 -1.35 -56.09
CA LEU E 692 -15.49 -2.09 -57.33
C LEU E 692 -16.08 -3.46 -57.02
N GLU E 693 -15.48 -4.17 -56.06
CA GLU E 693 -15.98 -5.45 -55.58
C GLU E 693 -17.35 -5.28 -54.92
N GLU E 694 -17.49 -4.21 -54.13
CA GLU E 694 -18.74 -3.88 -53.45
C GLU E 694 -19.87 -3.53 -54.42
N GLN E 695 -19.53 -2.81 -55.49
CA GLN E 695 -20.48 -2.49 -56.58
C GLN E 695 -20.81 -3.71 -57.45
N CYS E 696 -19.83 -4.58 -57.66
CA CYS E 696 -20.02 -5.80 -58.45
C CYS E 696 -21.11 -6.71 -57.87
N TYR E 697 -21.07 -6.91 -56.55
CA TYR E 697 -22.13 -7.63 -55.84
C TYR E 697 -23.45 -6.84 -55.81
N ALA E 698 -23.35 -5.52 -55.64
CA ALA E 698 -24.52 -4.64 -55.65
C ALA E 698 -25.29 -4.68 -56.98
N LYS E 699 -24.56 -4.65 -58.08
CA LYS E 699 -25.16 -4.75 -59.43
C LYS E 699 -25.86 -6.10 -59.67
N CYS E 700 -25.20 -7.18 -59.27
CA CYS E 700 -25.75 -8.54 -59.39
C CYS E 700 -27.02 -8.74 -58.53
N CYS E 701 -26.99 -8.22 -57.31
CA CYS E 701 -28.12 -8.33 -56.39
C CYS E 701 -29.33 -7.49 -56.80
N ASN E 702 -29.09 -6.28 -57.33
CA ASN E 702 -30.17 -5.41 -57.81
C ASN E 702 -30.93 -5.99 -59.00
N LEU E 703 -30.20 -6.58 -59.95
CA LEU E 703 -30.81 -7.22 -61.12
C LEU E 703 -31.58 -8.49 -60.75
N PHE E 704 -31.10 -9.21 -59.73
CA PHE E 704 -31.83 -10.36 -59.17
C PHE E 704 -33.14 -9.91 -58.50
N GLU E 705 -33.09 -8.80 -57.78
CA GLU E 705 -34.29 -8.20 -57.16
C GLU E 705 -35.28 -7.65 -58.18
N ALA E 706 -34.77 -7.17 -59.32
CA ALA E 706 -35.62 -6.76 -60.45
C ALA E 706 -36.36 -7.95 -61.07
N CYS E 707 -35.64 -9.06 -61.25
CA CYS E 707 -36.23 -10.30 -61.77
C CYS E 707 -37.18 -10.93 -60.77
N PHE E 708 -36.67 -11.20 -59.56
CA PHE E 708 -37.46 -11.75 -58.45
C PHE E 708 -37.78 -10.65 -57.44
N ASN E 709 -39.00 -10.11 -57.51
CA ASN E 709 -39.42 -8.99 -56.66
C ASN E 709 -39.56 -9.33 -55.16
N SER E 710 -39.87 -10.59 -54.87
CA SER E 710 -40.00 -11.06 -53.48
C SER E 710 -38.67 -11.20 -52.73
N ALA E 711 -37.55 -11.22 -53.47
CA ALA E 711 -36.21 -11.36 -52.86
C ALA E 711 -35.86 -10.32 -51.78
N SER E 712 -36.41 -9.12 -51.91
CA SER E 712 -36.29 -8.10 -50.88
C SER E 712 -37.04 -8.48 -49.60
N TYR E 713 -38.25 -9.00 -49.76
CA TYR E 713 -39.09 -9.41 -48.63
C TYR E 713 -38.65 -10.77 -48.07
N ARG E 714 -38.76 -11.81 -48.88
CA ARG E 714 -38.52 -13.20 -48.47
C ARG E 714 -37.13 -13.66 -48.88
N LYS E 715 -36.57 -14.59 -48.11
CA LYS E 715 -35.27 -15.18 -48.40
C LYS E 715 -35.43 -16.15 -49.58
N PRO E 716 -34.71 -15.92 -50.70
CA PRO E 716 -34.77 -16.92 -51.79
C PRO E 716 -34.02 -18.21 -51.45
N VAL E 717 -34.47 -19.32 -52.03
CA VAL E 717 -33.90 -20.65 -51.77
C VAL E 717 -33.51 -21.30 -53.10
N GLY E 718 -32.39 -22.04 -53.08
CA GLY E 718 -31.90 -22.75 -54.27
C GLY E 718 -30.40 -22.99 -54.23
N GLN E 719 -29.99 -24.23 -54.47
CA GLN E 719 -28.58 -24.60 -54.57
C GLN E 719 -28.04 -24.39 -55.99
N HIS E 720 -28.95 -24.44 -56.97
CA HIS E 720 -28.65 -24.08 -58.36
C HIS E 720 -28.08 -22.65 -58.53
N SER E 721 -27.57 -22.39 -59.73
CA SER E 721 -26.87 -21.13 -60.04
C SER E 721 -27.80 -19.90 -60.01
N MET E 722 -27.24 -18.77 -59.59
CA MET E 722 -27.99 -17.50 -59.51
C MET E 722 -28.36 -16.96 -60.89
N LEU E 723 -27.49 -17.21 -61.88
CA LEU E 723 -27.79 -16.91 -63.29
C LEU E 723 -28.93 -17.78 -63.81
N GLU E 724 -28.88 -19.08 -63.48
CA GLU E 724 -29.88 -20.06 -63.94
C GLU E 724 -31.30 -19.71 -63.47
N ALA E 725 -31.42 -19.19 -62.25
CA ALA E 725 -32.70 -18.70 -61.74
C ALA E 725 -33.23 -17.51 -62.53
N MET E 726 -32.34 -16.58 -62.88
CA MET E 726 -32.68 -15.38 -63.65
C MET E 726 -32.95 -15.69 -65.13
N ALA E 727 -32.13 -16.56 -65.71
CA ALA E 727 -32.25 -16.94 -67.13
C ALA E 727 -33.56 -17.66 -67.43
N HIS E 728 -33.89 -18.66 -66.61
CA HIS E 728 -35.15 -19.39 -66.73
C HIS E 728 -36.37 -18.53 -66.40
N ARG E 729 -36.20 -17.54 -65.52
CA ARG E 729 -37.28 -16.59 -65.19
C ARG E 729 -37.57 -15.65 -66.36
N LEU E 730 -36.51 -15.03 -66.89
CA LEU E 730 -36.64 -14.07 -68.01
C LEU E 730 -37.08 -14.71 -69.33
N ARG E 731 -36.85 -16.01 -69.49
CA ARG E 731 -37.36 -16.76 -70.66
C ARG E 731 -38.88 -16.88 -70.61
N MET E 732 -39.41 -17.24 -69.42
CA MET E 732 -40.85 -17.34 -69.20
C MET E 732 -41.54 -15.97 -69.24
N ASP E 733 -40.83 -14.92 -68.79
CA ASP E 733 -41.32 -13.55 -68.93
C ASP E 733 -41.48 -13.16 -70.39
N ALA E 734 -40.50 -13.55 -71.22
CA ALA E 734 -40.54 -13.29 -72.67
C ALA E 734 -41.65 -14.06 -73.39
N ARG E 735 -41.85 -15.33 -73.04
CA ARG E 735 -42.86 -16.18 -73.68
C ARG E 735 -44.29 -15.70 -73.37
N LEU E 736 -44.57 -15.42 -72.10
CA LEU E 736 -45.89 -14.98 -71.66
C LEU E 736 -46.22 -13.55 -72.13
N ASP E 737 -45.21 -12.69 -72.24
CA ASP E 737 -45.38 -11.34 -72.80
C ASP E 737 -45.73 -11.36 -74.29
N TYR E 738 -45.16 -12.32 -75.03
CA TYR E 738 -45.42 -12.46 -76.47
C TYR E 738 -46.84 -12.97 -76.74
N GLU E 739 -47.23 -14.05 -76.09
CA GLU E 739 -48.53 -14.70 -76.32
C GLU E 739 -49.71 -13.85 -75.85
N SER E 740 -49.57 -13.21 -74.69
CA SER E 740 -50.60 -12.31 -74.14
C SER E 740 -50.75 -11.02 -74.96
N GLY E 741 -49.66 -10.58 -75.60
CA GLY E 741 -49.68 -9.41 -76.46
C GLY E 741 -49.13 -8.14 -75.81
N ARG E 742 -47.98 -8.27 -75.16
CA ARG E 742 -47.24 -7.14 -74.59
C ARG E 742 -46.11 -6.74 -75.53
N MET E 743 -45.26 -7.71 -75.86
CA MET E 743 -44.18 -7.52 -76.85
C MET E 743 -44.70 -7.80 -78.26
N SER E 744 -44.03 -7.19 -79.24
CA SER E 744 -44.30 -7.45 -80.66
C SER E 744 -43.54 -8.71 -81.11
N LYS E 745 -43.76 -9.11 -82.35
CA LYS E 745 -43.07 -10.27 -82.95
C LYS E 745 -41.54 -10.11 -83.01
N ASP E 746 -41.07 -8.87 -83.17
CA ASP E 746 -39.64 -8.58 -83.18
C ASP E 746 -39.03 -8.73 -81.80
N ASP E 747 -39.53 -7.94 -80.84
CA ASP E 747 -38.99 -7.87 -79.47
C ASP E 747 -38.86 -9.23 -78.78
N PHE E 748 -39.79 -10.14 -79.07
CA PHE E 748 -39.71 -11.53 -78.60
C PHE E 748 -38.51 -12.27 -79.20
N GLU E 749 -38.31 -12.11 -80.51
CA GLU E 749 -37.19 -12.74 -81.22
C GLU E 749 -35.81 -12.17 -80.84
N LYS E 750 -35.76 -10.86 -80.55
CA LYS E 750 -34.54 -10.23 -80.01
C LYS E 750 -34.27 -10.72 -78.58
N ALA E 751 -35.32 -10.84 -77.78
CA ALA E 751 -35.21 -11.33 -76.40
C ALA E 751 -34.78 -12.79 -76.34
N MET E 752 -35.42 -13.63 -77.14
CA MET E 752 -35.04 -15.05 -77.26
C MET E 752 -33.63 -15.26 -77.82
N ALA E 753 -33.18 -14.34 -78.68
CA ALA E 753 -31.82 -14.36 -79.21
C ALA E 753 -30.78 -14.11 -78.12
N HIS E 754 -31.01 -13.09 -77.29
CA HIS E 754 -30.09 -12.74 -76.20
C HIS E 754 -29.90 -13.88 -75.18
N LEU E 755 -30.97 -14.62 -74.89
CA LEU E 755 -30.91 -15.77 -74.00
C LEU E 755 -30.16 -16.97 -74.61
N GLY E 756 -30.29 -17.17 -75.92
CA GLY E 756 -29.57 -18.21 -76.65
C GLY E 756 -28.06 -18.14 -76.49
N GLU E 757 -27.53 -16.92 -76.42
CA GLU E 757 -26.10 -16.70 -76.14
C GLU E 757 -25.68 -17.14 -74.74
N ILE E 758 -26.53 -16.82 -73.75
CA ILE E 758 -26.21 -17.01 -72.34
C ILE E 758 -26.17 -18.51 -72.01
N MET F 10 -40.36 -4.14 -70.14
CA MET F 10 -39.47 -4.36 -68.96
C MET F 10 -38.59 -5.61 -69.10
N THR F 11 -39.18 -6.70 -69.59
CA THR F 11 -38.45 -7.97 -69.80
C THR F 11 -37.26 -7.80 -70.76
N LEU F 12 -37.46 -7.01 -71.81
CA LEU F 12 -36.39 -6.69 -72.76
C LEU F 12 -35.26 -5.90 -72.10
N ALA F 13 -35.63 -4.94 -71.24
CA ALA F 13 -34.65 -4.13 -70.51
C ALA F 13 -33.81 -4.95 -69.52
N LYS F 14 -34.45 -5.90 -68.83
CA LYS F 14 -33.75 -6.80 -67.91
C LYS F 14 -32.74 -7.70 -68.63
N ILE F 15 -33.15 -8.26 -69.77
CA ILE F 15 -32.30 -9.17 -70.55
C ILE F 15 -31.11 -8.44 -71.16
N GLU F 16 -31.35 -7.24 -71.70
CA GLU F 16 -30.27 -6.39 -72.25
C GLU F 16 -29.23 -6.01 -71.19
N LEU F 17 -29.69 -5.73 -69.97
CA LEU F 17 -28.80 -5.46 -68.84
C LEU F 17 -28.08 -6.72 -68.36
N LEU F 18 -28.76 -7.86 -68.38
CA LEU F 18 -28.16 -9.15 -68.01
C LEU F 18 -27.03 -9.56 -68.95
N LYS F 19 -27.25 -9.38 -70.26
CA LYS F 19 -26.21 -9.65 -71.27
C LYS F 19 -25.00 -8.75 -71.07
N GLN F 20 -25.24 -7.44 -70.98
CA GLN F 20 -24.18 -6.44 -70.81
C GLN F 20 -23.44 -6.56 -69.46
N LEU F 21 -24.12 -7.10 -68.45
CA LEU F 21 -23.47 -7.44 -67.18
C LEU F 21 -22.56 -8.67 -67.32
N LEU F 22 -23.05 -9.69 -68.04
CA LEU F 22 -22.28 -10.94 -68.26
C LEU F 22 -21.02 -10.76 -69.13
N ARG F 23 -20.98 -9.71 -69.95
CA ARG F 23 -19.77 -9.36 -70.72
C ARG F 23 -18.56 -9.10 -69.81
N ASP F 24 -18.80 -8.42 -68.69
CA ASP F 24 -17.78 -8.23 -67.65
C ASP F 24 -17.44 -9.58 -67.01
N ASN F 25 -16.15 -9.94 -67.04
CA ASN F 25 -15.70 -11.25 -66.57
C ASN F 25 -15.78 -11.40 -65.04
N GLU F 26 -15.68 -10.29 -64.31
CA GLU F 26 -15.84 -10.29 -62.85
C GLU F 26 -17.27 -10.61 -62.44
N ALA F 27 -18.24 -9.93 -63.07
CA ALA F 27 -19.67 -10.16 -62.82
C ALA F 27 -20.13 -11.56 -63.27
N LYS F 28 -19.53 -12.07 -64.34
CA LYS F 28 -19.84 -13.41 -64.84
C LYS F 28 -19.41 -14.51 -63.86
N THR F 29 -18.24 -14.34 -63.25
CA THR F 29 -17.73 -15.25 -62.20
C THR F 29 -18.62 -15.24 -60.93
N VAL F 30 -19.24 -14.10 -60.63
CA VAL F 30 -20.17 -13.98 -59.49
C VAL F 30 -21.48 -14.74 -59.76
N LEU F 31 -22.14 -14.41 -60.87
CA LEU F 31 -23.47 -14.97 -61.17
C LEU F 31 -23.49 -16.48 -61.41
N LYS F 32 -22.40 -17.03 -61.95
CA LYS F 32 -22.30 -18.48 -62.19
C LYS F 32 -22.00 -19.26 -60.91
N GLN F 33 -21.00 -18.82 -60.14
CA GLN F 33 -20.57 -19.52 -58.93
C GLN F 33 -21.52 -19.33 -57.74
N THR F 34 -22.01 -18.11 -57.53
CA THR F 34 -22.90 -17.80 -56.42
C THR F 34 -24.26 -18.50 -56.60
N THR F 35 -24.72 -19.19 -55.56
CA THR F 35 -26.01 -19.88 -55.56
C THR F 35 -27.15 -18.93 -55.21
N VAL F 36 -28.39 -19.41 -55.33
CA VAL F 36 -29.57 -18.62 -54.97
C VAL F 36 -29.70 -18.51 -53.44
N ASP F 37 -29.17 -19.49 -52.71
CA ASP F 37 -29.01 -19.39 -51.25
C ASP F 37 -28.04 -18.25 -50.90
N GLN F 38 -26.89 -18.25 -51.56
CA GLN F 38 -25.81 -17.29 -51.29
C GLN F 38 -26.10 -15.84 -51.70
N TYR F 39 -27.16 -15.61 -52.49
CA TYR F 39 -27.66 -14.24 -52.75
C TYR F 39 -27.80 -13.42 -51.46
N ASN F 40 -28.36 -14.05 -50.42
CA ASN F 40 -28.55 -13.42 -49.12
C ASN F 40 -27.26 -12.91 -48.49
N ILE F 41 -26.17 -13.66 -48.69
CA ILE F 41 -24.87 -13.31 -48.15
C ILE F 41 -24.24 -12.15 -48.93
N ILE F 42 -24.21 -12.27 -50.26
CA ILE F 42 -23.61 -11.24 -51.12
C ILE F 42 -24.37 -9.90 -51.18
N ARG F 43 -25.64 -9.89 -50.76
CA ARG F 43 -26.40 -8.64 -50.65
C ARG F 43 -25.83 -7.77 -49.52
N LYS F 44 -25.50 -8.39 -48.40
CA LYS F 44 -24.96 -7.68 -47.23
C LYS F 44 -23.42 -7.51 -47.24
N PHE F 45 -22.77 -7.72 -48.38
CA PHE F 45 -21.33 -7.52 -48.51
C PHE F 45 -20.99 -6.02 -48.44
N ASN F 46 -20.46 -5.60 -47.29
CA ASN F 46 -19.99 -4.23 -47.07
C ASN F 46 -18.54 -4.26 -46.62
N THR F 47 -17.66 -3.57 -47.35
CA THR F 47 -16.23 -3.64 -47.10
C THR F 47 -15.74 -2.67 -46.01
N SER F 48 -16.46 -1.57 -45.80
CA SER F 48 -15.97 -0.48 -44.93
C SER F 48 -15.93 -0.86 -43.44
N ARG F 49 -16.96 -0.53 -42.65
CA ARG F 49 -16.95 -0.89 -41.21
C ARG F 49 -18.28 -0.64 -40.55
N ILE F 50 -18.55 -1.39 -39.49
CA ILE F 50 -19.74 -1.18 -38.65
C ILE F 50 -19.51 0.07 -37.81
N GLU F 51 -20.47 1.00 -37.88
CA GLU F 51 -20.37 2.28 -37.17
C GLU F 51 -20.72 2.10 -35.69
N LYS F 52 -19.71 2.28 -34.83
CA LYS F 52 -19.85 2.09 -33.38
C LYS F 52 -20.41 3.31 -32.63
N ASN F 53 -20.58 4.44 -33.31
CA ASN F 53 -21.11 5.67 -32.70
C ASN F 53 -21.89 6.49 -33.74
N PRO F 54 -23.15 6.08 -34.04
CA PRO F 54 -23.95 6.71 -35.09
C PRO F 54 -24.50 8.10 -34.73
N SER F 55 -24.82 8.33 -33.45
CA SER F 55 -25.25 9.65 -32.97
C SER F 55 -24.16 10.70 -33.13
N LEU F 56 -22.91 10.31 -32.86
CA LEU F 56 -21.74 11.17 -33.08
C LEU F 56 -21.51 11.43 -34.56
N ARG F 57 -21.47 10.36 -35.35
CA ARG F 57 -21.15 10.43 -36.78
C ARG F 57 -22.23 11.15 -37.59
N MET F 58 -23.48 11.11 -37.13
CA MET F 58 -24.55 11.88 -37.74
C MET F 58 -24.31 13.37 -37.50
N LYS F 59 -24.14 13.75 -36.24
CA LYS F 59 -23.83 15.15 -35.86
C LYS F 59 -22.55 15.68 -36.52
N TRP F 60 -21.57 14.79 -36.69
CA TRP F 60 -20.33 15.11 -37.43
C TRP F 60 -20.61 15.31 -38.93
N ALA F 61 -21.40 14.40 -39.51
CA ALA F 61 -21.71 14.42 -40.95
C ALA F 61 -22.54 15.62 -41.39
N MET F 62 -23.43 16.11 -40.52
CA MET F 62 -24.26 17.28 -40.83
C MET F 62 -23.45 18.57 -40.90
N CYS F 63 -22.36 18.65 -40.13
CA CYS F 63 -21.44 19.79 -40.18
C CYS F 63 -20.66 19.88 -41.49
N SER F 64 -20.32 18.74 -42.08
CA SER F 64 -19.68 18.69 -43.40
C SER F 64 -20.68 19.00 -44.53
N ASN F 65 -20.15 19.22 -45.74
CA ASN F 65 -20.95 19.73 -46.86
C ASN F 65 -21.94 18.73 -47.46
N PHE F 66 -21.41 17.61 -47.98
CA PHE F 66 -22.22 16.63 -48.75
C PHE F 66 -22.20 15.23 -48.11
N PRO F 67 -22.91 15.06 -46.97
CA PRO F 67 -22.96 13.75 -46.31
C PRO F 67 -23.90 12.72 -46.97
N LEU F 68 -24.99 13.19 -47.59
CA LEU F 68 -26.03 12.31 -48.14
C LEU F 68 -25.59 11.66 -49.45
N ALA F 69 -26.40 10.68 -49.90
CA ALA F 69 -26.16 9.96 -51.15
C ALA F 69 -27.43 9.94 -52.00
N LEU F 70 -27.28 10.16 -53.31
CA LEU F 70 -28.39 10.14 -54.27
C LEU F 70 -28.36 8.86 -55.10
N THR F 71 -29.53 8.27 -55.34
CA THR F 71 -29.66 7.11 -56.22
C THR F 71 -29.62 7.57 -57.67
N LYS F 72 -28.83 6.87 -58.49
CA LYS F 72 -28.66 7.22 -59.90
C LYS F 72 -29.91 6.84 -60.69
N GLY F 73 -30.60 7.85 -61.25
CA GLY F 73 -31.81 7.62 -62.02
C GLY F 73 -32.26 8.83 -62.83
N ASP F 74 -33.49 8.76 -63.33
CA ASP F 74 -34.07 9.80 -64.17
C ASP F 74 -34.41 11.05 -63.36
N MET F 75 -34.99 10.85 -62.17
CA MET F 75 -35.44 11.93 -61.31
C MET F 75 -34.29 12.63 -60.57
N ALA F 76 -33.17 11.93 -60.37
CA ALA F 76 -32.00 12.50 -59.68
C ALA F 76 -31.35 13.69 -60.42
N ASN F 77 -31.48 13.72 -61.75
CA ASN F 77 -30.96 14.82 -62.57
C ASN F 77 -31.86 16.08 -62.59
N ARG F 78 -33.04 16.01 -61.97
CA ARG F 78 -33.93 17.16 -61.83
C ARG F 78 -33.37 18.22 -60.87
N ILE F 79 -32.56 17.78 -59.90
CA ILE F 79 -31.93 18.67 -58.92
C ILE F 79 -30.72 19.33 -59.57
N PRO F 80 -30.63 20.69 -59.51
CA PRO F 80 -29.46 21.37 -60.09
C PRO F 80 -28.20 21.24 -59.21
N LEU F 81 -27.04 21.58 -59.79
CA LEU F 81 -25.77 21.55 -59.06
C LEU F 81 -25.71 22.59 -57.92
N GLU F 82 -26.41 23.71 -58.09
CA GLU F 82 -26.57 24.70 -57.04
C GLU F 82 -27.92 25.41 -57.11
N TYR F 83 -28.23 26.20 -56.09
CA TYR F 83 -29.45 27.00 -56.03
C TYR F 83 -29.29 28.21 -55.11
N LYS F 84 -29.11 29.39 -55.72
CA LYS F 84 -28.95 30.66 -55.01
C LYS F 84 -27.72 30.66 -54.08
N GLY F 85 -26.58 30.26 -54.63
CA GLY F 85 -25.32 30.20 -53.89
C GLY F 85 -25.19 29.08 -52.87
N ILE F 86 -26.04 28.05 -53.00
CA ILE F 86 -26.03 26.90 -52.09
C ILE F 86 -25.73 25.65 -52.92
N GLN F 87 -24.60 24.99 -52.62
CA GLN F 87 -24.18 23.79 -53.35
C GLN F 87 -25.05 22.60 -52.92
N LEU F 88 -25.90 22.13 -53.83
CA LEU F 88 -26.83 21.05 -53.54
C LEU F 88 -26.17 19.68 -53.68
N LYS F 89 -25.66 19.38 -54.87
CA LYS F 89 -25.05 18.07 -55.17
C LYS F 89 -23.67 18.18 -55.81
N THR F 90 -23.01 17.02 -55.93
CA THR F 90 -21.67 16.91 -56.54
C THR F 90 -21.60 15.71 -57.46
N MET F 101 -23.77 11.84 -54.59
CA MET F 101 -23.70 12.50 -53.29
C MET F 101 -24.35 13.89 -53.31
N CYS F 102 -24.84 14.33 -52.15
CA CYS F 102 -25.47 15.64 -52.01
C CYS F 102 -25.53 16.13 -50.57
N SER F 103 -25.90 17.40 -50.40
CA SER F 103 -26.06 18.02 -49.09
C SER F 103 -27.48 17.84 -48.57
N ILE F 104 -27.68 18.18 -47.29
CA ILE F 104 -29.02 18.17 -46.66
C ILE F 104 -29.99 19.18 -47.26
N ALA F 105 -29.47 20.26 -47.85
CA ALA F 105 -30.27 21.26 -48.57
C ALA F 105 -30.96 20.70 -49.82
N ALA F 106 -30.37 19.67 -50.43
CA ALA F 106 -30.98 18.98 -51.57
C ALA F 106 -32.32 18.31 -51.23
N VAL F 107 -32.44 17.80 -50.00
CA VAL F 107 -33.68 17.17 -49.52
C VAL F 107 -34.78 18.22 -49.37
N THR F 108 -34.44 19.36 -48.78
CA THR F 108 -35.38 20.47 -48.60
C THR F 108 -35.79 21.10 -49.94
N TRP F 109 -34.84 21.18 -50.88
CA TRP F 109 -35.12 21.68 -52.23
C TRP F 109 -36.16 20.81 -52.96
N TRP F 110 -36.06 19.49 -52.78
CA TRP F 110 -37.01 18.55 -53.40
C TRP F 110 -38.45 18.80 -52.93
N ASN F 111 -38.62 18.96 -51.62
CA ASN F 111 -39.96 19.21 -51.05
C ASN F 111 -40.53 20.59 -51.39
N THR F 112 -39.66 21.55 -51.71
CA THR F 112 -40.06 22.91 -52.08
C THR F 112 -40.28 23.05 -53.59
N TYR F 113 -39.26 22.72 -54.37
CA TYR F 113 -39.27 22.91 -55.83
C TYR F 113 -38.92 21.62 -56.57
N GLY F 114 -39.69 20.56 -56.31
CA GLY F 114 -39.51 19.26 -56.95
C GLY F 114 -40.75 18.78 -57.68
N PRO F 115 -40.70 17.54 -58.24
CA PRO F 115 -41.82 17.00 -59.01
C PRO F 115 -42.98 16.54 -58.12
N ILE F 116 -44.19 17.02 -58.41
CA ILE F 116 -45.39 16.66 -57.65
C ILE F 116 -45.87 15.27 -58.09
N GLY F 117 -45.42 14.25 -57.36
CA GLY F 117 -45.68 12.85 -57.70
C GLY F 117 -47.08 12.37 -57.37
N ASP F 118 -47.36 11.13 -57.76
CA ASP F 118 -48.66 10.50 -57.54
C ASP F 118 -48.73 9.92 -56.13
N THR F 119 -49.74 10.37 -55.37
CA THR F 119 -49.98 9.88 -54.00
C THR F 119 -51.42 9.37 -53.87
N GLU F 120 -51.81 8.48 -54.78
CA GLU F 120 -53.12 7.84 -54.77
C GLU F 120 -52.97 6.44 -54.18
N GLY F 121 -53.91 6.06 -53.32
CA GLY F 121 -53.85 4.79 -52.58
C GLY F 121 -52.95 4.82 -51.36
N PHE F 122 -52.45 6.01 -50.99
CA PHE F 122 -51.58 6.18 -49.81
C PHE F 122 -52.30 5.80 -48.51
N GLU F 123 -53.58 6.14 -48.42
CA GLU F 123 -54.39 5.82 -47.25
C GLU F 123 -54.71 4.33 -47.12
N ARG F 124 -54.84 3.63 -48.25
CA ARG F 124 -55.06 2.17 -48.25
C ARG F 124 -53.80 1.36 -47.93
N VAL F 125 -52.63 1.86 -48.33
CA VAL F 125 -51.35 1.22 -48.00
C VAL F 125 -51.05 1.38 -46.51
N TYR F 126 -51.07 2.62 -46.04
CA TYR F 126 -50.88 2.94 -44.63
C TYR F 126 -52.22 3.01 -43.89
N GLU F 127 -53.03 1.96 -44.04
CA GLU F 127 -54.37 1.88 -43.44
C GLU F 127 -54.27 1.63 -41.93
N SER F 128 -53.30 0.81 -41.52
CA SER F 128 -53.05 0.50 -40.11
C SER F 128 -52.78 1.75 -39.26
N PHE F 129 -51.98 2.67 -39.78
CA PHE F 129 -51.60 3.89 -39.04
C PHE F 129 -52.74 4.91 -38.93
N PHE F 130 -53.59 5.02 -39.95
CA PHE F 130 -54.76 5.91 -39.88
C PHE F 130 -55.81 5.42 -38.86
N LEU F 131 -55.87 4.11 -38.65
CA LEU F 131 -56.73 3.53 -37.62
C LEU F 131 -56.29 3.88 -36.20
N ARG F 132 -54.98 4.06 -35.98
CA ARG F 132 -54.45 4.57 -34.71
C ARG F 132 -54.92 6.01 -34.46
N LYS F 133 -54.89 6.82 -35.52
CA LYS F 133 -55.27 8.24 -35.44
C LYS F 133 -56.75 8.39 -35.09
N MET F 134 -57.63 7.71 -35.85
CA MET F 134 -59.07 7.81 -35.60
C MET F 134 -59.50 7.21 -34.25
N ARG F 135 -58.76 6.23 -33.75
CA ARG F 135 -58.97 5.71 -32.38
C ARG F 135 -58.71 6.79 -31.33
N LEU F 136 -57.64 7.57 -31.51
CA LEU F 136 -57.30 8.69 -30.62
C LEU F 136 -58.24 9.87 -30.83
N ASP F 137 -58.44 10.26 -32.09
CA ASP F 137 -59.27 11.42 -32.45
C ASP F 137 -60.72 11.27 -31.95
N ASN F 138 -61.31 10.10 -32.18
CA ASN F 138 -62.69 9.83 -31.76
C ASN F 138 -62.83 9.42 -30.28
N ALA F 139 -61.72 9.14 -29.61
CA ALA F 139 -61.75 8.76 -28.18
C ALA F 139 -62.21 9.92 -27.29
N THR F 140 -62.79 9.54 -26.14
CA THR F 140 -63.20 10.50 -25.11
C THR F 140 -62.43 10.21 -23.83
N TRP F 141 -61.66 11.18 -23.37
CA TRP F 141 -60.84 11.04 -22.17
C TRP F 141 -61.66 11.28 -20.92
N GLY F 142 -61.62 10.33 -19.98
CA GLY F 142 -62.34 10.43 -18.71
C GLY F 142 -61.58 11.22 -17.65
N ARG F 143 -61.83 10.89 -16.39
CA ARG F 143 -61.19 11.58 -15.25
C ARG F 143 -59.75 11.12 -15.03
N ILE F 144 -58.97 11.98 -14.38
CA ILE F 144 -57.69 11.60 -13.78
C ILE F 144 -57.88 11.48 -12.25
N THR F 145 -57.23 10.49 -11.65
CA THR F 145 -57.28 10.28 -10.21
C THR F 145 -55.91 9.81 -9.71
N PHE F 146 -55.40 10.51 -8.69
CA PHE F 146 -54.08 10.22 -8.13
C PHE F 146 -54.23 9.25 -6.96
N GLY F 147 -53.49 8.14 -7.00
CA GLY F 147 -53.61 7.08 -6.01
C GLY F 147 -52.79 5.86 -6.40
N PRO F 148 -52.72 4.86 -5.49
CA PRO F 148 -51.88 3.68 -5.76
C PRO F 148 -52.37 2.83 -6.92
N VAL F 149 -51.43 2.21 -7.64
CA VAL F 149 -51.73 1.37 -8.81
C VAL F 149 -50.84 0.13 -8.78
N GLU F 150 -51.44 -1.04 -8.65
CA GLU F 150 -50.72 -2.31 -8.78
C GLU F 150 -50.59 -2.66 -10.25
N ARG F 151 -49.40 -2.46 -10.81
CA ARG F 151 -49.12 -2.75 -12.20
C ARG F 151 -48.56 -4.16 -12.32
N VAL F 152 -49.34 -5.06 -12.92
CA VAL F 152 -48.91 -6.45 -13.11
C VAL F 152 -48.26 -6.56 -14.48
N ARG F 153 -47.01 -7.03 -14.52
CA ARG F 153 -46.27 -7.20 -15.77
C ARG F 153 -46.72 -8.46 -16.50
N LYS F 154 -47.55 -8.29 -17.52
CA LYS F 154 -48.09 -9.40 -18.32
C LYS F 154 -47.82 -9.21 -19.81
N ARG F 155 -47.87 -10.33 -20.54
CA ARG F 155 -47.64 -10.33 -21.98
C ARG F 155 -48.90 -9.85 -22.69
N VAL F 156 -48.75 -8.89 -23.61
CA VAL F 156 -49.90 -8.26 -24.27
C VAL F 156 -49.62 -7.94 -25.73
N LEU F 157 -50.69 -7.81 -26.51
CA LEU F 157 -50.61 -7.42 -27.92
C LEU F 157 -50.43 -5.91 -28.01
N LEU F 158 -49.38 -5.46 -28.70
CA LEU F 158 -49.05 -4.05 -28.77
C LEU F 158 -50.00 -3.24 -29.65
N ASN F 159 -50.32 -3.79 -30.83
CA ASN F 159 -51.21 -3.12 -31.80
C ASN F 159 -52.26 -4.08 -32.36
N PRO F 160 -53.49 -3.57 -32.61
CA PRO F 160 -54.57 -4.42 -33.12
C PRO F 160 -54.36 -4.80 -34.58
N LEU F 161 -54.69 -6.05 -34.92
CA LEU F 161 -54.43 -6.61 -36.25
C LEU F 161 -55.72 -6.73 -37.07
N THR F 162 -55.55 -6.96 -38.37
CA THR F 162 -56.66 -7.24 -39.28
C THR F 162 -57.10 -8.68 -39.09
N LYS F 163 -56.13 -9.60 -39.13
CA LYS F 163 -56.35 -11.02 -38.84
C LYS F 163 -55.05 -11.64 -38.36
N GLU F 164 -55.04 -12.17 -37.14
CA GLU F 164 -53.81 -12.67 -36.52
C GLU F 164 -53.40 -14.03 -37.10
N MET F 165 -52.09 -14.17 -37.38
CA MET F 165 -51.50 -15.42 -37.85
C MET F 165 -50.10 -15.58 -37.27
N PRO F 166 -49.50 -16.78 -37.41
CA PRO F 166 -48.06 -16.91 -37.16
C PRO F 166 -47.22 -16.23 -38.25
N PRO F 167 -45.91 -15.98 -37.98
CA PRO F 167 -45.04 -15.38 -39.02
C PRO F 167 -44.86 -16.25 -40.29
N ASP F 168 -44.84 -17.57 -40.13
CA ASP F 168 -44.72 -18.51 -41.25
C ASP F 168 -45.94 -18.46 -42.17
N GLU F 169 -47.12 -18.49 -41.55
CA GLU F 169 -48.39 -18.45 -42.29
C GLU F 169 -48.69 -17.07 -42.87
N ALA F 170 -48.34 -16.00 -42.14
CA ALA F 170 -48.57 -14.63 -42.58
C ALA F 170 -47.76 -14.25 -43.82
N SER F 171 -46.50 -14.69 -43.85
CA SER F 171 -45.60 -14.42 -44.99
C SER F 171 -46.10 -15.03 -46.30
N ASN F 172 -46.72 -16.21 -46.22
CA ASN F 172 -47.32 -16.87 -47.38
C ASN F 172 -48.56 -16.14 -47.91
N VAL F 173 -49.33 -15.53 -47.01
CA VAL F 173 -50.49 -14.71 -47.39
C VAL F 173 -50.03 -13.40 -48.04
N ILE F 174 -49.01 -12.77 -47.46
CA ILE F 174 -48.39 -11.57 -48.03
C ILE F 174 -47.76 -11.86 -49.40
N MET F 175 -47.17 -13.05 -49.53
CA MET F 175 -46.59 -13.50 -50.80
C MET F 175 -47.63 -13.65 -51.90
N GLU F 176 -48.78 -14.27 -51.57
CA GLU F 176 -49.88 -14.43 -52.53
C GLU F 176 -50.49 -13.11 -53.01
N ILE F 177 -50.48 -12.09 -52.17
CA ILE F 177 -51.00 -10.76 -52.52
C ILE F 177 -50.05 -10.03 -53.47
N LEU F 178 -48.79 -9.90 -53.07
CA LEU F 178 -47.82 -9.03 -53.75
C LEU F 178 -47.03 -9.72 -54.86
N PHE F 179 -46.57 -10.95 -54.61
CA PHE F 179 -45.71 -11.68 -55.56
C PHE F 179 -46.27 -13.08 -55.82
N PRO F 180 -47.43 -13.18 -56.50
CA PRO F 180 -48.08 -14.49 -56.64
C PRO F 180 -47.36 -15.49 -57.54
N LYS F 181 -46.51 -15.00 -58.46
CA LYS F 181 -45.71 -15.86 -59.34
C LYS F 181 -44.57 -16.57 -58.61
N GLU F 182 -44.09 -15.98 -57.52
CA GLU F 182 -42.91 -16.47 -56.79
C GLU F 182 -43.25 -17.13 -55.45
N ALA F 183 -44.48 -17.65 -55.31
CA ALA F 183 -44.96 -18.22 -54.05
C ALA F 183 -44.40 -19.61 -53.74
N GLY F 184 -44.22 -20.43 -54.78
CA GLY F 184 -43.71 -21.78 -54.64
C GLY F 184 -44.83 -22.79 -54.49
N ILE F 185 -44.75 -23.62 -53.45
CA ILE F 185 -45.75 -24.67 -53.19
C ILE F 185 -46.99 -24.00 -52.58
N PRO F 186 -48.20 -24.23 -53.16
CA PRO F 186 -49.39 -23.61 -52.56
C PRO F 186 -49.81 -24.30 -51.26
N ARG F 187 -49.76 -23.54 -50.16
CA ARG F 187 -50.08 -24.08 -48.83
C ARG F 187 -51.59 -24.08 -48.61
N GLU F 188 -52.02 -24.71 -47.52
CA GLU F 188 -53.43 -24.71 -47.11
C GLU F 188 -53.92 -23.32 -46.70
N SER F 189 -53.01 -22.50 -46.19
CA SER F 189 -53.30 -21.11 -45.82
C SER F 189 -53.82 -20.24 -46.98
N THR F 190 -53.39 -20.55 -48.20
CA THR F 190 -53.90 -19.88 -49.42
C THR F 190 -55.42 -20.07 -49.55
N TRP F 191 -55.88 -21.29 -49.33
CA TRP F 191 -57.30 -21.62 -49.38
C TRP F 191 -58.07 -21.10 -48.16
N ILE F 192 -57.43 -21.12 -46.98
CA ILE F 192 -58.06 -20.68 -45.73
C ILE F 192 -58.34 -19.17 -45.74
N HIS F 193 -57.30 -18.38 -46.00
CA HIS F 193 -57.38 -16.92 -45.97
C HIS F 193 -57.61 -16.33 -47.37
N ARG F 194 -58.53 -16.91 -48.13
CA ARG F 194 -58.74 -16.56 -49.53
C ARG F 194 -59.47 -15.22 -49.72
N GLU F 195 -60.44 -14.95 -48.85
CA GLU F 195 -61.20 -13.69 -48.90
C GLU F 195 -60.37 -12.47 -48.49
N LEU F 196 -59.42 -12.67 -47.57
CA LEU F 196 -58.49 -11.62 -47.15
C LEU F 196 -57.48 -11.27 -48.24
N ILE F 197 -57.02 -12.29 -48.97
CA ILE F 197 -56.11 -12.08 -50.12
C ILE F 197 -56.83 -11.28 -51.20
N LYS F 198 -58.03 -11.73 -51.58
CA LYS F 198 -58.84 -11.05 -52.60
C LYS F 198 -59.13 -9.59 -52.26
N GLU F 199 -59.39 -9.30 -50.99
CA GLU F 199 -59.70 -7.93 -50.54
C GLU F 199 -58.49 -7.00 -50.70
N LYS F 200 -57.35 -7.41 -50.15
CA LYS F 200 -56.13 -6.61 -50.19
C LYS F 200 -55.50 -6.56 -51.58
N ARG F 201 -55.74 -7.59 -52.40
CA ARG F 201 -55.38 -7.58 -53.83
C ARG F 201 -56.07 -6.44 -54.58
N GLU F 202 -57.36 -6.25 -54.31
CA GLU F 202 -58.15 -5.17 -54.95
C GLU F 202 -57.79 -3.77 -54.41
N LYS F 203 -57.49 -3.68 -53.10
CA LYS F 203 -57.04 -2.41 -52.50
C LYS F 203 -55.65 -2.02 -52.99
N LEU F 204 -54.69 -2.91 -52.78
CA LEU F 204 -53.30 -2.71 -53.21
C LEU F 204 -53.13 -3.10 -54.68
N LYS F 205 -53.28 -2.12 -55.57
CA LYS F 205 -53.19 -2.35 -57.02
C LYS F 205 -52.84 -1.07 -57.77
N GLY F 206 -53.67 -0.04 -57.64
CA GLY F 206 -53.46 1.24 -58.30
C GLY F 206 -52.26 2.05 -57.80
N THR F 207 -51.82 1.78 -56.57
CA THR F 207 -50.68 2.49 -55.97
C THR F 207 -49.36 2.25 -56.73
N MET F 208 -48.50 3.27 -56.72
CA MET F 208 -47.17 3.20 -57.36
C MET F 208 -46.04 3.03 -56.33
N ILE F 209 -46.39 2.73 -55.07
CA ILE F 209 -45.41 2.57 -54.00
C ILE F 209 -44.76 1.19 -54.13
N THR F 210 -43.49 1.09 -53.74
CA THR F 210 -42.69 -0.14 -53.87
C THR F 210 -43.34 -1.33 -53.16
N PRO F 211 -43.24 -2.54 -53.75
CA PRO F 211 -43.77 -3.75 -53.09
C PRO F 211 -43.23 -4.01 -51.68
N ILE F 212 -41.93 -3.77 -51.47
CA ILE F 212 -41.29 -3.96 -50.15
C ILE F 212 -41.93 -3.09 -49.04
N VAL F 213 -42.42 -1.91 -49.41
CA VAL F 213 -43.15 -1.03 -48.47
C VAL F 213 -44.53 -1.62 -48.13
N LEU F 214 -45.20 -2.16 -49.15
CA LEU F 214 -46.52 -2.80 -48.96
C LEU F 214 -46.42 -4.03 -48.06
N ALA F 215 -45.39 -4.85 -48.30
CA ALA F 215 -45.15 -6.07 -47.52
C ALA F 215 -44.93 -5.80 -46.03
N TYR F 216 -44.27 -4.68 -45.72
CA TYR F 216 -44.11 -4.23 -44.33
C TYR F 216 -45.47 -3.89 -43.71
N MET F 217 -46.26 -3.09 -44.42
CA MET F 217 -47.58 -2.65 -43.91
C MET F 217 -48.58 -3.79 -43.73
N LEU F 218 -48.51 -4.81 -44.59
CA LEU F 218 -49.31 -6.02 -44.42
C LEU F 218 -48.82 -6.84 -43.22
N GLU F 219 -47.50 -6.91 -43.01
CA GLU F 219 -46.93 -7.63 -41.88
C GLU F 219 -47.29 -7.01 -40.52
N ARG F 220 -47.31 -5.68 -40.45
CA ARG F 220 -47.68 -4.98 -39.20
C ARG F 220 -49.17 -5.11 -38.83
N GLU F 221 -50.02 -5.46 -39.81
CA GLU F 221 -51.45 -5.74 -39.56
C GLU F 221 -51.81 -7.23 -39.68
N LEU F 222 -50.82 -8.12 -39.51
CA LEU F 222 -51.03 -9.58 -39.58
C LEU F 222 -50.16 -10.35 -38.58
N VAL F 223 -48.84 -10.16 -38.66
CA VAL F 223 -47.91 -10.74 -37.68
C VAL F 223 -48.04 -9.98 -36.36
N ALA F 224 -48.33 -10.72 -35.29
CA ALA F 224 -48.59 -10.13 -33.98
C ALA F 224 -47.30 -9.71 -33.28
N ARG F 225 -47.28 -8.48 -32.78
CA ARG F 225 -46.22 -8.03 -31.88
C ARG F 225 -46.73 -8.13 -30.45
N ARG F 226 -46.24 -9.14 -29.73
CA ARG F 226 -46.64 -9.39 -28.34
C ARG F 226 -45.41 -9.23 -27.45
N ARG F 227 -45.48 -8.30 -26.49
CA ARG F 227 -44.37 -8.03 -25.57
C ARG F 227 -44.89 -7.85 -24.14
N PHE F 228 -44.03 -8.14 -23.16
CA PHE F 228 -44.36 -7.93 -21.75
C PHE F 228 -44.35 -6.44 -21.42
N LEU F 229 -45.40 -5.99 -20.74
CA LEU F 229 -45.54 -4.59 -20.31
C LEU F 229 -46.25 -4.52 -18.96
N PRO F 230 -46.06 -3.41 -18.21
CA PRO F 230 -46.80 -3.21 -16.97
C PRO F 230 -48.25 -2.79 -17.23
N VAL F 231 -49.18 -3.69 -16.92
CA VAL F 231 -50.62 -3.51 -17.19
C VAL F 231 -51.39 -3.38 -15.88
N ALA F 232 -52.48 -2.63 -15.91
CA ALA F 232 -53.42 -2.53 -14.80
C ALA F 232 -54.83 -2.22 -15.30
N GLY F 233 -55.62 -3.29 -15.46
CA GLY F 233 -57.05 -3.18 -15.84
C GLY F 233 -57.37 -3.00 -17.31
N ALA F 234 -56.35 -3.01 -18.18
CA ALA F 234 -56.55 -2.80 -19.62
C ALA F 234 -55.52 -3.56 -20.46
N THR F 235 -55.91 -4.75 -20.93
CA THR F 235 -55.03 -5.67 -21.66
C THR F 235 -55.13 -5.53 -23.19
N SER F 236 -56.28 -5.07 -23.70
CA SER F 236 -56.55 -5.05 -25.15
C SER F 236 -55.62 -4.10 -25.92
N ALA F 237 -55.44 -4.41 -27.21
CA ALA F 237 -54.47 -3.71 -28.06
C ALA F 237 -54.77 -2.21 -28.25
N GLU F 238 -56.05 -1.87 -28.43
CA GLU F 238 -56.48 -0.47 -28.50
C GLU F 238 -56.15 0.35 -27.23
N PHE F 239 -56.03 -0.35 -26.09
CA PHE F 239 -55.55 0.25 -24.84
C PHE F 239 -54.02 0.23 -24.72
N ILE F 240 -53.39 -0.89 -25.09
CA ILE F 240 -51.93 -1.04 -24.96
C ILE F 240 -51.15 -0.02 -25.81
N GLU F 241 -51.68 0.35 -26.97
CA GLU F 241 -51.08 1.41 -27.80
C GLU F 241 -51.12 2.81 -27.13
N MET F 242 -52.04 3.00 -26.18
CA MET F 242 -52.11 4.22 -25.36
C MET F 242 -51.55 4.03 -23.94
N LEU F 243 -51.00 2.84 -23.63
CA LEU F 243 -50.65 2.43 -22.25
C LEU F 243 -49.87 3.48 -21.45
N HIS F 244 -48.95 4.16 -22.12
CA HIS F 244 -48.18 5.28 -21.55
C HIS F 244 -49.02 6.37 -20.88
N CYS F 245 -50.19 6.69 -21.46
CA CYS F 245 -51.09 7.72 -20.93
C CYS F 245 -52.15 7.20 -19.94
N LEU F 246 -52.39 5.88 -19.93
CA LEU F 246 -53.49 5.30 -19.14
C LEU F 246 -53.25 5.26 -17.64
N GLN F 247 -52.01 5.01 -17.24
CA GLN F 247 -51.68 4.73 -15.84
C GLN F 247 -50.19 4.83 -15.56
N GLY F 248 -49.86 5.26 -14.34
CA GLY F 248 -48.51 5.20 -13.81
C GLY F 248 -48.51 4.33 -12.57
N GLU F 249 -47.44 4.44 -11.79
CA GLU F 249 -47.36 3.75 -10.49
C GLU F 249 -48.19 4.49 -9.43
N ASN F 250 -48.40 5.80 -9.64
CA ASN F 250 -49.08 6.66 -8.67
C ASN F 250 -50.25 7.49 -9.23
N TRP F 251 -50.79 7.12 -10.39
CA TRP F 251 -51.97 7.79 -10.94
C TRP F 251 -52.73 6.96 -11.98
N ARG F 252 -54.02 7.24 -12.09
CA ARG F 252 -54.95 6.57 -13.00
C ARG F 252 -55.54 7.58 -13.97
N GLN F 253 -55.68 7.19 -15.23
CA GLN F 253 -56.34 8.01 -16.26
C GLN F 253 -57.36 7.16 -17.01
N ILE F 254 -58.63 7.56 -16.93
CA ILE F 254 -59.72 6.85 -17.62
C ILE F 254 -59.70 7.28 -19.09
N TYR F 255 -59.70 6.30 -20.00
CA TYR F 255 -59.60 6.54 -21.44
C TYR F 255 -60.58 5.61 -22.16
N HIS F 256 -61.25 6.11 -23.19
CA HIS F 256 -62.23 5.35 -23.95
C HIS F 256 -61.87 5.37 -25.45
N PRO F 257 -61.15 4.33 -25.94
CA PRO F 257 -60.72 4.34 -27.34
C PRO F 257 -61.87 4.22 -28.34
N GLY F 258 -61.72 4.88 -29.49
CA GLY F 258 -62.77 4.92 -30.51
C GLY F 258 -62.89 3.66 -31.33
N GLY F 259 -63.86 3.67 -32.26
CA GLY F 259 -64.10 2.56 -33.17
C GLY F 259 -64.83 1.39 -32.55
N ASN F 260 -64.91 0.30 -33.31
CA ASN F 260 -65.57 -0.93 -32.87
C ASN F 260 -64.76 -1.66 -31.81
N LYS F 261 -65.42 -2.56 -31.11
CA LYS F 261 -64.78 -3.41 -30.11
C LYS F 261 -65.31 -4.82 -30.20
N LEU F 262 -64.42 -5.78 -29.97
CA LEU F 262 -64.75 -7.20 -30.09
C LEU F 262 -65.68 -7.64 -28.96
N THR F 263 -66.58 -8.56 -29.26
CA THR F 263 -67.52 -9.10 -28.28
C THR F 263 -66.79 -10.01 -27.28
N GLU F 264 -65.80 -10.76 -27.77
CA GLU F 264 -64.93 -11.58 -26.90
C GLU F 264 -64.12 -10.74 -25.92
N SER F 265 -63.72 -9.53 -26.33
CA SER F 265 -63.02 -8.59 -25.44
C SER F 265 -63.94 -8.02 -24.35
N ARG F 266 -65.21 -7.79 -24.66
CA ARG F 266 -66.23 -7.44 -23.65
C ARG F 266 -66.57 -8.61 -22.71
N SER F 267 -66.52 -9.84 -23.24
CA SER F 267 -66.82 -11.04 -22.46
C SER F 267 -65.85 -11.29 -21.31
N GLN F 268 -64.55 -11.07 -21.53
CA GLN F 268 -63.54 -11.29 -20.49
C GLN F 268 -63.67 -10.27 -19.36
N SER F 269 -63.75 -9.00 -19.72
CA SER F 269 -63.92 -7.91 -18.75
C SER F 269 -65.27 -7.96 -18.02
N MET F 270 -66.29 -8.54 -18.66
CA MET F 270 -67.58 -8.82 -18.02
C MET F 270 -67.41 -9.85 -16.89
N ILE F 271 -66.66 -10.91 -17.19
CA ILE F 271 -66.34 -11.94 -16.19
C ILE F 271 -65.47 -11.37 -15.07
N VAL F 272 -64.45 -10.59 -15.43
CA VAL F 272 -63.57 -9.93 -14.46
C VAL F 272 -64.35 -8.93 -13.60
N ALA F 273 -65.32 -8.23 -14.19
CA ALA F 273 -66.13 -7.26 -13.47
C ALA F 273 -66.97 -7.92 -12.38
N CYS F 274 -67.72 -8.94 -12.75
CA CYS F 274 -68.62 -9.64 -11.83
C CYS F 274 -67.88 -10.36 -10.70
N ARG F 275 -66.77 -11.00 -11.04
CA ARG F 275 -65.89 -11.64 -10.03
C ARG F 275 -65.40 -10.64 -8.98
N LYS F 276 -64.96 -9.47 -9.43
CA LYS F 276 -64.40 -8.45 -8.53
C LYS F 276 -65.46 -7.76 -7.65
N ILE F 277 -66.71 -7.74 -8.10
CA ILE F 277 -67.83 -7.26 -7.28
C ILE F 277 -68.16 -8.28 -6.19
N ILE F 278 -68.21 -9.56 -6.56
CA ILE F 278 -68.52 -10.66 -5.63
C ILE F 278 -67.51 -10.73 -4.48
N ARG F 279 -66.22 -10.65 -4.80
CA ARG F 279 -65.16 -10.72 -3.77
C ARG F 279 -65.29 -9.64 -2.69
N ARG F 280 -65.79 -8.46 -3.06
CA ARG F 280 -66.03 -7.39 -2.10
C ARG F 280 -67.29 -7.70 -1.29
N SER F 281 -68.41 -7.92 -1.98
CA SER F 281 -69.74 -8.02 -1.35
C SER F 281 -69.94 -9.21 -0.38
N ILE F 282 -69.23 -10.31 -0.61
CA ILE F 282 -69.28 -11.49 0.29
C ILE F 282 -69.07 -11.13 1.77
N VAL F 283 -68.14 -10.21 2.04
CA VAL F 283 -67.76 -9.84 3.41
C VAL F 283 -68.86 -9.10 4.16
N ALA F 284 -69.44 -8.07 3.53
CA ALA F 284 -70.41 -7.21 4.20
C ALA F 284 -71.72 -7.92 4.50
N SER F 285 -72.42 -7.45 5.54
CA SER F 285 -73.76 -7.95 5.87
C SER F 285 -74.73 -7.56 4.75
N ASN F 286 -75.53 -8.53 4.32
CA ASN F 286 -76.35 -8.43 3.10
C ASN F 286 -75.49 -8.22 1.84
N PRO F 287 -74.77 -9.27 1.39
CA PRO F 287 -73.99 -9.24 0.15
C PRO F 287 -74.79 -8.87 -1.11
N LEU F 288 -76.02 -9.37 -1.20
CA LEU F 288 -76.90 -9.09 -2.35
C LEU F 288 -77.18 -7.59 -2.53
N GLU F 289 -77.25 -6.85 -1.44
CA GLU F 289 -77.48 -5.39 -1.50
C GLU F 289 -76.33 -4.64 -2.17
N LEU F 290 -75.10 -4.94 -1.73
CA LEU F 290 -73.90 -4.35 -2.36
C LEU F 290 -73.69 -4.83 -3.79
N ALA F 291 -73.90 -6.13 -4.02
CA ALA F 291 -73.81 -6.71 -5.36
C ALA F 291 -74.68 -5.96 -6.36
N VAL F 292 -75.91 -5.64 -5.97
CA VAL F 292 -76.82 -4.83 -6.80
C VAL F 292 -76.34 -3.37 -6.88
N GLU F 293 -75.96 -2.79 -5.75
CA GLU F 293 -75.55 -1.38 -5.68
C GLU F 293 -74.35 -1.07 -6.59
N ILE F 294 -73.34 -1.93 -6.56
CA ILE F 294 -72.11 -1.76 -7.35
C ILE F 294 -72.33 -2.12 -8.82
N ALA F 295 -73.01 -3.25 -9.07
CA ALA F 295 -73.26 -3.73 -10.43
C ALA F 295 -74.14 -2.80 -11.27
N ASN F 296 -75.01 -2.02 -10.61
CA ASN F 296 -75.77 -0.97 -11.28
C ASN F 296 -74.88 0.13 -11.85
N LYS F 297 -73.85 0.52 -11.10
CA LYS F 297 -72.97 1.63 -11.47
C LYS F 297 -71.57 1.19 -11.92
N THR F 298 -71.45 -0.02 -12.48
CA THR F 298 -70.22 -0.46 -13.15
C THR F 298 -70.34 -0.18 -14.65
N VAL F 299 -69.21 0.17 -15.27
CA VAL F 299 -69.15 0.49 -16.69
C VAL F 299 -67.94 -0.20 -17.30
N ILE F 300 -68.20 -1.15 -18.20
CA ILE F 300 -67.14 -1.79 -19.00
C ILE F 300 -66.82 -0.85 -20.16
N ASP F 301 -65.81 -0.01 -19.95
CA ASP F 301 -65.42 1.06 -20.88
C ASP F 301 -66.54 2.12 -21.05
N THR F 302 -67.50 1.87 -21.95
CA THR F 302 -68.58 2.81 -22.24
C THR F 302 -69.96 2.25 -21.87
N GLU F 303 -70.26 1.05 -22.36
CA GLU F 303 -71.51 0.34 -22.00
C GLU F 303 -71.53 -0.02 -20.52
N PRO F 304 -72.72 -0.02 -19.88
CA PRO F 304 -72.80 -0.52 -18.50
C PRO F 304 -72.66 -2.05 -18.39
N LEU F 305 -72.56 -2.55 -17.15
CA LEU F 305 -72.49 -3.98 -16.91
C LEU F 305 -73.83 -4.68 -17.20
N LYS F 306 -74.93 -4.00 -16.89
CA LYS F 306 -76.28 -4.49 -17.21
C LYS F 306 -76.40 -4.90 -18.68
N SER F 307 -76.02 -3.98 -19.56
CA SER F 307 -76.12 -4.17 -21.00
C SER F 307 -75.21 -5.28 -21.53
N CYS F 308 -74.00 -5.38 -20.98
CA CYS F 308 -73.07 -6.47 -21.32
C CYS F 308 -73.64 -7.83 -20.95
N LEU F 309 -74.16 -7.94 -19.73
CA LEU F 309 -74.77 -9.18 -19.24
C LEU F 309 -76.05 -9.56 -20.02
N ALA F 310 -76.81 -8.55 -20.44
CA ALA F 310 -78.02 -8.76 -21.25
C ALA F 310 -77.72 -9.09 -22.71
N ALA F 311 -76.75 -8.39 -23.29
CA ALA F 311 -76.42 -8.54 -24.72
C ALA F 311 -75.67 -9.83 -25.01
N ILE F 312 -74.58 -10.06 -24.26
CA ILE F 312 -73.72 -11.23 -24.49
C ILE F 312 -74.38 -12.48 -23.90
N ASP F 313 -74.43 -13.54 -24.70
CA ASP F 313 -74.94 -14.84 -24.25
C ASP F 313 -73.75 -15.75 -23.97
N GLY F 314 -73.09 -15.50 -22.83
CA GLY F 314 -71.95 -16.29 -22.37
C GLY F 314 -71.70 -16.14 -20.89
N GLY F 315 -70.52 -15.64 -20.52
CA GLY F 315 -70.17 -15.40 -19.13
C GLY F 315 -69.65 -16.64 -18.42
N ASP F 316 -69.83 -16.67 -17.10
CA ASP F 316 -69.37 -17.77 -16.25
C ASP F 316 -70.27 -17.90 -15.00
N VAL F 317 -69.74 -18.44 -13.90
CA VAL F 317 -70.48 -18.57 -12.64
C VAL F 317 -70.86 -17.21 -12.05
N ALA F 318 -69.88 -16.29 -12.02
CA ALA F 318 -70.08 -14.96 -11.44
C ALA F 318 -71.12 -14.11 -12.18
N CYS F 319 -71.11 -14.18 -13.51
CA CYS F 319 -72.05 -13.40 -14.33
C CYS F 319 -73.50 -13.79 -14.09
N ASP F 320 -73.77 -15.09 -13.98
CA ASP F 320 -75.11 -15.58 -13.65
C ASP F 320 -75.59 -15.11 -12.28
N ILE F 321 -74.69 -15.01 -11.31
CA ILE F 321 -75.02 -14.52 -9.96
C ILE F 321 -75.42 -13.04 -10.00
N ILE F 322 -74.66 -12.24 -10.77
CA ILE F 322 -74.96 -10.80 -10.94
C ILE F 322 -76.21 -10.61 -11.81
N ARG F 323 -76.34 -11.39 -12.88
CA ARG F 323 -77.56 -11.43 -13.68
C ARG F 323 -78.80 -11.69 -12.82
N ALA F 324 -78.69 -12.66 -11.90
CA ALA F 324 -79.76 -12.97 -10.96
C ALA F 324 -79.99 -11.85 -9.93
N ALA F 325 -78.90 -11.24 -9.46
CA ALA F 325 -78.98 -10.11 -8.54
C ALA F 325 -79.69 -8.91 -9.15
N LEU F 326 -79.30 -8.57 -10.38
CA LEU F 326 -79.92 -7.47 -11.14
C LEU F 326 -81.32 -7.83 -11.65
N GLY F 327 -81.53 -9.10 -11.98
CA GLY F 327 -82.84 -9.62 -12.35
C GLY F 327 -83.00 -9.85 -13.84
N LEU F 328 -82.09 -10.63 -14.41
CA LEU F 328 -82.11 -11.02 -15.83
C LEU F 328 -82.07 -12.53 -15.93
N LYS F 329 -82.29 -13.05 -17.14
CA LYS F 329 -82.11 -14.47 -17.44
C LYS F 329 -80.65 -14.87 -17.24
N ILE F 330 -80.43 -16.10 -16.79
CA ILE F 330 -79.08 -16.60 -16.51
C ILE F 330 -78.66 -17.61 -17.58
N ARG F 331 -77.67 -17.23 -18.39
CA ARG F 331 -77.13 -18.10 -19.43
C ARG F 331 -76.11 -19.03 -18.79
N GLN F 332 -76.55 -20.25 -18.47
CA GLN F 332 -75.68 -21.26 -17.88
C GLN F 332 -74.79 -21.84 -18.99
N ARG F 333 -73.73 -21.09 -19.32
CA ARG F 333 -72.84 -21.43 -20.42
C ARG F 333 -71.37 -21.42 -19.99
N GLN F 334 -70.59 -22.27 -20.66
CA GLN F 334 -69.15 -22.39 -20.41
C GLN F 334 -68.41 -22.47 -21.73
N ARG F 335 -67.48 -21.54 -21.95
CA ARG F 335 -66.66 -21.49 -23.15
C ARG F 335 -65.30 -22.13 -22.88
N PHE F 336 -65.01 -23.25 -23.55
CA PHE F 336 -63.70 -23.90 -23.47
C PHE F 336 -62.91 -23.62 -24.76
N GLY F 337 -62.52 -22.36 -24.92
CA GLY F 337 -61.78 -21.90 -26.10
C GLY F 337 -62.64 -21.86 -27.35
N ARG F 338 -62.52 -22.88 -28.18
CA ARG F 338 -63.31 -23.02 -29.41
C ARG F 338 -64.67 -23.67 -29.15
N LEU F 339 -64.73 -24.59 -28.20
CA LEU F 339 -65.98 -25.22 -27.77
C LEU F 339 -66.83 -24.24 -26.97
N GLU F 340 -68.15 -24.36 -27.10
CA GLU F 340 -69.11 -23.55 -26.33
C GLU F 340 -70.27 -24.41 -25.86
N LEU F 341 -70.39 -24.56 -24.53
CA LEU F 341 -71.38 -25.43 -23.91
C LEU F 341 -72.52 -24.64 -23.29
N LYS F 342 -73.66 -25.30 -23.10
CA LYS F 342 -74.80 -24.76 -22.35
C LYS F 342 -75.33 -25.87 -21.45
N ARG F 343 -75.63 -25.54 -20.19
CA ARG F 343 -75.98 -26.54 -19.18
C ARG F 343 -77.42 -27.04 -19.33
N ILE F 344 -77.57 -28.36 -19.45
CA ILE F 344 -78.88 -29.03 -19.45
C ILE F 344 -79.25 -29.37 -18.01
N SER F 345 -78.37 -30.10 -17.33
CA SER F 345 -78.58 -30.53 -15.94
C SER F 345 -77.29 -30.88 -15.21
N GLY F 346 -77.39 -31.03 -13.89
CA GLY F 346 -76.25 -31.41 -13.04
C GLY F 346 -75.42 -30.22 -12.60
N ARG F 347 -74.69 -30.41 -11.49
CA ARG F 347 -73.76 -29.40 -10.96
C ARG F 347 -72.39 -30.04 -10.75
N GLY F 348 -71.34 -29.24 -10.90
CA GLY F 348 -69.95 -29.68 -10.71
C GLY F 348 -69.24 -28.90 -9.62
N PHE F 349 -68.24 -29.55 -9.01
CA PHE F 349 -67.40 -28.92 -7.99
C PHE F 349 -65.93 -29.23 -8.28
N LYS F 350 -65.08 -28.22 -8.13
CA LYS F 350 -63.66 -28.31 -8.49
C LYS F 350 -62.82 -28.95 -7.38
N ASN F 351 -61.83 -29.75 -7.78
CA ASN F 351 -60.92 -30.43 -6.86
C ASN F 351 -59.48 -30.44 -7.38
N ASP F 352 -58.58 -29.80 -6.65
CA ASP F 352 -57.15 -29.73 -7.04
C ASP F 352 -56.45 -31.06 -6.75
N GLU F 353 -56.27 -31.86 -7.81
CA GLU F 353 -55.61 -33.18 -7.72
C GLU F 353 -54.41 -33.25 -8.66
N GLU F 354 -53.44 -34.09 -8.32
CA GLU F 354 -52.21 -34.28 -9.11
C GLU F 354 -52.32 -35.52 -9.99
N ILE F 355 -52.43 -35.30 -11.31
CA ILE F 355 -52.56 -36.38 -12.29
C ILE F 355 -51.24 -36.58 -13.03
N LEU F 356 -50.84 -37.85 -13.19
CA LEU F 356 -49.68 -38.21 -14.00
C LEU F 356 -50.10 -38.25 -15.47
N ILE F 357 -49.51 -37.36 -16.27
CA ILE F 357 -49.78 -37.29 -17.71
C ILE F 357 -48.94 -38.38 -18.41
N GLY F 358 -49.48 -38.90 -19.52
CA GLY F 358 -48.87 -40.02 -20.26
C GLY F 358 -47.40 -39.91 -20.63
N ASN F 359 -46.95 -38.69 -20.94
CA ASN F 359 -45.53 -38.43 -21.20
C ASN F 359 -44.61 -38.70 -19.99
N GLY F 360 -45.14 -38.46 -18.79
CA GLY F 360 -44.43 -38.75 -17.53
C GLY F 360 -44.10 -37.49 -16.75
N THR F 361 -45.13 -36.74 -16.38
CA THR F 361 -44.98 -35.49 -15.61
C THR F 361 -46.14 -35.32 -14.62
N ILE F 362 -45.84 -34.74 -13.46
CA ILE F 362 -46.83 -34.46 -12.41
C ILE F 362 -47.35 -33.04 -12.63
N GLN F 363 -48.67 -32.87 -12.60
CA GLN F 363 -49.34 -31.59 -12.87
C GLN F 363 -50.57 -31.42 -11.99
N LYS F 364 -50.68 -30.26 -11.32
CA LYS F 364 -51.86 -29.92 -10.52
C LYS F 364 -52.98 -29.40 -11.43
N ILE F 365 -54.03 -30.21 -11.61
CA ILE F 365 -55.17 -29.87 -12.47
C ILE F 365 -56.46 -29.99 -11.67
N GLY F 366 -57.35 -29.01 -11.81
CA GLY F 366 -58.63 -29.00 -11.14
C GLY F 366 -59.64 -29.91 -11.82
N ILE F 367 -59.89 -31.09 -11.23
CA ILE F 367 -60.86 -32.05 -11.77
C ILE F 367 -62.27 -31.64 -11.35
N TRP F 368 -63.24 -31.86 -12.23
CA TRP F 368 -64.65 -31.57 -11.94
C TRP F 368 -65.39 -32.82 -11.45
N ASP F 369 -65.88 -32.76 -10.21
CA ASP F 369 -66.59 -33.88 -9.57
C ASP F 369 -68.05 -33.92 -10.01
N GLY F 370 -68.70 -35.06 -9.77
CA GLY F 370 -70.14 -35.22 -10.00
C GLY F 370 -70.55 -35.36 -11.46
N GLU F 371 -71.80 -35.78 -11.66
CA GLU F 371 -72.36 -35.97 -13.00
C GLU F 371 -72.89 -34.64 -13.54
N GLU F 372 -72.53 -34.33 -14.79
CA GLU F 372 -72.97 -33.12 -15.48
C GLU F 372 -73.45 -33.46 -16.89
N GLU F 373 -74.37 -32.65 -17.42
CA GLU F 373 -74.91 -32.84 -18.78
C GLU F 373 -75.04 -31.49 -19.47
N PHE F 374 -74.45 -31.36 -20.67
CA PHE F 374 -74.38 -30.09 -21.39
C PHE F 374 -74.94 -30.19 -22.82
N HIS F 375 -75.64 -29.14 -23.24
CA HIS F 375 -76.02 -28.92 -24.64
C HIS F 375 -74.83 -28.30 -25.35
N VAL F 376 -74.29 -29.01 -26.34
CA VAL F 376 -73.00 -28.68 -26.95
C VAL F 376 -73.18 -28.00 -28.31
N ARG F 377 -72.22 -27.14 -28.66
CA ARG F 377 -72.15 -26.55 -30.00
C ARG F 377 -70.72 -26.08 -30.28
N CYS F 378 -70.14 -26.54 -31.39
CA CYS F 378 -68.77 -26.19 -31.79
C CYS F 378 -68.73 -25.74 -33.24
N GLY F 379 -68.89 -24.43 -33.45
CA GLY F 379 -68.92 -23.85 -34.80
C GLY F 379 -70.23 -24.16 -35.50
N GLU F 380 -70.18 -25.06 -36.47
CA GLU F 380 -71.37 -25.51 -37.21
C GLU F 380 -72.02 -26.72 -36.52
N CYS F 381 -71.19 -27.70 -36.17
CA CYS F 381 -71.67 -28.96 -35.59
C CYS F 381 -72.22 -28.79 -34.17
N ARG F 382 -73.21 -29.62 -33.83
CA ARG F 382 -73.91 -29.56 -32.54
C ARG F 382 -74.00 -30.95 -31.92
N GLY F 383 -74.44 -31.00 -30.65
CA GLY F 383 -74.59 -32.26 -29.93
C GLY F 383 -74.93 -32.11 -28.45
N ILE F 384 -74.99 -33.25 -27.75
CA ILE F 384 -75.27 -33.31 -26.31
C ILE F 384 -74.13 -34.09 -25.65
N LEU F 385 -73.74 -33.66 -24.44
CA LEU F 385 -72.67 -34.29 -23.66
C LEU F 385 -73.22 -34.89 -22.36
N LYS F 386 -72.61 -35.99 -21.95
CA LYS F 386 -72.88 -36.62 -20.64
C LYS F 386 -71.57 -37.12 -20.07
N LYS F 387 -71.23 -36.68 -18.86
CA LYS F 387 -69.96 -37.02 -18.21
C LYS F 387 -70.09 -37.14 -16.69
N SER F 388 -69.16 -37.88 -16.10
CA SER F 388 -69.01 -38.02 -14.66
C SER F 388 -67.58 -37.59 -14.29
N LYS F 389 -67.13 -37.89 -13.07
CA LYS F 389 -65.75 -37.60 -12.66
C LYS F 389 -64.75 -38.41 -13.50
N MET F 390 -64.09 -37.73 -14.43
CA MET F 390 -63.04 -38.31 -15.29
C MET F 390 -63.53 -39.47 -16.17
N LYS F 391 -64.60 -39.22 -16.93
CA LYS F 391 -65.12 -40.21 -17.89
C LYS F 391 -66.04 -39.55 -18.93
N LEU F 392 -65.99 -40.09 -20.15
CA LEU F 392 -66.99 -39.79 -21.19
C LEU F 392 -67.96 -40.96 -21.26
N GLU F 393 -69.14 -40.78 -20.67
CA GLU F 393 -70.18 -41.81 -20.67
C GLU F 393 -70.87 -41.89 -22.03
N LYS F 394 -71.32 -40.74 -22.53
CA LYS F 394 -71.94 -40.63 -23.85
C LYS F 394 -71.52 -39.34 -24.56
N LEU F 395 -71.75 -39.31 -25.88
CA LEU F 395 -71.52 -38.11 -26.69
C LEU F 395 -72.36 -38.16 -27.97
N LEU F 396 -73.63 -37.78 -27.84
CA LEU F 396 -74.57 -37.72 -28.97
C LEU F 396 -74.26 -36.46 -29.77
N ILE F 397 -73.94 -36.62 -31.05
CA ILE F 397 -73.59 -35.50 -31.94
C ILE F 397 -74.29 -35.62 -33.30
N ASN F 398 -74.23 -34.53 -34.08
CA ASN F 398 -74.86 -34.49 -35.41
C ASN F 398 -73.82 -34.54 -36.54
N SER F 399 -74.31 -34.75 -37.77
CA SER F 399 -73.45 -34.77 -38.96
C SER F 399 -73.17 -33.35 -39.43
N ALA F 400 -71.91 -33.08 -39.80
CA ALA F 400 -71.47 -31.75 -40.23
C ALA F 400 -70.16 -31.86 -41.03
N LYS F 401 -69.40 -30.77 -41.12
CA LYS F 401 -68.07 -30.78 -41.74
C LYS F 401 -67.07 -31.59 -40.90
N LYS F 402 -65.98 -32.01 -41.53
CA LYS F 402 -64.98 -32.88 -40.89
C LYS F 402 -64.17 -32.19 -39.79
N GLU F 403 -63.78 -30.93 -40.04
CA GLU F 403 -63.03 -30.13 -39.05
C GLU F 403 -63.86 -29.76 -37.81
N ASP F 404 -65.17 -29.56 -37.98
CA ASP F 404 -66.07 -29.24 -36.87
C ASP F 404 -66.37 -30.47 -35.99
N MET F 405 -66.61 -31.62 -36.63
CA MET F 405 -66.83 -32.88 -35.92
C MET F 405 -65.57 -33.39 -35.21
N ARG F 406 -64.41 -33.21 -35.84
CA ARG F 406 -63.13 -33.59 -35.23
C ARG F 406 -62.82 -32.74 -34.00
N ASP F 407 -62.99 -31.42 -34.13
CA ASP F 407 -62.80 -30.49 -32.99
C ASP F 407 -63.82 -30.71 -31.87
N LEU F 408 -65.07 -30.98 -32.25
CA LEU F 408 -66.14 -31.26 -31.27
C LEU F 408 -65.84 -32.48 -30.39
N ILE F 409 -65.35 -33.55 -31.00
CA ILE F 409 -65.02 -34.79 -30.29
C ILE F 409 -63.76 -34.62 -29.42
N ILE F 410 -62.76 -33.92 -29.95
CA ILE F 410 -61.51 -33.67 -29.21
C ILE F 410 -61.72 -32.73 -28.01
N LEU F 411 -62.41 -31.61 -28.25
CA LEU F 411 -62.66 -30.61 -27.19
C LEU F 411 -63.55 -31.14 -26.05
N CYS F 412 -64.49 -32.02 -26.37
CA CYS F 412 -65.32 -32.69 -25.34
C CYS F 412 -64.53 -33.72 -24.53
N MET F 413 -63.62 -34.44 -25.19
CA MET F 413 -62.72 -35.40 -24.50
C MET F 413 -61.77 -34.70 -23.52
N VAL F 414 -61.25 -33.54 -23.91
CA VAL F 414 -60.38 -32.73 -23.04
C VAL F 414 -61.19 -32.08 -21.91
N PHE F 415 -62.36 -31.53 -22.25
CA PHE F 415 -63.26 -30.92 -21.26
C PHE F 415 -63.75 -31.91 -20.20
N SER F 416 -63.98 -33.16 -20.59
CA SER F 416 -64.42 -34.22 -19.67
C SER F 416 -63.35 -34.67 -18.65
N GLN F 417 -62.07 -34.42 -18.97
CA GLN F 417 -60.93 -34.74 -18.09
C GLN F 417 -60.78 -36.25 -17.87
N ASP F 418 -60.92 -37.02 -18.95
CA ASP F 418 -60.87 -38.48 -18.90
C ASP F 418 -59.42 -38.94 -18.68
N THR F 419 -59.25 -40.11 -18.06
CA THR F 419 -57.93 -40.69 -17.84
C THR F 419 -57.26 -41.11 -19.16
N ARG F 420 -58.06 -41.58 -20.13
CA ARG F 420 -57.57 -41.89 -21.48
C ARG F 420 -56.97 -40.67 -22.20
N MET F 421 -57.51 -39.48 -21.94
CA MET F 421 -56.96 -38.21 -22.45
C MET F 421 -55.61 -37.89 -21.79
N PHE F 422 -55.56 -37.99 -20.46
CA PHE F 422 -54.32 -37.73 -19.71
C PHE F 422 -53.23 -38.75 -20.01
N GLN F 423 -53.57 -40.04 -20.00
CA GLN F 423 -52.63 -41.09 -20.36
C GLN F 423 -52.54 -41.23 -21.89
N GLY F 424 -51.88 -40.27 -22.52
CA GLY F 424 -51.74 -40.23 -23.98
C GLY F 424 -51.15 -38.94 -24.54
N VAL F 425 -49.97 -38.59 -24.03
CA VAL F 425 -49.24 -37.39 -24.45
C VAL F 425 -47.80 -37.79 -24.77
N PRO F 441 -53.62 -25.17 -17.11
CA PRO F 441 -53.18 -26.44 -17.67
C PRO F 441 -54.13 -27.04 -18.70
N MET F 442 -55.44 -26.74 -18.61
CA MET F 442 -56.44 -27.30 -19.53
C MET F 442 -56.37 -26.69 -20.93
N TYR F 443 -56.12 -25.38 -21.00
CA TYR F 443 -55.91 -24.70 -22.30
C TYR F 443 -54.62 -25.13 -23.01
N GLN F 444 -53.63 -25.60 -22.24
CA GLN F 444 -52.40 -26.17 -22.80
C GLN F 444 -52.65 -27.55 -23.42
N LEU F 445 -53.46 -28.38 -22.76
CA LEU F 445 -53.90 -29.67 -23.29
C LEU F 445 -54.79 -29.50 -24.54
N GLN F 446 -55.61 -28.45 -24.55
CA GLN F 446 -56.44 -28.10 -25.71
C GLN F 446 -55.58 -27.85 -26.95
N ARG F 447 -54.59 -26.96 -26.81
CA ARG F 447 -53.70 -26.58 -27.92
C ARG F 447 -52.83 -27.74 -28.44
N TYR F 448 -52.46 -28.66 -27.56
CA TYR F 448 -51.69 -29.85 -27.93
C TYR F 448 -52.52 -30.83 -28.75
N PHE F 449 -53.68 -31.21 -28.23
CA PHE F 449 -54.57 -32.19 -28.89
C PHE F 449 -55.33 -31.65 -30.11
N LEU F 450 -55.40 -30.33 -30.28
CA LEU F 450 -55.94 -29.73 -31.51
C LEU F 450 -55.02 -30.03 -32.71
N ASN F 451 -53.71 -29.88 -32.51
CA ASN F 451 -52.72 -30.19 -33.55
C ASN F 451 -52.47 -31.68 -33.66
N ARG F 452 -52.01 -32.28 -32.55
CA ARG F 452 -51.64 -33.70 -32.50
C ARG F 452 -52.77 -34.53 -31.89
N SER F 453 -53.75 -34.86 -32.71
CA SER F 453 -54.93 -35.65 -32.29
C SER F 453 -54.73 -37.16 -32.41
N ASN F 454 -53.78 -37.60 -33.24
CA ASN F 454 -53.50 -39.04 -33.43
C ASN F 454 -53.06 -39.80 -32.17
N ASP F 455 -52.46 -39.09 -31.21
CA ASP F 455 -52.14 -39.67 -29.89
C ASP F 455 -53.40 -40.00 -29.09
N LEU F 456 -54.41 -39.12 -29.17
CA LEU F 456 -55.66 -39.28 -28.41
C LEU F 456 -56.52 -40.42 -28.92
N PHE F 457 -56.80 -40.43 -30.22
CA PHE F 457 -57.71 -41.43 -30.83
C PHE F 457 -57.23 -42.88 -30.70
N ASP F 458 -55.91 -43.09 -30.72
CA ASP F 458 -55.33 -44.43 -30.52
C ASP F 458 -55.43 -44.89 -29.07
N GLN F 459 -55.07 -44.00 -28.14
CA GLN F 459 -55.14 -44.28 -26.70
C GLN F 459 -56.57 -44.40 -26.15
N TRP F 460 -57.56 -43.81 -26.85
CA TRP F 460 -58.95 -43.82 -26.41
C TRP F 460 -59.59 -45.20 -26.51
N GLY F 461 -59.46 -45.84 -27.67
CA GLY F 461 -60.03 -47.16 -27.94
C GLY F 461 -61.25 -47.09 -28.86
N TYR F 462 -61.81 -48.26 -29.15
CA TYR F 462 -62.95 -48.38 -30.07
C TYR F 462 -63.98 -49.41 -29.57
N GLU F 463 -65.17 -49.37 -30.16
CA GLU F 463 -66.24 -50.35 -29.87
C GLU F 463 -67.22 -50.45 -31.04
N GLU F 464 -68.20 -51.34 -30.92
CA GLU F 464 -69.21 -51.56 -31.96
C GLU F 464 -70.21 -50.40 -32.06
N SER F 465 -70.63 -50.08 -33.28
CA SER F 465 -71.58 -48.99 -33.54
C SER F 465 -73.00 -49.36 -33.12
N PRO F 466 -73.86 -48.34 -32.89
CA PRO F 466 -75.28 -48.62 -32.62
C PRO F 466 -76.03 -49.04 -33.87
N LYS F 467 -76.91 -50.03 -33.75
CA LYS F 467 -77.64 -50.60 -34.89
C LYS F 467 -79.07 -50.05 -35.05
N ALA F 468 -79.34 -48.84 -34.53
CA ALA F 468 -80.64 -48.19 -34.69
C ALA F 468 -80.77 -47.57 -36.09
N SER F 469 -81.98 -47.14 -36.43
CA SER F 469 -82.27 -46.56 -37.75
C SER F 469 -81.65 -45.18 -37.93
N GLU F 470 -81.79 -44.33 -36.90
CA GLU F 470 -81.26 -42.96 -36.93
C GLU F 470 -79.79 -42.85 -36.49
N LEU F 471 -79.36 -43.74 -35.59
CA LEU F 471 -78.00 -43.68 -35.03
C LEU F 471 -76.95 -44.25 -35.99
N HIS F 472 -75.73 -43.71 -35.90
CA HIS F 472 -74.58 -44.18 -36.67
C HIS F 472 -73.28 -43.97 -35.88
N GLY F 473 -72.19 -44.55 -36.37
CA GLY F 473 -70.86 -44.42 -35.75
C GLY F 473 -69.82 -43.89 -36.73
N ILE F 474 -68.69 -43.43 -36.18
CA ILE F 474 -67.59 -42.88 -36.99
C ILE F 474 -66.20 -43.23 -36.45
N ASN F 475 -65.24 -43.36 -37.36
CA ASN F 475 -63.85 -43.70 -37.04
C ASN F 475 -62.99 -42.44 -36.82
N GLU F 476 -61.66 -42.60 -36.78
CA GLU F 476 -60.72 -41.49 -36.57
C GLU F 476 -60.79 -40.39 -37.64
N SER F 477 -60.97 -40.79 -38.91
CA SER F 477 -60.94 -39.84 -40.04
C SER F 477 -62.28 -39.15 -40.37
N MET F 478 -63.25 -39.21 -39.45
CA MET F 478 -64.56 -38.54 -39.59
C MET F 478 -65.36 -39.05 -40.79
N ASN F 479 -65.49 -40.39 -40.86
CA ASN F 479 -66.28 -41.07 -41.89
C ASN F 479 -67.15 -42.14 -41.24
N ALA F 480 -68.26 -42.49 -41.90
CA ALA F 480 -69.20 -43.49 -41.36
C ALA F 480 -68.57 -44.88 -41.29
N SER F 481 -68.52 -45.46 -40.09
CA SER F 481 -67.81 -46.74 -39.85
C SER F 481 -68.52 -47.61 -38.81
N ASP F 482 -68.18 -48.90 -38.82
CA ASP F 482 -68.76 -49.88 -37.90
C ASP F 482 -68.05 -49.87 -36.53
N TYR F 483 -66.71 -49.80 -36.56
CA TYR F 483 -65.91 -49.71 -35.33
C TYR F 483 -65.77 -48.25 -34.89
N THR F 484 -66.79 -47.76 -34.18
CA THR F 484 -66.82 -46.38 -33.68
C THR F 484 -65.95 -46.20 -32.42
N LEU F 485 -65.73 -44.93 -32.05
CA LEU F 485 -64.97 -44.58 -30.85
C LEU F 485 -65.77 -44.91 -29.58
N LYS F 486 -65.04 -45.18 -28.49
CA LYS F 486 -65.65 -45.58 -27.22
C LYS F 486 -66.44 -44.43 -26.57
N GLY F 487 -67.76 -44.55 -26.57
CA GLY F 487 -68.65 -43.52 -26.03
C GLY F 487 -68.85 -42.34 -26.96
N VAL F 488 -69.00 -42.62 -28.26
CA VAL F 488 -69.26 -41.61 -29.29
C VAL F 488 -70.33 -42.15 -30.24
N VAL F 489 -71.39 -41.35 -30.44
CA VAL F 489 -72.52 -41.73 -31.32
C VAL F 489 -72.92 -40.53 -32.19
N VAL F 490 -73.12 -40.78 -33.48
CA VAL F 490 -73.56 -39.77 -34.45
C VAL F 490 -75.01 -40.06 -34.85
N THR F 491 -75.91 -39.12 -34.58
CA THR F 491 -77.35 -39.29 -34.88
C THR F 491 -77.82 -38.26 -35.91
N ARG F 492 -78.88 -38.61 -36.65
CA ARG F 492 -79.42 -37.76 -37.72
C ARG F 492 -80.27 -36.60 -37.20
N ASN F 493 -80.99 -36.82 -36.11
CA ASN F 493 -81.82 -35.77 -35.48
C ASN F 493 -80.97 -34.68 -34.82
N VAL F 494 -81.54 -33.48 -34.71
CA VAL F 494 -80.85 -32.32 -34.16
C VAL F 494 -80.82 -32.42 -32.63
N VAL F 506 -85.53 -18.74 -11.55
CA VAL F 506 -84.57 -18.93 -10.47
C VAL F 506 -84.50 -17.67 -9.62
N SER F 507 -84.38 -17.84 -8.31
CA SER F 507 -84.26 -16.73 -7.35
C SER F 507 -82.89 -16.72 -6.67
N ILE F 508 -82.51 -15.55 -6.15
CA ILE F 508 -81.18 -15.33 -5.55
C ILE F 508 -81.30 -15.04 -4.05
N THR F 509 -80.36 -15.58 -3.27
CA THR F 509 -80.35 -15.44 -1.82
C THR F 509 -79.62 -14.17 -1.41
N LYS F 510 -79.84 -13.76 -0.15
CA LYS F 510 -79.08 -12.69 0.50
C LYS F 510 -77.56 -12.90 0.37
N ASN F 511 -77.11 -14.14 0.55
CA ASN F 511 -75.68 -14.50 0.48
C ASN F 511 -75.24 -15.07 -0.89
N LEU F 512 -75.90 -14.63 -1.97
CA LEU F 512 -75.43 -14.86 -3.35
C LEU F 512 -75.30 -16.34 -3.76
N SER F 513 -76.42 -17.05 -3.76
CA SER F 513 -76.49 -18.42 -4.28
C SER F 513 -77.87 -18.68 -4.89
N LEU F 514 -77.89 -19.12 -6.15
CA LEU F 514 -79.13 -19.18 -6.92
C LEU F 514 -79.91 -20.47 -6.66
N ILE F 515 -81.13 -20.33 -6.15
CA ILE F 515 -81.97 -21.46 -5.74
C ILE F 515 -83.13 -21.66 -6.72
N LYS F 516 -83.39 -22.92 -7.09
CA LYS F 516 -84.58 -23.27 -7.89
C LYS F 516 -85.84 -23.20 -7.03
N ARG F 517 -86.99 -23.41 -7.66
CA ARG F 517 -88.27 -23.49 -6.95
C ARG F 517 -88.39 -24.76 -6.11
N THR F 518 -87.74 -25.84 -6.55
CA THR F 518 -87.68 -27.11 -5.80
C THR F 518 -86.87 -27.01 -4.49
N GLY F 519 -85.94 -26.06 -4.43
CA GLY F 519 -85.07 -25.87 -3.27
C GLY F 519 -83.60 -26.11 -3.57
N GLU F 520 -83.30 -26.84 -4.64
CA GLU F 520 -81.90 -27.14 -5.02
C GLU F 520 -81.23 -25.88 -5.54
N VAL F 521 -79.94 -25.73 -5.23
CA VAL F 521 -79.15 -24.57 -5.66
C VAL F 521 -78.25 -24.97 -6.83
N ILE F 522 -78.04 -24.02 -7.75
CA ILE F 522 -77.29 -24.29 -9.00
C ILE F 522 -75.95 -23.54 -9.06
N MET F 523 -75.93 -22.26 -8.66
CA MET F 523 -74.70 -21.48 -8.53
C MET F 523 -74.39 -21.34 -7.04
N GLY F 524 -73.32 -20.62 -6.71
CA GLY F 524 -72.98 -20.30 -5.32
C GLY F 524 -71.98 -19.15 -5.20
N ALA F 525 -71.93 -18.53 -4.03
CA ALA F 525 -70.97 -17.46 -3.75
C ALA F 525 -69.53 -17.98 -3.79
N ASN F 526 -69.31 -19.13 -3.14
CA ASN F 526 -68.00 -19.80 -3.11
C ASN F 526 -67.77 -20.76 -4.30
N ASP F 527 -68.62 -20.70 -5.32
CA ASP F 527 -68.50 -21.51 -6.53
C ASP F 527 -67.80 -20.74 -7.68
N VAL F 528 -67.46 -19.47 -7.44
CA VAL F 528 -66.75 -18.64 -8.42
C VAL F 528 -65.25 -18.92 -8.33
N SER F 529 -64.54 -18.75 -9.44
CA SER F 529 -63.09 -18.83 -9.46
C SER F 529 -62.45 -17.69 -8.68
N GLU F 530 -61.37 -18.00 -7.98
CA GLU F 530 -60.59 -17.00 -7.24
C GLU F 530 -59.44 -16.39 -8.07
N LEU F 531 -59.32 -16.80 -9.33
CA LEU F 531 -58.33 -16.22 -10.25
C LEU F 531 -58.73 -14.79 -10.62
N GLU F 532 -58.00 -13.81 -10.07
CA GLU F 532 -58.26 -12.39 -10.31
C GLU F 532 -57.39 -11.91 -11.47
N SER F 533 -57.78 -12.29 -12.69
CA SER F 533 -57.04 -11.96 -13.90
C SER F 533 -57.28 -10.51 -14.34
N GLN F 534 -56.45 -10.03 -15.28
CA GLN F 534 -56.54 -8.67 -15.79
C GLN F 534 -57.68 -8.52 -16.80
N ALA F 535 -58.42 -7.42 -16.69
CA ALA F 535 -59.53 -7.13 -17.60
C ALA F 535 -59.01 -6.67 -18.96
N GLN F 536 -59.69 -7.08 -20.02
CA GLN F 536 -59.26 -6.74 -21.39
C GLN F 536 -59.57 -5.26 -21.69
N LEU F 537 -60.77 -4.83 -21.33
CA LEU F 537 -61.19 -3.42 -21.47
C LEU F 537 -61.19 -2.71 -20.11
N MET F 538 -61.25 -1.38 -20.16
CA MET F 538 -61.33 -0.54 -18.95
C MET F 538 -62.59 -0.88 -18.14
N ILE F 539 -62.47 -0.80 -16.81
CA ILE F 539 -63.59 -1.05 -15.90
C ILE F 539 -63.69 0.13 -14.94
N THR F 540 -64.73 0.95 -15.13
CA THR F 540 -64.97 2.12 -14.29
C THR F 540 -66.16 1.83 -13.37
N TYR F 541 -65.97 2.06 -12.07
CA TYR F 541 -67.03 1.95 -11.08
C TYR F 541 -67.53 3.36 -10.77
N ASP F 542 -68.68 3.74 -11.33
CA ASP F 542 -69.26 5.09 -11.16
C ASP F 542 -69.82 5.24 -9.73
N THR F 543 -68.89 5.36 -8.78
CA THR F 543 -69.20 5.34 -7.35
C THR F 543 -68.20 6.23 -6.63
N PRO F 544 -68.55 6.73 -5.43
CA PRO F 544 -67.51 7.32 -4.57
C PRO F 544 -66.49 6.30 -4.04
N LYS F 545 -66.89 5.04 -3.93
CA LYS F 545 -66.07 3.97 -3.37
C LYS F 545 -65.57 3.00 -4.44
N MET F 546 -64.84 3.52 -5.42
CA MET F 546 -64.30 2.70 -6.53
C MET F 546 -63.06 1.91 -6.09
N TRP F 547 -62.23 2.54 -5.25
CA TRP F 547 -61.07 1.89 -4.63
C TRP F 547 -61.35 0.53 -3.96
N GLU F 548 -62.55 0.38 -3.40
CA GLU F 548 -62.96 -0.86 -2.71
C GLU F 548 -62.90 -2.10 -3.62
N MET F 549 -63.23 -1.93 -4.89
CA MET F 549 -62.91 -2.93 -5.92
C MET F 549 -61.53 -2.60 -6.47
N GLY F 550 -60.50 -3.01 -5.74
CA GLY F 550 -59.12 -2.76 -6.11
C GLY F 550 -58.22 -3.95 -5.81
N THR F 551 -56.92 -3.75 -6.03
CA THR F 551 -55.91 -4.78 -5.79
C THR F 551 -55.54 -4.78 -4.31
N THR F 552 -54.87 -5.84 -3.86
CA THR F 552 -54.38 -5.98 -2.48
C THR F 552 -53.65 -4.74 -1.96
N LYS F 553 -52.56 -4.37 -2.61
CA LYS F 553 -51.70 -3.27 -2.14
C LYS F 553 -52.37 -1.90 -2.28
N GLU F 554 -53.27 -1.76 -3.26
CA GLU F 554 -54.09 -0.56 -3.40
C GLU F 554 -54.99 -0.37 -2.19
N LEU F 555 -55.68 -1.46 -1.80
CA LEU F 555 -56.55 -1.46 -0.62
C LEU F 555 -55.78 -1.32 0.70
N VAL F 556 -54.65 -2.03 0.82
CA VAL F 556 -53.80 -1.94 2.00
C VAL F 556 -53.27 -0.51 2.20
N GLN F 557 -52.83 0.11 1.11
CA GLN F 557 -52.32 1.48 1.15
C GLN F 557 -53.43 2.50 1.46
N ASN F 558 -54.54 2.42 0.72
CA ASN F 558 -55.68 3.32 0.91
C ASN F 558 -56.32 3.22 2.31
N THR F 559 -56.34 2.03 2.88
CA THR F 559 -56.93 1.81 4.21
C THR F 559 -56.10 2.47 5.31
N TYR F 560 -54.79 2.21 5.34
CA TYR F 560 -53.89 2.85 6.32
C TYR F 560 -53.82 4.37 6.18
N GLN F 561 -53.99 4.87 4.95
CA GLN F 561 -54.10 6.31 4.69
C GLN F 561 -55.34 6.92 5.34
N TRP F 562 -56.47 6.21 5.27
CA TRP F 562 -57.71 6.63 5.92
C TRP F 562 -57.60 6.62 7.46
N VAL F 563 -56.80 5.69 8.00
CA VAL F 563 -56.51 5.64 9.44
C VAL F 563 -55.67 6.85 9.86
N LEU F 564 -54.63 7.17 9.09
CA LEU F 564 -53.73 8.30 9.39
C LEU F 564 -54.41 9.67 9.36
N LYS F 565 -55.30 9.88 8.40
CA LYS F 565 -56.04 11.14 8.29
C LYS F 565 -56.98 11.34 9.48
N ASN F 566 -57.70 10.28 9.85
CA ASN F 566 -58.61 10.30 11.00
C ASN F 566 -58.00 9.69 12.28
N LEU F 567 -56.68 9.80 12.44
CA LEU F 567 -55.99 9.28 13.64
C LEU F 567 -56.26 10.11 14.89
N VAL F 568 -56.67 11.37 14.72
CA VAL F 568 -57.02 12.26 15.84
C VAL F 568 -58.32 11.77 16.50
N THR F 569 -59.35 11.55 15.69
CA THR F 569 -60.65 11.09 16.19
C THR F 569 -60.66 9.61 16.61
N LEU F 570 -59.90 8.77 15.89
CA LEU F 570 -59.82 7.34 16.21
C LEU F 570 -59.08 7.07 17.53
N LYS F 571 -57.91 7.69 17.69
CA LYS F 571 -57.10 7.51 18.92
C LYS F 571 -57.77 8.12 20.16
N ALA F 572 -58.52 9.21 19.97
CA ALA F 572 -59.25 9.87 21.06
C ALA F 572 -60.44 9.04 21.55
N GLN F 573 -61.23 8.52 20.61
CA GLN F 573 -62.40 7.69 20.92
C GLN F 573 -62.06 6.31 21.52
N PHE F 574 -60.82 5.85 21.35
CA PHE F 574 -60.39 4.56 21.90
C PHE F 574 -60.28 4.55 23.43
N LEU F 575 -60.14 5.74 24.03
CA LEU F 575 -60.23 5.90 25.50
C LEU F 575 -61.64 6.35 25.93
N LEU F 576 -62.66 5.99 25.15
CA LEU F 576 -64.07 6.30 25.47
C LEU F 576 -65.00 5.19 24.95
N GLY F 577 -65.07 5.01 23.63
CA GLY F 577 -65.88 3.97 23.00
C GLY F 577 -65.16 2.63 23.05
N LYS F 578 -65.87 1.59 23.51
CA LYS F 578 -65.27 0.27 23.73
C LYS F 578 -65.09 -0.51 22.43
N GLU F 579 -66.22 -0.83 21.78
CA GLU F 579 -66.23 -1.58 20.51
C GLU F 579 -67.09 -0.85 19.48
N ASP F 580 -66.92 0.48 19.42
CA ASP F 580 -67.63 1.33 18.48
C ASP F 580 -66.81 1.55 17.20
N MET F 581 -65.49 1.69 17.36
CA MET F 581 -64.58 1.99 16.25
C MET F 581 -64.31 0.80 15.33
N PHE F 582 -64.19 -0.40 15.92
CA PHE F 582 -63.76 -1.60 15.17
C PHE F 582 -64.61 -1.89 13.94
N GLN F 583 -65.92 -1.67 14.06
CA GLN F 583 -66.88 -1.95 12.98
C GLN F 583 -67.21 -0.68 12.18
N TRP F 584 -66.21 -0.18 11.44
CA TRP F 584 -66.34 1.03 10.62
C TRP F 584 -66.46 0.64 9.14
N ASP F 585 -67.18 1.46 8.38
CA ASP F 585 -67.44 1.21 6.94
C ASP F 585 -66.20 0.95 6.08
N ALA F 586 -65.11 1.69 6.37
CA ALA F 586 -63.88 1.61 5.58
C ALA F 586 -63.15 0.27 5.70
N PHE F 587 -63.30 -0.43 6.84
CA PHE F 587 -62.59 -1.68 7.10
C PHE F 587 -63.25 -2.94 6.51
N GLU F 588 -64.43 -2.80 5.90
CA GLU F 588 -65.04 -3.91 5.13
C GLU F 588 -64.19 -4.29 3.92
N ALA F 589 -63.73 -3.28 3.19
CA ALA F 589 -62.87 -3.49 2.03
C ALA F 589 -61.52 -4.12 2.40
N PHE F 590 -61.03 -3.84 3.60
CA PHE F 590 -59.78 -4.45 4.09
C PHE F 590 -59.96 -5.94 4.40
N GLU F 591 -61.12 -6.34 4.93
CA GLU F 591 -61.40 -7.75 5.24
C GLU F 591 -61.51 -8.63 3.99
N SER F 592 -61.99 -8.06 2.88
CA SER F 592 -62.04 -8.78 1.60
C SER F 592 -60.65 -9.15 1.04
N ILE F 593 -59.61 -8.48 1.53
CA ILE F 593 -58.22 -8.84 1.22
C ILE F 593 -57.82 -10.11 1.99
N ILE F 594 -58.20 -10.17 3.27
CA ILE F 594 -57.77 -11.23 4.18
C ILE F 594 -58.47 -12.55 3.79
N PRO F 595 -57.73 -13.69 3.80
CA PRO F 595 -58.39 -14.99 3.56
C PRO F 595 -59.48 -15.31 4.58
N GLN F 596 -60.58 -15.88 4.12
CA GLN F 596 -61.75 -16.18 4.99
C GLN F 596 -61.42 -17.06 6.20
N LYS F 597 -60.47 -17.98 6.03
CA LYS F 597 -60.11 -18.92 7.09
C LYS F 597 -59.41 -18.25 8.28
N MET F 598 -58.50 -17.31 8.00
CA MET F 598 -57.73 -16.61 9.05
C MET F 598 -58.31 -15.25 9.47
N ALA F 599 -59.39 -14.80 8.82
CA ALA F 599 -59.94 -13.46 9.06
C ALA F 599 -60.42 -13.23 10.49
N GLY F 600 -61.10 -14.23 11.05
CA GLY F 600 -61.61 -14.17 12.41
C GLY F 600 -60.53 -14.27 13.47
N GLN F 601 -59.52 -15.09 13.23
CA GLN F 601 -58.40 -15.28 14.17
C GLN F 601 -57.58 -13.99 14.35
N TYR F 602 -57.37 -13.26 13.26
CA TYR F 602 -56.64 -11.99 13.30
C TYR F 602 -57.41 -10.91 14.05
N SER F 603 -58.74 -10.90 13.94
CA SER F 603 -59.58 -9.95 14.67
C SER F 603 -59.55 -10.19 16.18
N GLY F 604 -59.63 -11.45 16.58
CA GLY F 604 -59.48 -11.83 17.99
C GLY F 604 -58.10 -11.48 18.54
N PHE F 605 -57.08 -11.71 17.72
CA PHE F 605 -55.70 -11.35 18.04
C PHE F 605 -55.50 -9.86 18.17
N ALA F 606 -55.92 -9.12 17.14
CA ALA F 606 -55.70 -7.67 17.05
C ALA F 606 -56.45 -6.90 18.14
N ARG F 607 -57.73 -7.24 18.34
CA ARG F 607 -58.55 -6.61 19.37
C ARG F 607 -57.97 -6.77 20.79
N ALA F 608 -57.43 -7.95 21.08
CA ALA F 608 -56.81 -8.23 22.38
C ALA F 608 -55.49 -7.47 22.58
N VAL F 609 -54.70 -7.36 21.52
CA VAL F 609 -53.45 -6.57 21.54
C VAL F 609 -53.76 -5.08 21.71
N LEU F 610 -54.80 -4.61 21.02
CA LEU F 610 -55.27 -3.21 21.18
C LEU F 610 -55.90 -2.95 22.55
N LYS F 611 -56.60 -3.95 23.11
CA LYS F 611 -57.22 -3.81 24.45
C LYS F 611 -56.19 -3.77 25.59
N GLN F 612 -55.02 -4.37 25.39
CA GLN F 612 -53.88 -4.20 26.31
C GLN F 612 -53.44 -2.74 26.37
N MET F 613 -53.32 -2.12 25.20
CA MET F 613 -52.93 -0.71 25.08
C MET F 613 -54.02 0.23 25.61
N ARG F 614 -55.28 -0.20 25.51
CA ARG F 614 -56.42 0.56 25.99
C ARG F 614 -56.52 0.56 27.52
N ASP F 615 -56.61 -0.64 28.10
CA ASP F 615 -56.85 -0.81 29.54
C ASP F 615 -55.64 -0.40 30.37
N GLN F 616 -54.47 -0.94 30.01
CA GLN F 616 -53.22 -0.64 30.70
C GLN F 616 -52.55 0.58 30.04
N GLU F 617 -51.51 1.09 30.69
CA GLU F 617 -50.85 2.35 30.28
C GLU F 617 -49.64 2.11 29.38
N VAL F 618 -49.82 1.33 28.31
CA VAL F 618 -48.74 1.01 27.37
C VAL F 618 -49.25 1.09 25.92
N MET F 619 -49.41 2.33 25.45
CA MET F 619 -49.99 2.61 24.13
C MET F 619 -48.90 2.88 23.08
N LYS F 620 -48.95 2.14 21.97
CA LYS F 620 -48.11 2.38 20.79
C LYS F 620 -48.99 2.84 19.62
N THR F 621 -48.58 3.92 18.96
CA THR F 621 -49.37 4.55 17.89
C THR F 621 -49.14 3.84 16.55
N ASP F 622 -47.89 3.51 16.25
CA ASP F 622 -47.55 2.75 15.03
C ASP F 622 -48.20 1.36 14.99
N GLN F 623 -48.29 0.71 16.16
CA GLN F 623 -48.96 -0.58 16.29
C GLN F 623 -50.49 -0.45 16.28
N PHE F 624 -50.99 0.65 16.84
CA PHE F 624 -52.43 0.99 16.77
C PHE F 624 -52.91 1.18 15.33
N ILE F 625 -52.08 1.83 14.52
CA ILE F 625 -52.37 2.02 13.09
C ILE F 625 -52.34 0.69 12.33
N LYS F 626 -51.36 -0.15 12.66
CA LYS F 626 -51.12 -1.41 11.94
C LYS F 626 -52.21 -2.47 12.11
N LEU F 627 -52.70 -2.63 13.33
CA LEU F 627 -53.63 -3.72 13.67
C LEU F 627 -55.12 -3.39 13.58
N LEU F 628 -55.48 -2.10 13.58
CA LEU F 628 -56.89 -1.67 13.62
C LEU F 628 -57.78 -2.15 12.46
N PRO F 629 -57.23 -2.21 11.22
CA PRO F 629 -58.03 -2.74 10.10
C PRO F 629 -58.42 -4.23 10.20
N PHE F 630 -57.63 -5.01 10.92
CA PHE F 630 -57.91 -6.45 11.12
C PHE F 630 -59.06 -6.72 12.10
N CYS F 631 -59.43 -5.73 12.90
CA CYS F 631 -60.46 -5.87 13.94
C CYS F 631 -61.92 -5.82 13.48
N PHE F 632 -62.18 -5.52 12.20
CA PHE F 632 -63.56 -5.47 11.70
C PHE F 632 -64.25 -6.83 11.71
N SER F 633 -63.53 -7.87 11.29
CA SER F 633 -64.09 -9.23 11.20
C SER F 633 -64.60 -9.73 12.56
N PRO F 634 -65.65 -10.59 12.56
CA PRO F 634 -66.07 -11.21 13.82
C PRO F 634 -64.96 -12.08 14.42
N PRO F 635 -64.57 -11.82 15.69
CA PRO F 635 -63.40 -12.48 16.27
C PRO F 635 -63.62 -13.97 16.54
N LYS F 636 -62.54 -14.74 16.49
CA LYS F 636 -62.57 -16.18 16.71
C LYS F 636 -61.43 -16.59 17.64
N LEU F 637 -61.75 -16.76 18.92
CA LEU F 637 -60.79 -17.08 19.96
C LEU F 637 -60.54 -18.60 20.01
N ARG F 638 -59.58 -19.01 20.84
CA ARG F 638 -59.32 -20.44 21.09
C ARG F 638 -60.39 -21.04 22.01
N SER F 639 -60.31 -22.36 22.20
CA SER F 639 -61.11 -23.08 23.20
C SER F 639 -60.96 -22.52 24.61
N ASN F 640 -59.75 -22.05 24.93
CA ASN F 640 -59.44 -21.45 26.24
C ASN F 640 -60.22 -20.17 26.53
N GLY F 641 -60.29 -19.29 25.53
CA GLY F 641 -60.82 -17.93 25.70
C GLY F 641 -59.82 -16.88 25.23
N GLU F 642 -58.53 -17.22 25.25
CA GLU F 642 -57.47 -16.38 24.70
C GLU F 642 -57.50 -16.45 23.17
N PRO F 643 -56.99 -15.40 22.49
CA PRO F 643 -56.92 -15.41 21.02
C PRO F 643 -55.74 -16.22 20.48
N TYR F 644 -55.67 -16.34 19.15
CA TYR F 644 -54.56 -17.03 18.48
C TYR F 644 -53.40 -16.05 18.31
N GLN F 645 -52.21 -16.45 18.74
CA GLN F 645 -51.02 -15.61 18.62
C GLN F 645 -50.41 -15.74 17.23
N PHE F 646 -49.89 -14.64 16.69
CA PHE F 646 -49.38 -14.60 15.31
C PHE F 646 -48.06 -13.84 15.16
N LEU F 647 -47.24 -14.30 14.22
CA LEU F 647 -46.01 -13.62 13.84
C LEU F 647 -46.26 -12.67 12.69
N LYS F 648 -46.82 -13.19 11.60
CA LYS F 648 -47.15 -12.40 10.41
C LYS F 648 -48.59 -12.66 9.96
N LEU F 649 -49.27 -11.58 9.55
CA LEU F 649 -50.67 -11.63 9.11
C LEU F 649 -50.70 -11.63 7.59
N VAL F 650 -50.96 -12.80 7.00
CA VAL F 650 -50.87 -12.99 5.55
C VAL F 650 -52.13 -12.48 4.84
N LEU F 651 -51.93 -11.85 3.67
CA LEU F 651 -53.00 -11.31 2.83
C LEU F 651 -53.00 -12.00 1.47
N LYS F 652 -54.04 -11.75 0.67
CA LYS F 652 -54.22 -12.43 -0.63
C LYS F 652 -53.23 -11.96 -1.70
N GLY F 653 -52.85 -12.88 -2.58
CA GLY F 653 -52.03 -12.56 -3.75
C GLY F 653 -50.54 -12.49 -3.49
N GLY F 654 -49.86 -13.63 -3.64
CA GLY F 654 -48.39 -13.68 -3.58
C GLY F 654 -47.80 -13.64 -2.19
N GLY F 655 -46.51 -13.96 -2.11
CA GLY F 655 -45.76 -13.97 -0.85
C GLY F 655 -45.22 -12.63 -0.37
N GLU F 656 -45.41 -11.57 -1.17
CA GLU F 656 -44.99 -10.21 -0.79
C GLU F 656 -45.95 -9.63 0.24
N ASN F 657 -47.23 -9.96 0.10
CA ASN F 657 -48.31 -9.30 0.82
C ASN F 657 -48.52 -9.90 2.23
N PHE F 658 -47.86 -9.29 3.21
CA PHE F 658 -48.08 -9.62 4.63
C PHE F 658 -47.66 -8.48 5.55
N ILE F 659 -48.33 -8.41 6.70
CA ILE F 659 -47.97 -7.46 7.76
C ILE F 659 -47.26 -8.26 8.86
N GLU F 660 -46.14 -7.74 9.34
CA GLU F 660 -45.39 -8.34 10.45
C GLU F 660 -45.77 -7.63 11.75
N VAL F 661 -46.08 -8.43 12.78
CA VAL F 661 -46.56 -7.91 14.06
C VAL F 661 -45.42 -7.28 14.87
N ARG F 662 -44.23 -7.89 14.77
CA ARG F 662 -43.07 -7.49 15.55
C ARG F 662 -42.09 -6.67 14.69
N LYS F 663 -41.73 -7.26 13.55
CA LYS F 663 -40.82 -6.68 12.56
C LYS F 663 -41.61 -5.76 11.61
N GLY F 664 -40.88 -5.02 10.76
CA GLY F 664 -41.47 -4.40 9.57
C GLY F 664 -41.67 -5.40 8.44
N SER F 665 -42.34 -4.95 7.37
CA SER F 665 -42.70 -5.80 6.22
C SER F 665 -42.69 -4.98 4.93
N PRO F 666 -42.82 -5.65 3.76
CA PRO F 666 -42.91 -4.90 2.50
C PRO F 666 -44.11 -3.94 2.41
N LEU F 667 -45.25 -4.33 2.99
CA LEU F 667 -46.46 -3.50 3.01
C LEU F 667 -46.43 -2.43 4.09
N PHE F 668 -45.88 -2.77 5.25
CA PHE F 668 -45.92 -1.89 6.43
C PHE F 668 -44.61 -1.94 7.20
N SER F 669 -44.07 -0.76 7.52
CA SER F 669 -42.94 -0.63 8.44
C SER F 669 -42.88 0.79 8.99
N TYR F 670 -42.25 0.94 10.16
CA TYR F 670 -42.11 2.23 10.83
C TYR F 670 -40.66 2.50 11.21
N ASN F 671 -40.25 3.76 11.08
CA ASN F 671 -38.92 4.22 11.46
C ASN F 671 -39.04 5.31 12.54
N PRO F 672 -38.75 4.96 13.82
CA PRO F 672 -38.92 5.92 14.91
C PRO F 672 -37.85 7.02 14.98
N GLN F 673 -36.76 6.89 14.23
CA GLN F 673 -35.72 7.93 14.16
C GLN F 673 -36.27 9.21 13.52
N THR F 674 -36.83 9.06 12.33
CA THR F 674 -37.39 10.17 11.56
C THR F 674 -38.93 10.28 11.68
N GLU F 675 -39.55 9.33 12.38
CA GLU F 675 -41.01 9.24 12.52
C GLU F 675 -41.70 9.11 11.14
N VAL F 676 -41.13 8.26 10.29
CA VAL F 676 -41.58 8.07 8.92
C VAL F 676 -42.20 6.68 8.77
N LEU F 677 -43.51 6.65 8.52
CA LEU F 677 -44.24 5.41 8.28
C LEU F 677 -44.21 5.08 6.79
N THR F 678 -43.65 3.93 6.44
CA THR F 678 -43.53 3.50 5.04
C THR F 678 -44.63 2.48 4.70
N ILE F 679 -45.52 2.86 3.79
CA ILE F 679 -46.64 2.03 3.35
C ILE F 679 -46.52 1.76 1.84
N CYS F 680 -46.24 0.50 1.48
CA CYS F 680 -46.13 0.05 0.07
C CYS F 680 -45.14 0.88 -0.77
N GLY F 681 -44.08 1.38 -0.13
CA GLY F 681 -43.11 2.28 -0.77
C GLY F 681 -43.30 3.75 -0.43
N ARG F 682 -44.55 4.18 -0.21
CA ARG F 682 -44.87 5.58 0.06
C ARG F 682 -44.60 5.90 1.53
N MET F 683 -44.08 7.09 1.79
CA MET F 683 -43.66 7.51 3.13
C MET F 683 -44.55 8.63 3.69
N MET F 684 -45.20 8.36 4.83
CA MET F 684 -45.97 9.37 5.58
C MET F 684 -45.28 9.67 6.90
N SER F 685 -45.55 10.85 7.45
CA SER F 685 -44.97 11.29 8.73
C SER F 685 -45.97 11.15 9.86
N LEU F 686 -45.49 10.66 11.01
CA LEU F 686 -46.29 10.60 12.25
C LEU F 686 -45.91 11.71 13.25
N LYS F 687 -45.20 12.74 12.79
CA LYS F 687 -44.76 13.83 13.67
C LYS F 687 -45.95 14.69 14.10
N GLY F 688 -45.96 15.05 15.39
CA GLY F 688 -47.07 15.80 15.98
C GLY F 688 -48.20 14.95 16.55
N LYS F 689 -48.15 13.64 16.32
CA LYS F 689 -49.19 12.70 16.78
C LYS F 689 -48.55 11.41 17.33
N ILE F 690 -47.54 11.61 18.19
CA ILE F 690 -46.92 10.54 18.99
C ILE F 690 -46.77 11.06 20.42
N GLU F 691 -47.06 10.21 21.41
CA GLU F 691 -47.03 10.60 22.82
C GLU F 691 -45.59 10.69 23.34
N ASP F 692 -45.39 11.53 24.35
CA ASP F 692 -44.05 11.78 24.93
C ASP F 692 -43.50 10.61 25.75
N GLU F 693 -44.38 9.71 26.20
CA GLU F 693 -43.98 8.50 26.93
C GLU F 693 -43.82 7.27 26.01
N GLU F 694 -43.73 7.49 24.70
CA GLU F 694 -43.74 6.41 23.71
C GLU F 694 -42.36 6.06 23.15
N ARG F 695 -41.33 6.31 23.96
CA ARG F 695 -39.97 6.48 23.46
C ARG F 695 -39.31 5.17 23.04
N ARG F 697 -40.48 3.17 25.68
CA ARG F 697 -41.48 2.12 25.70
C ARG F 697 -41.14 1.01 24.69
N SER F 698 -40.97 -0.21 25.18
CA SER F 698 -40.65 -1.36 24.34
C SER F 698 -41.86 -1.80 23.52
N MET F 699 -41.57 -2.48 22.41
CA MET F 699 -42.62 -2.94 21.49
C MET F 699 -43.28 -4.24 21.96
N GLY F 700 -42.51 -5.11 22.63
CA GLY F 700 -43.00 -6.41 23.13
C GLY F 700 -44.29 -6.41 23.95
N ASN F 701 -44.61 -5.28 24.57
CA ASN F 701 -45.88 -5.09 25.27
C ASN F 701 -47.12 -5.13 24.35
N ALA F 702 -46.94 -4.67 23.10
CA ALA F 702 -48.00 -4.69 22.09
C ALA F 702 -47.63 -5.62 20.92
N VAL F 703 -47.26 -6.86 21.25
CA VAL F 703 -47.01 -7.90 20.25
C VAL F 703 -47.98 -9.06 20.49
N LEU F 704 -47.79 -9.78 21.60
CA LEU F 704 -48.61 -10.93 21.94
C LEU F 704 -49.76 -10.53 22.86
N ALA F 705 -50.92 -11.15 22.66
CA ALA F 705 -52.12 -10.89 23.48
C ALA F 705 -51.97 -11.52 24.86
N GLY F 706 -52.16 -10.73 25.90
CA GLY F 706 -51.95 -11.16 27.29
C GLY F 706 -50.50 -11.40 27.64
N PHE F 707 -49.64 -10.44 27.28
CA PHE F 707 -48.19 -10.52 27.55
C PHE F 707 -47.62 -9.12 27.80
N LEU F 708 -46.61 -9.04 28.66
CA LEU F 708 -45.94 -7.77 28.99
C LEU F 708 -44.44 -7.95 29.29
N VAL F 709 -43.68 -6.89 29.08
CA VAL F 709 -42.22 -6.91 29.26
C VAL F 709 -41.87 -6.61 30.72
N SER F 710 -41.26 -7.58 31.40
CA SER F 710 -40.80 -7.40 32.78
C SER F 710 -39.38 -6.83 32.79
N GLY F 711 -38.46 -7.53 32.13
CA GLY F 711 -37.05 -7.13 32.07
C GLY F 711 -36.50 -7.31 30.66
N LYS F 712 -35.30 -7.89 30.56
CA LYS F 712 -34.62 -8.12 29.27
C LYS F 712 -34.00 -9.50 29.21
N TYR F 713 -33.57 -9.90 28.01
CA TYR F 713 -33.10 -11.26 27.69
C TYR F 713 -32.31 -11.93 28.82
N ASP F 714 -32.84 -13.06 29.30
CA ASP F 714 -32.24 -13.84 30.38
C ASP F 714 -31.84 -15.23 29.82
N PRO F 715 -30.53 -15.44 29.56
CA PRO F 715 -30.04 -16.74 29.03
C PRO F 715 -30.40 -18.00 29.83
N ASP F 716 -30.68 -17.84 31.13
CA ASP F 716 -31.04 -18.98 32.01
C ASP F 716 -32.33 -19.69 31.59
N LEU F 717 -33.29 -18.95 31.01
CA LEU F 717 -34.53 -19.54 30.47
C LEU F 717 -34.26 -20.42 29.25
N GLY F 718 -33.34 -19.97 28.38
CA GLY F 718 -32.88 -20.76 27.23
C GLY F 718 -33.22 -20.11 25.90
N ASP F 719 -33.85 -20.88 25.01
CA ASP F 719 -34.11 -20.44 23.63
C ASP F 719 -35.28 -19.46 23.54
N PHE F 720 -35.44 -18.87 22.36
CA PHE F 720 -36.61 -18.03 22.06
C PHE F 720 -37.83 -18.93 21.85
N LYS F 721 -38.94 -18.57 22.48
CA LYS F 721 -40.15 -19.40 22.50
C LYS F 721 -41.04 -19.11 21.29
N THR F 722 -41.40 -20.15 20.54
CA THR F 722 -42.23 -20.02 19.33
C THR F 722 -43.72 -19.85 19.69
N ILE F 723 -44.56 -19.65 18.67
CA ILE F 723 -46.00 -19.38 18.85
C ILE F 723 -46.70 -20.46 19.69
N GLU F 724 -46.53 -21.72 19.31
CA GLU F 724 -47.14 -22.84 20.03
C GLU F 724 -46.65 -22.96 21.48
N GLU F 725 -45.36 -22.72 21.69
CA GLU F 725 -44.78 -22.73 23.04
C GLU F 725 -45.30 -21.60 23.91
N LEU F 726 -45.44 -20.41 23.33
CA LEU F 726 -45.94 -19.22 24.04
C LEU F 726 -47.42 -19.33 24.43
N GLU F 727 -48.24 -19.83 23.52
CA GLU F 727 -49.67 -20.05 23.77
C GLU F 727 -49.94 -21.05 24.89
N LYS F 728 -49.07 -22.05 25.04
CA LYS F 728 -49.24 -23.12 26.04
C LYS F 728 -48.53 -22.87 27.39
N LEU F 729 -48.11 -21.63 27.67
CA LEU F 729 -47.58 -21.27 28.98
C LEU F 729 -48.69 -20.90 29.95
N LYS F 730 -48.40 -21.03 31.24
CA LYS F 730 -49.32 -20.64 32.32
C LYS F 730 -49.31 -19.11 32.46
N PRO F 731 -50.44 -18.51 32.93
CA PRO F 731 -50.38 -17.10 33.31
C PRO F 731 -49.48 -16.86 34.52
N GLY F 732 -48.63 -15.83 34.45
CA GLY F 732 -47.58 -15.60 35.44
C GLY F 732 -46.41 -16.53 35.21
N GLU F 733 -45.86 -16.48 34.00
CA GLU F 733 -44.70 -17.31 33.60
C GLU F 733 -43.85 -16.57 32.58
N LYS F 734 -42.54 -16.54 32.80
CA LYS F 734 -41.62 -15.72 32.00
C LYS F 734 -41.17 -16.46 30.74
N ALA F 735 -40.70 -15.69 29.75
CA ALA F 735 -40.30 -16.24 28.45
C ALA F 735 -39.44 -15.27 27.63
N ASN F 736 -38.55 -15.82 26.81
CA ASN F 736 -37.70 -15.03 25.90
C ASN F 736 -38.33 -14.91 24.52
N ILE F 737 -38.33 -13.70 23.97
CA ILE F 737 -38.93 -13.38 22.67
C ILE F 737 -37.97 -12.50 21.85
N LEU F 738 -37.92 -12.75 20.55
CA LEU F 738 -37.16 -11.95 19.59
C LEU F 738 -38.14 -11.11 18.76
N LEU F 739 -38.06 -9.78 18.89
CA LEU F 739 -38.94 -8.88 18.14
C LEU F 739 -38.53 -8.84 16.68
N TYR F 740 -37.27 -8.44 16.43
CA TYR F 740 -36.69 -8.43 15.09
C TYR F 740 -35.18 -8.52 15.21
N GLN F 741 -34.59 -9.43 14.43
CA GLN F 741 -33.17 -9.82 14.54
C GLN F 741 -32.25 -8.73 15.09
N GLY F 742 -32.00 -8.78 16.40
CA GLY F 742 -31.17 -7.79 17.10
C GLY F 742 -31.71 -7.29 18.43
N LYS F 743 -33.03 -7.37 18.63
CA LYS F 743 -33.70 -6.84 19.82
C LYS F 743 -34.48 -7.92 20.58
N PRO F 744 -33.78 -8.73 21.41
CA PRO F 744 -34.45 -9.73 22.24
C PRO F 744 -35.06 -9.12 23.51
N VAL F 745 -36.14 -9.73 24.01
CA VAL F 745 -36.89 -9.21 25.17
C VAL F 745 -37.36 -10.37 26.08
N LYS F 746 -37.44 -10.09 27.38
CA LYS F 746 -37.99 -11.03 28.37
C LYS F 746 -39.43 -10.62 28.69
N VAL F 747 -40.37 -11.51 28.39
CA VAL F 747 -41.81 -11.21 28.43
C VAL F 747 -42.53 -12.20 29.35
N VAL F 748 -43.52 -11.71 30.08
CA VAL F 748 -44.28 -12.48 31.08
C VAL F 748 -45.77 -12.44 30.77
N LYS F 749 -46.46 -13.57 30.98
CA LYS F 749 -47.88 -13.71 30.69
C LYS F 749 -48.73 -13.06 31.79
#